data_2C11
#
_entry.id   2C11
#
_cell.length_a   127.402
_cell.length_b   127.402
_cell.length_c   219.361
_cell.angle_alpha   90.00
_cell.angle_beta   90.00
_cell.angle_gamma   90.00
#
_symmetry.space_group_name_H-M   'P 43'
#
loop_
_entity.id
_entity.type
_entity.pdbx_description
1 polymer 'MEMBRANE COPPER AMINE OXIDASE'
2 branched 2-acetamido-2-deoxy-beta-D-glucopyranose-(1-4)-2-acetamido-2-deoxy-beta-D-glucopyranose
3 branched alpha-L-fucopyranose-(1-6)-2-acetamido-2-deoxy-beta-D-glucopyranose
4 branched beta-D-mannopyranose-(1-4)-2-acetamido-2-deoxy-beta-D-glucopyranose-(1-4)-2-acetamido-2-deoxy-beta-D-glucopyranose
5 branched alpha-D-mannopyranose-(1-3)-beta-D-mannopyranose-(1-4)-2-acetamido-2-deoxy-beta-D-glucopyranose-(1-4)-[alpha-L-fucopyranose-(1-6)]2-acetamido-2-deoxy-beta-D-glucopyranose
6 branched 2-acetamido-2-deoxy-beta-D-glucopyranose-(1-4)-[alpha-L-fucopyranose-(1-6)]2-acetamido-2-deoxy-beta-D-glucopyranose
7 non-polymer 2-acetamido-2-deoxy-beta-D-glucopyranose
8 non-polymer 'CALCIUM ION'
9 non-polymer 'COPPER (II) ION'
10 non-polymer 'CHLORIDE ION'
11 water water
#
_entity_poly.entity_id   1
_entity_poly.type   'polypeptide(L)'
_entity_poly.pdbx_seq_one_letter_code
;GGDGGEPSQLPHCPSVSPSAQPWTHPGQSQLFADLSREELTAVMRFLTQRLGPGLVDAAQARPSDNCVFSVELQLPPKAA
ALAHLDRGSPPPAREALAIVFFGRQPQPNVSELVVGPLPHPSYMRDVTVERHGGPLPYHRRPVLFQEYLDIDQMIFNREL
PQASGLLHHCCFYKHRGRNLVTMTTAPRGLQSGDRATWFGLYYNISGAGFFLHHVGLELLVNHKALDPARWTIQKVFYQG
RYYDSLAQLEAQFEAGLVNVVLIPDNGTGGSWSLKSPVPPGPAPPLQFYPQGPRFSVQGSRVASSLWTFSFGLGAFSGPR
IFDVRFQGERLVYEISLQEALAIYGGNSPAAMTTRYVDGGFGMGKYTTPLTRGVDCPYLATYVDWHFLLESQAPKTIRDA
FCVFEQNQGLPLRRHHSDLYSHYFGGLAETVLVVRSMSTLLN(PAQ)DYVWDTVFHPSGAIEIRFYATGYISSAFLFGAT
GKYGNQVSEHTLGTVHTHSAHFKVDLDVAGLENWVWAEDMVFVPMAVPWSPEHQLQRLQVTRKLLEMEEQAAFLVGSATP
RYLYLASNHSNKWGHPRGYRIQMLSFAGEPLPQNSSMARGFSWERYQLAVTQRKEEEPSSSSVFNQNDPWAPTVDFSDFI
NNETIAGKDLVAWVTAGFLHIPHAEDIPNTVTVGNGVGFFLRPYNFFDEDPSFYSADSIYFRGDQDAGACEVNPLACLPQ
AAACAPDLPAFSHGGFSHN
;
_entity_poly.pdbx_strand_id   A,B,C,D
#
loop_
_chem_comp.id
_chem_comp.type
_chem_comp.name
_chem_comp.formula
BMA D-saccharide, beta linking beta-D-mannopyranose 'C6 H12 O6'
CA non-polymer 'CALCIUM ION' 'Ca 2'
CL non-polymer 'CHLORIDE ION' 'Cl -1'
CU non-polymer 'COPPER (II) ION' 'Cu 2'
FUC L-saccharide, alpha linking alpha-L-fucopyranose 'C6 H12 O5'
MAN D-saccharide, alpha linking alpha-D-mannopyranose 'C6 H12 O6'
NAG D-saccharide, beta linking 2-acetamido-2-deoxy-beta-D-glucopyranose 'C8 H15 N O6'
#
# COMPACT_ATOMS: atom_id res chain seq x y z
N GLN A 30 39.50 56.77 -9.94
CA GLN A 30 39.75 55.35 -10.29
C GLN A 30 40.32 54.53 -9.16
N LEU A 31 39.41 54.13 -8.27
CA LEU A 31 39.70 53.37 -7.07
C LEU A 31 39.54 51.85 -7.29
N PHE A 32 39.06 51.48 -8.48
CA PHE A 32 38.91 50.06 -8.82
C PHE A 32 39.94 49.67 -9.86
N ALA A 33 40.57 50.67 -10.46
CA ALA A 33 41.59 50.46 -11.48
C ALA A 33 42.74 49.58 -10.99
N ASP A 34 43.22 48.70 -11.86
CA ASP A 34 44.31 47.79 -11.53
C ASP A 34 45.61 48.58 -11.25
N LEU A 35 46.50 48.02 -10.44
CA LEU A 35 47.77 48.67 -10.12
C LEU A 35 48.71 48.72 -11.35
N SER A 36 49.47 49.80 -11.47
CA SER A 36 50.38 49.97 -12.60
C SER A 36 51.84 49.96 -12.16
N ARG A 37 52.71 49.71 -13.12
CA ARG A 37 54.15 49.66 -12.92
C ARG A 37 54.60 50.35 -11.63
N GLU A 38 54.62 51.67 -11.65
CA GLU A 38 55.05 52.46 -10.51
C GLU A 38 54.58 51.88 -9.20
N GLU A 39 53.27 51.68 -9.09
CA GLU A 39 52.65 51.14 -7.88
C GLU A 39 53.18 49.77 -7.48
N LEU A 40 53.26 48.88 -8.46
CA LEU A 40 53.75 47.53 -8.21
C LEU A 40 55.21 47.65 -7.79
N THR A 41 55.96 48.45 -8.53
CA THR A 41 57.35 48.65 -8.21
C THR A 41 57.42 49.13 -6.78
N ALA A 42 56.71 50.20 -6.50
CA ALA A 42 56.67 50.78 -5.17
C ALA A 42 56.47 49.71 -4.09
N VAL A 43 55.56 48.77 -4.33
CA VAL A 43 55.27 47.71 -3.36
C VAL A 43 56.41 46.71 -3.26
N MET A 44 56.94 46.33 -4.41
CA MET A 44 58.04 45.38 -4.47
C MET A 44 59.22 46.03 -3.76
N ARG A 45 59.63 47.20 -4.25
CA ARG A 45 60.73 47.94 -3.65
C ARG A 45 60.56 47.92 -2.14
N PHE A 46 59.33 48.18 -1.70
CA PHE A 46 59.01 48.20 -0.27
C PHE A 46 59.07 46.83 0.37
N LEU A 47 58.74 45.79 -0.40
CA LEU A 47 58.76 44.43 0.12
C LEU A 47 60.17 43.89 0.35
N THR A 48 61.04 44.04 -0.64
CA THR A 48 62.41 43.56 -0.52
C THR A 48 63.11 44.29 0.61
N GLN A 49 62.57 45.44 1.01
CA GLN A 49 63.13 46.24 2.08
C GLN A 49 62.70 45.75 3.47
N ARG A 50 61.40 45.71 3.71
CA ARG A 50 60.87 45.26 4.99
C ARG A 50 60.91 43.74 5.16
N LEU A 51 61.00 43.01 4.07
CA LEU A 51 61.05 41.55 4.14
C LEU A 51 62.43 41.03 4.51
N GLY A 52 63.44 41.84 4.27
CA GLY A 52 64.81 41.47 4.61
C GLY A 52 65.61 40.77 3.53
N PRO A 53 66.74 40.15 3.93
CA PRO A 53 67.69 39.42 3.09
C PRO A 53 67.16 38.20 2.32
N GLY A 54 66.81 37.12 3.03
CA GLY A 54 66.32 35.92 2.36
C GLY A 54 65.09 36.08 1.49
N LEU A 55 65.25 36.66 0.31
CA LEU A 55 64.12 36.91 -0.59
C LEU A 55 64.56 36.81 -2.05
N VAL A 56 64.57 35.60 -2.59
CA VAL A 56 64.98 35.40 -3.97
C VAL A 56 63.91 35.78 -4.98
N ASP A 57 64.34 35.96 -6.24
CA ASP A 57 63.39 36.32 -7.29
C ASP A 57 62.59 35.07 -7.56
N ALA A 58 61.32 35.08 -7.14
CA ALA A 58 60.42 33.94 -7.32
C ALA A 58 60.54 33.24 -8.69
N ALA A 59 61.09 33.95 -9.67
CA ALA A 59 61.27 33.42 -11.01
C ALA A 59 62.19 32.21 -11.02
N GLN A 60 63.17 32.22 -10.12
CA GLN A 60 64.12 31.13 -10.03
C GLN A 60 64.01 30.50 -8.67
N ALA A 61 63.48 31.28 -7.72
CA ALA A 61 63.30 30.81 -6.36
C ALA A 61 63.13 29.30 -6.28
N ARG A 62 63.82 28.73 -5.31
CA ARG A 62 63.79 27.30 -5.10
C ARG A 62 62.84 26.96 -3.95
N PRO A 63 62.24 25.76 -4.00
CA PRO A 63 61.31 25.31 -2.96
C PRO A 63 61.54 25.89 -1.58
N SER A 64 62.72 25.65 -1.01
CA SER A 64 62.97 26.17 0.32
C SER A 64 63.51 27.60 0.35
N ASP A 65 62.92 28.45 -0.48
CA ASP A 65 63.32 29.85 -0.55
C ASP A 65 62.17 30.72 -0.08
N ASN A 66 62.45 32.02 0.03
CA ASN A 66 61.44 32.98 0.40
C ASN A 66 61.35 33.83 -0.84
N CYS A 67 60.13 34.06 -1.32
CA CYS A 67 59.92 34.88 -2.51
C CYS A 67 58.51 35.45 -2.60
N VAL A 68 58.39 36.56 -3.33
CA VAL A 68 57.11 37.23 -3.53
C VAL A 68 56.45 36.63 -4.78
N PHE A 69 55.45 35.78 -4.56
CA PHE A 69 54.73 35.09 -5.63
C PHE A 69 53.89 36.04 -6.47
N SER A 70 53.35 37.06 -5.83
CA SER A 70 52.50 37.97 -6.56
C SER A 70 52.10 39.18 -5.75
N VAL A 71 52.02 40.31 -6.45
CA VAL A 71 51.64 41.59 -5.87
C VAL A 71 50.46 42.12 -6.68
N GLU A 72 49.25 42.06 -6.11
CA GLU A 72 48.06 42.53 -6.81
C GLU A 72 47.29 43.62 -6.03
N LEU A 73 46.22 44.12 -6.65
CA LEU A 73 45.40 45.14 -6.02
C LEU A 73 44.43 44.51 -5.03
N GLN A 74 44.50 44.97 -3.77
CA GLN A 74 43.61 44.51 -2.73
C GLN A 74 42.37 45.37 -2.86
N LEU A 75 41.26 44.76 -3.25
CA LEU A 75 40.00 45.47 -3.44
C LEU A 75 39.46 46.16 -2.19
N PRO A 76 39.12 47.46 -2.32
CA PRO A 76 38.60 48.30 -1.25
C PRO A 76 37.30 47.82 -0.61
N PRO A 77 37.12 48.12 0.68
CA PRO A 77 35.92 47.72 1.40
C PRO A 77 34.77 48.43 0.70
N LYS A 78 33.73 47.69 0.32
CA LYS A 78 32.61 48.30 -0.39
C LYS A 78 32.08 49.56 0.31
N ALA A 79 31.72 49.43 1.58
CA ALA A 79 31.18 50.54 2.37
C ALA A 79 31.84 51.90 2.11
N ALA A 80 33.15 51.96 2.32
CA ALA A 80 33.93 53.19 2.15
C ALA A 80 34.06 53.56 0.69
N ALA A 81 34.09 52.53 -0.15
CA ALA A 81 34.20 52.71 -1.58
C ALA A 81 32.98 53.48 -2.02
N LEU A 82 31.81 53.01 -1.62
CA LEU A 82 30.57 53.69 -1.97
C LEU A 82 30.51 55.01 -1.19
N ALA A 83 30.93 54.95 0.07
CA ALA A 83 30.95 56.15 0.91
C ALA A 83 31.57 57.31 0.13
N HIS A 84 32.77 57.08 -0.38
CA HIS A 84 33.44 58.12 -1.14
C HIS A 84 32.83 58.32 -2.53
N LEU A 85 32.93 57.28 -3.34
CA LEU A 85 32.45 57.27 -4.72
C LEU A 85 31.24 58.13 -5.06
N ASP A 86 30.12 57.88 -4.39
CA ASP A 86 28.90 58.63 -4.64
C ASP A 86 28.46 59.59 -3.53
N ARG A 87 29.39 60.09 -2.72
CA ARG A 87 29.05 61.02 -1.66
C ARG A 87 30.03 62.16 -1.52
N GLY A 88 31.28 61.80 -1.24
CA GLY A 88 32.31 62.80 -1.10
C GLY A 88 33.32 62.35 -0.06
N SER A 89 32.90 61.41 0.79
CA SER A 89 33.76 60.87 1.85
C SER A 89 35.15 60.58 1.30
N PRO A 90 36.18 60.52 2.18
CA PRO A 90 37.56 60.25 1.72
C PRO A 90 37.76 58.86 1.13
N PRO A 91 38.35 58.76 -0.09
CA PRO A 91 38.57 57.44 -0.70
C PRO A 91 39.35 56.51 0.24
N PRO A 92 39.04 55.19 0.23
CA PRO A 92 39.78 54.26 1.12
C PRO A 92 41.24 53.95 0.72
N ALA A 93 42.03 53.57 1.72
CA ALA A 93 43.46 53.27 1.52
C ALA A 93 43.74 52.37 0.31
N ARG A 94 44.38 52.95 -0.71
CA ARG A 94 44.74 52.21 -1.91
C ARG A 94 45.69 51.10 -1.47
N GLU A 95 45.24 49.86 -1.52
CA GLU A 95 46.09 48.76 -1.09
C GLU A 95 46.44 47.77 -2.19
N ALA A 96 47.29 46.81 -1.83
CA ALA A 96 47.72 45.79 -2.76
C ALA A 96 47.99 44.57 -1.91
N LEU A 97 47.51 43.43 -2.36
CA LEU A 97 47.73 42.21 -1.61
C LEU A 97 48.88 41.45 -2.26
N ALA A 98 49.89 41.14 -1.46
CA ALA A 98 51.05 40.41 -1.96
C ALA A 98 51.10 39.06 -1.29
N ILE A 99 51.42 38.03 -2.08
CA ILE A 99 51.53 36.66 -1.55
C ILE A 99 52.98 36.20 -1.57
N VAL A 100 53.45 35.74 -0.43
CA VAL A 100 54.82 35.29 -0.31
C VAL A 100 54.88 33.86 0.13
N PHE A 101 55.77 33.10 -0.51
CA PHE A 101 55.97 31.71 -0.16
C PHE A 101 57.14 31.75 0.79
N PHE A 102 56.91 31.41 2.05
CA PHE A 102 58.00 31.38 3.01
C PHE A 102 58.44 29.92 3.06
N GLY A 103 59.56 29.62 2.40
CA GLY A 103 60.08 28.25 2.39
C GLY A 103 61.33 28.13 3.24
N ARG A 104 62.11 29.21 3.27
CA ARG A 104 63.35 29.29 4.03
C ARG A 104 63.03 29.53 5.50
N GLN A 105 62.47 28.52 6.14
CA GLN A 105 62.15 28.60 7.55
C GLN A 105 61.73 27.22 8.02
N PRO A 106 61.82 26.96 9.34
CA PRO A 106 61.46 25.68 9.99
C PRO A 106 60.01 25.27 9.74
N GLN A 107 59.10 26.24 9.87
CA GLN A 107 57.67 26.00 9.62
C GLN A 107 57.33 26.86 8.39
N PRO A 108 57.42 26.27 7.18
CA PRO A 108 57.12 27.01 5.95
C PRO A 108 55.62 27.21 5.71
N ASN A 109 55.27 28.47 5.47
CA ASN A 109 53.90 28.86 5.23
C ASN A 109 53.89 29.82 4.04
N VAL A 110 52.74 29.97 3.39
CA VAL A 110 52.63 30.94 2.31
C VAL A 110 51.64 31.94 2.91
N SER A 111 52.00 33.22 2.90
CA SER A 111 51.15 34.22 3.51
C SER A 111 50.71 35.37 2.62
N GLU A 112 49.54 35.91 2.97
CA GLU A 112 48.93 37.04 2.29
C GLU A 112 49.21 38.29 3.10
N LEU A 113 49.87 39.25 2.49
CA LEU A 113 50.20 40.46 3.19
C LEU A 113 49.63 41.65 2.47
N VAL A 114 48.91 42.49 3.20
CA VAL A 114 48.32 43.68 2.61
C VAL A 114 49.29 44.81 2.84
N VAL A 115 49.80 45.37 1.74
CA VAL A 115 50.77 46.46 1.77
C VAL A 115 50.14 47.84 1.94
N GLY A 116 50.92 48.77 2.48
CA GLY A 116 50.52 50.14 2.79
C GLY A 116 49.98 51.07 1.71
N PRO A 117 49.48 52.28 2.09
CA PRO A 117 48.91 53.27 1.17
C PRO A 117 49.69 53.69 -0.05
N LEU A 118 49.36 53.11 -1.20
CA LEU A 118 50.03 53.49 -2.44
C LEU A 118 49.62 54.94 -2.70
N PRO A 119 50.39 55.66 -3.53
CA PRO A 119 51.60 55.24 -4.26
C PRO A 119 52.88 55.03 -3.43
N HIS A 120 52.92 55.58 -2.22
CA HIS A 120 54.09 55.43 -1.35
C HIS A 120 53.75 54.53 -0.15
N PRO A 121 53.92 53.20 -0.30
CA PRO A 121 53.64 52.20 0.74
C PRO A 121 54.17 52.58 2.12
N SER A 122 53.46 52.17 3.16
CA SER A 122 53.85 52.50 4.53
C SER A 122 53.78 51.31 5.49
N TYR A 123 52.71 50.54 5.44
CA TYR A 123 52.55 49.41 6.34
C TYR A 123 52.46 48.04 5.67
N MET A 124 52.25 47.03 6.50
CA MET A 124 52.15 45.65 6.03
C MET A 124 51.50 44.79 7.12
N ARG A 125 50.48 44.03 6.76
CA ARG A 125 49.82 43.17 7.73
C ARG A 125 49.61 41.77 7.17
N ASP A 126 49.87 40.76 8.01
CA ASP A 126 49.68 39.38 7.59
C ASP A 126 48.22 39.02 7.82
N VAL A 127 47.46 39.03 6.74
CA VAL A 127 46.05 38.74 6.79
C VAL A 127 45.73 37.24 6.64
N THR A 128 46.74 36.40 6.46
CA THR A 128 46.52 34.96 6.29
C THR A 128 45.55 34.37 7.31
N VAL A 129 45.84 34.54 8.60
CA VAL A 129 44.99 34.01 9.66
C VAL A 129 43.71 34.83 9.66
N GLU A 130 43.87 36.14 9.70
CA GLU A 130 42.73 37.03 9.70
C GLU A 130 41.79 36.53 8.61
N ARG A 131 42.26 36.68 7.37
CA ARG A 131 41.52 36.30 6.16
C ARG A 131 41.04 34.86 6.03
N HIS A 132 41.97 33.93 5.86
CA HIS A 132 41.55 32.53 5.71
C HIS A 132 41.45 31.83 7.04
N GLY A 133 41.87 32.50 8.12
CA GLY A 133 41.80 31.90 9.44
C GLY A 133 42.69 30.68 9.55
N GLY A 134 43.93 30.88 10.01
CA GLY A 134 44.86 29.78 10.13
C GLY A 134 46.07 30.03 9.24
N PRO A 135 47.06 29.10 9.25
CA PRO A 135 48.28 29.24 8.44
C PRO A 135 48.13 28.53 7.10
N LEU A 136 48.79 29.03 6.05
CA LEU A 136 48.64 28.36 4.77
C LEU A 136 49.72 27.31 4.54
N PRO A 137 49.33 26.01 4.58
CA PRO A 137 50.27 24.90 4.37
C PRO A 137 51.02 25.12 3.07
N TYR A 138 52.33 24.97 3.14
CA TYR A 138 53.15 25.21 1.97
C TYR A 138 52.74 24.46 0.70
N HIS A 139 52.39 23.19 0.84
CA HIS A 139 52.02 22.36 -0.32
C HIS A 139 50.82 22.86 -1.10
N ARG A 140 50.21 23.95 -0.67
CA ARG A 140 49.07 24.52 -1.38
C ARG A 140 49.56 25.53 -2.40
N ARG A 141 50.77 26.02 -2.18
CA ARG A 141 51.37 27.00 -3.07
C ARG A 141 51.43 26.42 -4.49
N PRO A 142 50.98 27.19 -5.48
CA PRO A 142 50.98 26.74 -6.89
C PRO A 142 52.39 26.33 -7.24
N VAL A 143 52.55 25.63 -8.37
CA VAL A 143 53.88 25.22 -8.80
C VAL A 143 54.50 26.35 -9.63
N LEU A 144 55.58 26.94 -9.11
CA LEU A 144 56.27 28.04 -9.76
C LEU A 144 56.82 27.63 -11.11
N PHE A 145 56.99 28.61 -11.98
CA PHE A 145 57.53 28.37 -13.31
C PHE A 145 58.91 27.73 -13.17
N GLN A 146 59.52 27.92 -12.00
CA GLN A 146 60.84 27.36 -11.70
C GLN A 146 60.74 25.88 -11.37
N GLU A 147 59.85 25.53 -10.45
CA GLU A 147 59.65 24.15 -10.06
C GLU A 147 59.44 23.31 -11.31
N TYR A 148 58.75 23.89 -12.29
CA TYR A 148 58.49 23.22 -13.57
C TYR A 148 59.81 22.93 -14.29
N LEU A 149 60.71 23.90 -14.29
CA LEU A 149 62.01 23.69 -14.91
C LEU A 149 62.67 22.59 -14.15
N ASP A 150 62.81 22.82 -12.85
CA ASP A 150 63.43 21.84 -11.94
C ASP A 150 62.90 20.45 -12.26
N ILE A 151 61.61 20.37 -12.59
CA ILE A 151 61.01 19.09 -12.94
C ILE A 151 61.56 18.57 -14.27
N ASP A 152 61.40 19.35 -15.33
CA ASP A 152 61.90 18.92 -16.64
C ASP A 152 63.33 18.43 -16.56
N GLN A 153 64.11 19.06 -15.70
CA GLN A 153 65.48 18.64 -15.53
C GLN A 153 65.42 17.20 -15.03
N MET A 154 64.64 16.96 -13.97
CA MET A 154 64.52 15.62 -13.44
C MET A 154 64.05 14.62 -14.50
N ILE A 155 63.16 15.05 -15.38
CA ILE A 155 62.66 14.17 -16.41
C ILE A 155 63.70 13.87 -17.45
N PHE A 156 64.01 14.86 -18.27
CA PHE A 156 64.98 14.70 -19.34
C PHE A 156 66.37 14.33 -18.88
N ASN A 157 66.86 15.02 -17.86
CA ASN A 157 68.21 14.76 -17.37
C ASN A 157 68.34 13.81 -16.20
N ARG A 158 67.54 12.74 -16.20
CA ARG A 158 67.61 11.76 -15.12
C ARG A 158 66.74 10.55 -15.39
N GLU A 159 65.56 10.80 -15.95
CA GLU A 159 64.63 9.73 -16.22
C GLU A 159 64.51 9.34 -17.68
N LEU A 160 64.12 10.27 -18.54
CA LEU A 160 63.96 9.96 -19.96
C LEU A 160 65.09 9.20 -20.60
N PRO A 161 66.33 9.49 -20.22
CA PRO A 161 67.41 8.75 -20.85
C PRO A 161 67.35 7.25 -20.52
N GLN A 162 66.87 6.91 -19.32
CA GLN A 162 66.75 5.51 -18.86
C GLN A 162 65.86 4.67 -19.77
N ALA A 163 65.27 5.32 -20.77
CA ALA A 163 64.41 4.66 -21.75
C ALA A 163 64.82 5.19 -23.12
N SER A 164 66.10 5.46 -23.25
CA SER A 164 66.67 5.96 -24.49
C SER A 164 66.36 4.99 -25.63
N GLY A 165 66.49 3.70 -25.35
CA GLY A 165 66.23 2.71 -26.35
C GLY A 165 64.81 2.82 -26.86
N LEU A 166 63.86 2.70 -25.95
CA LEU A 166 62.43 2.75 -26.29
C LEU A 166 62.07 3.97 -27.12
N LEU A 167 62.49 5.14 -26.65
CA LEU A 167 62.22 6.40 -27.30
C LEU A 167 62.85 6.51 -28.65
N HIS A 168 64.14 6.16 -28.74
CA HIS A 168 64.87 6.22 -30.00
C HIS A 168 64.15 5.46 -31.09
N HIS A 169 63.23 4.61 -30.66
CA HIS A 169 62.45 3.80 -31.56
C HIS A 169 61.11 4.47 -31.82
N CYS A 170 60.19 4.27 -30.88
CA CYS A 170 58.84 4.82 -30.94
C CYS A 170 58.72 6.26 -31.28
N CYS A 171 59.56 7.02 -30.62
CA CYS A 171 59.44 8.44 -30.67
C CYS A 171 60.55 9.33 -31.22
N PHE A 172 61.32 8.82 -32.18
CA PHE A 172 62.38 9.60 -32.81
C PHE A 172 63.22 10.33 -31.76
N TYR A 173 63.08 9.91 -30.51
CA TYR A 173 63.78 10.55 -29.42
C TYR A 173 65.28 10.57 -29.47
N LYS A 174 65.84 11.68 -29.92
CA LYS A 174 67.28 11.80 -29.92
C LYS A 174 67.42 12.53 -28.55
N HIS A 175 68.31 12.06 -27.64
CA HIS A 175 68.49 12.75 -26.32
C HIS A 175 68.77 14.20 -26.67
N ARG A 176 68.97 14.41 -27.97
CA ARG A 176 69.34 15.68 -28.58
C ARG A 176 68.36 16.81 -28.90
N GLY A 177 68.31 17.80 -28.00
CA GLY A 177 67.44 18.94 -28.22
C GLY A 177 66.09 18.82 -27.55
N ARG A 178 65.83 17.69 -26.90
CA ARG A 178 64.57 17.53 -26.20
C ARG A 178 63.40 17.83 -27.19
N ASN A 179 63.10 16.91 -28.11
CA ASN A 179 62.01 17.15 -29.07
C ASN A 179 60.62 16.92 -28.43
N LEU A 180 60.60 16.61 -27.13
CA LEU A 180 59.34 16.36 -26.43
C LEU A 180 59.13 17.34 -25.31
N VAL A 181 57.85 17.60 -25.03
CA VAL A 181 57.47 18.50 -23.97
C VAL A 181 56.45 17.83 -23.07
N THR A 182 56.47 18.21 -21.80
CA THR A 182 55.57 17.64 -20.81
C THR A 182 54.43 18.60 -20.57
N MET A 183 53.39 18.15 -19.88
CA MET A 183 52.28 19.03 -19.58
C MET A 183 51.62 18.70 -18.25
N THR A 184 51.76 19.62 -17.31
CA THR A 184 51.20 19.47 -15.99
C THR A 184 49.68 19.27 -15.98
N THR A 185 49.18 18.66 -14.90
CA THR A 185 47.74 18.41 -14.70
C THR A 185 47.35 18.91 -13.30
N ALA A 186 46.24 18.42 -12.76
CA ALA A 186 45.81 18.84 -11.44
C ALA A 186 44.47 18.18 -11.12
N PRO A 187 44.16 17.99 -9.82
CA PRO A 187 45.01 18.38 -8.68
C PRO A 187 46.27 17.51 -8.61
N ARG A 188 47.18 17.86 -7.71
CA ARG A 188 48.41 17.11 -7.55
C ARG A 188 48.28 16.30 -6.26
N GLY A 189 48.23 14.97 -6.41
CA GLY A 189 48.08 14.06 -5.28
C GLY A 189 46.73 13.34 -5.25
N LEU A 190 46.48 12.55 -4.20
CA LEU A 190 45.21 11.82 -4.07
C LEU A 190 44.44 12.26 -2.84
N GLN A 191 45.17 12.44 -1.75
CA GLN A 191 44.60 12.92 -0.49
C GLN A 191 45.26 14.28 -0.32
N SER A 192 44.85 15.03 0.69
CA SER A 192 45.45 16.34 0.87
C SER A 192 46.91 16.21 1.32
N GLY A 193 47.65 17.31 1.25
CA GLY A 193 49.04 17.28 1.67
C GLY A 193 50.02 16.81 0.61
N ASP A 194 49.50 16.47 -0.57
CA ASP A 194 50.31 15.98 -1.66
C ASP A 194 50.87 17.02 -2.59
N ARG A 195 51.58 16.52 -3.58
CA ARG A 195 52.18 17.32 -4.63
C ARG A 195 52.84 16.29 -5.52
N ALA A 196 52.01 15.48 -6.15
CA ALA A 196 52.49 14.45 -7.05
C ALA A 196 51.72 14.58 -8.35
N THR A 197 52.31 15.31 -9.30
CA THR A 197 51.66 15.53 -10.59
C THR A 197 51.88 14.46 -11.64
N TRP A 198 50.94 14.39 -12.57
CA TRP A 198 51.00 13.45 -13.67
C TRP A 198 51.29 14.21 -14.94
N PHE A 199 52.43 13.95 -15.57
CA PHE A 199 52.74 14.64 -16.81
C PHE A 199 52.72 13.75 -18.04
N GLY A 200 51.97 14.16 -19.04
CA GLY A 200 51.92 13.41 -20.27
C GLY A 200 53.04 13.99 -21.11
N LEU A 201 53.56 13.24 -22.06
CA LEU A 201 54.62 13.75 -22.90
C LEU A 201 54.18 13.83 -24.34
N TYR A 202 54.39 14.98 -24.95
CA TYR A 202 53.96 15.21 -26.32
C TYR A 202 55.11 15.75 -27.17
N TYR A 203 54.96 15.63 -28.50
CA TYR A 203 55.95 16.12 -29.44
C TYR A 203 56.00 17.63 -29.35
N ASN A 204 57.18 18.22 -29.49
CA ASN A 204 57.28 19.67 -29.46
C ASN A 204 57.02 20.20 -30.87
N ILE A 205 55.74 20.24 -31.26
CA ILE A 205 55.39 20.75 -32.57
C ILE A 205 55.67 22.23 -32.51
N SER A 206 56.13 22.81 -33.62
CA SER A 206 56.44 24.23 -33.65
C SER A 206 55.43 25.02 -34.48
N GLY A 207 54.77 25.98 -33.83
CA GLY A 207 53.80 26.81 -34.50
C GLY A 207 52.40 26.23 -34.49
N ALA A 208 52.17 25.20 -33.67
CA ALA A 208 50.88 24.56 -33.59
C ALA A 208 50.71 23.95 -32.20
N GLY A 209 49.60 23.27 -31.99
CA GLY A 209 49.35 22.66 -30.70
C GLY A 209 50.07 21.34 -30.56
N PHE A 210 50.71 21.17 -29.41
CA PHE A 210 51.43 19.94 -29.12
C PHE A 210 50.50 19.03 -28.32
N PHE A 211 49.32 19.56 -27.99
CA PHE A 211 48.34 18.83 -27.20
C PHE A 211 47.71 17.70 -27.98
N LEU A 212 47.70 17.82 -29.31
CA LEU A 212 47.11 16.79 -30.16
C LEU A 212 48.10 15.66 -30.42
N HIS A 213 49.24 15.72 -29.74
CA HIS A 213 50.26 14.71 -29.97
C HIS A 213 50.85 14.07 -28.71
N HIS A 214 50.02 13.24 -28.08
CA HIS A 214 50.40 12.50 -26.90
C HIS A 214 51.21 11.32 -27.45
N VAL A 215 52.34 11.00 -26.82
CA VAL A 215 53.17 9.89 -27.28
C VAL A 215 52.88 8.60 -26.52
N GLY A 216 51.82 8.62 -25.74
CA GLY A 216 51.44 7.44 -24.98
C GLY A 216 52.13 7.37 -23.64
N LEU A 217 53.12 8.22 -23.40
CA LEU A 217 53.81 8.19 -22.12
C LEU A 217 53.47 9.29 -21.13
N GLU A 218 52.93 8.88 -19.99
CA GLU A 218 52.59 9.84 -18.96
C GLU A 218 53.48 9.45 -17.78
N LEU A 219 53.76 10.40 -16.90
CA LEU A 219 54.63 10.15 -15.75
C LEU A 219 54.10 10.76 -14.46
N LEU A 220 54.43 10.12 -13.34
CA LEU A 220 53.97 10.61 -12.05
C LEU A 220 55.12 11.11 -11.19
N VAL A 221 55.43 12.38 -11.36
CA VAL A 221 56.50 13.04 -10.64
C VAL A 221 56.07 13.49 -9.24
N ASN A 222 56.65 12.87 -8.21
CA ASN A 222 56.34 13.24 -6.84
C ASN A 222 57.28 14.36 -6.41
N HIS A 223 57.02 15.55 -6.94
CA HIS A 223 57.82 16.71 -6.62
C HIS A 223 57.34 17.34 -5.31
N LYS A 224 57.01 16.49 -4.34
CA LYS A 224 56.53 16.98 -3.06
C LYS A 224 57.59 17.68 -2.22
N ALA A 225 58.77 17.05 -2.11
CA ALA A 225 59.87 17.57 -1.31
C ALA A 225 60.37 18.99 -1.64
N LEU A 226 61.14 19.56 -0.71
CA LEU A 226 61.72 20.88 -0.87
C LEU A 226 63.05 20.86 -1.62
N ASP A 227 63.63 19.67 -1.75
CA ASP A 227 64.90 19.50 -2.44
C ASP A 227 64.76 18.62 -3.69
N PRO A 228 64.76 19.26 -4.87
CA PRO A 228 64.62 18.67 -6.21
C PRO A 228 65.23 17.29 -6.48
N ALA A 229 66.26 16.93 -5.71
CA ALA A 229 66.91 15.62 -5.88
C ALA A 229 66.02 14.56 -5.24
N ARG A 230 65.40 14.95 -4.12
CA ARG A 230 64.51 14.08 -3.36
C ARG A 230 63.32 13.60 -4.21
N TRP A 231 62.96 14.35 -5.26
CA TRP A 231 61.82 13.97 -6.11
C TRP A 231 61.99 12.65 -6.80
N THR A 232 60.86 12.03 -7.15
CA THR A 232 60.87 10.73 -7.82
C THR A 232 59.64 10.46 -8.65
N ILE A 233 59.74 9.44 -9.50
CA ILE A 233 58.63 9.03 -10.35
C ILE A 233 57.99 7.83 -9.64
N GLN A 234 56.80 8.03 -9.08
CA GLN A 234 56.11 6.96 -8.36
C GLN A 234 55.47 5.91 -9.26
N LYS A 235 55.17 6.28 -10.50
CA LYS A 235 54.55 5.36 -11.45
C LYS A 235 54.67 5.97 -12.84
N VAL A 236 54.76 5.10 -13.84
CA VAL A 236 54.87 5.54 -15.22
C VAL A 236 53.80 4.82 -15.99
N PHE A 237 53.30 5.50 -17.01
CA PHE A 237 52.26 4.95 -17.85
C PHE A 237 52.71 5.13 -19.27
N TYR A 238 52.77 4.03 -20.01
CA TYR A 238 53.16 4.11 -21.39
C TYR A 238 52.24 3.28 -22.26
N GLN A 239 51.76 3.91 -23.33
CA GLN A 239 50.84 3.29 -24.30
C GLN A 239 49.97 2.15 -23.78
N GLY A 240 49.28 2.38 -22.66
CA GLY A 240 48.39 1.37 -22.11
C GLY A 240 48.69 0.78 -20.75
N ARG A 241 49.93 0.34 -20.52
CA ARG A 241 50.32 -0.28 -19.26
C ARG A 241 50.98 0.65 -18.24
N TYR A 242 50.94 0.20 -16.99
CA TYR A 242 51.56 0.93 -15.88
C TYR A 242 52.89 0.24 -15.64
N TYR A 243 53.91 1.01 -15.31
CA TYR A 243 55.19 0.42 -15.01
C TYR A 243 55.66 1.05 -13.72
N ASP A 244 56.71 0.51 -13.12
CA ASP A 244 57.22 1.03 -11.85
C ASP A 244 58.32 2.07 -12.00
N SER A 245 59.08 1.97 -13.09
CA SER A 245 60.16 2.90 -13.36
C SER A 245 60.43 2.97 -14.85
N LEU A 246 61.16 4.00 -15.25
CA LEU A 246 61.50 4.16 -16.65
C LEU A 246 62.35 2.98 -17.06
N ALA A 247 63.21 2.57 -16.13
CA ALA A 247 64.09 1.44 -16.34
C ALA A 247 63.28 0.17 -16.64
N GLN A 248 62.28 -0.09 -15.81
CA GLN A 248 61.43 -1.27 -15.97
C GLN A 248 60.76 -1.32 -17.33
N LEU A 249 60.46 -0.15 -17.88
CA LEU A 249 59.83 -0.04 -19.19
C LEU A 249 60.86 -0.35 -20.28
N GLU A 250 61.95 0.42 -20.27
CA GLU A 250 63.03 0.24 -21.23
C GLU A 250 63.44 -1.24 -21.24
N ALA A 251 63.49 -1.84 -20.04
CA ALA A 251 63.87 -3.24 -19.90
C ALA A 251 62.92 -4.17 -20.65
N GLN A 252 61.63 -3.99 -20.42
CA GLN A 252 60.65 -4.81 -21.08
C GLN A 252 60.62 -4.50 -22.55
N PHE A 253 60.95 -3.27 -22.92
CA PHE A 253 60.98 -2.91 -24.32
C PHE A 253 62.12 -3.66 -24.99
N GLU A 254 63.30 -3.61 -24.36
CA GLU A 254 64.48 -4.27 -24.89
C GLU A 254 64.28 -5.77 -24.83
N ALA A 255 63.53 -6.21 -23.82
CA ALA A 255 63.25 -7.62 -23.62
C ALA A 255 62.37 -8.15 -24.76
N GLY A 256 61.40 -7.31 -25.16
CA GLY A 256 60.49 -7.64 -26.23
C GLY A 256 59.00 -7.66 -25.88
N LEU A 257 58.67 -7.23 -24.67
CA LEU A 257 57.28 -7.25 -24.21
C LEU A 257 56.65 -5.86 -24.16
N VAL A 258 56.90 -5.05 -25.18
CA VAL A 258 56.31 -3.71 -25.25
C VAL A 258 56.12 -3.38 -26.73
N ASN A 259 54.99 -3.83 -27.29
CA ASN A 259 54.70 -3.59 -28.70
C ASN A 259 54.35 -2.12 -28.94
N VAL A 260 55.36 -1.35 -29.29
CA VAL A 260 55.20 0.08 -29.53
C VAL A 260 54.47 0.46 -30.82
N VAL A 261 53.65 1.48 -30.70
CA VAL A 261 52.90 2.03 -31.81
C VAL A 261 53.60 3.35 -32.06
N LEU A 262 54.21 3.47 -33.24
CA LEU A 262 54.96 4.66 -33.61
C LEU A 262 54.08 5.84 -33.98
N ILE A 263 54.17 6.89 -33.18
CA ILE A 263 53.39 8.10 -33.41
C ILE A 263 54.13 9.00 -34.41
N PRO A 264 53.51 9.27 -35.57
CA PRO A 264 54.14 10.12 -36.58
C PRO A 264 54.44 11.49 -35.96
N ASP A 265 55.63 12.02 -36.22
CA ASP A 265 56.01 13.31 -35.64
C ASP A 265 55.64 14.48 -36.53
N ASN A 266 55.18 14.17 -37.73
CA ASN A 266 54.77 15.20 -38.68
C ASN A 266 53.52 14.72 -39.41
N GLY A 267 53.06 15.53 -40.35
CA GLY A 267 51.87 15.19 -41.13
C GLY A 267 51.17 16.50 -41.44
N THR A 268 50.03 16.44 -42.14
CA THR A 268 49.33 17.67 -42.46
C THR A 268 47.84 17.66 -42.08
N GLY A 269 47.20 18.81 -42.20
CA GLY A 269 45.81 18.91 -41.85
C GLY A 269 45.71 19.80 -40.63
N GLY A 270 44.52 19.90 -40.05
CA GLY A 270 44.33 20.71 -38.87
C GLY A 270 45.01 20.15 -37.64
N SER A 271 45.29 18.85 -37.65
CA SER A 271 45.93 18.18 -36.52
C SER A 271 47.43 18.54 -36.42
N TRP A 272 47.97 19.10 -37.50
CA TRP A 272 49.37 19.50 -37.54
C TRP A 272 49.55 21.00 -37.75
N SER A 273 48.76 21.58 -38.66
CA SER A 273 48.86 23.01 -38.95
C SER A 273 47.77 23.81 -38.26
N LEU A 274 47.91 25.13 -38.30
CA LEU A 274 46.93 26.03 -37.70
C LEU A 274 46.68 27.10 -38.74
N LYS A 275 47.59 27.15 -39.72
CA LYS A 275 47.50 28.11 -40.79
C LYS A 275 46.68 27.54 -41.93
N SER A 276 45.65 28.27 -42.31
CA SER A 276 44.79 27.85 -43.40
C SER A 276 45.62 27.74 -44.68
N PRO A 277 45.38 26.69 -45.49
CA PRO A 277 46.09 26.46 -46.75
C PRO A 277 45.54 27.40 -47.82
N VAL A 278 44.21 27.50 -47.87
CA VAL A 278 43.51 28.34 -48.84
C VAL A 278 43.80 29.83 -48.65
N PRO A 279 44.29 30.48 -49.72
CA PRO A 279 44.62 31.92 -49.70
C PRO A 279 43.44 32.83 -49.38
N PRO A 280 43.74 34.09 -49.00
CA PRO A 280 42.70 35.08 -48.67
C PRO A 280 41.80 35.36 -49.86
N GLY A 281 40.50 35.43 -49.60
CA GLY A 281 39.55 35.70 -50.67
C GLY A 281 38.85 37.03 -50.42
N PRO A 282 37.81 37.35 -51.19
CA PRO A 282 37.11 38.62 -50.99
C PRO A 282 37.08 38.92 -49.51
N ALA A 283 37.46 40.14 -49.13
CA ALA A 283 37.49 40.48 -47.72
C ALA A 283 36.11 40.42 -47.09
N PRO A 284 36.05 40.01 -45.81
CA PRO A 284 34.84 39.88 -45.00
C PRO A 284 34.34 41.23 -44.56
N PRO A 285 33.03 41.35 -44.35
CA PRO A 285 32.46 42.64 -43.95
C PRO A 285 33.14 43.12 -42.67
N LEU A 286 32.88 44.36 -42.30
CA LEU A 286 33.44 44.91 -41.09
C LEU A 286 32.79 46.25 -40.76
N GLN A 287 32.74 46.56 -39.47
CA GLN A 287 32.12 47.79 -39.02
C GLN A 287 33.10 48.94 -39.02
N PHE A 288 32.70 50.05 -38.42
CA PHE A 288 33.51 51.24 -38.30
C PHE A 288 32.58 52.35 -37.83
N TYR A 289 33.07 53.22 -36.97
CA TYR A 289 32.24 54.29 -36.46
C TYR A 289 32.33 55.46 -37.43
N PRO A 290 31.25 55.69 -38.19
CA PRO A 290 31.07 56.74 -39.20
C PRO A 290 31.44 58.15 -38.73
N GLN A 291 31.16 58.42 -37.47
CA GLN A 291 31.47 59.70 -36.86
C GLN A 291 32.28 59.43 -35.61
N GLY A 292 33.20 58.47 -35.69
CA GLY A 292 34.00 58.13 -34.53
C GLY A 292 33.21 57.37 -33.47
N PRO A 293 33.88 56.92 -32.41
CA PRO A 293 33.28 56.17 -31.30
C PRO A 293 32.48 56.99 -30.33
N ARG A 294 31.36 56.42 -29.89
CA ARG A 294 30.48 57.10 -28.95
C ARG A 294 30.83 56.74 -27.52
N PHE A 295 32.08 56.36 -27.29
CA PHE A 295 32.47 55.99 -25.94
C PHE A 295 33.94 56.28 -25.72
N SER A 296 34.25 56.69 -24.49
CA SER A 296 35.63 57.02 -24.12
C SER A 296 36.20 56.04 -23.11
N VAL A 297 37.51 55.91 -23.16
CA VAL A 297 38.24 55.00 -22.26
C VAL A 297 39.42 55.74 -21.63
N GLN A 298 39.32 55.98 -20.33
CA GLN A 298 40.38 56.65 -19.57
C GLN A 298 40.70 55.77 -18.36
N GLY A 299 41.81 55.06 -18.43
CA GLY A 299 42.18 54.19 -17.34
C GLY A 299 41.36 52.91 -17.37
N SER A 300 40.68 52.63 -16.28
CA SER A 300 39.86 51.44 -16.20
C SER A 300 38.37 51.77 -16.30
N ARG A 301 38.05 53.04 -16.55
CA ARG A 301 36.66 53.45 -16.68
C ARG A 301 36.26 53.78 -18.12
N VAL A 302 35.11 53.24 -18.52
CA VAL A 302 34.55 53.43 -19.85
C VAL A 302 33.28 54.21 -19.59
N ALA A 303 32.85 54.99 -20.58
CA ALA A 303 31.63 55.77 -20.47
C ALA A 303 31.06 56.13 -21.84
N SER A 304 29.75 55.95 -21.98
CA SER A 304 29.06 56.26 -23.22
C SER A 304 27.77 56.96 -22.84
N SER A 305 27.04 57.44 -23.83
CA SER A 305 25.78 58.11 -23.56
C SER A 305 24.98 57.29 -22.55
N LEU A 306 24.98 55.98 -22.74
CA LEU A 306 24.22 55.08 -21.88
C LEU A 306 24.94 54.57 -20.65
N TRP A 307 26.07 53.91 -20.85
CA TRP A 307 26.81 53.31 -19.74
C TRP A 307 28.04 53.99 -19.13
N THR A 308 28.33 53.58 -17.90
CA THR A 308 29.45 54.07 -17.07
C THR A 308 29.92 52.93 -16.18
N PHE A 309 31.21 52.64 -16.20
CA PHE A 309 31.72 51.56 -15.37
C PHE A 309 33.24 51.46 -15.38
N SER A 310 33.76 50.64 -14.46
CA SER A 310 35.19 50.43 -14.30
C SER A 310 35.48 48.95 -14.50
N PHE A 311 36.49 48.65 -15.30
CA PHE A 311 36.86 47.26 -15.57
C PHE A 311 38.25 46.95 -15.00
N GLY A 312 38.67 45.70 -15.15
CA GLY A 312 39.95 45.30 -14.63
C GLY A 312 40.12 43.79 -14.75
N LEU A 313 41.16 43.27 -14.11
CA LEU A 313 41.43 41.86 -14.21
C LEU A 313 42.13 41.33 -12.96
N GLY A 314 41.53 40.31 -12.35
CA GLY A 314 42.16 39.71 -11.20
C GLY A 314 43.21 38.75 -11.73
N ALA A 315 44.31 38.60 -11.00
CA ALA A 315 45.38 37.70 -11.44
C ALA A 315 44.89 36.27 -11.62
N PHE A 316 44.12 35.81 -10.64
CA PHE A 316 43.56 34.46 -10.66
C PHE A 316 42.06 34.52 -10.91
N SER A 317 41.46 35.57 -10.36
CA SER A 317 40.03 35.83 -10.46
C SER A 317 39.60 36.09 -11.90
N GLY A 318 40.43 36.78 -12.65
CA GLY A 318 40.07 37.07 -14.04
C GLY A 318 39.30 38.38 -14.23
N PRO A 319 38.53 38.50 -15.32
CA PRO A 319 37.74 39.68 -15.65
C PRO A 319 36.78 40.16 -14.57
N ARG A 320 36.77 41.48 -14.35
CA ARG A 320 35.89 42.06 -13.36
C ARG A 320 35.44 43.45 -13.77
N ILE A 321 34.26 43.82 -13.31
CA ILE A 321 33.72 45.13 -13.61
C ILE A 321 33.03 45.73 -12.39
N PHE A 322 33.23 47.03 -12.20
CA PHE A 322 32.66 47.75 -11.07
C PHE A 322 31.89 49.00 -11.43
N ASP A 323 31.06 49.42 -10.48
CA ASP A 323 30.27 50.63 -10.60
C ASP A 323 29.65 50.80 -11.98
N VAL A 324 28.66 49.95 -12.27
CA VAL A 324 27.96 49.99 -13.54
C VAL A 324 26.77 50.92 -13.40
N ARG A 325 26.77 52.01 -14.14
CA ARG A 325 25.70 52.98 -14.07
C ARG A 325 25.03 53.19 -15.42
N PHE A 326 23.72 52.92 -15.48
CA PHE A 326 22.99 53.15 -16.72
C PHE A 326 22.42 54.56 -16.56
N GLN A 327 23.01 55.51 -17.28
CA GLN A 327 22.57 56.90 -17.21
C GLN A 327 22.68 57.38 -15.76
N GLY A 328 23.81 57.09 -15.14
CA GLY A 328 24.01 57.53 -13.78
C GLY A 328 23.53 56.61 -12.66
N GLU A 329 22.66 55.65 -12.95
CA GLU A 329 22.20 54.76 -11.88
C GLU A 329 22.99 53.47 -11.79
N ARG A 330 23.60 53.24 -10.63
CA ARG A 330 24.37 52.04 -10.41
C ARG A 330 23.45 50.86 -10.24
N LEU A 331 23.70 49.85 -11.07
CA LEU A 331 22.95 48.62 -11.09
C LEU A 331 23.73 47.59 -10.32
N VAL A 332 25.04 47.57 -10.58
CA VAL A 332 25.92 46.61 -9.93
C VAL A 332 27.15 47.24 -9.33
N TYR A 333 27.47 46.81 -8.12
CA TYR A 333 28.66 47.32 -7.50
C TYR A 333 29.80 46.65 -8.22
N GLU A 334 29.60 45.36 -8.50
CA GLU A 334 30.62 44.58 -9.16
C GLU A 334 30.11 43.30 -9.78
N ILE A 335 30.76 42.92 -10.86
CA ILE A 335 30.45 41.69 -11.57
C ILE A 335 31.81 41.21 -12.02
N SER A 336 32.25 40.11 -11.43
CA SER A 336 33.56 39.56 -11.73
C SER A 336 33.49 38.07 -11.95
N LEU A 337 34.57 37.53 -12.49
CA LEU A 337 34.69 36.11 -12.69
C LEU A 337 35.21 35.69 -11.33
N GLN A 338 34.95 34.47 -10.89
CA GLN A 338 35.43 34.07 -9.59
C GLN A 338 36.27 32.83 -9.61
N GLU A 339 36.08 32.03 -10.65
CA GLU A 339 36.80 30.79 -10.78
C GLU A 339 36.45 30.13 -12.11
N ALA A 340 37.23 29.13 -12.49
CA ALA A 340 36.98 28.38 -13.71
C ALA A 340 37.37 26.96 -13.36
N LEU A 341 36.70 25.99 -13.97
CA LEU A 341 36.96 24.59 -13.68
C LEU A 341 36.78 23.72 -14.92
N ALA A 342 37.56 22.65 -15.02
CA ALA A 342 37.46 21.75 -16.15
C ALA A 342 37.70 20.35 -15.67
N ILE A 343 36.63 19.63 -15.38
CA ILE A 343 36.73 18.26 -14.89
C ILE A 343 36.74 17.20 -16.00
N TYR A 344 37.83 16.44 -16.05
CA TYR A 344 38.07 15.43 -17.08
C TYR A 344 37.84 13.94 -16.76
N GLY A 345 37.77 13.16 -17.85
CA GLY A 345 37.60 11.72 -17.76
C GLY A 345 38.54 11.16 -18.82
N GLY A 346 38.78 9.85 -18.79
CA GLY A 346 39.68 9.25 -19.77
C GLY A 346 40.28 7.94 -19.30
N ASN A 347 41.04 7.29 -20.18
CA ASN A 347 41.65 6.01 -19.85
C ASN A 347 43.09 6.19 -19.36
N SER A 348 43.64 7.37 -19.58
CA SER A 348 45.01 7.64 -19.17
C SER A 348 44.97 8.29 -17.80
N PRO A 349 45.89 7.89 -16.92
CA PRO A 349 46.01 8.40 -15.54
C PRO A 349 45.88 9.91 -15.43
N ALA A 350 46.72 10.62 -16.18
CA ALA A 350 46.67 12.07 -16.16
C ALA A 350 45.24 12.53 -16.42
N ALA A 351 44.73 12.23 -17.62
CA ALA A 351 43.37 12.60 -18.01
C ALA A 351 42.41 12.14 -16.94
N MET A 352 42.36 10.82 -16.80
CA MET A 352 41.52 10.11 -15.86
C MET A 352 41.28 10.79 -14.51
N THR A 353 42.16 11.71 -14.13
CA THR A 353 42.02 12.39 -12.84
C THR A 353 42.27 13.89 -12.83
N THR A 354 42.07 14.53 -13.97
CA THR A 354 42.29 15.96 -14.04
C THR A 354 41.04 16.79 -13.72
N ARG A 355 41.16 17.61 -12.68
CA ARG A 355 40.10 18.51 -12.22
C ARG A 355 40.70 19.93 -12.06
N TYR A 356 40.83 20.66 -13.16
CA TYR A 356 41.41 22.00 -13.15
C TYR A 356 40.63 23.13 -12.49
N VAL A 357 41.16 23.66 -11.40
CA VAL A 357 40.53 24.79 -10.75
C VAL A 357 41.47 25.89 -11.20
N ASP A 358 41.41 26.18 -12.49
CA ASP A 358 42.25 27.17 -13.16
C ASP A 358 42.58 28.46 -12.43
N GLY A 359 41.78 28.82 -11.43
CA GLY A 359 42.08 30.02 -10.67
C GLY A 359 43.36 29.76 -9.91
N GLY A 360 43.71 28.48 -9.79
CA GLY A 360 44.93 28.07 -9.12
C GLY A 360 46.11 28.34 -10.06
N PHE A 361 45.76 28.78 -11.29
CA PHE A 361 46.72 29.13 -12.34
C PHE A 361 46.66 30.64 -12.61
N GLY A 362 45.44 31.18 -12.63
CA GLY A 362 45.27 32.60 -12.85
C GLY A 362 44.73 32.99 -14.21
N MET A 363 43.46 33.38 -14.25
CA MET A 363 42.85 33.80 -15.52
C MET A 363 43.43 35.15 -15.90
N GLY A 364 43.68 35.99 -14.92
CA GLY A 364 44.26 37.27 -15.24
C GLY A 364 45.64 36.92 -15.75
N LYS A 365 46.38 36.21 -14.90
CA LYS A 365 47.75 35.79 -15.17
C LYS A 365 48.01 35.16 -16.54
N TYR A 366 47.06 34.36 -17.01
CA TYR A 366 47.21 33.71 -18.31
C TYR A 366 46.49 34.45 -19.43
N THR A 367 46.17 35.72 -19.20
CA THR A 367 45.48 36.49 -20.22
C THR A 367 46.48 36.77 -21.33
N THR A 368 46.18 36.28 -22.52
CA THR A 368 47.08 36.49 -23.63
C THR A 368 46.66 37.77 -24.35
N PRO A 369 47.55 38.32 -25.21
CA PRO A 369 47.33 39.55 -25.99
C PRO A 369 46.28 39.39 -27.07
N LEU A 370 45.43 40.41 -27.22
CA LEU A 370 44.37 40.35 -28.22
C LEU A 370 44.87 40.74 -29.61
N THR A 371 44.52 39.89 -30.58
CA THR A 371 44.86 40.07 -31.99
C THR A 371 43.79 40.93 -32.69
N ARG A 372 44.12 42.20 -32.88
CA ARG A 372 43.19 43.16 -33.50
C ARG A 372 42.60 42.64 -34.81
N GLY A 373 41.28 42.67 -34.92
CA GLY A 373 40.64 42.22 -36.13
C GLY A 373 40.16 40.78 -36.12
N VAL A 374 40.50 40.05 -35.06
CA VAL A 374 40.09 38.65 -34.91
C VAL A 374 39.45 38.51 -33.54
N ASP A 375 40.28 38.66 -32.51
CA ASP A 375 39.80 38.58 -31.14
C ASP A 375 38.81 39.72 -30.90
N CYS A 376 39.02 40.84 -31.58
CA CYS A 376 38.14 41.99 -31.46
C CYS A 376 38.14 42.69 -32.78
N PRO A 377 37.13 43.52 -33.02
CA PRO A 377 37.07 44.24 -34.29
C PRO A 377 38.31 45.10 -34.44
N TYR A 378 38.60 45.54 -35.67
CA TYR A 378 39.76 46.39 -35.89
C TYR A 378 39.55 47.70 -35.16
N LEU A 379 38.43 48.35 -35.44
CA LEU A 379 38.11 49.62 -34.82
C LEU A 379 37.61 49.50 -33.39
N ALA A 380 38.46 48.99 -32.51
CA ALA A 380 38.10 48.86 -31.11
C ALA A 380 39.19 49.59 -30.35
N THR A 381 38.98 49.79 -29.06
CA THR A 381 39.97 50.45 -28.22
C THR A 381 40.69 49.35 -27.46
N TYR A 382 42.01 49.25 -27.64
CA TYR A 382 42.75 48.20 -26.95
C TYR A 382 43.47 48.69 -25.73
N VAL A 383 43.48 47.86 -24.69
CA VAL A 383 44.11 48.24 -23.44
C VAL A 383 45.16 47.26 -22.93
N ASP A 384 46.12 47.79 -22.20
CA ASP A 384 47.21 47.02 -21.63
C ASP A 384 46.88 46.56 -20.22
N TRP A 385 47.81 45.83 -19.62
CA TRP A 385 47.63 45.33 -18.27
C TRP A 385 49.00 45.10 -17.67
N HIS A 386 49.23 45.67 -16.50
CA HIS A 386 50.51 45.55 -15.80
C HIS A 386 50.38 44.51 -14.68
N PHE A 387 51.48 43.85 -14.33
CA PHE A 387 51.44 42.82 -13.31
C PHE A 387 52.78 42.41 -12.70
N LEU A 388 52.74 42.05 -11.43
CA LEU A 388 53.94 41.60 -10.75
C LEU A 388 53.67 40.19 -10.28
N LEU A 389 53.90 39.25 -11.19
CA LEU A 389 53.67 37.85 -10.92
C LEU A 389 54.91 37.02 -11.13
N GLU A 390 55.17 36.13 -10.19
CA GLU A 390 56.36 35.27 -10.23
C GLU A 390 57.59 36.01 -10.72
N SER A 391 57.65 37.32 -10.46
CA SER A 391 58.77 38.15 -10.87
C SER A 391 59.05 39.25 -9.85
N GLN A 392 60.14 39.99 -10.08
CA GLN A 392 60.51 41.08 -9.20
C GLN A 392 60.32 42.38 -9.95
N ALA A 393 60.04 42.25 -11.25
CA ALA A 393 59.81 43.41 -12.10
C ALA A 393 58.45 43.27 -12.76
N PRO A 394 57.61 44.31 -12.67
CA PRO A 394 56.30 44.22 -13.31
C PRO A 394 56.41 44.31 -14.81
N LYS A 395 55.61 43.50 -15.49
CA LYS A 395 55.58 43.44 -16.95
C LYS A 395 54.20 43.83 -17.44
N THR A 396 54.06 44.13 -18.73
CA THR A 396 52.77 44.55 -19.29
C THR A 396 52.31 43.63 -20.42
N ILE A 397 50.99 43.48 -20.57
CA ILE A 397 50.43 42.67 -21.65
C ILE A 397 49.67 43.61 -22.56
N ARG A 398 50.12 43.74 -23.79
CA ARG A 398 49.46 44.65 -24.69
C ARG A 398 48.10 44.19 -25.13
N ASP A 399 47.18 45.13 -25.18
CA ASP A 399 45.85 44.80 -25.61
C ASP A 399 45.35 43.59 -24.88
N ALA A 400 45.30 43.68 -23.55
CA ALA A 400 44.78 42.60 -22.75
C ALA A 400 43.26 42.71 -22.87
N PHE A 401 42.75 43.94 -22.76
CA PHE A 401 41.32 44.21 -22.88
C PHE A 401 41.05 44.89 -24.22
N CYS A 402 39.78 44.83 -24.62
CA CYS A 402 39.36 45.50 -25.83
C CYS A 402 37.92 45.92 -25.58
N VAL A 403 37.64 47.19 -25.88
CA VAL A 403 36.33 47.78 -25.69
C VAL A 403 35.91 48.33 -27.01
N PHE A 404 34.66 48.09 -27.38
CA PHE A 404 34.18 48.59 -28.65
C PHE A 404 32.66 48.64 -28.68
N GLU A 405 32.11 49.01 -29.81
CA GLU A 405 30.68 49.12 -29.96
C GLU A 405 30.36 48.23 -31.16
N GLN A 406 29.30 47.45 -31.05
CA GLN A 406 28.96 46.53 -32.14
C GLN A 406 27.54 46.61 -32.67
N ASN A 407 27.38 47.08 -33.90
CA ASN A 407 26.06 47.10 -34.48
C ASN A 407 25.74 45.61 -34.66
N GLN A 408 24.81 45.12 -33.85
CA GLN A 408 24.41 43.72 -33.91
C GLN A 408 23.84 43.26 -35.24
N GLY A 409 23.25 44.20 -35.99
CA GLY A 409 22.66 43.83 -37.28
C GLY A 409 21.31 43.15 -37.11
N LEU A 410 20.68 43.40 -35.97
CA LEU A 410 19.38 42.86 -35.58
C LEU A 410 18.67 44.00 -34.86
N PRO A 411 17.34 44.04 -34.95
CA PRO A 411 16.63 45.14 -34.26
C PRO A 411 16.38 44.92 -32.75
N LEU A 412 16.39 46.02 -32.00
CA LEU A 412 16.16 45.97 -30.55
C LEU A 412 14.67 45.88 -30.27
N ARG A 413 13.93 46.86 -30.77
CA ARG A 413 12.49 46.95 -30.64
C ARG A 413 12.07 47.27 -32.07
N ARG A 414 10.87 46.88 -32.48
CA ARG A 414 10.46 47.13 -33.86
C ARG A 414 9.01 46.75 -34.15
N HIS A 415 8.29 47.67 -34.77
CA HIS A 415 6.90 47.42 -35.13
C HIS A 415 6.57 48.13 -36.43
N HIS A 416 6.03 47.37 -37.38
CA HIS A 416 5.62 47.87 -38.68
C HIS A 416 4.10 47.75 -38.72
N SER A 417 3.39 48.87 -38.79
CA SER A 417 1.93 48.86 -38.80
C SER A 417 1.23 49.05 -40.15
N ASP A 418 0.40 48.06 -40.52
CA ASP A 418 -0.36 48.07 -41.77
C ASP A 418 -1.86 47.92 -41.46
N LEU A 419 -2.16 47.88 -40.16
CA LEU A 419 -3.52 47.75 -39.65
C LEU A 419 -3.99 49.07 -39.06
N TYR A 420 -5.03 49.66 -39.67
CA TYR A 420 -5.60 50.93 -39.23
C TYR A 420 -4.71 52.13 -39.57
N SER A 421 -3.66 52.32 -38.76
CA SER A 421 -2.68 53.40 -38.96
C SER A 421 -1.35 52.78 -39.43
N HIS A 422 -0.85 53.19 -40.61
CA HIS A 422 0.42 52.66 -41.15
C HIS A 422 1.67 53.46 -40.71
N TYR A 423 2.23 53.12 -39.55
CA TYR A 423 3.43 53.79 -39.05
C TYR A 423 4.46 52.70 -38.85
N PHE A 424 5.69 53.10 -38.54
CA PHE A 424 6.77 52.15 -38.27
C PHE A 424 7.76 52.74 -37.31
N GLY A 425 8.14 51.95 -36.31
CA GLY A 425 9.10 52.42 -35.33
C GLY A 425 10.07 51.32 -34.99
N GLY A 426 11.35 51.57 -35.24
CA GLY A 426 12.36 50.57 -34.94
C GLY A 426 13.66 51.12 -34.37
N LEU A 427 14.65 50.24 -34.27
CA LEU A 427 15.94 50.63 -33.76
C LEU A 427 16.85 49.43 -33.79
N ALA A 428 17.68 49.31 -34.82
CA ALA A 428 18.59 48.18 -34.87
C ALA A 428 19.44 48.35 -33.60
N GLU A 429 19.79 47.23 -32.96
CA GLU A 429 20.57 47.29 -31.74
C GLU A 429 22.06 47.37 -31.95
N THR A 430 22.69 48.18 -31.11
CA THR A 430 24.12 48.36 -31.12
C THR A 430 24.49 48.14 -29.67
N VAL A 431 25.50 47.32 -29.44
CA VAL A 431 25.95 47.03 -28.07
C VAL A 431 27.38 47.46 -27.76
N LEU A 432 27.65 47.57 -26.47
CA LEU A 432 28.97 47.96 -25.99
C LEU A 432 29.59 46.69 -25.40
N VAL A 433 30.84 46.44 -25.76
CA VAL A 433 31.53 45.24 -25.31
C VAL A 433 32.87 45.47 -24.66
N VAL A 434 33.16 44.66 -23.64
CA VAL A 434 34.44 44.70 -22.95
C VAL A 434 34.86 43.24 -23.01
N ARG A 435 36.03 42.99 -23.61
CA ARG A 435 36.53 41.62 -23.76
C ARG A 435 37.96 41.41 -23.27
N SER A 436 38.26 40.16 -22.98
CA SER A 436 39.57 39.74 -22.49
C SER A 436 39.67 38.24 -22.70
N MET A 437 40.85 37.76 -23.07
CA MET A 437 41.05 36.32 -23.31
C MET A 437 42.21 35.71 -22.53
N SER A 438 41.91 34.66 -21.78
CA SER A 438 42.92 33.96 -20.99
C SER A 438 43.24 32.66 -21.70
N THR A 439 44.52 32.30 -21.71
CA THR A 439 44.93 31.06 -22.36
C THR A 439 45.56 30.12 -21.35
N LEU A 440 44.74 29.26 -20.75
CA LEU A 440 45.25 28.30 -19.79
C LEU A 440 45.69 27.09 -20.56
N LEU A 441 47.00 27.02 -20.78
CA LEU A 441 47.61 25.95 -21.56
C LEU A 441 46.86 25.72 -22.89
N ASN A 442 46.02 24.68 -22.94
CA ASN A 442 45.27 24.34 -24.14
C ASN A 442 44.15 25.27 -24.62
N PAQ A 443 43.12 25.54 -23.81
CA PAQ A 443 42.02 26.40 -24.31
CB PAQ A 443 40.64 25.95 -23.86
CG PAQ A 443 40.68 25.23 -22.53
CD1 PAQ A 443 40.01 23.90 -22.38
O2 PAQ A 443 39.32 23.41 -23.28
CD2 PAQ A 443 41.41 25.75 -21.47
CE1 PAQ A 443 40.16 23.22 -21.16
CE2 PAQ A 443 41.52 25.02 -20.28
CZ PAQ A 443 40.91 23.78 -20.14
OH PAQ A 443 41.04 23.09 -18.97
N1 PAQ A 443 42.25 25.56 -19.28
N2 PAQ A 443 42.45 24.93 -18.13
C1 PAQ A 443 43.71 24.54 -17.86
C2 PAQ A 443 44.33 23.58 -18.65
C3 PAQ A 443 45.65 23.23 -18.38
C4 PAQ A 443 46.32 23.83 -17.33
C5 PAQ A 443 45.65 24.78 -16.55
N3 PAQ A 443 44.37 25.10 -16.83
C PAQ A 443 42.22 27.83 -23.89
O PAQ A 443 42.95 28.08 -22.93
N ASP A 444 41.55 28.72 -24.62
CA ASP A 444 41.58 30.14 -24.36
C ASP A 444 40.14 30.48 -24.07
N TYR A 445 39.93 31.16 -22.96
CA TYR A 445 38.59 31.54 -22.57
C TYR A 445 38.33 32.96 -23.05
N VAL A 446 37.19 33.15 -23.71
CA VAL A 446 36.80 34.47 -24.19
C VAL A 446 35.78 35.02 -23.22
N TRP A 447 36.16 36.05 -22.49
CA TRP A 447 35.26 36.65 -21.52
C TRP A 447 34.58 37.87 -22.08
N ASP A 448 33.26 37.82 -22.09
CA ASP A 448 32.43 38.90 -22.57
C ASP A 448 31.61 39.51 -21.49
N THR A 449 31.08 40.66 -21.82
CA THR A 449 30.23 41.40 -20.93
C THR A 449 29.74 42.46 -21.89
N VAL A 450 28.49 42.30 -22.30
CA VAL A 450 27.89 43.18 -23.24
C VAL A 450 26.77 44.02 -22.59
N PHE A 451 26.90 45.34 -22.74
CA PHE A 451 25.91 46.26 -22.21
C PHE A 451 25.02 46.59 -23.40
N HIS A 452 23.72 46.43 -23.22
CA HIS A 452 22.78 46.69 -24.29
C HIS A 452 22.04 48.00 -24.03
N PRO A 453 21.57 48.67 -25.10
CA PRO A 453 20.84 49.94 -25.02
C PRO A 453 19.55 49.87 -24.22
N SER A 454 19.21 48.69 -23.74
CA SER A 454 17.99 48.48 -22.97
C SER A 454 18.22 48.49 -21.47
N GLY A 455 19.48 48.41 -21.05
CA GLY A 455 19.78 48.39 -19.63
C GLY A 455 19.85 46.96 -19.15
N ALA A 456 20.22 46.09 -20.08
CA ALA A 456 20.37 44.66 -19.81
C ALA A 456 21.86 44.40 -19.94
N ILE A 457 22.45 43.75 -18.94
CA ILE A 457 23.87 43.46 -19.00
C ILE A 457 24.03 41.96 -19.19
N GLU A 458 24.73 41.60 -20.25
CA GLU A 458 24.96 40.22 -20.60
C GLU A 458 26.38 39.79 -20.31
N ILE A 459 26.52 38.59 -19.77
CA ILE A 459 27.83 38.06 -19.45
C ILE A 459 27.95 36.70 -20.14
N ARG A 460 28.88 36.59 -21.08
CA ARG A 460 29.12 35.32 -21.78
C ARG A 460 30.59 34.99 -21.79
N PHE A 461 30.91 33.72 -21.73
CA PHE A 461 32.29 33.31 -21.77
C PHE A 461 32.33 32.07 -22.63
N TYR A 462 33.35 31.96 -23.48
CA TYR A 462 33.47 30.80 -24.36
C TYR A 462 34.78 30.10 -24.06
N ALA A 463 34.88 28.86 -24.51
CA ALA A 463 36.12 28.07 -24.36
C ALA A 463 36.52 27.70 -25.79
N THR A 464 37.75 28.04 -26.19
CA THR A 464 38.24 27.74 -27.54
C THR A 464 39.69 27.28 -27.49
N GLY A 465 40.42 27.51 -28.59
CA GLY A 465 41.81 27.09 -28.66
C GLY A 465 41.94 25.60 -28.92
N TYR A 466 42.84 24.94 -28.19
CA TYR A 466 43.01 23.51 -28.37
C TYR A 466 42.40 22.74 -27.20
N ILE A 467 42.18 21.45 -27.42
CA ILE A 467 41.62 20.58 -26.37
C ILE A 467 42.79 19.93 -25.68
N SER A 468 42.51 18.84 -24.98
CA SER A 468 43.56 18.08 -24.32
C SER A 468 43.30 16.69 -24.87
N SER A 469 44.32 16.08 -25.48
CA SER A 469 44.17 14.75 -26.05
C SER A 469 45.02 13.74 -25.28
N ALA A 470 44.74 12.45 -25.48
CA ALA A 470 45.50 11.39 -24.84
C ALA A 470 45.87 10.37 -25.90
N PHE A 471 46.59 9.34 -25.50
CA PHE A 471 46.92 8.34 -26.48
C PHE A 471 45.74 7.39 -26.59
N LEU A 472 45.39 7.10 -27.85
CA LEU A 472 44.29 6.22 -28.17
C LEU A 472 44.67 4.74 -28.03
N PHE A 473 43.75 3.94 -27.52
CA PHE A 473 43.96 2.50 -27.35
C PHE A 473 42.74 1.89 -26.63
N GLY A 474 42.47 0.61 -26.91
CA GLY A 474 41.36 -0.07 -26.27
C GLY A 474 39.96 0.25 -26.78
N ALA A 475 38.97 -0.10 -25.97
CA ALA A 475 37.55 0.14 -26.30
C ALA A 475 37.23 1.61 -26.07
N THR A 476 37.24 2.36 -27.16
CA THR A 476 36.97 3.78 -27.14
C THR A 476 35.50 4.08 -27.22
N GLY A 477 35.02 4.82 -26.24
CA GLY A 477 33.63 5.18 -26.24
C GLY A 477 33.19 5.69 -24.91
N LYS A 478 33.96 5.38 -23.88
CA LYS A 478 33.59 5.83 -22.56
C LYS A 478 34.28 7.11 -22.19
N TYR A 479 35.32 7.46 -22.96
CA TYR A 479 36.10 8.63 -22.61
C TYR A 479 36.23 9.72 -23.65
N GLY A 480 35.67 9.46 -24.81
CA GLY A 480 35.75 10.45 -25.85
C GLY A 480 35.72 9.78 -27.18
N ASN A 481 35.78 10.60 -28.22
CA ASN A 481 35.76 10.11 -29.59
C ASN A 481 37.15 10.25 -30.16
N GLN A 482 37.44 9.51 -31.22
CA GLN A 482 38.74 9.61 -31.83
C GLN A 482 38.70 10.81 -32.76
N VAL A 483 39.62 11.75 -32.54
CA VAL A 483 39.68 12.96 -33.35
C VAL A 483 40.86 12.98 -34.32
N SER A 484 41.74 12.01 -34.16
CA SER A 484 42.92 11.92 -35.01
C SER A 484 43.77 10.69 -34.68
N GLU A 485 44.71 10.39 -35.57
CA GLU A 485 45.59 9.25 -35.44
C GLU A 485 46.17 9.07 -34.05
N HIS A 486 45.81 7.96 -33.42
CA HIS A 486 46.32 7.59 -32.09
C HIS A 486 45.99 8.58 -30.97
N THR A 487 45.06 9.51 -31.23
CA THR A 487 44.69 10.49 -30.22
C THR A 487 43.19 10.57 -29.94
N LEU A 488 42.88 10.58 -28.65
CA LEU A 488 41.51 10.62 -28.20
C LEU A 488 41.14 12.01 -27.69
N GLY A 489 39.84 12.32 -27.82
CA GLY A 489 39.32 13.59 -27.35
C GLY A 489 38.68 13.32 -26.02
N THR A 490 39.45 13.53 -24.95
CA THR A 490 39.02 13.30 -23.57
C THR A 490 37.75 14.02 -23.16
N VAL A 491 36.77 13.25 -22.71
CA VAL A 491 35.52 13.80 -22.25
C VAL A 491 35.77 14.71 -21.05
N HIS A 492 35.13 15.87 -21.02
CA HIS A 492 35.32 16.80 -19.90
C HIS A 492 34.18 17.77 -19.72
N THR A 493 34.19 18.48 -18.60
CA THR A 493 33.15 19.47 -18.30
C THR A 493 33.77 20.84 -18.01
N HIS A 494 33.15 21.89 -18.54
CA HIS A 494 33.60 23.26 -18.34
C HIS A 494 32.57 23.98 -17.48
N SER A 495 33.03 24.74 -16.48
CA SER A 495 32.14 25.48 -15.59
C SER A 495 32.87 26.75 -15.14
N ALA A 496 32.13 27.83 -14.92
CA ALA A 496 32.73 29.10 -14.47
C ALA A 496 31.79 29.79 -13.49
N HIS A 497 32.32 30.25 -12.37
CA HIS A 497 31.50 30.90 -11.36
C HIS A 497 31.63 32.40 -11.37
N PHE A 498 30.50 33.12 -11.35
CA PHE A 498 30.56 34.58 -11.35
C PHE A 498 29.89 35.23 -10.16
N LYS A 499 30.57 36.23 -9.59
CA LYS A 499 30.05 36.98 -8.46
C LYS A 499 29.33 38.21 -8.98
N VAL A 500 28.00 38.13 -9.01
CA VAL A 500 27.23 39.26 -9.49
C VAL A 500 26.66 39.98 -8.27
N ASP A 501 27.29 41.06 -7.88
CA ASP A 501 26.80 41.79 -6.73
C ASP A 501 26.05 43.03 -7.16
N LEU A 502 24.77 42.84 -7.39
CA LEU A 502 23.91 43.92 -7.81
C LEU A 502 23.56 44.78 -6.61
N ASP A 503 23.05 45.96 -6.89
CA ASP A 503 22.62 46.90 -5.87
C ASP A 503 21.47 47.65 -6.51
N VAL A 504 20.35 46.94 -6.67
CA VAL A 504 19.14 47.48 -7.30
C VAL A 504 18.60 48.70 -6.60
N ALA A 505 18.97 49.87 -7.11
CA ALA A 505 18.53 51.14 -6.53
C ALA A 505 18.68 51.12 -5.01
N GLY A 506 19.85 50.74 -4.54
CA GLY A 506 20.10 50.66 -3.10
C GLY A 506 20.62 49.29 -2.75
N LEU A 507 21.15 49.14 -1.53
CA LEU A 507 21.71 47.87 -1.10
C LEU A 507 20.66 46.82 -0.73
N GLU A 508 19.53 47.28 -0.21
CA GLU A 508 18.45 46.39 0.19
C GLU A 508 17.76 45.84 -1.02
N ASN A 509 17.94 44.55 -1.23
CA ASN A 509 17.34 43.87 -2.36
C ASN A 509 16.69 42.61 -1.84
N TRP A 510 15.66 42.16 -2.54
CA TRP A 510 14.96 40.95 -2.15
C TRP A 510 14.95 40.02 -3.33
N VAL A 511 14.56 38.79 -3.08
CA VAL A 511 14.52 37.84 -4.16
C VAL A 511 13.14 37.36 -4.43
N TRP A 512 12.70 37.60 -5.65
CA TRP A 512 11.38 37.18 -6.05
C TRP A 512 11.50 36.07 -7.06
N ALA A 513 10.56 35.16 -6.97
CA ALA A 513 10.49 34.04 -7.87
C ALA A 513 9.06 34.03 -8.38
N GLU A 514 8.90 34.49 -9.61
CA GLU A 514 7.59 34.51 -10.22
C GLU A 514 7.59 33.43 -11.27
N ASP A 515 6.44 32.79 -11.46
CA ASP A 515 6.34 31.71 -12.44
C ASP A 515 4.88 31.29 -12.64
N MET A 516 4.57 30.76 -13.81
CA MET A 516 3.22 30.34 -14.20
C MET A 516 2.58 29.13 -13.52
N VAL A 517 1.34 28.87 -13.93
CA VAL A 517 0.49 27.75 -13.48
C VAL A 517 -0.91 27.83 -14.12
N PHE A 518 -1.48 26.68 -14.46
CA PHE A 518 -2.82 26.62 -15.06
C PHE A 518 -3.83 26.22 -13.98
N VAL A 519 -4.80 27.10 -13.73
CA VAL A 519 -5.83 26.87 -12.72
C VAL A 519 -7.18 26.64 -13.41
N PRO A 520 -7.72 25.42 -13.33
CA PRO A 520 -9.01 25.16 -13.97
C PRO A 520 -10.18 25.74 -13.17
N MET A 521 -11.12 26.35 -13.89
CA MET A 521 -12.33 26.94 -13.32
C MET A 521 -13.30 27.09 -14.49
N ALA A 522 -14.57 26.82 -14.24
CA ALA A 522 -15.58 26.91 -15.30
C ALA A 522 -15.69 28.29 -15.93
N VAL A 523 -15.94 28.30 -17.24
CA VAL A 523 -16.08 29.52 -18.02
C VAL A 523 -17.17 30.44 -17.49
N PRO A 524 -16.78 31.59 -16.94
CA PRO A 524 -17.73 32.56 -16.40
C PRO A 524 -19.06 32.59 -17.14
N TRP A 525 -19.00 32.94 -18.41
CA TRP A 525 -20.19 33.04 -19.23
C TRP A 525 -20.82 31.74 -19.75
N SER A 526 -20.25 30.60 -19.41
CA SER A 526 -20.80 29.33 -19.88
C SER A 526 -20.28 28.22 -18.99
N PRO A 527 -20.71 28.22 -17.72
CA PRO A 527 -20.32 27.23 -16.71
C PRO A 527 -20.31 25.77 -17.17
N GLU A 528 -21.16 25.42 -18.12
CA GLU A 528 -21.17 24.05 -18.62
C GLU A 528 -19.79 23.68 -19.15
N HIS A 529 -19.05 24.70 -19.60
CA HIS A 529 -17.72 24.53 -20.17
C HIS A 529 -16.56 24.78 -19.21
N GLN A 530 -15.50 24.00 -19.38
CA GLN A 530 -14.31 24.11 -18.52
C GLN A 530 -13.25 25.09 -19.06
N LEU A 531 -12.43 25.62 -18.16
CA LEU A 531 -11.38 26.57 -18.54
C LEU A 531 -10.06 26.39 -17.77
N GLN A 532 -8.92 26.56 -18.45
CA GLN A 532 -7.59 26.45 -17.82
C GLN A 532 -7.08 27.87 -17.63
N ARG A 533 -7.31 28.43 -16.44
CA ARG A 533 -6.93 29.81 -16.11
C ARG A 533 -5.45 30.02 -15.81
N LEU A 534 -4.75 30.60 -16.79
CA LEU A 534 -3.33 30.88 -16.67
C LEU A 534 -3.13 31.97 -15.61
N GLN A 535 -2.24 31.70 -14.66
CA GLN A 535 -1.94 32.63 -13.57
C GLN A 535 -0.45 32.64 -13.27
N VAL A 536 0.00 33.71 -12.60
CA VAL A 536 1.41 33.83 -12.20
C VAL A 536 1.56 33.67 -10.67
N THR A 537 2.64 33.03 -10.24
CA THR A 537 2.90 32.82 -8.83
C THR A 537 4.04 33.75 -8.41
N ARG A 538 3.83 34.51 -7.34
CA ARG A 538 4.83 35.46 -6.86
C ARG A 538 5.27 35.13 -5.43
N LYS A 539 6.28 34.28 -5.31
CA LYS A 539 6.80 33.88 -4.00
C LYS A 539 8.10 34.57 -3.65
N LEU A 540 8.24 34.98 -2.39
CA LEU A 540 9.45 35.65 -1.94
C LEU A 540 10.44 34.72 -1.21
N LEU A 541 11.70 34.80 -1.63
CA LEU A 541 12.75 33.98 -1.04
C LEU A 541 13.35 34.76 0.11
N GLU A 542 13.24 34.19 1.30
CA GLU A 542 13.74 34.84 2.50
C GLU A 542 15.04 34.29 3.07
N MET A 543 15.31 33.02 2.82
CA MET A 543 16.55 32.42 3.33
C MET A 543 17.53 32.15 2.19
N GLU A 544 18.82 32.09 2.53
CA GLU A 544 19.83 31.85 1.51
C GLU A 544 19.56 30.48 0.89
N GLU A 545 19.14 29.54 1.74
CA GLU A 545 18.86 28.19 1.31
C GLU A 545 17.75 28.19 0.27
N GLN A 546 16.79 29.10 0.44
CA GLN A 546 15.67 29.22 -0.50
C GLN A 546 16.19 29.68 -1.87
N ALA A 547 17.17 30.59 -1.85
CA ALA A 547 17.74 31.17 -3.06
C ALA A 547 18.88 30.38 -3.72
N ALA A 548 19.43 29.38 -3.04
CA ALA A 548 20.50 28.59 -3.65
C ALA A 548 19.87 27.44 -4.43
N PHE A 549 20.15 27.40 -5.74
CA PHE A 549 19.60 26.40 -6.66
C PHE A 549 20.58 25.42 -7.22
N LEU A 550 20.46 24.17 -6.77
CA LEU A 550 21.34 23.10 -7.23
C LEU A 550 21.22 22.84 -8.73
N VAL A 551 22.35 22.52 -9.33
CA VAL A 551 22.38 22.22 -10.75
C VAL A 551 21.37 21.11 -11.04
N GLY A 552 20.86 21.08 -12.26
CA GLY A 552 19.91 20.04 -12.62
C GLY A 552 18.55 20.07 -11.94
N SER A 553 18.21 21.19 -11.30
CA SER A 553 16.92 21.32 -10.64
C SER A 553 16.16 22.50 -11.27
N ALA A 554 14.83 22.39 -11.35
CA ALA A 554 14.00 23.43 -11.93
C ALA A 554 14.10 24.72 -11.13
N THR A 555 14.11 25.84 -11.86
CA THR A 555 14.20 27.15 -11.22
C THR A 555 13.04 28.04 -11.69
N PRO A 556 12.66 29.04 -10.88
CA PRO A 556 11.56 29.94 -11.24
C PRO A 556 11.89 30.71 -12.52
N ARG A 557 11.00 30.57 -13.50
CA ARG A 557 11.19 31.25 -14.78
C ARG A 557 11.60 32.69 -14.55
N TYR A 558 10.73 33.48 -13.95
CA TYR A 558 11.10 34.85 -13.68
C TYR A 558 11.71 34.98 -12.29
N LEU A 559 13.04 34.93 -12.23
CA LEU A 559 13.74 35.07 -10.96
C LEU A 559 14.57 36.34 -11.00
N TYR A 560 14.46 37.14 -9.94
CA TYR A 560 15.15 38.40 -9.89
C TYR A 560 15.30 39.00 -8.51
N LEU A 561 16.19 39.97 -8.42
CA LEU A 561 16.47 40.69 -7.19
C LEU A 561 15.80 42.02 -7.35
N ALA A 562 15.12 42.45 -6.30
CA ALA A 562 14.40 43.71 -6.37
C ALA A 562 14.71 44.61 -5.20
N SER A 563 14.36 45.88 -5.38
CA SER A 563 14.54 46.88 -4.35
C SER A 563 13.28 46.87 -3.51
N ASN A 564 13.25 47.74 -2.52
CA ASN A 564 12.10 47.87 -1.64
C ASN A 564 11.14 48.75 -2.42
N HIS A 565 11.71 49.83 -2.96
CA HIS A 565 11.01 50.83 -3.73
C HIS A 565 10.43 50.32 -5.07
N SER A 566 9.23 50.81 -5.39
CA SER A 566 8.51 50.44 -6.60
C SER A 566 8.61 51.53 -7.67
N ASN A 567 8.23 51.19 -8.88
CA ASN A 567 8.27 52.18 -9.96
C ASN A 567 6.88 52.83 -10.07
N LYS A 568 6.78 53.81 -10.98
CA LYS A 568 5.55 54.56 -11.22
C LYS A 568 4.27 53.72 -11.33
N TRP A 569 4.40 52.41 -11.51
CA TRP A 569 3.23 51.56 -11.65
C TRP A 569 3.07 50.64 -10.44
N GLY A 570 3.75 51.00 -9.35
CA GLY A 570 3.66 50.24 -8.11
C GLY A 570 4.21 48.84 -8.00
N HIS A 571 5.15 48.47 -8.86
CA HIS A 571 5.76 47.15 -8.84
C HIS A 571 7.19 47.31 -8.35
N PRO A 572 7.73 46.34 -7.59
CA PRO A 572 9.10 46.43 -7.08
C PRO A 572 10.14 46.59 -8.21
N ARG A 573 11.07 47.50 -8.00
CA ARG A 573 12.15 47.78 -8.96
C ARG A 573 13.19 46.69 -8.94
N GLY A 574 13.32 45.93 -10.02
CA GLY A 574 14.30 44.88 -10.00
C GLY A 574 14.94 44.44 -11.30
N TYR A 575 15.85 43.49 -11.15
CA TYR A 575 16.56 42.92 -12.28
C TYR A 575 16.45 41.42 -12.17
N ARG A 576 16.16 40.78 -13.28
CA ARG A 576 16.03 39.36 -13.26
C ARG A 576 17.31 38.75 -13.76
N ILE A 577 17.57 37.53 -13.34
CA ILE A 577 18.76 36.84 -13.76
C ILE A 577 18.44 35.66 -14.66
N GLN A 578 18.48 35.93 -15.96
CA GLN A 578 18.20 34.91 -16.94
C GLN A 578 19.48 34.16 -17.19
N MET A 579 19.43 32.85 -16.97
CA MET A 579 20.59 32.02 -17.15
C MET A 579 20.65 31.30 -18.47
N LEU A 580 21.87 31.03 -18.90
CA LEU A 580 22.14 30.33 -20.16
C LEU A 580 23.26 29.29 -19.90
N SER A 581 22.86 28.08 -19.50
CA SER A 581 23.83 27.02 -19.24
C SER A 581 23.19 25.65 -19.38
N PHE A 582 24.04 24.65 -19.57
CA PHE A 582 23.64 23.26 -19.73
C PHE A 582 24.64 22.49 -18.89
N ALA A 583 25.02 23.12 -17.78
CA ALA A 583 26.00 22.59 -16.85
C ALA A 583 25.95 21.07 -16.70
N GLY A 584 27.03 20.40 -17.08
CA GLY A 584 27.09 18.96 -16.96
C GLY A 584 27.10 18.64 -15.47
N GLU A 585 26.66 17.44 -15.10
CA GLU A 585 26.62 17.03 -13.69
C GLU A 585 27.90 17.33 -12.93
N PRO A 586 27.80 18.11 -11.82
CA PRO A 586 29.03 18.40 -11.09
C PRO A 586 29.58 17.14 -10.40
N LEU A 587 30.88 17.13 -10.13
CA LEU A 587 31.54 16.00 -9.48
C LEU A 587 30.74 15.65 -8.21
N PRO A 588 30.44 14.35 -8.00
CA PRO A 588 29.67 13.91 -6.82
C PRO A 588 30.17 14.51 -5.52
N GLN A 589 29.50 14.19 -4.42
CA GLN A 589 29.94 14.69 -3.11
C GLN A 589 30.72 13.61 -2.37
N ASN A 590 30.45 12.35 -2.70
CA ASN A 590 31.15 11.21 -2.12
C ASN A 590 32.65 11.38 -2.33
N SER A 591 33.01 12.16 -3.36
CA SER A 591 34.42 12.42 -3.71
C SER A 591 35.14 13.36 -2.75
N SER A 592 36.29 12.91 -2.27
CA SER A 592 37.11 13.63 -1.33
C SER A 592 37.39 15.10 -1.67
N MET A 593 37.48 15.41 -2.96
CA MET A 593 37.80 16.79 -3.35
C MET A 593 36.67 17.75 -3.65
N ALA A 594 35.46 17.22 -3.84
CA ALA A 594 34.29 18.04 -4.15
C ALA A 594 34.22 19.44 -3.52
N ARG A 595 34.51 19.56 -2.23
CA ARG A 595 34.45 20.85 -1.54
C ARG A 595 35.32 21.95 -2.14
N GLY A 596 36.40 21.58 -2.82
CA GLY A 596 37.30 22.56 -3.41
C GLY A 596 36.66 23.45 -4.46
N PHE A 597 35.51 23.03 -4.96
CA PHE A 597 34.79 23.79 -5.97
C PHE A 597 33.33 23.47 -5.80
N SER A 598 32.88 23.64 -4.56
CA SER A 598 31.50 23.40 -4.14
C SER A 598 30.48 24.21 -4.94
N TRP A 599 30.92 25.36 -5.44
CA TRP A 599 30.06 26.23 -6.24
C TRP A 599 29.62 25.53 -7.52
N GLU A 600 30.42 24.59 -8.01
CA GLU A 600 30.07 23.87 -9.24
C GLU A 600 28.76 23.10 -9.07
N ARG A 601 28.34 22.91 -7.83
CA ARG A 601 27.13 22.17 -7.56
C ARG A 601 25.89 23.08 -7.54
N TYR A 602 26.04 24.29 -8.05
CA TYR A 602 24.94 25.25 -8.08
C TYR A 602 24.78 25.93 -9.43
N GLN A 603 23.56 26.33 -9.76
CA GLN A 603 23.32 27.03 -11.00
C GLN A 603 23.39 28.45 -10.55
N LEU A 604 22.73 28.67 -9.43
CA LEU A 604 22.63 29.97 -8.84
C LEU A 604 22.44 29.88 -7.36
N ALA A 605 22.91 30.90 -6.68
CA ALA A 605 22.77 31.00 -5.25
C ALA A 605 22.79 32.48 -4.95
N VAL A 606 22.20 32.87 -3.83
CA VAL A 606 22.20 34.27 -3.49
C VAL A 606 22.49 34.44 -2.05
N THR A 607 23.35 35.41 -1.74
CA THR A 607 23.75 35.64 -0.36
C THR A 607 23.87 37.10 0.04
N GLN A 608 24.20 37.27 1.32
CA GLN A 608 24.41 38.59 1.92
C GLN A 608 25.82 39.04 1.60
N ARG A 609 25.95 40.13 0.86
CA ARG A 609 27.27 40.65 0.50
C ARG A 609 28.17 40.96 1.71
N LYS A 610 28.84 39.92 2.23
CA LYS A 610 29.75 40.09 3.36
C LYS A 610 31.16 40.32 2.81
N GLU A 611 31.87 41.30 3.37
CA GLU A 611 33.24 41.61 2.92
C GLU A 611 34.18 40.41 3.03
N GLU A 612 33.88 39.50 3.96
CA GLU A 612 34.68 38.31 4.24
C GLU A 612 34.37 37.13 3.33
N GLU A 613 33.37 37.32 2.48
CA GLU A 613 32.98 36.32 1.51
C GLU A 613 33.13 37.12 0.23
N PRO A 614 34.37 37.41 -0.17
CA PRO A 614 34.65 38.18 -1.36
C PRO A 614 34.91 37.27 -2.55
N SER A 615 35.18 35.99 -2.27
CA SER A 615 35.46 35.09 -3.37
C SER A 615 34.97 33.68 -3.11
N SER A 616 34.51 33.05 -4.18
CA SER A 616 33.97 31.68 -4.13
C SER A 616 35.03 30.58 -4.20
N SER A 617 36.25 30.95 -4.57
CA SER A 617 37.35 30.01 -4.70
C SER A 617 38.67 30.75 -4.44
N SER A 618 39.74 29.99 -4.20
CA SER A 618 41.05 30.59 -3.96
C SER A 618 42.09 29.99 -4.89
N VAL A 619 43.14 30.76 -5.11
CA VAL A 619 44.23 30.31 -5.95
C VAL A 619 44.82 29.08 -5.28
N PHE A 620 44.68 29.03 -3.96
CA PHE A 620 45.24 27.92 -3.19
C PHE A 620 44.41 26.66 -3.18
N ASN A 621 43.19 26.74 -3.68
CA ASN A 621 42.34 25.56 -3.70
C ASN A 621 42.82 24.46 -4.65
N GLN A 622 43.33 24.85 -5.81
CA GLN A 622 43.79 23.91 -6.85
C GLN A 622 44.70 22.76 -6.40
N ASN A 623 45.70 23.07 -5.59
CA ASN A 623 46.66 22.07 -5.10
C ASN A 623 46.20 21.36 -3.81
N ASP A 624 45.11 21.86 -3.24
CA ASP A 624 44.51 21.27 -2.06
C ASP A 624 42.98 21.37 -2.16
N PRO A 625 42.38 20.51 -3.00
CA PRO A 625 40.93 20.48 -3.20
C PRO A 625 40.32 19.71 -2.03
N TRP A 626 41.17 18.92 -1.38
CA TRP A 626 40.80 18.09 -0.24
C TRP A 626 40.70 18.91 1.04
N ALA A 627 41.25 20.11 0.99
CA ALA A 627 41.21 21.02 2.13
C ALA A 627 41.07 22.41 1.54
N PRO A 628 39.89 22.72 1.01
CA PRO A 628 39.59 24.01 0.39
C PRO A 628 40.02 25.20 1.22
N THR A 629 40.66 26.16 0.54
CA THR A 629 41.13 27.39 1.17
C THR A 629 39.94 28.34 1.30
N VAL A 630 38.96 28.18 0.41
CA VAL A 630 37.73 28.96 0.38
C VAL A 630 36.55 28.04 -0.01
N ASP A 631 35.85 27.51 0.99
CA ASP A 631 34.72 26.60 0.79
C ASP A 631 33.49 27.44 0.52
N PHE A 632 32.92 27.27 -0.66
CA PHE A 632 31.75 28.03 -1.05
C PHE A 632 30.44 27.57 -0.40
N SER A 633 30.33 26.29 -0.06
CA SER A 633 29.12 25.81 0.58
C SER A 633 28.88 26.48 1.94
N ASP A 634 29.94 27.09 2.47
CA ASP A 634 29.89 27.77 3.74
C ASP A 634 29.25 29.15 3.61
N PHE A 635 29.21 29.70 2.39
CA PHE A 635 28.59 31.00 2.14
C PHE A 635 27.09 30.90 2.23
N ILE A 636 26.61 29.67 2.30
CA ILE A 636 25.20 29.39 2.37
C ILE A 636 24.83 28.77 3.68
N ASN A 637 24.45 29.65 4.57
CA ASN A 637 24.04 29.31 5.91
C ASN A 637 22.61 29.85 5.92
N ASN A 638 21.81 29.53 6.92
CA ASN A 638 20.44 30.02 6.94
C ASN A 638 20.24 31.48 7.36
N GLU A 639 20.71 32.42 6.54
CA GLU A 639 20.59 33.86 6.84
C GLU A 639 19.53 34.52 5.96
N THR A 640 18.77 35.45 6.53
CA THR A 640 17.73 36.13 5.76
C THR A 640 18.32 36.96 4.63
N ILE A 641 17.75 36.78 3.45
CA ILE A 641 18.17 37.50 2.26
C ILE A 641 17.05 38.49 1.92
N ALA A 642 16.51 39.12 2.96
CA ALA A 642 15.41 40.06 2.82
C ALA A 642 15.72 41.48 3.28
N GLY A 643 15.90 42.37 2.31
CA GLY A 643 16.19 43.77 2.64
C GLY A 643 17.62 44.00 2.99
N LYS A 644 18.50 43.15 2.45
CA LYS A 644 19.93 43.23 2.71
C LYS A 644 20.71 43.55 1.44
N ASP A 645 22.02 43.66 1.57
CA ASP A 645 22.87 43.89 0.42
C ASP A 645 23.15 42.49 -0.08
N LEU A 646 22.64 42.17 -1.26
CA LEU A 646 22.81 40.82 -1.76
C LEU A 646 23.76 40.68 -2.94
N VAL A 647 24.11 39.43 -3.19
CA VAL A 647 25.01 39.13 -4.26
C VAL A 647 24.65 37.74 -4.74
N ALA A 648 24.50 37.62 -6.05
CA ALA A 648 24.15 36.36 -6.66
C ALA A 648 25.36 35.67 -7.24
N TRP A 649 25.34 34.35 -7.13
CA TRP A 649 26.43 33.55 -7.64
C TRP A 649 25.94 32.65 -8.75
N VAL A 650 26.27 33.01 -9.97
CA VAL A 650 25.85 32.25 -11.12
C VAL A 650 26.88 31.29 -11.62
N THR A 651 26.39 30.13 -12.03
CA THR A 651 27.24 29.09 -12.56
C THR A 651 26.70 28.68 -13.92
N ALA A 652 27.58 28.75 -14.91
CA ALA A 652 27.23 28.37 -16.27
C ALA A 652 28.34 27.46 -16.80
N GLY A 653 27.96 26.40 -17.51
CA GLY A 653 28.95 25.47 -18.04
C GLY A 653 28.27 24.41 -18.86
N PHE A 654 29.02 23.40 -19.30
CA PHE A 654 28.47 22.34 -20.13
C PHE A 654 29.39 21.15 -20.24
N LEU A 655 28.90 20.10 -20.88
CA LEU A 655 29.69 18.88 -21.10
C LEU A 655 30.33 18.99 -22.47
N HIS A 656 31.61 18.62 -22.58
CA HIS A 656 32.27 18.67 -23.88
C HIS A 656 32.82 17.28 -24.23
N ILE A 657 32.26 16.69 -25.28
CA ILE A 657 32.70 15.39 -25.76
C ILE A 657 33.41 15.66 -27.08
N PRO A 658 34.73 15.84 -27.03
CA PRO A 658 35.53 16.13 -28.22
C PRO A 658 35.17 15.33 -29.50
N HIS A 659 35.10 16.06 -30.60
CA HIS A 659 34.79 15.45 -31.88
C HIS A 659 35.68 16.11 -32.94
N ALA A 660 35.77 15.45 -34.10
CA ALA A 660 36.61 15.90 -35.20
C ALA A 660 36.59 17.40 -35.47
N GLU A 661 35.42 18.01 -35.35
CA GLU A 661 35.30 19.43 -35.62
C GLU A 661 36.02 20.33 -34.60
N ASP A 662 36.61 19.73 -33.57
CA ASP A 662 37.35 20.49 -32.58
C ASP A 662 38.80 20.62 -33.05
N ILE A 663 39.08 20.13 -34.26
CA ILE A 663 40.43 20.16 -34.84
C ILE A 663 40.47 21.04 -36.08
N PRO A 664 41.39 22.02 -36.13
CA PRO A 664 42.44 22.37 -35.16
C PRO A 664 41.99 22.96 -33.83
N ASN A 665 40.96 23.80 -33.86
CA ASN A 665 40.45 24.44 -32.64
C ASN A 665 38.98 24.15 -32.42
N THR A 666 38.54 24.42 -31.18
CA THR A 666 37.13 24.28 -30.81
C THR A 666 36.52 25.66 -31.10
N VAL A 667 35.39 25.69 -31.82
CA VAL A 667 34.74 26.95 -32.18
C VAL A 667 33.79 27.46 -31.11
N THR A 668 33.63 28.78 -31.09
CA THR A 668 32.80 29.47 -30.11
C THR A 668 31.29 29.29 -30.36
N VAL A 669 30.95 29.11 -31.63
CA VAL A 669 29.55 28.96 -32.05
C VAL A 669 28.64 28.20 -31.09
N GLY A 670 27.72 28.94 -30.47
CA GLY A 670 26.75 28.35 -29.55
C GLY A 670 27.32 27.64 -28.34
N ASN A 671 28.59 27.94 -28.03
CA ASN A 671 29.27 27.35 -26.88
C ASN A 671 29.55 28.44 -25.86
N GLY A 672 28.91 29.59 -26.06
CA GLY A 672 29.11 30.69 -25.15
C GLY A 672 28.00 30.70 -24.13
N VAL A 673 28.34 30.41 -22.88
CA VAL A 673 27.36 30.38 -21.80
C VAL A 673 27.56 31.54 -20.82
N GLY A 674 26.51 31.91 -20.11
CA GLY A 674 26.59 33.01 -19.15
C GLY A 674 25.26 33.35 -18.50
N PHE A 675 24.74 34.53 -18.83
CA PHE A 675 23.46 34.99 -18.28
C PHE A 675 23.21 36.47 -18.62
N PHE A 676 21.99 36.92 -18.35
CA PHE A 676 21.64 38.30 -18.60
C PHE A 676 21.09 38.92 -17.34
N LEU A 677 21.28 40.23 -17.23
CA LEU A 677 20.76 40.99 -16.12
C LEU A 677 19.80 41.93 -16.78
N ARG A 678 18.52 41.58 -16.73
CA ARG A 678 17.49 42.37 -17.37
C ARG A 678 16.62 43.20 -16.46
N PRO A 679 16.33 44.43 -16.91
CA PRO A 679 15.49 45.34 -16.12
C PRO A 679 14.08 44.75 -16.11
N TYR A 680 13.53 44.63 -14.91
CA TYR A 680 12.19 44.09 -14.73
C TYR A 680 11.46 45.02 -13.76
N ASN A 681 10.58 45.85 -14.33
CA ASN A 681 9.81 46.81 -13.55
C ASN A 681 10.76 47.71 -12.81
N PHE A 682 11.96 47.84 -13.36
CA PHE A 682 12.97 48.69 -12.77
C PHE A 682 12.75 50.06 -13.37
N PHE A 683 12.31 50.08 -14.61
CA PHE A 683 12.05 51.34 -15.28
C PHE A 683 10.55 51.57 -15.34
N ASP A 684 10.20 52.75 -15.84
CA ASP A 684 8.80 53.14 -15.98
C ASP A 684 8.46 52.76 -17.43
N GLU A 685 9.48 52.37 -18.17
CA GLU A 685 9.30 51.97 -19.57
C GLU A 685 10.64 51.58 -20.18
N ASP A 686 10.62 51.22 -21.45
CA ASP A 686 11.82 50.85 -22.17
C ASP A 686 12.67 52.11 -22.35
N PRO A 687 13.75 52.23 -21.59
CA PRO A 687 14.63 53.40 -21.69
C PRO A 687 15.22 53.70 -23.07
N SER A 688 15.05 52.78 -23.99
CA SER A 688 15.56 52.94 -25.35
C SER A 688 14.56 53.69 -26.21
N PHE A 689 13.41 54.02 -25.65
CA PHE A 689 12.41 54.77 -26.39
C PHE A 689 13.05 56.12 -26.70
N TYR A 690 13.94 56.53 -25.79
CA TYR A 690 14.69 57.80 -25.86
C TYR A 690 15.98 57.69 -26.66
N SER A 691 16.20 56.55 -27.29
CA SER A 691 17.40 56.36 -28.09
C SER A 691 17.48 57.51 -29.10
N ALA A 692 18.65 58.14 -29.23
CA ALA A 692 18.78 59.22 -30.18
C ALA A 692 18.80 58.62 -31.55
N ASP A 693 19.14 57.33 -31.59
CA ASP A 693 19.24 56.61 -32.84
C ASP A 693 17.96 55.86 -33.21
N SER A 694 16.87 56.13 -32.50
CA SER A 694 15.58 55.48 -32.77
C SER A 694 15.06 55.93 -34.14
N ILE A 695 14.16 55.15 -34.74
CA ILE A 695 13.59 55.48 -36.05
C ILE A 695 12.05 55.46 -36.07
N TYR A 696 11.46 56.39 -36.82
CA TYR A 696 10.01 56.48 -36.94
C TYR A 696 9.58 57.08 -38.29
N PHE A 697 8.34 56.81 -38.69
CA PHE A 697 7.80 57.34 -39.94
C PHE A 697 6.48 56.66 -40.32
N ARG A 698 5.92 57.01 -41.47
CA ARG A 698 4.65 56.43 -41.91
C ARG A 698 4.65 56.03 -43.39
N GLY A 699 4.08 54.85 -43.70
CA GLY A 699 4.01 54.36 -45.07
C GLY A 699 5.17 53.48 -45.49
N ASP A 700 5.95 53.94 -46.47
CA ASP A 700 7.13 53.23 -46.99
C ASP A 700 8.42 53.92 -46.51
N GLN A 701 9.50 53.29 -46.62
N GLN B 30 14.81 26.51 -59.77
CA GLN B 30 14.28 26.37 -58.39
C GLN B 30 12.95 25.65 -58.32
N LEU B 31 13.04 24.46 -57.71
CA LEU B 31 11.95 23.53 -57.50
C LEU B 31 11.12 23.98 -56.29
N PHE B 32 11.74 24.81 -55.44
CA PHE B 32 11.09 25.32 -54.23
C PHE B 32 10.98 26.84 -54.24
N ALA B 33 10.62 27.40 -55.39
CA ALA B 33 10.47 28.84 -55.48
C ALA B 33 8.98 29.11 -55.34
N ASP B 34 8.59 29.82 -54.28
CA ASP B 34 7.19 30.14 -54.05
C ASP B 34 6.58 30.62 -55.37
N LEU B 35 5.31 30.31 -55.60
CA LEU B 35 4.68 30.71 -56.85
C LEU B 35 5.03 32.16 -57.24
N SER B 36 5.28 32.33 -58.54
CA SER B 36 5.66 33.61 -59.12
C SER B 36 4.45 34.52 -59.36
N ARG B 37 4.75 35.81 -59.56
CA ARG B 37 3.74 36.83 -59.82
C ARG B 37 2.79 36.31 -60.91
N GLU B 38 3.39 35.83 -62.01
CA GLU B 38 2.66 35.30 -63.17
C GLU B 38 1.94 33.99 -62.86
N GLU B 39 2.70 33.02 -62.34
CA GLU B 39 2.14 31.72 -61.99
C GLU B 39 0.85 31.84 -61.21
N LEU B 40 0.83 32.74 -60.23
CA LEU B 40 -0.37 32.95 -59.41
C LEU B 40 -1.53 33.36 -60.29
N THR B 41 -1.22 34.23 -61.25
CA THR B 41 -2.20 34.75 -62.19
C THR B 41 -2.85 33.65 -63.02
N ALA B 42 -2.03 32.71 -63.50
CA ALA B 42 -2.53 31.60 -64.31
C ALA B 42 -3.39 30.62 -63.53
N VAL B 43 -3.06 30.41 -62.26
CA VAL B 43 -3.84 29.51 -61.43
C VAL B 43 -5.19 30.16 -61.17
N MET B 44 -5.17 31.47 -60.92
CA MET B 44 -6.40 32.18 -60.68
C MET B 44 -7.26 32.19 -61.95
N ARG B 45 -6.65 32.49 -63.10
CA ARG B 45 -7.39 32.53 -64.37
C ARG B 45 -7.98 31.16 -64.69
N PHE B 46 -7.25 30.12 -64.30
CA PHE B 46 -7.70 28.75 -64.52
C PHE B 46 -8.96 28.50 -63.68
N LEU B 47 -8.90 28.90 -62.41
CA LEU B 47 -10.00 28.73 -61.47
C LEU B 47 -11.29 29.48 -61.76
N THR B 48 -11.17 30.78 -62.07
CA THR B 48 -12.35 31.58 -62.39
C THR B 48 -13.15 30.80 -63.44
N GLN B 49 -12.41 30.06 -64.26
CA GLN B 49 -12.96 29.26 -65.35
C GLN B 49 -13.58 27.93 -64.95
N ARG B 50 -12.99 27.25 -63.99
CA ARG B 50 -13.51 25.94 -63.57
C ARG B 50 -14.53 26.00 -62.44
N LEU B 51 -14.36 26.95 -61.53
CA LEU B 51 -15.27 27.06 -60.39
C LEU B 51 -16.61 27.70 -60.72
N GLY B 52 -16.88 27.89 -62.02
CA GLY B 52 -18.13 28.51 -62.43
C GLY B 52 -18.01 30.01 -62.23
N PRO B 53 -19.03 30.80 -62.64
CA PRO B 53 -18.92 32.25 -62.45
C PRO B 53 -19.42 32.77 -61.09
N GLY B 54 -20.16 31.93 -60.36
CA GLY B 54 -20.69 32.32 -59.06
C GLY B 54 -19.60 32.63 -58.04
N LEU B 55 -18.37 32.55 -58.51
CA LEU B 55 -17.18 32.81 -57.70
C LEU B 55 -17.02 34.33 -57.55
N VAL B 56 -16.74 34.75 -56.32
CA VAL B 56 -16.57 36.16 -56.00
C VAL B 56 -15.17 36.41 -55.44
N ASP B 57 -14.70 37.65 -55.53
CA ASP B 57 -13.39 37.99 -54.99
C ASP B 57 -13.53 37.85 -53.47
N ALA B 58 -12.65 37.08 -52.85
CA ALA B 58 -12.70 36.84 -51.40
C ALA B 58 -12.46 38.11 -50.58
N ALA B 59 -12.05 39.18 -51.25
CA ALA B 59 -11.78 40.46 -50.60
C ALA B 59 -13.07 41.13 -50.17
N GLN B 60 -14.19 40.67 -50.70
CA GLN B 60 -15.47 41.24 -50.35
C GLN B 60 -16.59 40.21 -50.45
N ALA B 61 -16.28 38.98 -50.07
CA ALA B 61 -17.25 37.90 -50.10
C ALA B 61 -17.90 37.75 -48.73
N ARG B 62 -19.08 37.16 -48.71
CA ARG B 62 -19.80 36.95 -47.47
C ARG B 62 -19.90 35.47 -47.25
N PRO B 63 -20.25 35.06 -46.02
CA PRO B 63 -20.39 33.64 -45.67
C PRO B 63 -21.06 32.79 -46.75
N SER B 64 -22.01 33.38 -47.46
CA SER B 64 -22.76 32.68 -48.50
C SER B 64 -22.14 32.65 -49.90
N ASP B 65 -21.02 33.36 -50.09
CA ASP B 65 -20.38 33.40 -51.41
C ASP B 65 -19.31 32.34 -51.58
N ASN B 66 -19.01 32.04 -52.85
CA ASN B 66 -17.96 31.10 -53.22
C ASN B 66 -16.76 31.96 -53.58
N CYS B 67 -15.66 31.84 -52.84
CA CYS B 67 -14.48 32.65 -53.10
C CYS B 67 -13.19 31.89 -52.83
N VAL B 68 -12.15 32.27 -53.56
CA VAL B 68 -10.85 31.65 -53.42
C VAL B 68 -10.03 32.38 -52.35
N PHE B 69 -9.88 31.72 -51.20
CA PHE B 69 -9.16 32.23 -50.05
C PHE B 69 -7.67 32.37 -50.29
N SER B 70 -7.06 31.34 -50.88
CA SER B 70 -5.62 31.39 -51.13
C SER B 70 -5.14 30.49 -52.25
N VAL B 71 -3.95 30.80 -52.74
CA VAL B 71 -3.29 30.04 -53.79
C VAL B 71 -1.82 30.34 -53.59
N GLU B 72 -1.03 29.29 -53.37
CA GLU B 72 0.41 29.45 -53.20
C GLU B 72 1.11 28.14 -53.61
N LEU B 73 2.43 28.10 -53.50
CA LEU B 73 3.17 26.90 -53.89
C LEU B 73 2.75 25.65 -53.12
N GLN B 74 2.59 24.58 -53.87
CA GLN B 74 2.26 23.29 -53.31
C GLN B 74 3.61 22.62 -53.42
N LEU B 75 4.16 22.20 -52.29
CA LEU B 75 5.47 21.56 -52.28
C LEU B 75 5.52 20.23 -53.00
N PRO B 76 6.61 19.99 -53.73
CA PRO B 76 6.73 18.72 -54.46
C PRO B 76 7.14 17.61 -53.50
N PRO B 77 6.75 16.36 -53.81
CA PRO B 77 7.09 15.20 -52.97
C PRO B 77 8.62 15.09 -52.89
N LYS B 78 9.16 14.66 -51.75
CA LYS B 78 10.60 14.61 -51.58
C LYS B 78 11.33 13.65 -52.50
N ALA B 79 10.71 12.51 -52.78
CA ALA B 79 11.33 11.51 -53.64
C ALA B 79 11.66 12.08 -55.01
N ALA B 80 10.64 12.55 -55.71
CA ALA B 80 10.81 13.12 -57.03
C ALA B 80 11.71 14.34 -56.92
N ALA B 81 11.50 15.10 -55.85
CA ALA B 81 12.27 16.31 -55.60
C ALA B 81 13.75 15.96 -55.59
N LEU B 82 14.11 14.96 -54.82
CA LEU B 82 15.50 14.54 -54.74
C LEU B 82 16.01 13.94 -56.05
N ALA B 83 15.26 13.01 -56.63
CA ALA B 83 15.67 12.38 -57.89
C ALA B 83 16.10 13.44 -58.91
N HIS B 84 15.35 14.52 -59.00
CA HIS B 84 15.67 15.58 -59.93
C HIS B 84 17.01 16.25 -59.59
N LEU B 85 17.23 16.49 -58.31
CA LEU B 85 18.43 17.15 -57.85
C LEU B 85 19.68 16.30 -57.86
N ASP B 86 19.51 14.98 -57.75
CA ASP B 86 20.65 14.09 -57.73
C ASP B 86 20.84 13.28 -59.00
N ARG B 87 19.93 12.35 -59.32
CA ARG B 87 20.07 11.59 -60.56
C ARG B 87 20.04 12.57 -61.73
N GLY B 88 19.15 13.55 -61.61
CA GLY B 88 18.99 14.54 -62.66
C GLY B 88 17.62 14.30 -63.27
N SER B 89 16.97 13.22 -62.81
CA SER B 89 15.65 12.81 -63.26
C SER B 89 14.70 13.99 -63.47
N PRO B 90 13.64 13.79 -64.29
CA PRO B 90 12.66 14.84 -64.56
C PRO B 90 11.90 15.27 -63.30
N PRO B 91 12.02 16.56 -62.92
CA PRO B 91 11.35 17.10 -61.74
C PRO B 91 9.86 16.88 -61.75
N PRO B 92 9.24 16.87 -60.56
CA PRO B 92 7.80 16.66 -60.45
C PRO B 92 7.04 17.86 -61.05
N ALA B 93 5.72 17.85 -60.97
CA ALA B 93 4.95 18.94 -61.54
C ALA B 93 4.75 20.12 -60.57
N ARG B 94 4.88 21.33 -61.10
CA ARG B 94 4.69 22.58 -60.33
C ARG B 94 3.23 22.75 -60.03
N GLU B 95 2.83 22.44 -58.81
CA GLU B 95 1.45 22.55 -58.43
C GLU B 95 1.23 23.68 -57.45
N ALA B 96 -0.04 24.04 -57.28
CA ALA B 96 -0.40 25.09 -56.37
C ALA B 96 -1.59 24.62 -55.56
N LEU B 97 -1.63 25.04 -54.30
CA LEU B 97 -2.74 24.66 -53.45
C LEU B 97 -3.61 25.90 -53.26
N ALA B 98 -4.89 25.74 -53.56
CA ALA B 98 -5.81 26.83 -53.43
C ALA B 98 -6.90 26.41 -52.49
N ILE B 99 -7.21 27.26 -51.54
CA ILE B 99 -8.29 26.95 -50.63
C ILE B 99 -9.44 27.79 -51.13
N VAL B 100 -10.58 27.15 -51.26
CA VAL B 100 -11.76 27.83 -51.75
C VAL B 100 -12.84 27.65 -50.71
N PHE B 101 -13.53 28.74 -50.38
CA PHE B 101 -14.62 28.67 -49.42
C PHE B 101 -15.86 28.42 -50.28
N PHE B 102 -16.67 27.43 -49.95
CA PHE B 102 -17.86 27.16 -50.75
C PHE B 102 -19.14 27.46 -49.98
N GLY B 103 -19.53 28.73 -49.94
CA GLY B 103 -20.73 29.11 -49.21
C GLY B 103 -21.97 29.12 -50.09
N ARG B 104 -21.73 29.07 -51.39
CA ARG B 104 -22.79 29.08 -52.38
C ARG B 104 -23.32 27.68 -52.57
N GLN B 105 -23.86 27.09 -51.52
CA GLN B 105 -24.38 25.74 -51.63
C GLN B 105 -25.10 25.30 -50.37
N PRO B 106 -25.98 24.28 -50.50
CA PRO B 106 -26.73 23.79 -49.35
C PRO B 106 -25.77 23.46 -48.20
N GLN B 107 -24.88 22.49 -48.42
CA GLN B 107 -23.92 22.10 -47.40
C GLN B 107 -22.53 22.71 -47.68
N PRO B 108 -22.33 23.98 -47.28
CA PRO B 108 -21.05 24.66 -47.50
C PRO B 108 -19.84 23.97 -46.88
N ASN B 109 -18.71 24.05 -47.59
CA ASN B 109 -17.46 23.47 -47.12
C ASN B 109 -16.30 24.35 -47.59
N VAL B 110 -15.11 24.01 -47.14
CA VAL B 110 -13.91 24.70 -47.56
C VAL B 110 -13.08 23.55 -48.11
N SER B 111 -12.40 23.78 -49.22
CA SER B 111 -11.64 22.69 -49.80
C SER B 111 -10.30 23.06 -50.37
N GLU B 112 -9.43 22.07 -50.32
CA GLU B 112 -8.08 22.17 -50.80
C GLU B 112 -8.04 21.54 -52.16
N LEU B 113 -7.70 22.35 -53.15
CA LEU B 113 -7.62 21.86 -54.51
C LEU B 113 -6.22 22.11 -55.02
N VAL B 114 -5.66 21.09 -55.66
CA VAL B 114 -4.33 21.19 -56.21
C VAL B 114 -4.46 21.46 -57.72
N VAL B 115 -3.85 22.56 -58.16
CA VAL B 115 -3.92 22.97 -59.57
C VAL B 115 -2.58 22.92 -60.28
N GLY B 116 -2.62 22.69 -61.59
CA GLY B 116 -1.40 22.63 -62.37
C GLY B 116 -1.59 21.84 -63.66
N PRO B 117 -0.50 21.53 -64.35
CA PRO B 117 0.86 21.91 -63.97
C PRO B 117 1.28 23.27 -64.54
N LEU B 118 1.87 24.10 -63.68
CA LEU B 118 2.34 25.42 -64.07
C LEU B 118 3.43 25.35 -65.11
N PRO B 119 3.63 26.43 -65.87
CA PRO B 119 2.88 27.69 -65.78
C PRO B 119 1.52 27.63 -66.49
N HIS B 120 1.31 26.58 -67.28
CA HIS B 120 0.05 26.42 -68.00
C HIS B 120 -0.72 25.26 -67.40
N PRO B 121 -1.61 25.57 -66.45
CA PRO B 121 -2.44 24.60 -65.74
C PRO B 121 -3.33 23.84 -66.69
N SER B 122 -3.84 22.70 -66.23
CA SER B 122 -4.73 21.88 -67.02
C SER B 122 -5.61 21.11 -66.07
N TYR B 123 -5.01 20.38 -65.14
CA TYR B 123 -5.82 19.62 -64.19
C TYR B 123 -6.16 20.46 -62.97
N MET B 124 -6.77 19.81 -62.00
CA MET B 124 -7.20 20.45 -60.77
C MET B 124 -7.78 19.28 -60.01
N ARG B 125 -7.65 19.27 -58.69
CA ARG B 125 -8.19 18.14 -57.96
C ARG B 125 -8.31 18.33 -56.46
N ASP B 126 -9.54 18.20 -55.97
CA ASP B 126 -9.78 18.32 -54.55
C ASP B 126 -8.93 17.24 -53.93
N VAL B 127 -8.40 17.55 -52.76
CA VAL B 127 -7.54 16.65 -52.03
C VAL B 127 -7.95 16.70 -50.58
N THR B 128 -8.87 17.62 -50.28
CA THR B 128 -9.40 17.85 -48.94
C THR B 128 -9.71 16.58 -48.15
N VAL B 129 -10.73 15.84 -48.62
CA VAL B 129 -11.17 14.59 -48.01
C VAL B 129 -9.98 13.62 -47.93
N GLU B 130 -9.23 13.59 -49.02
CA GLU B 130 -8.06 12.76 -49.16
C GLU B 130 -7.02 13.06 -48.07
N ARG B 131 -6.87 14.34 -47.75
CA ARG B 131 -5.88 14.76 -46.75
C ARG B 131 -6.38 14.79 -45.33
N HIS B 132 -7.65 15.09 -45.15
CA HIS B 132 -8.19 15.19 -43.81
C HIS B 132 -9.30 14.22 -43.51
N GLY B 133 -9.32 13.11 -44.24
CA GLY B 133 -10.34 12.10 -44.02
C GLY B 133 -11.71 12.45 -44.59
N GLY B 134 -12.16 13.68 -44.39
CA GLY B 134 -13.46 14.05 -44.90
C GLY B 134 -13.55 15.51 -45.30
N PRO B 135 -14.77 16.08 -45.29
CA PRO B 135 -15.07 17.47 -45.64
C PRO B 135 -14.57 18.44 -44.58
N LEU B 136 -14.05 19.58 -45.02
CA LEU B 136 -13.59 20.55 -44.05
C LEU B 136 -14.79 21.41 -43.66
N PRO B 137 -15.26 21.27 -42.41
CA PRO B 137 -16.40 22.05 -41.90
C PRO B 137 -16.21 23.54 -42.17
N TYR B 138 -17.27 24.20 -42.59
CA TYR B 138 -17.18 25.61 -42.94
C TYR B 138 -16.82 26.58 -41.80
N HIS B 139 -17.13 26.19 -40.57
CA HIS B 139 -16.85 27.07 -39.43
C HIS B 139 -15.38 27.20 -39.07
N ARG B 140 -14.57 26.27 -39.56
CA ARG B 140 -13.14 26.26 -39.29
C ARG B 140 -12.38 27.30 -40.13
N ARG B 141 -12.97 27.63 -41.26
CA ARG B 141 -12.36 28.60 -42.16
C ARG B 141 -11.99 29.87 -41.41
N PRO B 142 -10.75 30.33 -41.61
CA PRO B 142 -10.27 31.55 -40.94
C PRO B 142 -11.20 32.71 -41.25
N VAL B 143 -11.10 33.78 -40.48
CA VAL B 143 -11.97 34.93 -40.72
C VAL B 143 -11.47 35.80 -41.88
N LEU B 144 -12.35 35.97 -42.87
CA LEU B 144 -12.06 36.77 -44.05
C LEU B 144 -11.92 38.22 -43.66
N PHE B 145 -11.15 38.97 -44.45
CA PHE B 145 -10.96 40.38 -44.21
C PHE B 145 -12.36 40.99 -44.20
N GLN B 146 -13.12 40.67 -45.25
CA GLN B 146 -14.48 41.17 -45.40
C GLN B 146 -15.29 40.91 -44.14
N GLU B 147 -15.25 39.67 -43.68
CA GLU B 147 -15.96 39.25 -42.48
C GLU B 147 -15.69 40.13 -41.27
N TYR B 148 -14.48 40.67 -41.17
CA TYR B 148 -14.15 41.52 -40.04
C TYR B 148 -14.94 42.83 -40.12
N LEU B 149 -14.92 43.48 -41.27
CA LEU B 149 -15.64 44.74 -41.45
C LEU B 149 -17.08 44.61 -40.99
N ASP B 150 -17.77 43.58 -41.45
CA ASP B 150 -19.16 43.36 -41.07
C ASP B 150 -19.28 43.36 -39.56
N ILE B 151 -18.30 42.80 -38.88
CA ILE B 151 -18.35 42.77 -37.44
C ILE B 151 -18.22 44.19 -36.87
N ASP B 152 -17.38 45.03 -37.47
CA ASP B 152 -17.25 46.41 -37.00
C ASP B 152 -18.51 47.14 -37.39
N GLN B 153 -18.97 46.81 -38.59
CA GLN B 153 -20.19 47.36 -39.16
C GLN B 153 -21.28 47.20 -38.11
N MET B 154 -21.51 45.96 -37.75
CA MET B 154 -22.50 45.59 -36.76
C MET B 154 -22.20 46.20 -35.40
N ILE B 155 -20.93 46.40 -35.10
CA ILE B 155 -20.59 46.95 -33.82
C ILE B 155 -20.71 48.45 -33.77
N PHE B 156 -20.02 49.16 -34.65
CA PHE B 156 -20.09 50.61 -34.61
C PHE B 156 -21.42 51.16 -35.06
N ASN B 157 -22.14 50.39 -35.87
CA ASN B 157 -23.43 50.82 -36.39
C ASN B 157 -24.65 50.38 -35.60
N ARG B 158 -24.93 49.09 -35.57
CA ARG B 158 -26.09 48.59 -34.82
C ARG B 158 -25.87 48.47 -33.30
N GLU B 159 -24.65 48.14 -32.88
CA GLU B 159 -24.38 47.91 -31.47
C GLU B 159 -23.95 49.05 -30.56
N LEU B 160 -22.74 49.57 -30.78
CA LEU B 160 -22.24 50.65 -29.95
C LEU B 160 -23.22 51.80 -29.69
N PRO B 161 -24.10 52.09 -30.66
CA PRO B 161 -25.06 53.18 -30.45
C PRO B 161 -25.96 52.96 -29.23
N GLN B 162 -26.38 51.72 -29.00
CA GLN B 162 -27.24 51.37 -27.88
C GLN B 162 -26.65 51.72 -26.53
N ALA B 163 -25.40 52.16 -26.53
CA ALA B 163 -24.72 52.52 -25.31
C ALA B 163 -23.95 53.82 -25.49
N SER B 164 -24.43 54.64 -26.41
CA SER B 164 -23.78 55.91 -26.68
C SER B 164 -23.68 56.75 -25.42
N GLY B 165 -24.70 56.70 -24.57
CA GLY B 165 -24.67 57.49 -23.34
C GLY B 165 -23.38 57.27 -22.58
N LEU B 166 -23.09 56.00 -22.28
CA LEU B 166 -21.89 55.61 -21.55
C LEU B 166 -20.66 56.02 -22.31
N LEU B 167 -20.63 55.63 -23.58
CA LEU B 167 -19.53 55.96 -24.47
C LEU B 167 -19.28 57.47 -24.55
N HIS B 168 -20.34 58.26 -24.69
CA HIS B 168 -20.23 59.71 -24.75
C HIS B 168 -19.48 60.16 -23.52
N HIS B 169 -19.54 59.34 -22.48
CA HIS B 169 -18.88 59.69 -21.24
C HIS B 169 -17.41 59.25 -21.24
N CYS B 170 -17.17 58.02 -20.81
CA CYS B 170 -15.84 57.40 -20.71
C CYS B 170 -14.82 57.52 -21.82
N CYS B 171 -15.30 57.17 -22.99
CA CYS B 171 -14.50 57.01 -24.17
C CYS B 171 -14.65 58.00 -25.33
N PHE B 172 -15.31 59.12 -25.07
CA PHE B 172 -15.48 60.15 -26.08
C PHE B 172 -16.14 59.68 -27.38
N TYR B 173 -17.03 58.71 -27.30
CA TYR B 173 -17.71 58.23 -28.50
C TYR B 173 -18.37 59.47 -29.07
N LYS B 174 -18.31 59.63 -30.38
CA LYS B 174 -18.94 60.79 -30.97
C LYS B 174 -19.94 60.45 -32.05
N HIS B 175 -20.80 61.43 -32.31
CA HIS B 175 -21.87 61.36 -33.30
C HIS B 175 -21.30 61.34 -34.75
N ARG B 176 -19.99 61.08 -34.83
CA ARG B 176 -19.23 60.99 -36.09
C ARG B 176 -18.78 59.52 -36.32
N GLY B 177 -18.15 58.92 -35.30
CA GLY B 177 -17.76 57.52 -35.39
C GLY B 177 -16.35 57.01 -35.69
N ARG B 178 -16.14 55.78 -35.22
CA ARG B 178 -14.90 55.04 -35.41
C ARG B 178 -13.63 55.65 -34.79
N ASN B 179 -13.77 56.39 -33.69
CA ASN B 179 -12.60 56.96 -33.03
C ASN B 179 -12.05 55.82 -32.21
N LEU B 180 -12.68 54.65 -32.40
CA LEU B 180 -12.33 53.42 -31.73
C LEU B 180 -12.17 52.30 -32.73
N VAL B 181 -11.46 51.26 -32.31
CA VAL B 181 -11.21 50.11 -33.15
C VAL B 181 -11.38 48.87 -32.32
N THR B 182 -11.55 47.75 -33.00
CA THR B 182 -11.72 46.48 -32.33
C THR B 182 -10.54 45.60 -32.68
N MET B 183 -10.36 44.56 -31.88
CA MET B 183 -9.29 43.60 -32.11
C MET B 183 -9.79 42.21 -31.76
N THR B 184 -9.67 41.33 -32.74
CA THR B 184 -10.10 39.94 -32.63
C THR B 184 -9.21 39.15 -31.68
N THR B 185 -9.68 37.95 -31.36
CA THR B 185 -8.95 37.04 -30.48
C THR B 185 -9.35 35.63 -30.91
N ALA B 186 -8.64 34.61 -30.42
CA ALA B 186 -8.95 33.26 -30.80
C ALA B 186 -8.68 32.26 -29.69
N PRO B 187 -9.34 31.09 -29.75
CA PRO B 187 -10.28 30.67 -30.78
C PRO B 187 -11.68 31.29 -30.63
N ARG B 188 -12.54 31.06 -31.60
CA ARG B 188 -13.89 31.61 -31.57
C ARG B 188 -14.89 30.63 -30.92
N GLY B 189 -15.20 30.82 -29.64
CA GLY B 189 -16.15 29.92 -28.99
C GLY B 189 -15.67 29.10 -27.81
N LEU B 190 -16.40 28.03 -27.48
CA LEU B 190 -16.07 27.17 -26.35
C LEU B 190 -16.04 25.69 -26.65
N GLN B 191 -16.63 25.31 -27.77
CA GLN B 191 -16.66 23.92 -28.16
C GLN B 191 -16.58 23.87 -29.67
N SER B 192 -16.28 22.70 -30.21
CA SER B 192 -16.15 22.58 -31.65
C SER B 192 -17.45 22.93 -32.33
N GLY B 193 -17.34 23.71 -33.40
CA GLY B 193 -18.51 24.13 -34.14
C GLY B 193 -18.88 25.59 -33.94
N ASP B 194 -18.18 26.30 -33.05
CA ASP B 194 -18.48 27.70 -32.77
C ASP B 194 -17.72 28.72 -33.63
N ARG B 195 -18.10 29.99 -33.46
CA ARG B 195 -17.50 31.13 -34.13
C ARG B 195 -17.90 32.37 -33.34
N ALA B 196 -17.68 32.30 -32.03
CA ALA B 196 -18.00 33.39 -31.12
C ALA B 196 -16.70 34.06 -30.68
N THR B 197 -16.45 35.26 -31.20
CA THR B 197 -15.24 35.97 -30.86
C THR B 197 -15.41 37.15 -29.92
N TRP B 198 -14.47 37.28 -28.99
CA TRP B 198 -14.47 38.39 -28.05
C TRP B 198 -13.64 39.54 -28.65
N PHE B 199 -14.19 40.74 -28.71
CA PHE B 199 -13.43 41.86 -29.25
C PHE B 199 -13.24 43.02 -28.30
N GLY B 200 -11.98 43.29 -27.98
CA GLY B 200 -11.70 44.39 -27.10
C GLY B 200 -11.87 45.66 -27.92
N LEU B 201 -12.05 46.79 -27.25
CA LEU B 201 -12.21 48.04 -27.97
C LEU B 201 -11.11 48.99 -27.54
N TYR B 202 -10.49 49.61 -28.54
CA TYR B 202 -9.38 50.51 -28.29
C TYR B 202 -9.51 51.84 -28.97
N TYR B 203 -8.71 52.78 -28.50
CA TYR B 203 -8.67 54.11 -29.05
C TYR B 203 -7.84 54.07 -30.32
N ASN B 204 -8.40 54.58 -31.40
CA ASN B 204 -7.71 54.60 -32.66
C ASN B 204 -6.50 55.55 -32.72
N ILE B 205 -5.49 55.32 -31.88
CA ILE B 205 -4.28 56.15 -31.82
C ILE B 205 -3.55 56.30 -33.16
N SER B 206 -3.11 57.53 -33.45
CA SER B 206 -2.39 57.80 -34.69
C SER B 206 -0.88 57.59 -34.56
N GLY B 207 -0.31 56.86 -35.52
CA GLY B 207 1.13 56.61 -35.54
C GLY B 207 1.72 56.01 -34.29
N ALA B 208 1.06 54.99 -33.76
CA ALA B 208 1.53 54.30 -32.57
C ALA B 208 0.47 53.28 -32.20
N GLY B 209 0.89 52.30 -31.39
CA GLY B 209 0.00 51.23 -30.96
C GLY B 209 -1.20 51.56 -30.11
N PHE B 210 -2.32 51.03 -30.55
CA PHE B 210 -3.57 51.23 -29.86
C PHE B 210 -3.70 50.11 -28.82
N PHE B 211 -2.98 49.02 -29.09
CA PHE B 211 -3.00 47.84 -28.26
C PHE B 211 -2.86 48.15 -26.78
N LEU B 212 -2.19 49.26 -26.48
CA LEU B 212 -1.95 49.69 -25.11
C LEU B 212 -3.06 50.52 -24.49
N HIS B 213 -4.12 50.75 -25.26
CA HIS B 213 -5.20 51.57 -24.78
C HIS B 213 -6.55 50.89 -24.95
N HIS B 214 -6.75 49.88 -24.10
CA HIS B 214 -7.98 49.15 -24.12
C HIS B 214 -8.99 49.98 -23.33
N VAL B 215 -10.11 50.35 -23.98
CA VAL B 215 -11.15 51.19 -23.33
C VAL B 215 -11.89 50.54 -22.15
N GLY B 216 -11.76 49.21 -22.02
CA GLY B 216 -12.39 48.48 -20.95
C GLY B 216 -13.59 47.68 -21.38
N LEU B 217 -13.95 47.77 -22.65
CA LEU B 217 -15.10 47.06 -23.17
C LEU B 217 -14.77 45.90 -24.12
N GLU B 218 -15.26 44.71 -23.82
CA GLU B 218 -15.04 43.55 -24.68
C GLU B 218 -16.38 42.98 -25.04
N LEU B 219 -16.58 42.63 -26.30
CA LEU B 219 -17.87 42.10 -26.73
C LEU B 219 -17.70 40.73 -27.36
N LEU B 220 -18.60 39.81 -27.03
CA LEU B 220 -18.57 38.45 -27.58
C LEU B 220 -19.50 38.39 -28.78
N VAL B 221 -18.93 38.50 -29.97
CA VAL B 221 -19.71 38.46 -31.20
C VAL B 221 -19.97 37.04 -31.71
N ASN B 222 -21.23 36.75 -31.97
CA ASN B 222 -21.58 35.45 -32.47
C ASN B 222 -21.77 35.63 -33.95
N HIS B 223 -20.73 35.34 -34.71
CA HIS B 223 -20.81 35.50 -36.14
C HIS B 223 -20.83 34.17 -36.91
N LYS B 224 -21.51 33.17 -36.36
CA LYS B 224 -21.58 31.86 -37.03
C LYS B 224 -22.52 31.77 -38.25
N ALA B 225 -23.60 32.55 -38.25
CA ALA B 225 -24.57 32.52 -39.35
C ALA B 225 -24.01 32.89 -40.73
N LEU B 226 -24.46 32.19 -41.77
CA LEU B 226 -24.01 32.49 -43.13
C LEU B 226 -24.55 33.87 -43.50
N ASP B 227 -25.50 34.34 -42.70
CA ASP B 227 -26.16 35.62 -42.90
C ASP B 227 -25.85 36.64 -41.79
N PRO B 228 -25.02 37.64 -42.10
CA PRO B 228 -24.57 38.72 -41.21
C PRO B 228 -25.74 39.40 -40.51
N ALA B 229 -26.92 39.19 -41.07
CA ALA B 229 -28.13 39.74 -40.52
C ALA B 229 -28.40 39.01 -39.21
N ARG B 230 -27.98 37.76 -39.12
CA ARG B 230 -28.23 36.99 -37.92
C ARG B 230 -27.08 36.96 -36.90
N TRP B 231 -26.07 37.81 -37.06
CA TRP B 231 -24.99 37.83 -36.08
C TRP B 231 -25.46 38.61 -34.85
N THR B 232 -24.94 38.22 -33.68
CA THR B 232 -25.37 38.84 -32.44
C THR B 232 -24.29 39.04 -31.39
N ILE B 233 -24.68 39.69 -30.31
CA ILE B 233 -23.81 39.95 -29.17
C ILE B 233 -24.27 38.99 -28.08
N GLN B 234 -23.45 37.97 -27.78
CA GLN B 234 -23.82 37.02 -26.75
C GLN B 234 -23.61 37.57 -25.34
N LYS B 235 -22.54 38.33 -25.16
CA LYS B 235 -22.27 38.91 -23.86
C LYS B 235 -21.34 40.12 -24.01
N VAL B 236 -21.39 41.00 -23.02
CA VAL B 236 -20.55 42.18 -23.02
C VAL B 236 -19.84 42.28 -21.71
N PHE B 237 -18.61 42.74 -21.76
CA PHE B 237 -17.85 42.89 -20.55
C PHE B 237 -17.35 44.30 -20.48
N TYR B 238 -17.75 45.01 -19.43
CA TYR B 238 -17.29 46.37 -19.30
C TYR B 238 -16.66 46.63 -17.98
N GLN B 239 -15.48 47.25 -18.04
CA GLN B 239 -14.71 47.62 -16.88
C GLN B 239 -14.94 46.77 -15.64
N GLY B 240 -15.00 45.46 -15.82
CA GLY B 240 -15.17 44.60 -14.66
C GLY B 240 -16.37 43.69 -14.54
N ARG B 241 -17.48 44.02 -15.18
CA ARG B 241 -18.65 43.18 -15.02
C ARG B 241 -19.28 42.72 -16.32
N TYR B 242 -20.05 41.66 -16.22
CA TYR B 242 -20.73 41.12 -17.39
C TYR B 242 -22.14 41.66 -17.56
N TYR B 243 -22.47 41.98 -18.81
CA TYR B 243 -23.79 42.49 -19.16
C TYR B 243 -24.29 41.67 -20.36
N ASP B 244 -25.60 41.48 -20.44
CA ASP B 244 -26.20 40.70 -21.50
C ASP B 244 -26.23 41.45 -22.82
N SER B 245 -26.23 42.77 -22.74
CA SER B 245 -26.27 43.56 -23.95
C SER B 245 -25.76 44.94 -23.67
N LEU B 246 -25.42 45.63 -24.74
CA LEU B 246 -24.93 46.99 -24.66
C LEU B 246 -26.03 47.81 -24.03
N ALA B 247 -27.24 47.58 -24.50
CA ALA B 247 -28.39 48.30 -23.99
C ALA B 247 -28.50 48.20 -22.46
N GLN B 248 -28.55 46.97 -21.95
CA GLN B 248 -28.67 46.71 -20.53
C GLN B 248 -27.59 47.47 -19.81
N LEU B 249 -26.39 47.42 -20.38
CA LEU B 249 -25.26 48.14 -19.81
C LEU B 249 -25.60 49.62 -19.86
N GLU B 250 -25.82 50.13 -21.07
CA GLU B 250 -26.16 51.53 -21.29
C GLU B 250 -27.19 51.91 -20.26
N ALA B 251 -28.21 51.06 -20.15
CA ALA B 251 -29.29 51.25 -19.21
C ALA B 251 -28.74 51.53 -17.82
N GLN B 252 -28.02 50.54 -17.29
CA GLN B 252 -27.44 50.65 -15.97
C GLN B 252 -26.48 51.82 -15.79
N PHE B 253 -25.88 52.28 -16.87
CA PHE B 253 -24.96 53.42 -16.79
C PHE B 253 -25.71 54.71 -16.45
N GLU B 254 -26.77 54.99 -17.20
CA GLU B 254 -27.57 56.19 -16.96
C GLU B 254 -28.49 55.96 -15.77
N ALA B 255 -28.53 54.72 -15.27
CA ALA B 255 -29.34 54.36 -14.10
C ALA B 255 -28.54 54.83 -12.89
N GLY B 256 -27.22 54.80 -13.05
CA GLY B 256 -26.30 55.25 -12.01
C GLY B 256 -25.56 54.15 -11.27
N LEU B 257 -25.62 52.91 -11.75
CA LEU B 257 -24.95 51.83 -11.02
C LEU B 257 -23.67 51.32 -11.65
N VAL B 258 -23.23 51.94 -12.74
CA VAL B 258 -22.01 51.51 -13.40
C VAL B 258 -20.91 52.56 -13.24
N ASN B 259 -19.99 52.33 -12.31
CA ASN B 259 -18.92 53.31 -12.12
C ASN B 259 -17.89 53.27 -13.24
N VAL B 260 -17.63 54.43 -13.81
CA VAL B 260 -16.68 54.49 -14.91
C VAL B 260 -15.37 55.20 -14.60
N VAL B 261 -14.29 54.51 -14.99
CA VAL B 261 -12.93 54.97 -14.84
C VAL B 261 -12.61 55.62 -16.18
N LEU B 262 -12.45 56.94 -16.17
CA LEU B 262 -12.19 57.65 -17.42
C LEU B 262 -10.83 57.30 -17.99
N ILE B 263 -10.82 56.88 -19.24
CA ILE B 263 -9.59 56.50 -19.92
C ILE B 263 -9.12 57.65 -20.82
N PRO B 264 -7.94 58.20 -20.53
CA PRO B 264 -7.43 59.30 -21.36
C PRO B 264 -7.27 58.85 -22.80
N ASP B 265 -7.59 59.72 -23.76
CA ASP B 265 -7.48 59.35 -25.16
C ASP B 265 -6.16 59.79 -25.80
N ASN B 266 -5.29 60.42 -25.01
CA ASN B 266 -3.98 60.88 -25.49
C ASN B 266 -3.00 61.06 -24.34
N GLY B 267 -1.71 61.20 -24.67
CA GLY B 267 -0.69 61.37 -23.66
C GLY B 267 0.73 61.48 -24.22
N THR B 268 1.72 61.19 -23.38
CA THR B 268 3.12 61.24 -23.79
C THR B 268 3.98 60.05 -23.38
N GLY B 269 5.04 59.83 -24.11
CA GLY B 269 5.92 58.71 -23.80
C GLY B 269 5.62 57.54 -24.69
N GLY B 270 6.24 56.41 -24.36
CA GLY B 270 6.09 55.20 -25.13
C GLY B 270 4.67 54.67 -25.21
N SER B 271 3.95 54.77 -24.10
CA SER B 271 2.58 54.31 -24.03
C SER B 271 1.78 55.03 -25.11
N TRP B 272 2.33 56.12 -25.63
CA TRP B 272 1.63 56.91 -26.62
C TRP B 272 2.27 57.09 -27.98
N SER B 273 3.60 57.10 -28.08
CA SER B 273 4.20 57.27 -29.39
C SER B 273 5.42 56.41 -29.59
N LEU B 274 5.85 56.28 -30.84
CA LEU B 274 7.02 55.49 -31.17
C LEU B 274 8.15 56.42 -31.58
N LYS B 275 7.80 57.69 -31.83
CA LYS B 275 8.80 58.66 -32.24
C LYS B 275 9.65 59.06 -31.05
N SER B 276 10.95 58.80 -31.12
CA SER B 276 11.86 59.15 -30.04
C SER B 276 12.00 60.67 -29.93
N PRO B 277 11.84 61.23 -28.72
CA PRO B 277 11.94 62.67 -28.47
C PRO B 277 13.35 63.27 -28.66
N VAL B 278 14.36 62.41 -28.52
CA VAL B 278 15.75 62.83 -28.63
C VAL B 278 16.30 62.87 -30.06
N PRO B 279 17.06 63.94 -30.39
CA PRO B 279 17.64 64.09 -31.72
C PRO B 279 18.93 63.27 -31.82
N PRO B 280 19.22 62.75 -33.03
CA PRO B 280 20.43 61.95 -33.25
C PRO B 280 21.70 62.53 -32.67
N GLY B 281 22.71 61.68 -32.62
CA GLY B 281 24.01 62.08 -32.13
C GLY B 281 24.94 61.46 -33.16
N PRO B 282 26.08 60.92 -32.73
CA PRO B 282 27.04 60.30 -33.65
C PRO B 282 26.46 59.02 -34.23
N ALA B 283 26.70 58.78 -35.51
CA ALA B 283 26.18 57.60 -36.19
C ALA B 283 26.72 56.31 -35.57
N PRO B 284 25.84 55.33 -35.36
CA PRO B 284 26.19 54.03 -34.78
C PRO B 284 27.07 53.24 -35.72
N PRO B 285 28.04 52.49 -35.15
CA PRO B 285 28.90 51.71 -36.01
C PRO B 285 28.12 51.14 -37.17
N LEU B 286 28.73 51.17 -38.34
CA LEU B 286 28.11 50.69 -39.55
C LEU B 286 28.87 49.50 -40.13
N GLN B 287 28.11 48.52 -40.60
CA GLN B 287 28.68 47.32 -41.19
C GLN B 287 28.84 47.50 -42.70
N PHE B 288 29.93 47.02 -43.28
CA PHE B 288 30.07 47.13 -44.73
C PHE B 288 31.02 46.08 -45.34
N TYR B 289 30.73 45.68 -46.58
CA TYR B 289 31.57 44.71 -47.28
C TYR B 289 32.59 45.51 -48.04
N PRO B 290 33.87 45.39 -47.66
CA PRO B 290 34.96 46.13 -48.31
C PRO B 290 35.15 45.83 -49.80
N GLN B 291 34.90 44.58 -50.20
CA GLN B 291 35.04 44.21 -51.61
C GLN B 291 33.72 43.79 -52.22
N GLY B 292 32.63 44.09 -51.50
CA GLY B 292 31.31 43.75 -52.01
C GLY B 292 30.71 42.53 -51.35
N PRO B 293 29.47 42.18 -51.69
CA PRO B 293 28.82 41.01 -51.09
C PRO B 293 29.56 39.75 -51.52
N ARG B 294 29.64 38.78 -50.63
CA ARG B 294 30.34 37.55 -50.97
C ARG B 294 29.36 36.41 -51.21
N PHE B 295 28.08 36.76 -51.30
CA PHE B 295 27.03 35.79 -51.55
C PHE B 295 26.24 36.29 -52.73
N SER B 296 25.26 35.50 -53.17
CA SER B 296 24.46 35.89 -54.31
C SER B 296 23.05 35.31 -54.34
N VAL B 297 22.07 36.17 -54.05
CA VAL B 297 20.68 35.75 -54.07
C VAL B 297 20.26 35.75 -55.52
N GLN B 298 20.12 34.56 -56.07
CA GLN B 298 19.73 34.41 -57.47
C GLN B 298 18.32 33.86 -57.47
N GLY B 299 17.35 34.72 -57.18
CA GLY B 299 15.97 34.28 -57.14
C GLY B 299 15.64 33.81 -55.73
N SER B 300 15.29 32.53 -55.58
CA SER B 300 15.00 31.98 -54.25
C SER B 300 16.26 31.32 -53.71
N ARG B 301 17.21 31.04 -54.59
CA ARG B 301 18.45 30.42 -54.15
C ARG B 301 19.59 31.36 -53.87
N VAL B 302 20.09 31.27 -52.63
CA VAL B 302 21.22 32.06 -52.18
C VAL B 302 22.42 31.15 -52.30
N ALA B 303 23.53 31.69 -52.75
CA ALA B 303 24.72 30.88 -52.89
C ALA B 303 25.95 31.67 -52.48
N SER B 304 26.74 31.07 -51.59
CA SER B 304 27.95 31.68 -51.12
C SER B 304 29.09 30.68 -51.22
N SER B 305 30.21 31.05 -50.65
CA SER B 305 31.37 30.20 -50.67
C SER B 305 31.11 28.85 -49.99
N LEU B 306 30.44 28.87 -48.84
CA LEU B 306 30.19 27.67 -48.05
C LEU B 306 28.80 27.08 -48.15
N TRP B 307 27.82 27.94 -48.20
CA TRP B 307 26.43 27.49 -48.24
C TRP B 307 25.72 27.74 -49.56
N THR B 308 24.62 27.03 -49.76
CA THR B 308 23.73 27.15 -50.92
C THR B 308 22.38 26.62 -50.45
N PHE B 309 21.31 27.32 -50.81
CA PHE B 309 19.98 26.93 -50.40
C PHE B 309 18.94 27.80 -51.06
N SER B 310 17.69 27.34 -51.02
CA SER B 310 16.58 28.07 -51.59
C SER B 310 15.78 28.47 -50.36
N PHE B 311 15.07 29.59 -50.46
CA PHE B 311 14.25 30.04 -49.34
C PHE B 311 12.85 30.42 -49.80
N GLY B 312 11.98 30.63 -48.82
CA GLY B 312 10.61 30.97 -49.14
C GLY B 312 9.81 31.36 -47.93
N LEU B 313 8.51 31.47 -48.12
CA LEU B 313 7.63 31.86 -47.05
C LEU B 313 6.29 31.14 -47.23
N GLY B 314 5.87 30.42 -46.20
CA GLY B 314 4.61 29.73 -46.29
C GLY B 314 3.58 30.78 -46.02
N ALA B 315 2.54 30.84 -46.84
CA ALA B 315 1.50 31.83 -46.63
C ALA B 315 1.05 31.76 -45.17
N PHE B 316 0.98 30.54 -44.65
CA PHE B 316 0.56 30.33 -43.28
C PHE B 316 1.66 29.82 -42.39
N SER B 317 2.41 28.83 -42.86
CA SER B 317 3.46 28.27 -42.02
C SER B 317 4.55 29.29 -41.68
N GLY B 318 4.97 30.09 -42.66
CA GLY B 318 6.01 31.07 -42.41
C GLY B 318 7.35 30.73 -43.05
N PRO B 319 8.42 31.47 -42.71
CA PRO B 319 9.75 31.19 -43.29
C PRO B 319 10.12 29.70 -43.39
N ARG B 320 10.76 29.34 -44.50
CA ARG B 320 11.17 27.97 -44.76
C ARG B 320 12.37 27.91 -45.68
N ILE B 321 13.27 26.97 -45.42
CA ILE B 321 14.44 26.83 -46.26
C ILE B 321 14.64 25.37 -46.65
N PHE B 322 14.96 25.15 -47.92
CA PHE B 322 15.16 23.81 -48.44
C PHE B 322 16.51 23.58 -49.10
N ASP B 323 16.91 22.32 -49.18
CA ASP B 323 18.15 21.94 -49.82
C ASP B 323 19.31 22.79 -49.37
N VAL B 324 19.72 22.57 -48.13
CA VAL B 324 20.82 23.32 -47.57
C VAL B 324 22.11 22.52 -47.79
N ARG B 325 22.97 22.99 -48.69
CA ARG B 325 24.22 22.29 -48.96
C ARG B 325 25.41 23.08 -48.42
N PHE B 326 26.23 22.43 -47.61
CA PHE B 326 27.40 23.09 -47.08
C PHE B 326 28.57 22.59 -47.89
N GLN B 327 29.17 23.48 -48.67
CA GLN B 327 30.30 23.14 -49.52
C GLN B 327 29.91 22.02 -50.45
N GLY B 328 28.71 22.11 -50.99
CA GLY B 328 28.25 21.07 -51.90
C GLY B 328 27.41 19.97 -51.27
N GLU B 329 27.75 19.53 -50.06
CA GLU B 329 26.99 18.44 -49.43
C GLU B 329 25.70 18.87 -48.71
N ARG B 330 24.59 18.28 -49.12
CA ARG B 330 23.29 18.58 -48.55
C ARG B 330 23.13 17.97 -47.15
N LEU B 331 22.85 18.83 -46.19
CA LEU B 331 22.66 18.44 -44.79
C LEU B 331 21.20 18.31 -44.47
N VAL B 332 20.46 19.32 -44.92
CA VAL B 332 19.04 19.42 -44.68
C VAL B 332 18.24 19.52 -45.98
N TYR B 333 17.10 18.83 -46.03
CA TYR B 333 16.23 18.89 -47.18
C TYR B 333 15.25 20.03 -46.90
N GLU B 334 14.90 20.21 -45.64
CA GLU B 334 13.98 21.25 -45.27
C GLU B 334 14.04 21.63 -43.80
N ILE B 335 14.00 22.93 -43.54
CA ILE B 335 13.96 23.46 -42.17
C ILE B 335 12.92 24.56 -42.26
N SER B 336 11.69 24.22 -41.88
CA SER B 336 10.60 25.16 -41.99
C SER B 336 9.83 25.48 -40.71
N LEU B 337 9.36 26.73 -40.62
CA LEU B 337 8.56 27.10 -39.47
C LEU B 337 7.22 26.40 -39.72
N GLN B 338 6.62 25.89 -38.66
CA GLN B 338 5.37 25.19 -38.80
C GLN B 338 4.20 25.94 -38.19
N GLU B 339 4.40 26.44 -36.97
CA GLU B 339 3.33 27.12 -36.27
C GLU B 339 3.83 28.07 -35.18
N ALA B 340 2.92 28.88 -34.67
CA ALA B 340 3.20 29.83 -33.61
C ALA B 340 1.97 29.88 -32.74
N LEU B 341 2.19 29.74 -31.45
CA LEU B 341 1.11 29.77 -30.48
C LEU B 341 1.40 30.90 -29.49
N ALA B 342 0.40 31.22 -28.69
CA ALA B 342 0.51 32.29 -27.70
C ALA B 342 -0.71 32.15 -26.81
N ILE B 343 -0.52 31.57 -25.65
CA ILE B 343 -1.61 31.37 -24.73
C ILE B 343 -1.67 32.43 -23.64
N TYR B 344 -2.83 33.06 -23.51
CA TYR B 344 -2.98 34.14 -22.53
C TYR B 344 -3.69 33.85 -21.24
N GLY B 345 -3.25 34.58 -20.23
CA GLY B 345 -3.84 34.51 -18.92
C GLY B 345 -4.49 35.85 -18.90
N GLY B 346 -5.56 36.02 -18.15
CA GLY B 346 -6.17 37.33 -18.18
C GLY B 346 -6.98 37.80 -17.00
N ASN B 347 -7.30 39.08 -17.09
CA ASN B 347 -8.06 39.81 -16.10
C ASN B 347 -9.51 39.83 -16.61
N SER B 348 -9.63 40.05 -17.91
CA SER B 348 -10.92 40.14 -18.57
C SER B 348 -11.12 38.92 -19.45
N PRO B 349 -12.34 38.71 -19.97
CA PRO B 349 -12.74 37.58 -20.83
C PRO B 349 -11.87 37.38 -22.07
N ALA B 350 -11.42 38.48 -22.68
CA ALA B 350 -10.60 38.41 -23.88
C ALA B 350 -9.28 37.75 -23.54
N ALA B 351 -8.42 38.49 -22.85
CA ALA B 351 -7.14 37.95 -22.45
C ALA B 351 -7.36 36.50 -22.01
N MET B 352 -8.16 36.38 -20.95
CA MET B 352 -8.56 35.14 -20.31
C MET B 352 -8.76 33.89 -21.17
N THR B 353 -9.19 34.08 -22.41
CA THR B 353 -9.43 32.93 -23.30
C THR B 353 -8.65 32.97 -24.61
N THR B 354 -7.81 33.97 -24.78
CA THR B 354 -7.04 34.04 -26.00
C THR B 354 -5.93 33.01 -26.05
N ARG B 355 -5.96 32.18 -27.09
CA ARG B 355 -4.96 31.17 -27.34
C ARG B 355 -4.70 31.25 -28.85
N TYR B 356 -4.05 32.33 -29.27
CA TYR B 356 -3.74 32.54 -30.68
C TYR B 356 -2.93 31.40 -31.27
N VAL B 357 -3.24 31.05 -32.51
CA VAL B 357 -2.53 30.00 -33.25
C VAL B 357 -2.24 30.67 -34.57
N ASP B 358 -1.39 31.70 -34.49
CA ASP B 358 -0.98 32.56 -35.59
C ASP B 358 -0.95 32.02 -37.03
N GLY B 359 -0.71 30.73 -37.19
CA GLY B 359 -0.71 30.14 -38.53
C GLY B 359 -2.14 30.16 -39.07
N GLY B 360 -3.10 30.33 -38.16
CA GLY B 360 -4.50 30.40 -38.53
C GLY B 360 -4.70 31.71 -39.26
N PHE B 361 -3.75 32.63 -39.06
CA PHE B 361 -3.75 33.93 -39.73
C PHE B 361 -2.76 33.82 -40.88
N GLY B 362 -1.63 33.16 -40.61
CA GLY B 362 -0.61 32.96 -41.63
C GLY B 362 0.61 33.84 -41.46
N MET B 363 1.76 33.24 -41.19
CA MET B 363 2.98 34.02 -41.02
C MET B 363 3.49 34.58 -42.33
N GLY B 364 3.19 33.91 -43.43
CA GLY B 364 3.62 34.42 -44.71
C GLY B 364 2.84 35.69 -44.97
N LYS B 365 1.52 35.54 -44.93
CA LYS B 365 0.55 36.60 -45.14
C LYS B 365 0.83 37.90 -44.35
N TYR B 366 1.06 37.78 -43.04
CA TYR B 366 1.34 38.95 -42.20
C TYR B 366 2.80 39.37 -42.14
N THR B 367 3.57 39.02 -43.17
CA THR B 367 4.98 39.38 -43.26
C THR B 367 5.15 40.83 -43.69
N THR B 368 5.54 41.67 -42.75
CA THR B 368 5.72 43.08 -43.04
C THR B 368 7.03 43.35 -43.75
N PRO B 369 7.03 44.31 -44.67
CA PRO B 369 8.24 44.67 -45.41
C PRO B 369 9.35 45.10 -44.45
N LEU B 370 10.58 44.70 -44.77
CA LEU B 370 11.71 45.03 -43.91
C LEU B 370 12.24 46.42 -44.16
N THR B 371 12.45 47.14 -43.05
CA THR B 371 12.95 48.51 -43.07
C THR B 371 14.47 48.50 -43.14
N ARG B 372 14.98 48.98 -44.27
CA ARG B 372 16.41 49.03 -44.54
C ARG B 372 17.13 49.89 -43.51
N GLY B 373 18.03 49.28 -42.75
CA GLY B 373 18.78 50.03 -41.75
C GLY B 373 18.41 49.75 -40.31
N VAL B 374 17.19 49.25 -40.11
CA VAL B 374 16.68 48.90 -38.79
C VAL B 374 16.44 47.40 -38.68
N ASP B 375 15.61 46.88 -39.59
CA ASP B 375 15.28 45.47 -39.66
C ASP B 375 16.43 44.61 -40.16
N CYS B 376 17.29 45.20 -40.98
CA CYS B 376 18.45 44.51 -41.53
C CYS B 376 19.55 45.53 -41.82
N PRO B 377 20.83 45.10 -41.74
CA PRO B 377 21.95 46.01 -41.99
C PRO B 377 21.71 46.81 -43.28
N TYR B 378 21.96 48.11 -43.20
CA TYR B 378 21.72 49.02 -44.31
C TYR B 378 22.20 48.60 -45.70
N LEU B 379 23.13 47.66 -45.73
CA LEU B 379 23.67 47.19 -47.00
C LEU B 379 23.44 45.70 -47.18
N ALA B 380 22.25 45.25 -46.82
CA ALA B 380 21.89 43.85 -46.96
C ALA B 380 21.11 43.76 -48.25
N THR B 381 20.94 42.54 -48.76
CA THR B 381 20.16 42.32 -49.97
C THR B 381 18.72 42.15 -49.49
N TYR B 382 17.76 42.67 -50.24
CA TYR B 382 16.35 42.55 -49.86
C TYR B 382 15.52 41.94 -50.98
N VAL B 383 14.73 40.93 -50.64
CA VAL B 383 13.91 40.22 -51.61
C VAL B 383 12.41 40.45 -51.43
N ASP B 384 11.66 40.36 -52.53
CA ASP B 384 10.22 40.56 -52.52
C ASP B 384 9.44 39.23 -52.37
N TRP B 385 8.15 39.34 -52.05
CA TRP B 385 7.29 38.16 -51.88
C TRP B 385 5.91 38.36 -52.48
N HIS B 386 5.63 37.63 -53.55
CA HIS B 386 4.36 37.69 -54.25
C HIS B 386 3.36 36.73 -53.62
N PHE B 387 2.15 37.21 -53.37
CA PHE B 387 1.13 36.38 -52.75
C PHE B 387 -0.25 36.57 -53.34
N LEU B 388 -1.10 35.57 -53.16
CA LEU B 388 -2.47 35.60 -53.66
C LEU B 388 -3.37 35.02 -52.57
N LEU B 389 -3.73 35.86 -51.61
CA LEU B 389 -4.55 35.48 -50.47
C LEU B 389 -5.67 36.50 -50.26
N GLU B 390 -6.90 36.00 -50.16
CA GLU B 390 -8.06 36.88 -49.99
C GLU B 390 -7.94 38.03 -50.99
N SER B 391 -8.05 37.71 -52.28
CA SER B 391 -7.92 38.69 -53.35
C SER B 391 -8.00 37.82 -54.60
N GLN B 392 -7.97 38.44 -55.79
CA GLN B 392 -8.01 37.70 -57.06
C GLN B 392 -6.87 38.06 -58.01
N ALA B 393 -6.07 39.04 -57.60
CA ALA B 393 -4.93 39.49 -58.37
C ALA B 393 -3.75 39.47 -57.43
N PRO B 394 -2.61 38.92 -57.88
CA PRO B 394 -1.40 38.84 -57.05
C PRO B 394 -0.79 40.19 -56.61
N LYS B 395 -0.47 40.27 -55.32
CA LYS B 395 0.13 41.46 -54.74
C LYS B 395 1.53 41.09 -54.26
N THR B 396 2.33 42.10 -53.94
CA THR B 396 3.70 41.86 -53.51
C THR B 396 4.06 42.55 -52.22
N ILE B 397 4.91 41.91 -51.41
CA ILE B 397 5.43 42.52 -50.19
C ILE B 397 6.88 42.81 -50.51
N ARG B 398 7.27 44.07 -50.56
CA ARG B 398 8.65 44.40 -50.86
C ARG B 398 9.52 44.18 -49.62
N ASP B 399 10.71 43.62 -49.83
CA ASP B 399 11.66 43.40 -48.75
C ASP B 399 11.13 42.46 -47.66
N ALA B 400 10.43 41.41 -48.11
CA ALA B 400 9.87 40.41 -47.22
C ALA B 400 11.02 39.71 -46.50
N PHE B 401 12.07 39.42 -47.27
CA PHE B 401 13.28 38.78 -46.75
C PHE B 401 14.49 39.66 -47.02
N CYS B 402 15.54 39.41 -46.25
CA CYS B 402 16.78 40.12 -46.42
C CYS B 402 17.88 39.12 -46.11
N VAL B 403 18.87 39.04 -46.98
CA VAL B 403 19.98 38.13 -46.78
C VAL B 403 21.23 38.99 -46.70
N PHE B 404 22.12 38.67 -45.75
CA PHE B 404 23.33 39.46 -45.58
C PHE B 404 24.38 38.74 -44.74
N GLU B 405 25.58 39.32 -44.69
CA GLU B 405 26.70 38.78 -43.91
C GLU B 405 26.98 39.70 -42.74
N GLN B 406 27.01 39.12 -41.54
CA GLN B 406 27.22 39.92 -40.34
C GLN B 406 28.49 39.48 -39.61
N ASN B 407 29.42 40.41 -39.48
CA ASN B 407 30.66 40.13 -38.77
C ASN B 407 30.31 40.27 -37.29
N GLN B 408 30.28 39.12 -36.61
CA GLN B 408 29.90 39.05 -35.21
C GLN B 408 30.68 39.87 -34.18
N GLY B 409 31.95 40.13 -34.47
CA GLY B 409 32.77 40.89 -33.54
C GLY B 409 33.55 39.90 -32.68
N LEU B 410 32.98 38.70 -32.61
CA LEU B 410 33.50 37.56 -31.86
C LEU B 410 34.26 36.62 -32.82
N PRO B 411 35.31 35.95 -32.35
CA PRO B 411 36.08 35.03 -33.19
C PRO B 411 35.46 33.64 -33.25
N LEU B 412 35.62 32.97 -34.38
CA LEU B 412 35.09 31.62 -34.55
C LEU B 412 35.95 30.69 -33.71
N ARG B 413 37.26 30.69 -34.01
CA ARG B 413 38.26 29.89 -33.29
C ARG B 413 39.44 30.80 -32.90
N ARG B 414 40.20 30.43 -31.88
CA ARG B 414 41.31 31.29 -31.46
C ARG B 414 42.25 30.68 -30.41
N HIS B 415 43.55 30.85 -30.63
CA HIS B 415 44.55 30.32 -29.69
C HIS B 415 45.88 31.07 -29.73
N HIS B 416 46.19 31.71 -28.60
CA HIS B 416 47.44 32.46 -28.47
C HIS B 416 48.42 31.60 -27.68
N SER B 417 49.50 31.21 -28.33
CA SER B 417 50.51 30.37 -27.69
C SER B 417 51.82 31.10 -27.39
N ASP B 418 52.24 31.00 -26.12
CA ASP B 418 53.48 31.60 -25.62
C ASP B 418 54.31 30.46 -24.99
N LEU B 419 53.66 29.30 -24.85
CA LEU B 419 54.25 28.10 -24.25
C LEU B 419 54.90 27.17 -25.25
N TYR B 420 56.21 26.94 -25.07
CA TYR B 420 57.02 26.05 -25.91
C TYR B 420 57.28 26.53 -27.35
N SER B 421 56.26 27.11 -27.98
CA SER B 421 56.37 27.60 -29.34
C SER B 421 55.41 28.77 -29.49
N HIS B 422 55.94 29.98 -29.67
CA HIS B 422 55.11 31.18 -29.83
C HIS B 422 54.49 31.27 -31.22
N TYR B 423 53.16 31.39 -31.25
CA TYR B 423 52.41 31.48 -32.49
C TYR B 423 50.97 31.84 -32.17
N PHE B 424 50.25 32.29 -33.19
CA PHE B 424 48.83 32.62 -33.05
C PHE B 424 48.05 32.23 -34.30
N GLY B 425 46.91 31.58 -34.10
CA GLY B 425 46.11 31.19 -35.24
C GLY B 425 44.66 31.32 -34.88
N GLY B 426 43.86 31.93 -35.76
CA GLY B 426 42.46 32.10 -35.46
C GLY B 426 41.63 32.59 -36.61
N LEU B 427 40.34 32.81 -36.36
CA LEU B 427 39.42 33.27 -37.38
C LEU B 427 38.24 34.03 -36.81
N ALA B 428 38.11 35.29 -37.20
CA ALA B 428 37.00 36.11 -36.75
C ALA B 428 35.76 35.62 -37.50
N GLU B 429 34.69 35.38 -36.78
CA GLU B 429 33.47 34.86 -37.40
C GLU B 429 32.55 35.85 -38.09
N THR B 430 32.25 35.52 -39.33
CA THR B 430 31.35 36.28 -40.18
C THR B 430 30.29 35.23 -40.57
N VAL B 431 29.03 35.55 -40.30
CA VAL B 431 27.90 34.65 -40.60
C VAL B 431 27.04 35.11 -41.77
N LEU B 432 26.14 34.24 -42.18
CA LEU B 432 25.25 34.53 -43.28
C LEU B 432 23.82 34.40 -42.75
N VAL B 433 23.10 35.52 -42.70
CA VAL B 433 21.74 35.53 -42.18
C VAL B 433 20.67 35.72 -43.23
N VAL B 434 19.52 35.10 -42.99
CA VAL B 434 18.36 35.21 -43.87
C VAL B 434 17.21 35.57 -42.93
N ARG B 435 16.71 36.80 -43.06
CA ARG B 435 15.68 37.27 -42.16
C ARG B 435 14.34 37.60 -42.79
N SER B 436 13.30 37.56 -41.98
CA SER B 436 11.96 37.86 -42.44
C SER B 436 11.14 38.17 -41.19
N MET B 437 10.17 39.07 -41.31
CA MET B 437 9.38 39.41 -40.14
C MET B 437 7.90 39.32 -40.36
N SER B 438 7.24 38.70 -39.38
CA SER B 438 5.80 38.48 -39.44
C SER B 438 5.10 39.31 -38.36
N THR B 439 4.32 40.31 -38.76
CA THR B 439 3.63 41.14 -37.78
C THR B 439 2.16 40.79 -37.65
N LEU B 440 1.87 39.87 -36.73
CA LEU B 440 0.51 39.44 -36.48
C LEU B 440 -0.12 40.38 -35.46
N LEU B 441 -0.95 41.28 -35.95
CA LEU B 441 -1.62 42.23 -35.10
C LEU B 441 -0.67 43.12 -34.32
N ASN B 442 -0.47 42.77 -33.04
CA ASN B 442 0.38 43.54 -32.14
C ASN B 442 1.88 43.34 -32.17
N PAQ B 443 2.36 42.10 -32.12
CA PAQ B 443 3.83 41.92 -32.15
CB PAQ B 443 4.33 40.93 -31.10
CG PAQ B 443 3.37 39.79 -30.88
CD1 PAQ B 443 3.06 39.32 -29.51
O2 PAQ B 443 3.71 39.74 -28.52
CD2 PAQ B 443 2.70 39.21 -31.96
CE1 PAQ B 443 2.07 38.37 -29.34
CE2 PAQ B 443 1.70 38.27 -31.73
CZ PAQ B 443 1.38 37.86 -30.43
OH PAQ B 443 0.37 36.97 -30.22
N1 PAQ B 443 1.08 37.73 -32.81
N2 PAQ B 443 0.14 36.82 -32.69
C1 PAQ B 443 -1.14 37.13 -32.99
C2 PAQ B 443 -1.83 38.05 -32.20
C3 PAQ B 443 -3.14 38.36 -32.53
C4 PAQ B 443 -3.74 37.75 -33.63
C5 PAQ B 443 -3.01 36.83 -34.37
N3 PAQ B 443 -1.74 36.55 -34.03
C PAQ B 443 4.30 41.50 -33.51
O PAQ B 443 3.48 41.05 -34.30
N ASP B 444 5.61 41.66 -33.73
CA ASP B 444 6.28 41.34 -34.96
C ASP B 444 7.25 40.21 -34.64
N TYR B 445 7.21 39.15 -35.43
CA TYR B 445 8.12 38.03 -35.22
C TYR B 445 9.33 38.19 -36.11
N VAL B 446 10.50 37.82 -35.60
CA VAL B 446 11.74 37.94 -36.35
C VAL B 446 12.33 36.56 -36.60
N TRP B 447 12.19 36.08 -37.84
CA TRP B 447 12.66 34.75 -38.23
C TRP B 447 14.05 34.72 -38.82
N ASP B 448 14.99 34.44 -37.94
CA ASP B 448 16.39 34.40 -38.27
C ASP B 448 17.02 33.06 -38.52
N THR B 449 17.66 32.94 -39.68
CA THR B 449 18.32 31.70 -40.03
C THR B 449 19.78 32.02 -40.32
N VAL B 450 20.62 31.71 -39.33
CA VAL B 450 22.04 31.96 -39.36
C VAL B 450 22.87 30.76 -39.86
N PHE B 451 23.71 31.01 -40.86
CA PHE B 451 24.56 30.00 -41.43
C PHE B 451 26.01 30.23 -41.06
N HIS B 452 26.50 29.40 -40.15
CA HIS B 452 27.85 29.53 -39.66
C HIS B 452 28.96 28.95 -40.49
N PRO B 453 30.13 29.61 -40.46
CA PRO B 453 31.29 29.15 -41.21
C PRO B 453 31.70 27.76 -40.74
N SER B 454 31.32 27.43 -39.50
CA SER B 454 31.65 26.13 -38.92
C SER B 454 30.76 24.99 -39.43
N GLY B 455 29.86 25.30 -40.36
CA GLY B 455 28.98 24.28 -40.89
C GLY B 455 27.80 24.11 -39.96
N ALA B 456 27.72 24.93 -38.93
CA ALA B 456 26.63 24.89 -37.96
C ALA B 456 25.55 25.83 -38.46
N ILE B 457 24.29 25.43 -38.22
CA ILE B 457 23.13 26.22 -38.62
C ILE B 457 22.37 26.66 -37.39
N GLU B 458 22.06 27.95 -37.33
CA GLU B 458 21.33 28.49 -36.20
C GLU B 458 19.95 29.00 -36.63
N ILE B 459 18.96 28.73 -35.81
CA ILE B 459 17.59 29.13 -36.06
C ILE B 459 17.13 29.90 -34.85
N ARG B 460 16.72 31.13 -35.05
CA ARG B 460 16.27 31.94 -33.93
C ARG B 460 15.03 32.70 -34.33
N PHE B 461 14.24 33.07 -33.33
CA PHE B 461 13.03 33.85 -33.58
C PHE B 461 12.86 34.73 -32.36
N TYR B 462 12.45 35.98 -32.59
CA TYR B 462 12.27 36.91 -31.49
C TYR B 462 10.84 37.47 -31.53
N ALA B 463 10.29 37.75 -30.36
CA ALA B 463 8.95 38.31 -30.26
C ALA B 463 9.17 39.74 -29.83
N THR B 464 8.85 40.69 -30.71
CA THR B 464 9.02 42.11 -30.42
C THR B 464 7.81 42.93 -30.90
N GLY B 465 7.85 44.24 -30.66
CA GLY B 465 6.75 45.08 -31.05
C GLY B 465 5.85 45.38 -29.86
N TYR B 466 4.54 45.36 -30.11
CA TYR B 466 3.56 45.63 -29.07
C TYR B 466 2.97 44.40 -28.39
N ILE B 467 2.83 44.50 -27.07
CA ILE B 467 2.28 43.42 -26.30
C ILE B 467 0.80 43.67 -26.26
N SER B 468 0.03 42.64 -25.90
CA SER B 468 -1.41 42.74 -25.79
C SER B 468 -1.74 43.11 -24.36
N SER B 469 -2.45 44.24 -24.18
CA SER B 469 -2.84 44.74 -22.86
C SER B 469 -4.36 44.79 -22.69
N ALA B 470 -4.83 44.74 -21.46
CA ALA B 470 -6.27 44.80 -21.20
C ALA B 470 -6.56 45.89 -20.19
N PHE B 471 -7.83 46.10 -19.87
CA PHE B 471 -8.14 47.13 -18.91
C PHE B 471 -7.77 46.68 -17.50
N LEU B 472 -7.14 47.60 -16.78
CA LEU B 472 -6.71 47.31 -15.44
C LEU B 472 -7.78 47.65 -14.42
N PHE B 473 -8.21 46.62 -13.72
CA PHE B 473 -9.19 46.75 -12.66
C PHE B 473 -8.91 45.60 -11.70
N GLY B 474 -8.94 45.91 -10.40
CA GLY B 474 -8.68 44.87 -9.42
C GLY B 474 -7.23 44.66 -9.02
N ALA B 475 -7.00 43.68 -8.15
CA ALA B 475 -5.67 43.36 -7.66
C ALA B 475 -4.80 42.78 -8.78
N THR B 476 -3.76 43.52 -9.13
CA THR B 476 -2.82 43.07 -10.16
C THR B 476 -1.94 42.01 -9.49
N GLY B 477 -2.46 40.79 -9.48
CA GLY B 477 -1.71 39.72 -8.87
C GLY B 477 -1.33 38.66 -9.87
N LYS B 478 -2.27 37.79 -10.16
CA LYS B 478 -2.03 36.66 -11.03
C LYS B 478 -2.32 36.74 -12.53
N TYR B 479 -2.19 37.92 -13.13
CA TYR B 479 -2.45 38.01 -14.57
C TYR B 479 -1.46 38.92 -15.26
N GLY B 480 -0.64 39.57 -14.45
CA GLY B 480 0.36 40.47 -15.02
C GLY B 480 0.72 41.60 -14.09
N ASN B 481 1.35 42.62 -14.67
CA ASN B 481 1.78 43.81 -13.94
C ASN B 481 1.17 45.05 -14.63
N GLN B 482 1.06 46.17 -13.92
CA GLN B 482 0.56 47.36 -14.57
C GLN B 482 1.80 47.96 -15.23
N VAL B 483 1.69 48.18 -16.54
CA VAL B 483 2.78 48.74 -17.34
C VAL B 483 2.54 50.21 -17.66
N SER B 484 1.29 50.63 -17.48
CA SER B 484 0.83 52.01 -17.69
C SER B 484 -0.57 52.12 -17.07
N GLU B 485 -0.97 53.35 -16.73
CA GLU B 485 -2.27 53.58 -16.10
C GLU B 485 -3.40 52.83 -16.76
N HIS B 486 -4.16 52.12 -15.93
CA HIS B 486 -5.31 51.36 -16.38
C HIS B 486 -4.97 50.30 -17.42
N THR B 487 -3.68 50.13 -17.69
CA THR B 487 -3.31 49.13 -18.66
C THR B 487 -2.51 48.04 -17.96
N LEU B 488 -2.92 46.80 -18.24
CA LEU B 488 -2.29 45.61 -17.65
C LEU B 488 -1.59 44.69 -18.65
N GLY B 489 -0.32 44.39 -18.34
CA GLY B 489 0.44 43.50 -19.18
C GLY B 489 -0.09 42.12 -18.86
N THR B 490 -0.73 41.51 -19.85
CA THR B 490 -1.28 40.19 -19.67
C THR B 490 -0.22 39.14 -19.87
N VAL B 491 -0.18 38.21 -18.92
CA VAL B 491 0.76 37.10 -18.97
C VAL B 491 0.38 36.19 -20.14
N HIS B 492 1.37 35.55 -20.73
CA HIS B 492 1.13 34.67 -21.88
C HIS B 492 2.39 33.92 -22.24
N THR B 493 2.23 32.82 -22.97
CA THR B 493 3.38 32.04 -23.39
C THR B 493 3.49 32.14 -24.91
N HIS B 494 4.72 32.14 -25.41
CA HIS B 494 4.99 32.16 -26.85
C HIS B 494 5.61 30.79 -27.12
N SER B 495 5.36 30.21 -28.29
CA SER B 495 5.91 28.90 -28.64
C SER B 495 5.84 28.76 -30.15
N ALA B 496 6.94 28.35 -30.77
CA ALA B 496 6.98 28.15 -32.23
C ALA B 496 7.40 26.71 -32.47
N HIS B 497 6.99 26.16 -33.60
CA HIS B 497 7.35 24.78 -33.91
C HIS B 497 8.10 24.78 -35.20
N PHE B 498 9.15 23.99 -35.29
CA PHE B 498 9.91 23.93 -36.53
C PHE B 498 10.09 22.50 -37.01
N LYS B 499 10.05 22.34 -38.32
CA LYS B 499 10.25 21.04 -38.94
C LYS B 499 11.69 21.09 -39.38
N VAL B 500 12.49 20.13 -38.95
CA VAL B 500 13.91 20.12 -39.32
C VAL B 500 14.16 18.81 -40.04
N ASP B 501 13.91 18.80 -41.33
CA ASP B 501 14.10 17.60 -42.11
C ASP B 501 15.52 17.30 -42.54
N LEU B 502 16.35 16.98 -41.55
CA LEU B 502 17.73 16.66 -41.81
C LEU B 502 17.88 15.39 -42.61
N ASP B 503 18.89 15.42 -43.47
CA ASP B 503 19.26 14.27 -44.28
C ASP B 503 20.77 14.26 -44.14
N VAL B 504 21.21 13.91 -42.93
CA VAL B 504 22.61 13.87 -42.56
C VAL B 504 23.34 12.85 -43.40
N ALA B 505 24.24 13.31 -44.27
CA ALA B 505 24.99 12.41 -45.11
C ALA B 505 24.05 11.43 -45.82
N GLY B 506 22.83 11.88 -46.13
CA GLY B 506 21.88 11.03 -46.80
C GLY B 506 20.50 10.94 -46.14
N LEU B 507 19.68 10.04 -46.64
CA LEU B 507 18.33 9.89 -46.14
C LEU B 507 18.12 9.09 -44.88
N GLU B 508 18.78 7.95 -44.76
CA GLU B 508 18.59 7.10 -43.58
C GLU B 508 19.45 7.56 -42.41
N ASN B 509 18.81 8.03 -41.35
CA ASN B 509 19.56 8.51 -40.19
C ASN B 509 19.07 7.86 -38.90
N TRP B 510 19.92 7.87 -37.88
CA TRP B 510 19.57 7.31 -36.58
C TRP B 510 19.69 8.36 -35.50
N VAL B 511 18.94 8.17 -34.42
CA VAL B 511 19.03 9.14 -33.35
C VAL B 511 19.85 8.56 -32.22
N TRP B 512 20.88 9.30 -31.83
CA TRP B 512 21.77 8.89 -30.75
C TRP B 512 21.64 9.84 -29.60
N ALA B 513 21.83 9.32 -28.41
CA ALA B 513 21.74 10.11 -27.22
C ALA B 513 22.95 9.86 -26.34
N GLU B 514 23.92 10.76 -26.38
CA GLU B 514 25.10 10.63 -25.55
C GLU B 514 25.02 11.63 -24.38
N ASP B 515 25.59 11.25 -23.25
CA ASP B 515 25.57 12.11 -22.08
C ASP B 515 26.79 11.82 -21.20
N MET B 516 26.62 11.95 -19.90
CA MET B 516 27.72 11.71 -18.98
C MET B 516 27.29 10.95 -17.73
N VAL B 517 28.27 10.64 -16.89
CA VAL B 517 28.04 9.91 -15.64
C VAL B 517 29.35 9.68 -14.86
N PHE B 518 29.25 9.66 -13.53
CA PHE B 518 30.42 9.42 -12.68
C PHE B 518 30.37 8.04 -12.03
N VAL B 519 31.30 7.18 -12.42
CA VAL B 519 31.38 5.82 -11.88
C VAL B 519 32.41 5.75 -10.76
N PRO B 520 31.97 5.50 -9.52
CA PRO B 520 32.97 5.41 -8.45
C PRO B 520 33.78 4.14 -8.63
N MET B 521 35.11 4.26 -8.56
CA MET B 521 36.02 3.12 -8.68
C MET B 521 37.40 3.48 -8.10
N ALA B 522 38.14 2.45 -7.70
CA ALA B 522 39.46 2.64 -7.10
C ALA B 522 40.52 3.17 -8.06
N VAL B 523 41.50 3.87 -7.51
CA VAL B 523 42.59 4.44 -8.30
C VAL B 523 43.54 3.33 -8.75
N PRO B 524 43.65 3.08 -10.06
CA PRO B 524 44.53 2.03 -10.56
C PRO B 524 45.91 1.97 -9.88
N TRP B 525 46.44 3.13 -9.48
CA TRP B 525 47.75 3.17 -8.83
C TRP B 525 47.70 3.52 -7.35
N SER B 526 46.65 3.07 -6.68
CA SER B 526 46.51 3.34 -5.26
C SER B 526 45.12 2.86 -4.86
N PRO B 527 44.86 1.55 -5.00
CA PRO B 527 43.56 0.96 -4.66
C PRO B 527 43.08 1.27 -3.24
N GLU B 528 43.90 2.02 -2.51
CA GLU B 528 43.58 2.46 -1.15
C GLU B 528 42.65 3.68 -1.27
N HIS B 529 42.76 4.37 -2.40
CA HIS B 529 41.96 5.53 -2.66
C HIS B 529 40.86 5.29 -3.67
N GLN B 530 39.93 6.23 -3.68
CA GLN B 530 38.75 6.21 -4.54
C GLN B 530 38.76 7.33 -5.60
N LEU B 531 38.12 7.08 -6.74
CA LEU B 531 38.01 8.10 -7.79
C LEU B 531 36.63 8.01 -8.46
N GLN B 532 36.13 9.16 -8.92
CA GLN B 532 34.84 9.23 -9.61
C GLN B 532 35.21 9.26 -11.09
N ARG B 533 35.17 8.09 -11.71
CA ARG B 533 35.51 7.98 -13.13
C ARG B 533 34.40 8.50 -14.01
N LEU B 534 34.70 9.58 -14.74
CA LEU B 534 33.77 10.21 -15.65
C LEU B 534 33.72 9.39 -16.93
N GLN B 535 32.51 9.05 -17.36
CA GLN B 535 32.34 8.26 -18.55
C GLN B 535 31.25 8.86 -19.38
N VAL B 536 31.20 8.44 -20.65
CA VAL B 536 30.17 8.90 -21.58
C VAL B 536 29.07 7.85 -21.58
N THR B 537 27.82 8.29 -21.74
CA THR B 537 26.69 7.39 -21.79
C THR B 537 26.04 7.58 -23.13
N ARG B 538 26.11 6.55 -23.96
CA ARG B 538 25.53 6.60 -25.29
C ARG B 538 24.39 5.60 -25.42
N LYS B 539 23.27 6.05 -26.00
CA LYS B 539 22.12 5.18 -26.18
C LYS B 539 21.51 5.41 -27.53
N LEU B 540 20.99 4.33 -28.11
CA LEU B 540 20.34 4.44 -29.42
C LEU B 540 18.84 4.58 -29.22
N LEU B 541 18.24 5.52 -29.93
CA LEU B 541 16.80 5.74 -29.84
C LEU B 541 16.16 5.11 -31.05
N GLU B 542 15.39 4.06 -30.79
CA GLU B 542 14.75 3.28 -31.85
C GLU B 542 13.27 3.51 -32.07
N MET B 543 12.56 3.81 -30.98
CA MET B 543 11.13 4.06 -31.07
C MET B 543 10.83 5.54 -30.96
N GLU B 544 9.96 6.03 -31.84
CA GLU B 544 9.59 7.44 -31.86
C GLU B 544 9.37 8.01 -30.46
N GLU B 545 8.79 7.19 -29.59
CA GLU B 545 8.47 7.61 -28.22
C GLU B 545 9.65 7.93 -27.33
N GLN B 546 10.66 7.08 -27.36
CA GLN B 546 11.84 7.31 -26.54
C GLN B 546 12.67 8.44 -27.12
N ALA B 547 12.17 9.03 -28.21
CA ALA B 547 12.83 10.14 -28.88
C ALA B 547 11.93 11.36 -28.89
N ALA B 548 10.85 11.30 -28.11
CA ALA B 548 9.93 12.41 -28.01
C ALA B 548 10.13 12.89 -26.60
N PHE B 549 10.52 14.16 -26.45
CA PHE B 549 10.75 14.70 -25.13
C PHE B 549 9.80 15.80 -24.76
N LEU B 550 8.97 15.52 -23.78
CA LEU B 550 7.98 16.47 -23.30
C LEU B 550 8.62 17.72 -22.69
N VAL B 551 7.89 18.82 -22.70
CA VAL B 551 8.40 20.04 -22.10
C VAL B 551 8.46 19.76 -20.60
N GLY B 552 9.58 20.08 -19.98
CA GLY B 552 9.72 19.84 -18.56
C GLY B 552 10.76 18.80 -18.20
N SER B 553 10.66 17.60 -18.79
CA SER B 553 11.62 16.54 -18.48
C SER B 553 13.00 16.79 -19.11
N ALA B 554 14.03 16.26 -18.48
CA ALA B 554 15.42 16.39 -18.95
C ALA B 554 15.69 15.66 -20.25
N THR B 555 16.64 16.21 -21.01
CA THR B 555 17.01 15.64 -22.28
C THR B 555 18.50 15.32 -22.31
N PRO B 556 18.94 14.43 -23.21
CA PRO B 556 20.37 14.10 -23.26
C PRO B 556 21.20 15.32 -23.64
N ARG B 557 22.33 15.50 -22.94
CA ARG B 557 23.19 16.64 -23.21
C ARG B 557 23.65 16.68 -24.67
N TYR B 558 23.80 15.50 -25.25
CA TYR B 558 24.20 15.39 -26.64
C TYR B 558 23.15 14.54 -27.31
N LEU B 559 22.40 15.15 -28.20
CA LEU B 559 21.37 14.42 -28.92
C LEU B 559 21.55 14.74 -30.38
N TYR B 560 21.51 13.74 -31.23
CA TYR B 560 21.71 14.01 -32.63
C TYR B 560 21.30 12.90 -33.57
N LEU B 561 21.06 13.28 -34.82
CA LEU B 561 20.69 12.33 -35.85
C LEU B 561 21.99 12.14 -36.59
N ALA B 562 22.27 10.91 -36.98
CA ALA B 562 23.51 10.66 -37.67
C ALA B 562 23.32 9.65 -38.75
N SER B 563 24.30 9.56 -39.63
CA SER B 563 24.26 8.62 -40.71
C SER B 563 24.67 7.24 -40.20
N ASN B 564 24.58 6.30 -41.11
CA ASN B 564 24.92 4.89 -40.92
C ASN B 564 26.42 4.79 -41.14
N HIS B 565 26.94 5.68 -42.00
CA HIS B 565 28.36 5.76 -42.37
C HIS B 565 29.24 6.57 -41.42
N SER B 566 30.50 6.16 -41.30
CA SER B 566 31.44 6.81 -40.40
C SER B 566 32.35 7.82 -41.06
N ASN B 567 32.79 8.79 -40.26
CA ASN B 567 33.71 9.81 -40.74
C ASN B 567 35.12 9.29 -40.43
N LYS B 568 36.03 9.56 -41.35
CA LYS B 568 37.44 9.15 -41.27
C LYS B 568 37.97 8.52 -39.97
N TRP B 569 37.57 9.03 -38.81
CA TRP B 569 38.07 8.48 -37.56
C TRP B 569 37.16 7.40 -37.02
N GLY B 570 36.30 6.90 -37.89
CA GLY B 570 35.40 5.82 -37.54
C GLY B 570 34.22 6.12 -36.65
N HIS B 571 33.60 7.28 -36.82
CA HIS B 571 32.45 7.65 -36.02
C HIS B 571 31.25 7.94 -36.91
N PRO B 572 30.05 7.58 -36.46
CA PRO B 572 28.90 7.86 -37.32
C PRO B 572 28.79 9.38 -37.49
N ARG B 573 28.73 9.81 -38.75
CA ARG B 573 28.65 11.23 -39.06
C ARG B 573 27.27 11.78 -38.69
N GLY B 574 27.20 12.60 -37.64
CA GLY B 574 25.92 13.14 -37.26
C GLY B 574 25.88 14.64 -37.11
N TYR B 575 24.67 15.14 -36.83
CA TYR B 575 24.48 16.55 -36.61
C TYR B 575 23.66 16.64 -35.34
N ARG B 576 24.23 17.35 -34.37
CA ARG B 576 23.63 17.53 -33.06
C ARG B 576 22.57 18.61 -33.04
N ILE B 577 21.58 18.42 -32.18
CA ILE B 577 20.51 19.39 -32.03
C ILE B 577 20.53 19.99 -30.65
N GLN B 578 20.93 21.25 -30.58
CA GLN B 578 21.02 21.95 -29.32
C GLN B 578 19.92 22.99 -29.31
N MET B 579 19.12 23.00 -28.24
CA MET B 579 18.00 23.94 -28.10
C MET B 579 18.25 25.07 -27.12
N LEU B 580 17.43 26.12 -27.23
CA LEU B 580 17.55 27.30 -26.37
C LEU B 580 16.14 27.70 -25.96
N SER B 581 15.47 26.82 -25.22
CA SER B 581 14.10 27.09 -24.82
C SER B 581 13.89 27.24 -23.31
N PHE B 582 12.93 28.08 -22.96
CA PHE B 582 12.55 28.34 -21.58
C PHE B 582 11.02 28.16 -21.59
N ALA B 583 10.56 27.46 -22.63
CA ALA B 583 9.15 27.19 -22.85
C ALA B 583 8.31 27.04 -21.60
N GLY B 584 7.19 27.75 -21.57
CA GLY B 584 6.28 27.68 -20.44
C GLY B 584 5.63 26.31 -20.50
N GLU B 585 4.70 26.05 -19.59
CA GLU B 585 4.03 24.76 -19.58
C GLU B 585 2.88 24.77 -20.55
N PRO B 586 2.77 23.71 -21.38
CA PRO B 586 1.69 23.61 -22.35
C PRO B 586 0.33 23.49 -21.67
N LEU B 587 -0.71 24.00 -22.29
CA LEU B 587 -2.03 23.90 -21.71
C LEU B 587 -2.19 22.48 -21.20
N PRO B 588 -2.79 22.30 -20.01
CA PRO B 588 -2.96 20.94 -19.49
C PRO B 588 -3.65 20.08 -20.54
N GLN B 589 -3.48 18.77 -20.47
CA GLN B 589 -4.12 17.90 -21.45
C GLN B 589 -5.64 17.86 -21.28
N ASN B 590 -6.10 18.08 -20.06
CA ASN B 590 -7.54 18.08 -19.81
C ASN B 590 -8.27 19.17 -20.61
N SER B 591 -7.53 20.04 -21.27
CA SER B 591 -8.13 21.08 -22.09
C SER B 591 -8.47 20.47 -23.45
N SER B 592 -9.73 20.61 -23.85
CA SER B 592 -10.21 20.06 -25.11
C SER B 592 -9.59 20.69 -26.35
N MET B 593 -9.02 21.89 -26.20
CA MET B 593 -8.39 22.54 -27.34
C MET B 593 -6.91 22.23 -27.36
N ALA B 594 -6.42 21.68 -26.25
CA ALA B 594 -5.01 21.34 -26.11
C ALA B 594 -4.53 20.49 -27.28
N ARG B 595 -5.46 19.88 -27.99
CA ARG B 595 -5.13 19.03 -29.13
C ARG B 595 -4.89 19.87 -30.39
N GLY B 596 -5.44 21.08 -30.41
CA GLY B 596 -5.26 21.96 -31.55
C GLY B 596 -3.81 22.34 -31.72
N PHE B 597 -3.03 22.15 -30.67
CA PHE B 597 -1.63 22.46 -30.72
C PHE B 597 -0.84 21.54 -29.81
N SER B 598 -0.96 20.25 -30.09
CA SER B 598 -0.30 19.20 -29.32
C SER B 598 1.23 19.26 -29.35
N TRP B 599 1.79 19.86 -30.40
CA TRP B 599 3.24 20.01 -30.55
C TRP B 599 3.86 20.83 -29.42
N GLU B 600 3.10 21.78 -28.86
CA GLU B 600 3.60 22.62 -27.78
C GLU B 600 4.03 21.83 -26.54
N ARG B 601 3.45 20.66 -26.33
CA ARG B 601 3.77 19.84 -25.16
C ARG B 601 5.15 19.18 -25.19
N TYR B 602 5.87 19.33 -26.30
CA TYR B 602 7.19 18.75 -26.44
C TYR B 602 8.28 19.81 -26.66
N GLN B 603 9.51 19.42 -26.36
CA GLN B 603 10.63 20.31 -26.59
C GLN B 603 11.13 19.79 -27.90
N LEU B 604 11.00 18.49 -28.08
CA LEU B 604 11.47 17.89 -29.29
C LEU B 604 10.98 16.47 -29.48
N ALA B 605 10.81 16.12 -30.74
CA ALA B 605 10.37 14.79 -31.08
C ALA B 605 10.92 14.51 -32.46
N VAL B 606 11.23 13.25 -32.70
CA VAL B 606 11.76 12.87 -33.98
C VAL B 606 10.86 11.78 -34.52
N THR B 607 10.48 11.92 -35.78
CA THR B 607 9.61 10.92 -36.39
C THR B 607 10.06 10.56 -37.78
N GLN B 608 9.36 9.59 -38.35
CA GLN B 608 9.61 9.15 -39.70
C GLN B 608 8.94 10.20 -40.54
N ARG B 609 9.75 11.02 -41.21
CA ARG B 609 9.24 12.08 -42.07
C ARG B 609 8.37 11.44 -43.17
N LYS B 610 7.05 11.59 -43.05
CA LYS B 610 6.13 11.00 -44.04
C LYS B 610 5.56 12.07 -44.98
N GLU B 611 5.14 11.65 -46.17
CA GLU B 611 4.58 12.59 -47.11
C GLU B 611 3.22 13.08 -46.57
N GLU B 612 2.51 12.22 -45.83
CA GLU B 612 1.21 12.59 -45.25
C GLU B 612 1.36 13.27 -43.89
N GLU B 613 2.54 13.82 -43.63
CA GLU B 613 2.79 14.53 -42.38
C GLU B 613 3.73 15.67 -42.73
N PRO B 614 3.34 16.51 -43.68
CA PRO B 614 4.17 17.65 -44.11
C PRO B 614 4.11 18.82 -43.14
N SER B 615 3.04 18.88 -42.35
CA SER B 615 2.86 19.96 -41.39
C SER B 615 2.48 19.41 -40.02
N SER B 616 2.79 20.17 -38.97
CA SER B 616 2.46 19.74 -37.60
C SER B 616 1.18 20.45 -37.11
N SER B 617 0.74 21.46 -37.84
CA SER B 617 -0.48 22.20 -37.52
C SER B 617 -1.19 22.62 -38.83
N SER B 618 -2.41 23.13 -38.72
CA SER B 618 -3.19 23.57 -39.89
C SER B 618 -3.73 24.99 -39.73
N VAL B 619 -3.90 25.67 -40.85
CA VAL B 619 -4.41 27.03 -40.82
C VAL B 619 -5.82 26.96 -40.24
N PHE B 620 -6.42 25.79 -40.37
CA PHE B 620 -7.78 25.57 -39.89
C PHE B 620 -7.82 25.32 -38.39
N ASN B 621 -6.75 24.77 -37.85
CA ASN B 621 -6.68 24.50 -36.42
C ASN B 621 -7.02 25.71 -35.55
N GLN B 622 -6.75 26.90 -36.06
CA GLN B 622 -7.01 28.11 -35.32
C GLN B 622 -8.45 28.26 -34.88
N ASN B 623 -9.35 28.36 -35.85
CA ASN B 623 -10.76 28.55 -35.53
C ASN B 623 -11.49 27.35 -34.93
N ASP B 624 -10.84 26.18 -34.92
CA ASP B 624 -11.40 24.98 -34.32
C ASP B 624 -10.28 24.08 -33.79
N PRO B 625 -9.79 24.39 -32.60
CA PRO B 625 -8.72 23.60 -31.99
C PRO B 625 -9.29 22.38 -31.28
N TRP B 626 -10.60 22.41 -31.08
CA TRP B 626 -11.31 21.35 -30.39
C TRP B 626 -11.30 20.11 -31.25
N ALA B 627 -11.50 20.30 -32.54
CA ALA B 627 -11.48 19.20 -33.51
C ALA B 627 -10.37 19.52 -34.49
N PRO B 628 -9.12 19.26 -34.12
CA PRO B 628 -7.96 19.54 -34.97
C PRO B 628 -8.06 19.02 -36.41
N THR B 629 -7.70 19.88 -37.36
CA THR B 629 -7.70 19.50 -38.76
C THR B 629 -6.44 18.64 -38.87
N VAL B 630 -5.48 18.99 -38.02
CA VAL B 630 -4.16 18.34 -37.94
C VAL B 630 -3.65 18.26 -36.49
N ASP B 631 -3.57 17.05 -35.95
CA ASP B 631 -3.09 16.85 -34.58
C ASP B 631 -1.69 16.25 -34.63
N PHE B 632 -0.70 17.04 -34.23
CA PHE B 632 0.72 16.64 -34.22
C PHE B 632 1.08 15.38 -33.44
N SER B 633 0.38 15.11 -32.34
CA SER B 633 0.64 13.94 -31.52
C SER B 633 0.38 12.64 -32.25
N ASP B 634 -0.33 12.73 -33.37
CA ASP B 634 -0.65 11.56 -34.18
C ASP B 634 0.52 11.19 -35.10
N PHE B 635 1.66 11.84 -34.91
CA PHE B 635 2.86 11.57 -35.69
C PHE B 635 3.74 10.63 -34.86
N ILE B 636 3.43 10.53 -33.57
CA ILE B 636 4.19 9.70 -32.65
C ILE B 636 3.48 8.43 -32.30
N ASN B 637 3.95 7.34 -32.89
CA ASN B 637 3.40 6.00 -32.67
C ASN B 637 4.59 5.06 -32.71
N ASN B 638 4.43 3.83 -32.23
CA ASN B 638 5.55 2.91 -32.27
C ASN B 638 6.09 2.75 -33.68
N GLU B 639 7.20 3.42 -33.95
CA GLU B 639 7.80 3.32 -35.26
C GLU B 639 9.30 3.42 -35.05
N THR B 640 10.06 2.74 -35.90
CA THR B 640 11.50 2.79 -35.75
C THR B 640 12.04 4.06 -36.37
N ILE B 641 12.86 4.77 -35.60
CA ILE B 641 13.51 5.99 -36.04
C ILE B 641 14.97 5.58 -36.01
N ALA B 642 15.21 4.43 -36.64
CA ALA B 642 16.54 3.87 -36.70
C ALA B 642 16.80 3.42 -38.13
N GLY B 643 17.39 4.34 -38.90
CA GLY B 643 17.71 4.04 -40.28
C GLY B 643 16.64 4.46 -41.27
N LYS B 644 15.76 5.32 -40.81
CA LYS B 644 14.67 5.81 -41.65
C LYS B 644 14.92 7.27 -42.04
N ASP B 645 14.03 7.84 -42.84
CA ASP B 645 14.16 9.24 -43.20
C ASP B 645 13.55 9.92 -42.01
N LEU B 646 14.36 10.58 -41.20
CA LEU B 646 13.81 11.21 -40.03
C LEU B 646 13.64 12.70 -40.20
N VAL B 647 12.84 13.25 -39.29
CA VAL B 647 12.60 14.68 -39.27
C VAL B 647 12.47 15.04 -37.81
N ALA B 648 13.19 16.07 -37.38
CA ALA B 648 13.09 16.45 -35.99
C ALA B 648 12.10 17.56 -35.88
N TRP B 649 11.44 17.64 -34.74
CA TRP B 649 10.44 18.67 -34.53
C TRP B 649 10.82 19.46 -33.29
N VAL B 650 11.26 20.69 -33.50
CA VAL B 650 11.65 21.51 -32.36
C VAL B 650 10.66 22.60 -31.98
N THR B 651 10.45 22.68 -30.68
CA THR B 651 9.56 23.64 -30.07
C THR B 651 10.40 24.52 -29.17
N ALA B 652 10.40 25.80 -29.46
CA ALA B 652 11.15 26.75 -28.67
C ALA B 652 10.09 27.71 -28.13
N GLY B 653 10.33 28.28 -26.97
CA GLY B 653 9.35 29.18 -26.42
C GLY B 653 9.75 29.63 -25.05
N PHE B 654 8.91 30.44 -24.41
CA PHE B 654 9.22 30.96 -23.09
C PHE B 654 8.05 31.73 -22.54
N LEU B 655 8.01 31.87 -21.22
CA LEU B 655 6.95 32.63 -20.56
C LEU B 655 7.24 34.14 -20.64
N HIS B 656 6.20 34.92 -20.90
CA HIS B 656 6.37 36.37 -20.97
C HIS B 656 5.45 37.10 -19.98
N ILE B 657 6.02 37.53 -18.85
CA ILE B 657 5.23 38.31 -17.89
C ILE B 657 5.57 39.75 -18.23
N PRO B 658 4.64 40.48 -18.85
CA PRO B 658 4.92 41.87 -19.22
C PRO B 658 5.42 42.74 -18.06
N HIS B 659 6.14 43.81 -18.43
CA HIS B 659 6.68 44.76 -17.46
C HIS B 659 7.00 46.09 -18.13
N ALA B 660 7.13 47.13 -17.32
CA ALA B 660 7.40 48.48 -17.79
C ALA B 660 8.24 48.56 -19.05
N GLU B 661 9.44 47.96 -19.03
CA GLU B 661 10.30 48.01 -20.21
C GLU B 661 9.82 47.24 -21.45
N ASP B 662 8.52 46.99 -21.52
CA ASP B 662 7.91 46.31 -22.65
C ASP B 662 7.12 47.40 -23.35
N ILE B 663 7.30 48.62 -22.83
CA ILE B 663 6.64 49.82 -23.34
C ILE B 663 7.69 50.79 -23.90
N PRO B 664 7.51 51.24 -25.14
CA PRO B 664 6.39 50.86 -26.00
C PRO B 664 6.48 49.42 -26.53
N ASN B 665 7.65 49.07 -27.06
CA ASN B 665 7.85 47.73 -27.59
C ASN B 665 8.64 46.86 -26.65
N THR B 666 8.53 45.55 -26.90
CA THR B 666 9.24 44.53 -26.16
C THR B 666 10.58 44.44 -26.89
N VAL B 667 11.69 44.37 -26.15
CA VAL B 667 13.01 44.27 -26.77
C VAL B 667 13.33 42.83 -27.19
N THR B 668 14.42 42.65 -27.91
CA THR B 668 14.79 41.31 -28.39
C THR B 668 15.85 40.65 -27.51
N VAL B 669 16.53 41.45 -26.70
CA VAL B 669 17.59 40.97 -25.81
C VAL B 669 17.18 39.84 -24.87
N GLY B 670 17.82 38.69 -25.08
CA GLY B 670 17.56 37.53 -24.24
C GLY B 670 16.30 36.81 -24.64
N ASN B 671 15.42 37.53 -25.34
CA ASN B 671 14.15 36.98 -25.80
C ASN B 671 14.25 36.23 -27.12
N GLY B 672 15.47 35.99 -27.61
CA GLY B 672 15.60 35.30 -28.87
C GLY B 672 15.91 33.84 -28.66
N VAL B 673 14.92 32.97 -28.81
CA VAL B 673 15.13 31.53 -28.62
C VAL B 673 15.21 30.75 -29.94
N GLY B 674 15.55 29.46 -29.86
CA GLY B 674 15.65 28.68 -31.08
C GLY B 674 16.46 27.41 -30.89
N PHE B 675 17.41 27.16 -31.77
CA PHE B 675 18.24 25.97 -31.66
C PHE B 675 19.40 25.93 -32.64
N PHE B 676 20.24 24.90 -32.50
CA PHE B 676 21.41 24.74 -33.34
C PHE B 676 21.51 23.41 -34.00
N LEU B 677 22.16 23.41 -35.15
CA LEU B 677 22.41 22.18 -35.88
C LEU B 677 23.90 22.26 -36.01
N ARG B 678 24.60 21.49 -35.18
CA ARG B 678 26.05 21.51 -35.19
C ARG B 678 26.58 20.13 -35.55
N PRO B 679 27.62 20.08 -36.41
CA PRO B 679 28.20 18.81 -36.83
C PRO B 679 28.89 18.10 -35.67
N TYR B 680 28.74 16.79 -35.61
CA TYR B 680 29.34 15.97 -34.56
C TYR B 680 29.91 14.76 -35.27
N ASN B 681 31.21 14.78 -35.51
CA ASN B 681 31.87 13.68 -36.22
C ASN B 681 31.33 13.57 -37.65
N PHE B 682 30.75 14.66 -38.15
CA PHE B 682 30.24 14.68 -39.51
C PHE B 682 31.42 15.02 -40.43
N PHE B 683 32.22 16.01 -40.02
CA PHE B 683 33.41 16.42 -40.78
C PHE B 683 34.63 15.78 -40.14
N ASP B 684 35.68 15.52 -40.92
CA ASP B 684 36.90 14.91 -40.39
C ASP B 684 37.75 15.92 -39.63
N GLU B 685 37.28 17.17 -39.60
CA GLU B 685 37.96 18.28 -38.92
C GLU B 685 37.20 19.57 -39.16
N ASP B 686 37.41 20.54 -38.28
CA ASP B 686 36.79 21.85 -38.40
C ASP B 686 37.14 22.46 -39.77
N PRO B 687 36.22 22.37 -40.74
CA PRO B 687 36.49 22.93 -42.07
C PRO B 687 37.00 24.36 -42.08
N SER B 688 36.65 25.14 -41.07
CA SER B 688 37.11 26.52 -41.01
C SER B 688 38.63 26.56 -41.04
N PHE B 689 39.26 25.41 -40.86
CA PHE B 689 40.71 25.38 -40.93
C PHE B 689 41.04 25.92 -42.31
N TYR B 690 40.22 25.52 -43.27
CA TYR B 690 40.35 25.93 -44.66
C TYR B 690 39.67 27.23 -44.97
N SER B 691 39.64 28.16 -44.03
CA SER B 691 39.00 29.44 -44.32
C SER B 691 40.02 30.34 -44.99
N ALA B 692 39.60 31.00 -46.08
CA ALA B 692 40.49 31.90 -46.78
C ALA B 692 40.85 32.99 -45.78
N ASP B 693 39.81 33.56 -45.20
CA ASP B 693 39.90 34.64 -44.20
C ASP B 693 40.62 34.26 -42.89
N SER B 694 40.79 32.96 -42.62
CA SER B 694 41.47 32.48 -41.41
C SER B 694 42.84 33.15 -41.31
N ILE B 695 43.29 33.43 -40.08
CA ILE B 695 44.57 34.10 -39.86
C ILE B 695 45.60 33.33 -39.03
N TYR B 696 46.87 33.56 -39.35
CA TYR B 696 47.97 32.90 -38.67
C TYR B 696 49.29 33.66 -38.76
N PHE B 697 50.09 33.57 -37.68
CA PHE B 697 51.42 34.22 -37.60
C PHE B 697 52.15 33.69 -36.36
N ARG B 698 53.29 34.31 -36.01
CA ARG B 698 54.05 33.84 -34.85
C ARG B 698 54.53 34.93 -33.87
N GLY B 699 54.13 34.82 -32.59
CA GLY B 699 54.55 35.78 -31.58
C GLY B 699 53.64 36.97 -31.29
N ASP B 700 53.90 38.09 -31.95
CA ASP B 700 53.12 39.32 -31.80
C ASP B 700 52.55 39.78 -33.15
N GLN B 701 51.55 40.55 -33.20
N GLN C 30 -24.04 -22.41 -7.48
CA GLN C 30 -24.95 -22.58 -6.31
C GLN C 30 -26.27 -23.28 -6.62
N LEU C 31 -26.22 -24.59 -6.80
CA LEU C 31 -27.44 -25.34 -7.09
C LEU C 31 -28.09 -25.91 -5.82
N PHE C 32 -27.62 -25.44 -4.67
CA PHE C 32 -28.17 -25.87 -3.38
C PHE C 32 -28.84 -24.66 -2.73
N ALA C 33 -28.48 -23.46 -3.21
CA ALA C 33 -29.03 -22.22 -2.67
C ALA C 33 -30.55 -22.20 -2.77
N ASP C 34 -31.20 -21.65 -1.75
CA ASP C 34 -32.65 -21.56 -1.70
C ASP C 34 -33.13 -20.61 -2.80
N LEU C 35 -34.33 -20.88 -3.33
CA LEU C 35 -34.91 -20.03 -4.37
C LEU C 35 -35.16 -18.60 -3.85
N SER C 36 -35.04 -17.61 -4.74
CA SER C 36 -35.24 -16.22 -4.38
C SER C 36 -36.42 -15.62 -5.12
N ARG C 37 -36.93 -14.52 -4.56
CA ARG C 37 -38.08 -13.79 -5.10
C ARG C 37 -38.39 -14.14 -6.56
N GLU C 38 -37.59 -13.62 -7.48
CA GLU C 38 -37.79 -13.84 -8.90
C GLU C 38 -38.20 -15.28 -9.20
N GLU C 39 -37.42 -16.22 -8.70
CA GLU C 39 -37.68 -17.64 -8.91
C GLU C 39 -39.04 -18.09 -8.41
N LEU C 40 -39.38 -17.68 -7.19
CA LEU C 40 -40.66 -18.05 -6.61
C LEU C 40 -41.78 -17.39 -7.38
N THR C 41 -41.60 -16.11 -7.68
CA THR C 41 -42.62 -15.41 -8.45
C THR C 41 -42.86 -16.18 -9.73
N ALA C 42 -41.77 -16.42 -10.45
CA ALA C 42 -41.82 -17.15 -11.71
C ALA C 42 -42.62 -18.45 -11.62
N VAL C 43 -42.48 -19.19 -10.52
CA VAL C 43 -43.20 -20.46 -10.33
C VAL C 43 -44.67 -20.22 -10.03
N MET C 44 -44.94 -19.21 -9.21
CA MET C 44 -46.29 -18.86 -8.84
C MET C 44 -47.01 -18.34 -10.08
N ARG C 45 -46.40 -17.35 -10.73
CA ARG C 45 -46.94 -16.77 -11.95
C ARG C 45 -47.27 -17.93 -12.90
N PHE C 46 -46.33 -18.88 -12.99
CA PHE C 46 -46.51 -20.05 -13.84
C PHE C 46 -47.61 -20.96 -13.31
N LEU C 47 -47.73 -21.03 -11.98
CA LEU C 47 -48.74 -21.86 -11.34
C LEU C 47 -50.19 -21.38 -11.56
N THR C 48 -50.45 -20.11 -11.21
CA THR C 48 -51.79 -19.55 -11.37
C THR C 48 -52.19 -19.63 -12.84
N GLN C 49 -51.20 -19.77 -13.71
CA GLN C 49 -51.43 -19.87 -15.14
C GLN C 49 -51.88 -21.27 -15.58
N ARG C 50 -51.03 -22.26 -15.37
CA ARG C 50 -51.33 -23.63 -15.73
C ARG C 50 -52.39 -24.28 -14.83
N LEU C 51 -52.54 -23.79 -13.61
CA LEU C 51 -53.52 -24.34 -12.66
C LEU C 51 -54.95 -23.93 -12.91
N GLY C 52 -55.13 -22.81 -13.62
CA GLY C 52 -56.47 -22.36 -13.96
C GLY C 52 -57.17 -21.38 -13.04
N PRO C 53 -58.50 -21.26 -13.22
CA PRO C 53 -59.45 -20.40 -12.52
C PRO C 53 -59.49 -20.54 -11.00
N GLY C 54 -60.10 -21.61 -10.51
CA GLY C 54 -60.21 -21.83 -9.08
C GLY C 54 -58.90 -21.96 -8.34
N LEU C 55 -58.29 -20.83 -8.02
CA LEU C 55 -57.01 -20.85 -7.33
C LEU C 55 -56.89 -19.64 -6.43
N VAL C 56 -57.53 -19.70 -5.27
CA VAL C 56 -57.49 -18.58 -4.32
C VAL C 56 -56.15 -18.41 -3.63
N ASP C 57 -55.92 -17.23 -3.09
CA ASP C 57 -54.68 -16.97 -2.39
C ASP C 57 -54.82 -17.74 -1.08
N ALA C 58 -54.08 -18.83 -0.95
CA ALA C 58 -54.12 -19.67 0.25
C ALA C 58 -54.26 -18.89 1.56
N ALA C 59 -53.85 -17.62 1.55
CA ALA C 59 -53.92 -16.77 2.72
C ALA C 59 -55.33 -16.72 3.29
N GLN C 60 -56.31 -16.67 2.40
CA GLN C 60 -57.71 -16.63 2.81
C GLN C 60 -58.40 -17.89 2.35
N ALA C 61 -57.80 -18.58 1.39
CA ALA C 61 -58.35 -19.82 0.86
C ALA C 61 -59.18 -20.54 1.90
N ARG C 62 -60.35 -20.97 1.48
CA ARG C 62 -61.27 -21.64 2.36
C ARG C 62 -61.13 -23.15 2.17
N PRO C 63 -61.45 -23.92 3.22
CA PRO C 63 -61.37 -25.38 3.16
C PRO C 63 -61.62 -26.02 1.80
N SER C 64 -62.77 -25.73 1.21
CA SER C 64 -63.08 -26.31 -0.07
C SER C 64 -62.66 -25.42 -1.22
N ASP C 65 -61.40 -25.00 -1.17
CA ASP C 65 -60.83 -24.15 -2.20
C ASP C 65 -59.61 -24.84 -2.73
N ASN C 66 -59.04 -24.24 -3.76
CA ASN C 66 -57.81 -24.75 -4.34
C ASN C 66 -56.84 -23.61 -4.11
N CYS C 67 -55.68 -23.90 -3.53
CA CYS C 67 -54.66 -22.88 -3.30
C CYS C 67 -53.28 -23.50 -3.21
N VAL C 68 -52.27 -22.70 -3.51
CA VAL C 68 -50.88 -23.16 -3.46
C VAL C 68 -50.34 -22.92 -2.04
N PHE C 69 -50.31 -23.98 -1.25
CA PHE C 69 -49.85 -23.91 0.13
C PHE C 69 -48.40 -23.47 0.24
N SER C 70 -47.58 -23.96 -0.68
CA SER C 70 -46.17 -23.62 -0.63
C SER C 70 -45.40 -23.98 -1.87
N VAL C 71 -44.38 -23.17 -2.13
CA VAL C 71 -43.48 -23.34 -3.26
C VAL C 71 -42.08 -23.29 -2.68
N GLU C 72 -41.37 -24.41 -2.75
CA GLU C 72 -39.99 -24.49 -2.23
C GLU C 72 -39.00 -25.08 -3.27
N LEU C 73 -37.71 -25.12 -2.92
CA LEU C 73 -36.71 -25.68 -3.83
C LEU C 73 -36.71 -27.18 -3.75
N GLN C 74 -36.90 -27.82 -4.90
CA GLN C 74 -36.87 -29.26 -4.99
C GLN C 74 -35.39 -29.60 -5.06
N LEU C 75 -34.87 -30.25 -4.03
CA LEU C 75 -33.45 -30.62 -3.99
C LEU C 75 -33.04 -31.57 -5.11
N PRO C 76 -31.95 -31.23 -5.82
CA PRO C 76 -31.38 -31.96 -6.95
C PRO C 76 -30.92 -33.37 -6.65
N PRO C 77 -31.01 -34.24 -7.65
CA PRO C 77 -30.60 -35.64 -7.52
C PRO C 77 -29.10 -35.63 -7.20
N LYS C 78 -28.71 -36.26 -6.11
CA LYS C 78 -27.31 -36.26 -5.72
C LYS C 78 -26.34 -36.59 -6.88
N ALA C 79 -26.58 -37.71 -7.54
CA ALA C 79 -25.74 -38.18 -8.64
C ALA C 79 -25.31 -37.10 -9.64
N ALA C 80 -26.27 -36.38 -10.21
CA ALA C 80 -25.99 -35.35 -11.20
C ALA C 80 -25.39 -34.13 -10.53
N ALA C 81 -25.77 -33.95 -9.27
CA ALA C 81 -25.28 -32.84 -8.47
C ALA C 81 -23.78 -33.01 -8.31
N LEU C 82 -23.37 -34.22 -7.93
CA LEU C 82 -21.95 -34.53 -7.76
C LEU C 82 -21.31 -34.63 -9.15
N ALA C 83 -22.08 -35.13 -10.10
CA ALA C 83 -21.64 -35.27 -11.48
C ALA C 83 -21.14 -33.91 -11.98
N HIS C 84 -22.00 -32.91 -11.84
CA HIS C 84 -21.64 -31.57 -12.27
C HIS C 84 -20.66 -30.86 -11.33
N LEU C 85 -21.10 -30.68 -10.10
CA LEU C 85 -20.36 -29.98 -9.04
C LEU C 85 -18.83 -30.16 -8.96
N ASP C 86 -18.36 -31.39 -9.06
CA ASP C 86 -16.92 -31.65 -8.96
C ASP C 86 -16.29 -32.29 -10.22
N ARG C 87 -16.98 -32.21 -11.35
CA ARG C 87 -16.46 -32.78 -12.62
C ARG C 87 -16.54 -31.82 -13.80
N GLY C 88 -17.77 -31.45 -14.16
CA GLY C 88 -17.95 -30.54 -15.26
C GLY C 88 -19.28 -30.80 -15.92
N SER C 89 -19.84 -31.98 -15.64
CA SER C 89 -21.13 -32.37 -16.21
C SER C 89 -22.12 -31.21 -16.07
N PRO C 90 -23.17 -31.19 -16.89
CA PRO C 90 -24.16 -30.11 -16.84
C PRO C 90 -24.98 -30.13 -15.56
N PRO C 91 -25.11 -28.97 -14.88
CA PRO C 91 -25.89 -28.93 -13.64
C PRO C 91 -27.31 -29.46 -13.87
N PRO C 92 -27.92 -30.10 -12.85
CA PRO C 92 -29.29 -30.61 -13.05
C PRO C 92 -30.41 -29.53 -13.04
N ALA C 93 -31.57 -29.91 -13.56
CA ALA C 93 -32.73 -29.02 -13.66
C ALA C 93 -33.13 -28.33 -12.36
N ARG C 94 -32.89 -27.02 -12.29
CA ARG C 94 -33.24 -26.23 -11.10
C ARG C 94 -34.74 -26.35 -10.94
N GLU C 95 -35.17 -27.07 -9.90
CA GLU C 95 -36.58 -27.26 -9.66
C GLU C 95 -37.12 -26.66 -8.37
N ALA C 96 -38.44 -26.76 -8.22
CA ALA C 96 -39.14 -26.26 -7.05
C ALA C 96 -40.35 -27.15 -6.84
N LEU C 97 -40.55 -27.58 -5.61
CA LEU C 97 -41.69 -28.43 -5.31
C LEU C 97 -42.81 -27.60 -4.69
N ALA C 98 -43.89 -27.45 -5.45
CA ALA C 98 -45.03 -26.69 -4.99
C ALA C 98 -46.08 -27.63 -4.45
N ILE C 99 -46.66 -27.28 -3.31
CA ILE C 99 -47.71 -28.10 -2.70
C ILE C 99 -49.05 -27.38 -2.79
N VAL C 100 -50.04 -28.07 -3.36
CA VAL C 100 -51.36 -27.49 -3.53
C VAL C 100 -52.45 -28.27 -2.84
N PHE C 101 -53.32 -27.53 -2.18
CA PHE C 101 -54.46 -28.12 -1.51
C PHE C 101 -55.59 -28.03 -2.52
N PHE C 102 -56.05 -29.18 -3.00
CA PHE C 102 -57.17 -29.21 -3.93
C PHE C 102 -58.40 -29.52 -3.09
N GLY C 103 -59.22 -28.50 -2.82
CA GLY C 103 -60.40 -28.70 -2.01
C GLY C 103 -61.67 -28.56 -2.84
N ARG C 104 -61.59 -27.70 -3.85
CA ARG C 104 -62.71 -27.45 -4.74
C ARG C 104 -62.83 -28.56 -5.77
N GLN C 105 -63.19 -29.74 -5.31
CA GLN C 105 -63.36 -30.88 -6.20
C GLN C 105 -64.02 -32.00 -5.42
N PRO C 106 -64.68 -32.95 -6.13
CA PRO C 106 -65.37 -34.08 -5.52
C PRO C 106 -64.47 -34.93 -4.63
N GLN C 107 -63.30 -35.29 -5.16
CA GLN C 107 -62.32 -36.08 -4.41
C GLN C 107 -61.17 -35.12 -4.07
N PRO C 108 -61.22 -34.46 -2.90
CA PRO C 108 -60.16 -33.53 -2.50
C PRO C 108 -58.86 -34.18 -1.98
N ASN C 109 -57.78 -33.87 -2.67
CA ASN C 109 -56.47 -34.39 -2.34
C ASN C 109 -55.50 -33.21 -2.22
N VAL C 110 -54.34 -33.45 -1.62
CA VAL C 110 -53.32 -32.42 -1.54
C VAL C 110 -52.18 -33.04 -2.34
N SER C 111 -51.61 -32.27 -3.27
CA SER C 111 -50.56 -32.81 -4.12
C SER C 111 -49.26 -32.01 -4.19
N GLU C 112 -48.18 -32.73 -4.49
CA GLU C 112 -46.85 -32.15 -4.64
C GLU C 112 -46.54 -32.06 -6.12
N LEU C 113 -46.27 -30.86 -6.58
CA LEU C 113 -45.99 -30.67 -7.97
C LEU C 113 -44.60 -30.16 -8.17
N VAL C 114 -43.85 -30.83 -9.00
CA VAL C 114 -42.50 -30.39 -9.28
C VAL C 114 -42.59 -29.51 -10.50
N VAL C 115 -42.29 -28.23 -10.30
CA VAL C 115 -42.31 -27.24 -11.36
C VAL C 115 -40.88 -27.17 -11.83
N GLY C 116 -40.65 -26.46 -12.93
CA GLY C 116 -39.29 -26.33 -13.44
C GLY C 116 -39.30 -25.96 -14.89
N PRO C 117 -38.16 -25.62 -15.51
CA PRO C 117 -36.80 -25.48 -15.00
C PRO C 117 -36.46 -24.02 -14.83
N LEU C 118 -36.33 -23.58 -13.58
CA LEU C 118 -36.02 -22.20 -13.27
C LEU C 118 -34.78 -21.70 -14.01
N PRO C 119 -34.65 -20.38 -14.17
CA PRO C 119 -35.59 -19.34 -13.72
C PRO C 119 -36.88 -19.12 -14.55
N HIS C 120 -36.98 -19.76 -15.71
CA HIS C 120 -38.16 -19.64 -16.56
C HIS C 120 -38.86 -21.01 -16.68
N PRO C 121 -39.75 -21.35 -15.71
CA PRO C 121 -40.50 -22.61 -15.66
C PRO C 121 -41.12 -23.07 -16.98
N SER C 122 -41.21 -24.39 -17.16
CA SER C 122 -41.77 -24.96 -18.39
C SER C 122 -42.70 -26.14 -18.16
N TYR C 123 -42.37 -27.00 -17.21
CA TYR C 123 -43.20 -28.18 -16.94
C TYR C 123 -43.71 -28.30 -15.51
N MET C 124 -44.42 -29.38 -15.26
CA MET C 124 -45.01 -29.64 -13.95
C MET C 124 -45.40 -31.11 -13.88
N ARG C 125 -45.09 -31.78 -12.78
CA ARG C 125 -45.46 -33.18 -12.64
C ARG C 125 -45.98 -33.49 -11.25
N ASP C 126 -47.06 -34.27 -11.19
CA ASP C 126 -47.62 -34.64 -9.92
C ASP C 126 -46.84 -35.82 -9.41
N VAL C 127 -45.98 -35.56 -8.43
CA VAL C 127 -45.17 -36.61 -7.86
C VAL C 127 -45.83 -37.23 -6.63
N THR C 128 -47.01 -36.78 -6.25
CA THR C 128 -47.68 -37.30 -5.07
C THR C 128 -47.69 -38.83 -5.00
N VAL C 129 -48.17 -39.47 -6.06
CA VAL C 129 -48.23 -40.93 -6.11
C VAL C 129 -46.83 -41.44 -6.29
N GLU C 130 -46.13 -40.82 -7.24
CA GLU C 130 -44.77 -41.18 -7.52
C GLU C 130 -44.08 -41.23 -6.16
N ARG C 131 -43.85 -40.05 -5.61
CA ARG C 131 -43.20 -39.82 -4.33
C ARG C 131 -43.72 -40.61 -3.13
N HIS C 132 -44.84 -40.18 -2.58
CA HIS C 132 -45.40 -40.86 -1.40
C HIS C 132 -46.16 -42.13 -1.74
N GLY C 133 -46.41 -42.34 -3.04
CA GLY C 133 -47.14 -43.52 -3.47
C GLY C 133 -48.58 -43.52 -3.00
N GLY C 134 -49.46 -42.95 -3.82
CA GLY C 134 -50.87 -42.88 -3.46
C GLY C 134 -51.31 -41.42 -3.36
N PRO C 135 -52.60 -41.18 -3.08
CA PRO C 135 -53.15 -39.82 -2.96
C PRO C 135 -53.02 -39.28 -1.54
N LEU C 136 -52.91 -37.97 -1.40
CA LEU C 136 -52.80 -37.44 -0.06
C LEU C 136 -54.14 -36.98 0.53
N PRO C 137 -54.69 -37.76 1.47
CA PRO C 137 -55.97 -37.42 2.10
C PRO C 137 -55.98 -35.97 2.52
N TYR C 138 -57.06 -35.29 2.19
CA TYR C 138 -57.14 -33.88 2.52
C TYR C 138 -56.93 -33.53 4.00
N HIS C 139 -57.49 -34.32 4.91
CA HIS C 139 -57.37 -34.05 6.35
C HIS C 139 -55.94 -34.05 6.89
N ARG C 140 -54.97 -34.30 6.03
CA ARG C 140 -53.57 -34.31 6.46
C ARG C 140 -52.99 -32.92 6.26
N ARG C 141 -53.63 -32.15 5.40
CA ARG C 141 -53.19 -30.81 5.11
C ARG C 141 -53.10 -29.97 6.39
N PRO C 142 -51.99 -29.26 6.60
CA PRO C 142 -51.81 -28.43 7.78
C PRO C 142 -52.92 -27.40 7.84
N VAL C 143 -53.29 -26.99 9.05
CA VAL C 143 -54.33 -25.99 9.20
C VAL C 143 -53.81 -24.61 8.78
N LEU C 144 -54.37 -24.07 7.69
CA LEU C 144 -53.98 -22.77 7.16
C LEU C 144 -54.21 -21.65 8.17
N PHE C 145 -53.41 -20.59 8.06
CA PHE C 145 -53.52 -19.42 8.93
C PHE C 145 -54.96 -18.91 8.87
N GLN C 146 -55.63 -19.21 7.76
CA GLN C 146 -57.02 -18.81 7.57
C GLN C 146 -57.91 -19.66 8.46
N GLU C 147 -57.81 -20.98 8.28
CA GLU C 147 -58.58 -21.94 9.06
C GLU C 147 -58.55 -21.57 10.54
N TYR C 148 -57.43 -20.97 10.96
CA TYR C 148 -57.27 -20.54 12.34
C TYR C 148 -58.21 -19.34 12.59
N LEU C 149 -58.25 -18.43 11.62
CA LEU C 149 -59.13 -17.28 11.75
C LEU C 149 -60.54 -17.82 11.83
N ASP C 150 -60.92 -18.61 10.82
CA ASP C 150 -62.25 -19.22 10.75
C ASP C 150 -62.66 -19.82 12.09
N ILE C 151 -61.67 -20.35 12.82
CA ILE C 151 -61.94 -20.95 14.12
C ILE C 151 -62.20 -19.89 15.20
N ASP C 152 -61.29 -18.94 15.34
CA ASP C 152 -61.48 -17.89 16.33
C ASP C 152 -62.84 -17.22 16.21
N GLN C 153 -63.29 -17.06 14.97
CA GLN C 153 -64.60 -16.47 14.74
C GLN C 153 -65.60 -17.39 15.44
N MET C 154 -65.54 -18.68 15.12
CA MET C 154 -66.43 -19.63 15.73
C MET C 154 -66.36 -19.63 17.26
N ILE C 155 -65.18 -19.41 17.80
CA ILE C 155 -65.01 -19.39 19.25
C ILE C 155 -65.59 -18.13 19.86
N PHE C 156 -64.97 -17.00 19.54
CA PHE C 156 -65.40 -15.74 20.08
C PHE C 156 -66.76 -15.32 19.62
N ASN C 157 -67.02 -15.46 18.33
CA ASN C 157 -68.29 -15.05 17.79
C ASN C 157 -69.38 -16.10 17.67
N ARG C 158 -69.40 -17.06 18.58
CA ARG C 158 -70.44 -18.10 18.53
C ARG C 158 -70.47 -18.93 19.81
N GLU C 159 -69.30 -19.11 20.39
CA GLU C 159 -69.19 -19.92 21.58
C GLU C 159 -68.89 -19.12 22.83
N LEU C 160 -67.75 -18.45 22.86
CA LEU C 160 -67.36 -17.67 24.03
C LEU C 160 -68.44 -16.85 24.68
N PRO C 161 -69.30 -16.24 23.87
CA PRO C 161 -70.37 -15.45 24.47
C PRO C 161 -71.35 -16.30 25.30
N GLN C 162 -71.53 -17.56 24.91
CA GLN C 162 -72.43 -18.49 25.63
C GLN C 162 -71.99 -18.73 27.07
N ALA C 163 -70.87 -18.12 27.44
CA ALA C 163 -70.34 -18.23 28.78
C ALA C 163 -69.92 -16.83 29.18
N SER C 164 -70.63 -15.85 28.65
CA SER C 164 -70.37 -14.45 28.94
C SER C 164 -70.35 -14.21 30.44
N GLY C 165 -71.32 -14.80 31.11
CA GLY C 165 -71.43 -14.62 32.54
C GLY C 165 -70.17 -15.08 33.22
N LEU C 166 -69.90 -16.37 33.07
CA LEU C 166 -68.73 -16.99 33.67
C LEU C 166 -67.47 -16.16 33.48
N LEU C 167 -67.23 -15.79 32.24
CA LEU C 167 -66.06 -15.01 31.85
C LEU C 167 -66.02 -13.62 32.46
N HIS C 168 -67.15 -12.94 32.43
CA HIS C 168 -67.23 -11.59 32.99
C HIS C 168 -66.81 -11.59 34.44
N HIS C 169 -66.75 -12.79 34.99
CA HIS C 169 -66.39 -12.98 36.38
C HIS C 169 -64.93 -13.38 36.56
N CYS C 170 -64.64 -14.63 36.21
CA CYS C 170 -63.30 -15.20 36.33
C CYS C 170 -62.21 -14.51 35.58
N CYS C 171 -62.56 -14.15 34.37
CA CYS C 171 -61.59 -13.67 33.43
C CYS C 171 -61.67 -12.27 32.83
N PHE C 172 -62.27 -11.33 33.57
CA PHE C 172 -62.37 -9.94 33.11
C PHE C 172 -62.93 -9.85 31.69
N TYR C 173 -63.36 -10.99 31.15
CA TYR C 173 -63.89 -11.06 29.80
C TYR C 173 -64.90 -10.01 29.42
N LYS C 174 -64.43 -8.85 29.00
CA LYS C 174 -65.38 -7.87 28.54
C LYS C 174 -65.61 -8.44 27.16
N HIS C 175 -66.88 -8.55 26.79
CA HIS C 175 -67.29 -9.06 25.49
C HIS C 175 -66.42 -8.46 24.37
N ARG C 176 -65.80 -7.30 24.64
CA ARG C 176 -64.99 -6.56 23.66
C ARG C 176 -63.47 -6.36 23.74
N GLY C 177 -62.88 -6.34 22.54
CA GLY C 177 -61.45 -6.18 22.41
C GLY C 177 -60.83 -7.58 22.43
N ARG C 178 -61.67 -8.60 22.65
CA ARG C 178 -61.18 -9.97 22.69
C ARG C 178 -59.83 -10.01 23.46
N ASN C 179 -59.90 -9.94 24.79
CA ASN C 179 -58.67 -9.96 25.60
C ASN C 179 -58.07 -11.35 25.81
N LEU C 180 -58.61 -12.35 25.10
CA LEU C 180 -58.12 -13.72 25.21
C LEU C 180 -57.65 -14.27 23.88
N VAL C 181 -56.67 -15.15 23.95
CA VAL C 181 -56.12 -15.78 22.75
C VAL C 181 -56.04 -17.29 22.96
N THR C 182 -56.36 -18.02 21.90
CA THR C 182 -56.37 -19.46 21.93
C THR C 182 -55.02 -19.96 21.47
N MET C 183 -54.82 -21.27 21.52
CA MET C 183 -53.56 -21.82 21.06
C MET C 183 -53.71 -23.26 20.65
N THR C 184 -53.49 -23.50 19.35
CA THR C 184 -53.59 -24.83 18.78
C THR C 184 -52.59 -25.82 19.35
N THR C 185 -52.94 -27.11 19.27
CA THR C 185 -52.08 -28.20 19.75
C THR C 185 -52.02 -29.23 18.61
N ALA C 186 -51.58 -30.44 18.90
CA ALA C 186 -51.50 -31.49 17.89
C ALA C 186 -51.04 -32.80 18.53
N PRO C 187 -51.37 -33.94 17.91
CA PRO C 187 -52.13 -34.08 16.67
C PRO C 187 -53.61 -33.69 16.85
N ARG C 188 -54.31 -33.56 15.72
CA ARG C 188 -55.71 -33.19 15.75
C ARG C 188 -56.57 -34.44 15.55
N GLY C 189 -57.23 -34.85 16.62
CA GLY C 189 -58.07 -36.05 16.61
C GLY C 189 -57.51 -37.15 17.50
N LEU C 190 -58.10 -38.35 17.43
CA LEU C 190 -57.64 -39.50 18.23
C LEU C 190 -57.22 -40.62 17.30
N GLN C 191 -58.05 -40.90 16.31
CA GLN C 191 -57.73 -41.94 15.34
C GLN C 191 -57.42 -41.17 14.07
N SER C 192 -56.95 -41.87 13.04
CA SER C 192 -56.64 -41.19 11.79
C SER C 192 -57.91 -40.68 11.16
N GLY C 193 -57.76 -39.70 10.27
CA GLY C 193 -58.93 -39.14 9.60
C GLY C 193 -59.62 -38.07 10.42
N ASP C 194 -58.92 -37.54 11.42
CA ASP C 194 -59.50 -36.50 12.26
C ASP C 194 -59.02 -35.11 11.99
N ARG C 195 -59.59 -34.18 12.74
CA ARG C 195 -59.23 -32.78 12.65
C ARG C 195 -60.00 -32.12 13.78
N ALA C 196 -59.71 -32.56 15.00
CA ALA C 196 -60.37 -32.02 16.18
C ALA C 196 -59.31 -31.50 17.15
N THR C 197 -58.95 -30.24 16.99
CA THR C 197 -57.93 -29.65 17.86
C THR C 197 -58.46 -29.17 19.19
N TRP C 198 -57.56 -29.18 20.16
CA TRP C 198 -57.87 -28.73 21.51
C TRP C 198 -57.20 -27.38 21.72
N PHE C 199 -57.97 -26.35 22.00
CA PHE C 199 -57.38 -25.04 22.23
C PHE C 199 -57.52 -24.51 23.64
N GLY C 200 -56.39 -24.14 24.22
CA GLY C 200 -56.44 -23.58 25.55
C GLY C 200 -56.64 -22.09 25.32
N LEU C 201 -57.16 -21.40 26.32
CA LEU C 201 -57.36 -19.97 26.18
C LEU C 201 -56.52 -19.23 27.18
N TYR C 202 -55.78 -18.24 26.69
CA TYR C 202 -54.88 -17.46 27.53
C TYR C 202 -55.09 -15.97 27.38
N TYR C 203 -54.74 -15.21 28.42
CA TYR C 203 -54.87 -13.77 28.40
C TYR C 203 -54.00 -13.25 27.26
N ASN C 204 -54.43 -12.19 26.60
CA ASN C 204 -53.65 -11.63 25.50
C ASN C 204 -52.63 -10.61 26.05
N ILE C 205 -51.65 -11.11 26.78
CA ILE C 205 -50.61 -10.24 27.35
C ILE C 205 -49.89 -9.59 26.19
N SER C 206 -49.53 -8.33 26.36
CA SER C 206 -48.84 -7.56 25.33
C SER C 206 -47.36 -7.36 25.63
N GLY C 207 -46.51 -7.83 24.71
CA GLY C 207 -45.08 -7.68 24.88
C GLY C 207 -44.47 -8.73 25.80
N ALA C 208 -45.19 -9.84 25.96
CA ALA C 208 -44.73 -10.93 26.81
C ALA C 208 -45.45 -12.20 26.42
N GLY C 209 -45.00 -13.32 27.00
CA GLY C 209 -45.62 -14.58 26.70
C GLY C 209 -46.98 -14.75 27.36
N PHE C 210 -47.94 -15.21 26.56
CA PHE C 210 -49.30 -15.44 27.03
C PHE C 210 -49.41 -16.91 27.44
N PHE C 211 -48.36 -17.66 27.12
CA PHE C 211 -48.33 -19.09 27.41
C PHE C 211 -48.27 -19.34 28.89
N LEU C 212 -47.89 -18.32 29.65
CA LEU C 212 -47.80 -18.46 31.09
C LEU C 212 -49.12 -18.18 31.74
N HIS C 213 -50.08 -17.82 30.90
CA HIS C 213 -51.38 -17.46 31.42
C HIS C 213 -52.55 -18.22 30.84
N HIS C 214 -52.72 -19.43 31.37
CA HIS C 214 -53.82 -20.29 30.98
C HIS C 214 -54.99 -19.86 31.87
N VAL C 215 -56.20 -19.81 31.32
CA VAL C 215 -57.38 -19.40 32.07
C VAL C 215 -58.23 -20.58 32.56
N GLY C 216 -57.64 -21.77 32.50
CA GLY C 216 -58.36 -22.94 32.94
C GLY C 216 -59.33 -23.46 31.90
N LEU C 217 -59.55 -22.70 30.83
CA LEU C 217 -60.47 -23.15 29.80
C LEU C 217 -59.84 -23.65 28.50
N GLU C 218 -60.08 -24.93 28.20
CA GLU C 218 -59.57 -25.51 26.97
C GLU C 218 -60.78 -25.97 26.20
N LEU C 219 -60.70 -25.91 24.87
CA LEU C 219 -61.83 -26.29 24.02
C LEU C 219 -61.48 -27.29 22.94
N LEU C 220 -62.44 -28.14 22.60
CA LEU C 220 -62.20 -29.12 21.56
C LEU C 220 -63.03 -28.81 20.34
N VAL C 221 -62.41 -28.07 19.43
CA VAL C 221 -63.03 -27.64 18.18
C VAL C 221 -62.89 -28.72 17.12
N ASN C 222 -64.02 -29.24 16.67
CA ASN C 222 -64.04 -30.25 15.63
C ASN C 222 -64.16 -29.58 14.26
N HIS C 223 -63.08 -28.94 13.84
CA HIS C 223 -63.02 -28.24 12.57
C HIS C 223 -62.67 -29.18 11.44
N LYS C 224 -63.24 -30.38 11.48
CA LYS C 224 -62.98 -31.39 10.46
C LYS C 224 -63.63 -31.15 9.11
N ALA C 225 -64.87 -30.63 9.12
CA ALA C 225 -65.62 -30.37 7.89
C ALA C 225 -65.06 -29.25 7.02
N LEU C 226 -65.50 -29.23 5.76
CA LEU C 226 -65.09 -28.22 4.77
C LEU C 226 -65.85 -26.88 4.87
N ASP C 227 -66.91 -26.86 5.68
CA ASP C 227 -67.70 -25.64 5.88
C ASP C 227 -67.73 -25.22 7.35
N PRO C 228 -67.04 -24.12 7.69
CA PRO C 228 -66.87 -23.48 8.99
C PRO C 228 -68.10 -23.46 9.94
N ALA C 229 -69.29 -23.48 9.36
CA ALA C 229 -70.51 -23.48 10.17
C ALA C 229 -70.74 -24.89 10.72
N ARG C 230 -70.36 -25.88 9.91
CA ARG C 230 -70.49 -27.28 10.29
C ARG C 230 -69.64 -27.62 11.53
N TRP C 231 -68.56 -26.87 11.75
CA TRP C 231 -67.69 -27.14 12.90
C TRP C 231 -68.39 -27.02 14.22
N THR C 232 -67.88 -27.74 15.22
CA THR C 232 -68.47 -27.74 16.55
C THR C 232 -67.48 -28.00 17.67
N ILE C 233 -67.93 -27.72 18.90
CA ILE C 233 -67.11 -27.94 20.07
C ILE C 233 -67.61 -29.25 20.65
N GLN C 234 -66.85 -30.33 20.47
CA GLN C 234 -67.26 -31.62 20.98
C GLN C 234 -67.16 -31.74 22.49
N LYS C 235 -66.17 -31.10 23.09
CA LYS C 235 -66.03 -31.14 24.54
C LYS C 235 -65.36 -29.85 24.99
N VAL C 236 -65.57 -29.51 26.25
CA VAL C 236 -64.98 -28.31 26.80
C VAL C 236 -64.42 -28.70 28.14
N PHE C 237 -63.36 -28.02 28.54
CA PHE C 237 -62.68 -28.28 29.78
C PHE C 237 -62.46 -26.97 30.51
N TYR C 238 -63.05 -26.84 31.68
CA TYR C 238 -62.86 -25.62 32.44
C TYR C 238 -62.45 -25.86 33.89
N GLN C 239 -61.33 -25.22 34.27
CA GLN C 239 -60.74 -25.30 35.61
C GLN C 239 -60.97 -26.62 36.35
N GLY C 240 -60.63 -27.73 35.70
CA GLY C 240 -60.76 -29.03 36.32
C GLY C 240 -61.77 -30.02 35.77
N ARG C 241 -62.99 -29.54 35.46
CA ARG C 241 -64.03 -30.42 34.96
C ARG C 241 -64.28 -30.40 33.45
N TYR C 242 -64.91 -31.46 32.97
CA TYR C 242 -65.27 -31.59 31.57
C TYR C 242 -66.73 -31.17 31.45
N TYR C 243 -67.05 -30.47 30.37
CA TYR C 243 -68.42 -30.09 30.15
C TYR C 243 -68.76 -30.46 28.72
N ASP C 244 -70.04 -30.48 28.39
CA ASP C 244 -70.47 -30.86 27.04
C ASP C 244 -70.61 -29.69 26.09
N SER C 245 -70.89 -28.51 26.65
CA SER C 245 -71.06 -27.27 25.88
C SER C 245 -70.70 -26.04 26.71
N LEU C 246 -70.52 -24.92 26.03
CA LEU C 246 -70.21 -23.68 26.71
C LEU C 246 -71.42 -23.26 27.53
N ALA C 247 -72.58 -23.56 26.99
CA ALA C 247 -73.84 -23.25 27.65
C ALA C 247 -73.89 -23.98 28.99
N GLN C 248 -73.80 -25.31 28.94
CA GLN C 248 -73.82 -26.15 30.13
C GLN C 248 -72.89 -25.63 31.23
N LEU C 249 -71.77 -25.06 30.83
CA LEU C 249 -70.81 -24.49 31.77
C LEU C 249 -71.39 -23.21 32.34
N GLU C 250 -71.73 -22.27 31.45
CA GLU C 250 -72.29 -21.00 31.88
C GLU C 250 -73.52 -21.28 32.75
N ALA C 251 -74.25 -22.35 32.42
CA ALA C 251 -75.46 -22.74 33.16
C ALA C 251 -75.13 -23.15 34.60
N GLN C 252 -74.15 -24.03 34.75
CA GLN C 252 -73.77 -24.47 36.07
C GLN C 252 -73.06 -23.36 36.84
N PHE C 253 -72.46 -22.41 36.12
CA PHE C 253 -71.80 -21.29 36.78
C PHE C 253 -72.90 -20.40 37.39
N GLU C 254 -73.94 -20.16 36.61
CA GLU C 254 -75.06 -19.33 37.05
C GLU C 254 -75.86 -20.08 38.08
N ALA C 255 -75.89 -21.40 37.96
CA ALA C 255 -76.61 -22.26 38.90
C ALA C 255 -75.92 -22.24 40.26
N GLY C 256 -74.59 -22.13 40.22
CA GLY C 256 -73.77 -22.08 41.43
C GLY C 256 -72.91 -23.30 41.72
N LEU C 257 -72.58 -24.10 40.72
CA LEU C 257 -71.79 -25.30 40.94
C LEU C 257 -70.43 -25.28 40.24
N VAL C 258 -69.89 -24.10 39.98
CA VAL C 258 -68.58 -23.98 39.33
C VAL C 258 -67.74 -22.97 40.10
N ASN C 259 -67.01 -23.45 41.12
CA ASN C 259 -66.19 -22.58 41.95
C ASN C 259 -64.98 -22.05 41.18
N VAL C 260 -65.13 -20.84 40.66
CA VAL C 260 -64.11 -20.19 39.87
C VAL C 260 -62.92 -19.63 40.66
N VAL C 261 -61.74 -19.84 40.11
CA VAL C 261 -60.49 -19.36 40.67
C VAL C 261 -60.10 -18.24 39.73
N LEU C 262 -60.14 -17.01 40.24
CA LEU C 262 -59.84 -15.84 39.42
C LEU C 262 -58.36 -15.70 39.08
N ILE C 263 -58.05 -15.75 37.78
CA ILE C 263 -56.67 -15.63 37.31
C ILE C 263 -56.31 -14.14 37.13
N PRO C 264 -55.33 -13.65 37.90
CA PRO C 264 -54.92 -12.25 37.80
C PRO C 264 -54.49 -11.95 36.37
N ASP C 265 -55.01 -10.86 35.79
CA ASP C 265 -54.69 -10.52 34.41
C ASP C 265 -53.42 -9.69 34.28
N ASN C 266 -52.83 -9.33 35.41
CA ASN C 266 -51.60 -8.54 35.40
C ASN C 266 -50.79 -8.92 36.64
N GLY C 267 -49.66 -8.25 36.81
CA GLY C 267 -48.78 -8.51 37.94
C GLY C 267 -47.38 -8.25 37.42
N THR C 268 -46.37 -8.54 38.25
CA THR C 268 -45.02 -8.30 37.80
C THR C 268 -44.07 -9.48 38.04
N GLY C 269 -42.86 -9.34 37.52
CA GLY C 269 -41.88 -10.41 37.65
C GLY C 269 -41.68 -10.99 36.27
N GLY C 270 -40.91 -12.07 36.20
CA GLY C 270 -40.66 -12.69 34.92
C GLY C 270 -41.89 -13.33 34.30
N SER C 271 -42.88 -13.62 35.13
CA SER C 271 -44.13 -14.23 34.67
C SER C 271 -45.01 -13.25 33.88
N TRP C 272 -44.71 -11.96 34.01
CA TRP C 272 -45.46 -10.92 33.32
C TRP C 272 -44.61 -10.09 32.37
N SER C 273 -43.40 -9.75 32.78
CA SER C 273 -42.51 -8.95 31.93
C SER C 273 -41.50 -9.82 31.23
N LEU C 274 -40.69 -9.20 30.39
CA LEU C 274 -39.63 -9.89 29.66
C LEU C 274 -38.46 -8.93 29.72
N LYS C 275 -38.79 -7.67 29.97
CA LYS C 275 -37.79 -6.63 30.05
C LYS C 275 -37.21 -6.49 31.43
N SER C 276 -35.89 -6.65 31.50
CA SER C 276 -35.18 -6.55 32.76
C SER C 276 -35.48 -5.20 33.42
N PRO C 277 -35.66 -5.21 34.76
CA PRO C 277 -35.94 -3.98 35.52
C PRO C 277 -34.62 -3.25 35.76
N VAL C 278 -33.58 -4.03 36.05
CA VAL C 278 -32.25 -3.50 36.32
C VAL C 278 -31.58 -2.88 35.08
N PRO C 279 -31.24 -1.59 35.14
CA PRO C 279 -30.60 -0.88 34.03
C PRO C 279 -29.27 -1.46 33.54
N PRO C 280 -28.83 -1.06 32.34
CA PRO C 280 -27.58 -1.52 31.74
C PRO C 280 -26.39 -1.14 32.59
N GLY C 281 -25.51 -2.10 32.86
CA GLY C 281 -24.33 -1.83 33.66
C GLY C 281 -23.11 -1.97 32.77
N PRO C 282 -21.89 -1.92 33.35
CA PRO C 282 -20.66 -2.05 32.56
C PRO C 282 -20.92 -2.97 31.38
N ALA C 283 -20.43 -2.61 30.20
CA ALA C 283 -20.67 -3.43 29.02
C ALA C 283 -19.95 -4.77 29.02
N PRO C 284 -20.62 -5.82 28.54
CA PRO C 284 -20.09 -7.18 28.47
C PRO C 284 -19.01 -7.27 27.40
N PRO C 285 -18.07 -8.20 27.57
CA PRO C 285 -16.99 -8.37 26.62
C PRO C 285 -17.54 -8.68 25.24
N LEU C 286 -16.71 -8.50 24.23
CA LEU C 286 -17.14 -8.79 22.87
C LEU C 286 -15.95 -8.92 21.93
N GLN C 287 -16.12 -9.77 20.92
CA GLN C 287 -15.06 -10.01 19.95
C GLN C 287 -15.12 -8.99 18.87
N PHE C 288 -14.29 -9.20 17.84
CA PHE C 288 -14.20 -8.33 16.69
C PHE C 288 -13.02 -8.84 15.90
N TYR C 289 -13.11 -8.76 14.58
CA TYR C 289 -12.01 -9.23 13.77
C TYR C 289 -11.07 -8.04 13.56
N PRO C 290 -9.88 -8.11 14.18
CA PRO C 290 -8.80 -7.13 14.16
C PRO C 290 -8.40 -6.65 12.77
N GLN C 291 -8.39 -7.60 11.83
CA GLN C 291 -8.02 -7.32 10.45
C GLN C 291 -9.18 -7.77 9.56
N GLY C 292 -10.39 -7.69 10.07
CA GLY C 292 -11.55 -8.12 9.30
C GLY C 292 -11.80 -9.62 9.38
N PRO C 293 -12.89 -10.10 8.78
CA PRO C 293 -13.28 -11.51 8.78
C PRO C 293 -12.46 -12.38 7.84
N ARG C 294 -12.18 -13.59 8.25
CA ARG C 294 -11.40 -14.51 7.44
C ARG C 294 -12.29 -15.44 6.64
N PHE C 295 -13.50 -15.00 6.34
CA PHE C 295 -14.42 -15.85 5.59
C PHE C 295 -15.41 -14.99 4.81
N SER C 296 -15.72 -15.45 3.60
CA SER C 296 -16.65 -14.74 2.73
C SER C 296 -17.95 -15.50 2.60
N VAL C 297 -19.00 -14.75 2.30
CA VAL C 297 -20.35 -15.32 2.13
C VAL C 297 -20.94 -14.78 0.84
N GLN C 298 -21.11 -15.64 -0.14
CA GLN C 298 -21.70 -15.24 -1.42
C GLN C 298 -22.89 -16.15 -1.69
N GLY C 299 -24.09 -15.61 -1.50
CA GLY C 299 -25.27 -16.41 -1.72
C GLY C 299 -25.45 -17.38 -0.58
N SER C 300 -25.50 -18.66 -0.90
CA SER C 300 -25.67 -19.68 0.12
C SER C 300 -24.35 -20.41 0.42
N ARG C 301 -23.26 -19.97 -0.20
CA ARG C 301 -21.97 -20.59 0.05
C ARG C 301 -21.02 -19.71 0.87
N VAL C 302 -20.47 -20.31 1.92
CA VAL C 302 -19.53 -19.63 2.79
C VAL C 302 -18.19 -20.27 2.43
N ALA C 303 -17.11 -19.56 2.73
CA ALA C 303 -15.77 -20.08 2.46
C ALA C 303 -14.68 -19.36 3.27
N SER C 304 -13.77 -20.14 3.85
CA SER C 304 -12.67 -19.59 4.63
C SER C 304 -11.43 -20.41 4.31
N SER C 305 -10.32 -20.07 4.93
CA SER C 305 -9.10 -20.80 4.69
C SER C 305 -9.33 -22.31 4.84
N LEU C 306 -10.01 -22.69 5.92
CA LEU C 306 -10.29 -24.08 6.21
C LEU C 306 -11.53 -24.67 5.58
N TRP C 307 -12.67 -24.03 5.78
CA TRP C 307 -13.93 -24.56 5.27
C TRP C 307 -14.58 -23.96 4.02
N THR C 308 -15.46 -24.76 3.43
CA THR C 308 -16.22 -24.45 2.23
C THR C 308 -17.53 -25.24 2.29
N PHE C 309 -18.65 -24.58 2.01
CA PHE C 309 -19.93 -25.27 2.06
C PHE C 309 -21.07 -24.38 1.61
N SER C 310 -22.26 -24.99 1.53
CA SER C 310 -23.48 -24.31 1.10
C SER C 310 -24.54 -24.55 2.18
N PHE C 311 -25.23 -23.49 2.57
CA PHE C 311 -26.27 -23.58 3.59
C PHE C 311 -27.66 -23.24 3.05
N GLY C 312 -28.67 -23.42 3.87
CA GLY C 312 -30.02 -23.14 3.44
C GLY C 312 -31.02 -23.48 4.53
N LEU C 313 -32.30 -23.42 4.17
CA LEU C 313 -33.36 -23.67 5.11
C LEU C 313 -34.56 -24.29 4.44
N GLY C 314 -34.98 -25.46 4.92
CA GLY C 314 -36.16 -26.10 4.35
C GLY C 314 -37.33 -25.46 5.05
N ALA C 315 -38.47 -25.34 4.36
CA ALA C 315 -39.65 -24.73 4.94
C ALA C 315 -40.14 -25.47 6.19
N PHE C 316 -40.19 -26.80 6.10
CA PHE C 316 -40.63 -27.64 7.23
C PHE C 316 -39.45 -28.41 7.82
N SER C 317 -38.49 -28.71 6.95
CA SER C 317 -37.27 -29.42 7.30
C SER C 317 -36.38 -28.59 8.22
N GLY C 318 -36.18 -27.33 7.88
CA GLY C 318 -35.33 -26.47 8.69
C GLY C 318 -33.93 -26.29 8.11
N PRO C 319 -32.95 -25.96 8.96
CA PRO C 319 -31.55 -25.74 8.55
C PRO C 319 -30.88 -26.92 7.84
N ARG C 320 -30.14 -26.61 6.78
CA ARG C 320 -29.44 -27.64 6.03
C ARG C 320 -28.13 -27.11 5.45
N ILE C 321 -27.16 -28.00 5.28
CA ILE C 321 -25.86 -27.65 4.74
C ILE C 321 -25.39 -28.69 3.74
N PHE C 322 -24.82 -28.22 2.64
CA PHE C 322 -24.32 -29.10 1.60
C PHE C 322 -22.90 -28.82 1.17
N ASP C 323 -22.31 -29.83 0.54
CA ASP C 323 -20.97 -29.73 0.01
C ASP C 323 -19.99 -29.11 0.99
N VAL C 324 -19.70 -29.84 2.06
CA VAL C 324 -18.76 -29.35 3.06
C VAL C 324 -17.37 -29.85 2.65
N ARG C 325 -16.46 -28.91 2.48
CA ARG C 325 -15.10 -29.23 2.05
C ARG C 325 -14.04 -28.66 2.99
N PHE C 326 -13.24 -29.53 3.60
CA PHE C 326 -12.17 -29.07 4.48
C PHE C 326 -10.94 -29.03 3.59
N GLN C 327 -10.55 -27.83 3.19
CA GLN C 327 -9.40 -27.63 2.32
C GLN C 327 -9.63 -28.35 1.00
N GLY C 328 -10.84 -28.23 0.47
CA GLY C 328 -11.14 -28.85 -0.79
C GLY C 328 -11.71 -30.25 -0.78
N GLU C 329 -11.67 -30.95 0.35
CA GLU C 329 -12.23 -32.29 0.38
C GLU C 329 -13.62 -32.34 0.99
N ARG C 330 -14.55 -32.95 0.28
CA ARG C 330 -15.92 -33.06 0.76
C ARG C 330 -16.05 -34.19 1.75
N LEU C 331 -16.55 -33.83 2.91
CA LEU C 331 -16.75 -34.75 4.01
C LEU C 331 -18.20 -35.21 3.99
N VAL C 332 -19.09 -34.26 3.76
CA VAL C 332 -20.51 -34.56 3.72
C VAL C 332 -21.14 -34.01 2.46
N TYR C 333 -22.13 -34.73 1.97
CA TYR C 333 -22.82 -34.23 0.81
C TYR C 333 -23.85 -33.29 1.39
N GLU C 334 -24.39 -33.69 2.54
CA GLU C 334 -25.41 -32.90 3.22
C GLU C 334 -25.61 -33.26 4.68
N ILE C 335 -26.00 -32.25 5.45
CA ILE C 335 -26.32 -32.41 6.84
C ILE C 335 -27.46 -31.45 7.02
N SER C 336 -28.61 -32.00 7.36
CA SER C 336 -29.80 -31.19 7.51
C SER C 336 -30.65 -31.66 8.66
N LEU C 337 -31.52 -30.77 9.09
CA LEU C 337 -32.46 -31.07 10.14
C LEU C 337 -33.49 -31.85 9.34
N GLN C 338 -34.31 -32.64 9.98
CA GLN C 338 -35.28 -33.43 9.25
C GLN C 338 -36.63 -33.31 9.88
N GLU C 339 -36.61 -33.13 11.19
CA GLU C 339 -37.84 -33.05 11.94
C GLU C 339 -37.57 -32.62 13.37
N ALA C 340 -38.63 -32.24 14.07
CA ALA C 340 -38.54 -31.84 15.46
C ALA C 340 -39.79 -32.37 16.13
N LEU C 341 -39.67 -32.72 17.40
CA LEU C 341 -40.80 -33.26 18.13
C LEU C 341 -40.79 -32.79 19.57
N ALA C 342 -41.96 -32.80 20.19
CA ALA C 342 -42.08 -32.39 21.57
C ALA C 342 -43.27 -33.14 22.08
N ILE C 343 -43.04 -34.14 22.93
CA ILE C 343 -44.16 -34.92 23.47
C ILE C 343 -44.50 -34.52 24.90
N TYR C 344 -45.73 -34.04 25.09
CA TYR C 344 -46.19 -33.57 26.41
C TYR C 344 -46.99 -34.56 27.26
N GLY C 345 -47.30 -34.11 28.47
CA GLY C 345 -48.06 -34.89 29.42
C GLY C 345 -48.70 -33.87 30.34
N GLY C 346 -49.80 -34.22 31.00
CA GLY C 346 -50.44 -33.24 31.87
C GLY C 346 -51.87 -33.56 32.25
N ASN C 347 -52.40 -32.81 33.22
CA ASN C 347 -53.75 -33.01 33.71
C ASN C 347 -54.79 -32.32 32.84
N SER C 348 -54.32 -31.51 31.89
CA SER C 348 -55.22 -30.79 31.00
C SER C 348 -55.30 -31.58 29.72
N PRO C 349 -56.51 -31.72 29.14
CA PRO C 349 -56.77 -32.46 27.89
C PRO C 349 -55.81 -32.09 26.77
N ALA C 350 -55.67 -30.80 26.52
CA ALA C 350 -54.77 -30.32 25.48
C ALA C 350 -53.36 -30.81 25.78
N ALA C 351 -52.84 -30.41 26.94
CA ALA C 351 -51.51 -30.82 27.39
C ALA C 351 -51.42 -32.33 27.24
N MET C 352 -52.22 -32.97 28.08
CA MET C 352 -52.35 -34.41 28.19
C MET C 352 -52.19 -35.22 26.91
N THR C 353 -52.31 -34.58 25.76
CA THR C 353 -52.20 -35.30 24.49
C THR C 353 -51.49 -34.58 23.37
N THR C 354 -50.59 -33.67 23.72
CA THR C 354 -49.87 -32.92 22.71
C THR C 354 -48.57 -33.57 22.26
N ARG C 355 -48.53 -33.98 20.99
CA ARG C 355 -47.36 -34.60 20.39
C ARG C 355 -46.98 -33.83 19.13
N TYR C 356 -46.31 -32.70 19.31
CA TYR C 356 -45.88 -31.83 18.22
C TYR C 356 -44.84 -32.38 17.25
N VAL C 357 -45.20 -32.56 16.00
CA VAL C 357 -44.22 -33.01 15.01
C VAL C 357 -44.02 -31.70 14.24
N ASP C 358 -43.35 -30.78 14.91
CA ASP C 358 -43.09 -29.44 14.39
C ASP C 358 -42.78 -29.27 12.91
N GLY C 359 -42.44 -30.36 12.23
CA GLY C 359 -42.18 -30.28 10.81
C GLY C 359 -43.50 -30.04 10.08
N GLY C 360 -44.60 -30.33 10.77
CA GLY C 360 -45.93 -30.11 10.21
C GLY C 360 -46.25 -28.61 10.20
N PHE C 361 -45.45 -27.84 10.92
CA PHE C 361 -45.59 -26.39 10.99
C PHE C 361 -44.54 -25.73 10.10
N GLY C 362 -43.29 -26.13 10.26
CA GLY C 362 -42.23 -25.59 9.43
C GLY C 362 -41.13 -24.87 10.17
N MET C 363 -39.98 -25.52 10.33
CA MET C 363 -38.84 -24.91 11.02
C MET C 363 -38.31 -23.77 10.18
N GLY C 364 -38.29 -23.99 8.86
CA GLY C 364 -37.84 -22.93 7.99
C GLY C 364 -38.89 -21.86 8.13
N LYS C 365 -40.13 -22.25 7.85
CA LYS C 365 -41.29 -21.38 7.91
C LYS C 365 -41.35 -20.49 9.17
N TYR C 366 -41.12 -21.09 10.33
CA TYR C 366 -41.16 -20.33 11.57
C TYR C 366 -39.84 -19.72 11.99
N THR C 367 -38.90 -19.60 11.04
CA THR C 367 -37.61 -19.02 11.38
C THR C 367 -37.82 -17.54 11.63
N THR C 368 -37.52 -17.09 12.83
CA THR C 368 -37.66 -15.69 13.16
C THR C 368 -36.33 -14.97 12.87
N PRO C 369 -36.38 -13.64 12.70
CA PRO C 369 -35.19 -12.82 12.42
C PRO C 369 -34.19 -12.83 13.56
N LEU C 370 -32.90 -12.77 13.23
CA LEU C 370 -31.87 -12.76 14.26
C LEU C 370 -31.54 -11.37 14.77
N THR C 371 -31.56 -11.23 16.09
CA THR C 371 -31.26 -9.97 16.79
C THR C 371 -29.75 -9.85 16.97
N ARG C 372 -29.12 -9.07 16.10
CA ARG C 372 -27.68 -8.85 16.11
C ARG C 372 -27.14 -8.38 17.46
N GLY C 373 -26.20 -9.13 18.01
CA GLY C 373 -25.62 -8.76 19.29
C GLY C 373 -26.16 -9.60 20.44
N VAL C 374 -27.16 -10.43 20.12
CA VAL C 374 -27.80 -11.31 21.10
C VAL C 374 -27.82 -12.71 20.51
N ASP C 375 -28.66 -12.89 19.50
CA ASP C 375 -28.79 -14.17 18.80
C ASP C 375 -27.45 -14.57 18.18
N CYS C 376 -26.65 -13.58 17.80
CA CYS C 376 -25.33 -13.81 17.21
C CYS C 376 -24.48 -12.61 17.58
N PRO C 377 -23.17 -12.71 17.37
CA PRO C 377 -22.29 -11.59 17.69
C PRO C 377 -22.65 -10.38 16.83
N TYR C 378 -22.33 -9.19 17.32
CA TYR C 378 -22.60 -7.99 16.55
C TYR C 378 -21.88 -8.17 15.23
N LEU C 379 -20.57 -8.38 15.32
CA LEU C 379 -19.75 -8.55 14.14
C LEU C 379 -19.92 -9.94 13.52
N ALA C 380 -21.08 -10.18 12.94
CA ALA C 380 -21.34 -11.44 12.26
C ALA C 380 -21.88 -11.05 10.89
N THR C 381 -21.93 -11.98 9.95
CA THR C 381 -22.48 -11.66 8.63
C THR C 381 -23.95 -12.12 8.69
N TYR C 382 -24.89 -11.22 8.42
CA TYR C 382 -26.29 -11.60 8.47
C TYR C 382 -26.91 -11.79 7.11
N VAL C 383 -27.67 -12.87 6.97
CA VAL C 383 -28.31 -13.21 5.71
C VAL C 383 -29.83 -13.24 5.78
N ASP C 384 -30.47 -13.08 4.61
CA ASP C 384 -31.93 -13.09 4.52
C ASP C 384 -32.43 -14.39 3.94
N TRP C 385 -33.75 -14.53 3.87
CA TRP C 385 -34.36 -15.75 3.34
C TRP C 385 -35.70 -15.42 2.70
N HIS C 386 -35.87 -15.88 1.46
CA HIS C 386 -37.10 -15.63 0.71
C HIS C 386 -37.98 -16.87 0.74
N PHE C 387 -39.30 -16.67 0.70
CA PHE C 387 -40.23 -17.80 0.76
C PHE C 387 -41.64 -17.52 0.25
N LEU C 388 -42.23 -18.56 -0.35
CA LEU C 388 -43.58 -18.45 -0.86
C LEU C 388 -44.39 -19.49 -0.12
N LEU C 389 -44.90 -19.09 1.03
CA LEU C 389 -45.68 -19.96 1.86
C LEU C 389 -47.01 -19.32 2.16
N GLU C 390 -48.05 -20.15 2.17
CA GLU C 390 -49.41 -19.70 2.42
C GLU C 390 -49.69 -18.31 1.83
N SER C 391 -49.03 -18.00 0.73
CA SER C 391 -49.21 -16.70 0.07
C SER C 391 -49.11 -16.88 -1.45
N GLN C 392 -49.21 -15.78 -2.17
CA GLN C 392 -49.10 -15.79 -3.61
C GLN C 392 -47.93 -14.88 -3.96
N ALA C 393 -47.46 -14.18 -2.94
CA ALA C 393 -46.33 -13.28 -3.10
C ALA C 393 -45.26 -13.70 -2.11
N PRO C 394 -44.03 -13.90 -2.60
CA PRO C 394 -42.93 -14.31 -1.73
C PRO C 394 -42.46 -13.14 -0.87
N LYS C 395 -42.20 -13.42 0.40
CA LYS C 395 -41.75 -12.41 1.36
C LYS C 395 -40.35 -12.77 1.84
N THR C 396 -39.70 -11.87 2.56
CA THR C 396 -38.34 -12.12 3.04
C THR C 396 -38.18 -11.98 4.57
N ILE C 397 -37.30 -12.81 5.14
CA ILE C 397 -37.02 -12.75 6.58
C ILE C 397 -35.59 -12.26 6.72
N ARG C 398 -35.44 -11.06 7.29
CA ARG C 398 -34.11 -10.49 7.46
C ARG C 398 -33.28 -11.18 8.48
N ASP C 399 -32.00 -11.31 8.18
CA ASP C 399 -31.10 -11.92 9.12
C ASP C 399 -31.67 -13.22 9.66
N ALA C 400 -32.05 -14.10 8.75
CA ALA C 400 -32.58 -15.38 9.14
C ALA C 400 -31.35 -16.16 9.60
N PHE C 401 -30.29 -16.13 8.79
CA PHE C 401 -29.04 -16.81 9.11
C PHE C 401 -28.00 -15.79 9.54
N CYS C 402 -27.04 -16.27 10.31
CA CYS C 402 -25.93 -15.43 10.75
C CYS C 402 -24.71 -16.33 10.77
N VAL C 403 -23.65 -15.86 10.14
CA VAL C 403 -22.41 -16.60 10.05
C VAL C 403 -21.33 -15.75 10.66
N PHE C 404 -20.45 -16.38 11.42
CA PHE C 404 -19.38 -15.63 12.06
C PHE C 404 -18.25 -16.54 12.49
N GLU C 405 -17.25 -15.97 13.13
CA GLU C 405 -16.12 -16.72 13.59
C GLU C 405 -16.03 -16.43 15.07
N GLN C 406 -15.77 -17.45 15.87
CA GLN C 406 -15.72 -17.25 17.31
C GLN C 406 -14.49 -17.75 18.04
N ASN C 407 -13.68 -16.82 18.54
CA ASN C 407 -12.54 -17.23 19.30
C ASN C 407 -13.21 -17.89 20.51
N GLN C 408 -12.97 -19.18 20.69
CA GLN C 408 -13.57 -19.91 21.80
C GLN C 408 -13.03 -19.53 23.18
N GLY C 409 -11.81 -19.00 23.21
CA GLY C 409 -11.20 -18.62 24.48
C GLY C 409 -10.71 -19.84 25.24
N LEU C 410 -10.45 -20.90 24.50
CA LEU C 410 -9.99 -22.19 25.01
C LEU C 410 -9.05 -22.74 23.94
N PRO C 411 -7.91 -23.31 24.35
CA PRO C 411 -6.98 -23.84 23.34
C PRO C 411 -7.49 -25.09 22.63
N LEU C 412 -7.06 -25.28 21.39
CA LEU C 412 -7.45 -26.43 20.58
C LEU C 412 -6.52 -27.60 20.90
N ARG C 413 -5.22 -27.30 20.87
CA ARG C 413 -4.14 -28.23 21.18
C ARG C 413 -3.18 -27.39 22.03
N ARG C 414 -2.41 -28.00 22.92
CA ARG C 414 -1.54 -27.20 23.78
C ARG C 414 -0.60 -27.97 24.72
N HIS C 415 0.70 -27.77 24.55
CA HIS C 415 1.68 -28.44 25.40
C HIS C 415 2.76 -27.47 25.87
N HIS C 416 2.98 -27.48 27.17
CA HIS C 416 3.99 -26.64 27.81
C HIS C 416 5.00 -27.60 28.42
N SER C 417 6.23 -27.60 27.91
CA SER C 417 7.26 -28.49 28.42
C SER C 417 8.27 -27.86 29.37
N ASP C 418 8.44 -28.49 30.53
CA ASP C 418 9.38 -28.05 31.56
C ASP C 418 10.31 -29.22 31.92
N LEU C 419 10.11 -30.34 31.22
CA LEU C 419 10.87 -31.58 31.41
C LEU C 419 11.82 -31.76 30.22
N TYR C 420 13.12 -31.82 30.51
CA TYR C 420 14.14 -32.01 29.48
C TYR C 420 14.31 -30.79 28.55
N SER C 421 13.40 -30.65 27.58
CA SER C 421 13.44 -29.52 26.65
C SER C 421 12.22 -28.61 26.97
N HIS C 422 12.49 -27.36 27.40
CA HIS C 422 11.42 -26.41 27.73
C HIS C 422 10.89 -25.61 26.53
N TYR C 423 9.90 -26.16 25.82
CA TYR C 423 9.31 -25.50 24.67
C TYR C 423 7.84 -25.39 24.94
N PHE C 424 7.13 -24.71 24.04
CA PHE C 424 5.67 -24.55 24.16
C PHE C 424 5.04 -24.38 22.80
N GLY C 425 3.94 -25.10 22.60
CA GLY C 425 3.22 -25.01 21.34
C GLY C 425 1.74 -25.10 21.62
N GLY C 426 1.00 -24.12 21.16
CA GLY C 426 -0.42 -24.12 21.38
C GLY C 426 -1.20 -23.50 20.24
N LEU C 427 -2.49 -23.34 20.46
CA LEU C 427 -3.36 -22.73 19.47
C LEU C 427 -4.74 -22.57 20.07
N ALA C 428 -5.05 -21.38 20.62
CA ALA C 428 -6.37 -21.18 21.20
C ALA C 428 -7.34 -21.33 20.01
N GLU C 429 -8.42 -22.08 20.21
CA GLU C 429 -9.38 -22.35 19.16
C GLU C 429 -10.34 -21.24 18.79
N THR C 430 -10.52 -21.12 17.48
CA THR C 430 -11.41 -20.15 16.87
C THR C 430 -12.28 -21.00 15.98
N VAL C 431 -13.60 -20.86 16.09
CA VAL C 431 -14.51 -21.64 15.26
C VAL C 431 -15.38 -20.80 14.34
N LEU C 432 -15.94 -21.48 13.35
CA LEU C 432 -16.80 -20.84 12.37
C LEU C 432 -18.20 -21.36 12.67
N VAL C 433 -19.19 -20.47 12.64
CA VAL C 433 -20.56 -20.87 12.95
C VAL C 433 -21.60 -20.42 11.95
N VAL C 434 -22.66 -21.23 11.82
CA VAL C 434 -23.78 -20.93 10.94
C VAL C 434 -24.98 -21.18 11.87
N ARG C 435 -25.78 -20.14 12.09
CA ARG C 435 -26.93 -20.22 12.99
C ARG C 435 -28.21 -19.64 12.44
N SER C 436 -29.31 -20.25 12.87
CA SER C 436 -30.66 -19.86 12.46
C SER C 436 -31.53 -20.14 13.67
N MET C 437 -32.67 -19.46 13.77
CA MET C 437 -33.59 -19.67 14.89
C MET C 437 -35.05 -19.76 14.46
N SER C 438 -35.70 -20.85 14.84
CA SER C 438 -37.11 -21.06 14.50
C SER C 438 -37.94 -20.89 15.76
N THR C 439 -39.07 -20.21 15.63
CA THR C 439 -39.92 -19.99 16.77
C THR C 439 -41.31 -20.57 16.52
N LEU C 440 -41.50 -21.80 16.99
CA LEU C 440 -42.78 -22.49 16.87
C LEU C 440 -43.57 -22.12 18.10
N LEU C 441 -44.48 -21.17 17.92
CA LEU C 441 -45.30 -20.68 19.01
C LEU C 441 -44.48 -20.32 20.25
N ASN C 442 -44.42 -21.24 21.21
CA ASN C 442 -43.71 -21.00 22.47
C ASN C 442 -42.18 -21.01 22.50
N PAQ C 443 -41.50 -22.10 22.11
CA PAQ C 443 -40.00 -22.07 22.19
CB PAQ C 443 -39.42 -23.40 22.67
CG PAQ C 443 -40.29 -24.57 22.30
CD1 PAQ C 443 -40.63 -25.61 23.32
O2 PAQ C 443 -40.07 -25.63 24.44
CD2 PAQ C 443 -40.87 -24.65 21.04
CE1 PAQ C 443 -41.58 -26.58 22.99
CE2 PAQ C 443 -41.82 -25.64 20.77
CZ PAQ C 443 -42.16 -26.59 21.73
OH PAQ C 443 -43.11 -27.53 21.45
N1 PAQ C 443 -42.36 -25.65 19.52
N2 PAQ C 443 -43.25 -26.55 19.17
C1 PAQ C 443 -44.50 -26.13 18.86
C2 PAQ C 443 -45.32 -25.62 19.85
C3 PAQ C 443 -46.60 -25.18 19.51
C4 PAQ C 443 -47.02 -25.26 18.18
C5 PAQ C 443 -46.15 -25.78 17.23
N3 PAQ C 443 -44.93 -26.20 17.59
C PAQ C 443 -39.40 -21.73 20.86
O PAQ C 443 -40.05 -21.91 19.84
N ASP C 444 -38.16 -21.25 20.92
CA ASP C 444 -37.41 -20.90 19.75
C ASP C 444 -36.29 -21.90 19.78
N TYR C 445 -36.06 -22.56 18.66
CA TYR C 445 -34.98 -23.52 18.57
C TYR C 445 -33.76 -22.82 17.98
N VAL C 446 -32.60 -23.04 18.60
CA VAL C 446 -31.36 -22.45 18.11
C VAL C 446 -30.60 -23.55 17.40
N TRP C 447 -30.45 -23.40 16.08
CA TRP C 447 -29.74 -24.40 15.28
C TRP C 447 -28.33 -23.95 15.02
N ASP C 448 -27.40 -24.73 15.54
CA ASP C 448 -25.98 -24.47 15.41
C ASP C 448 -25.30 -25.48 14.54
N THR C 449 -24.25 -25.03 13.91
CA THR C 449 -23.46 -25.93 13.11
C THR C 449 -22.12 -25.24 13.14
N VAL C 450 -21.21 -25.85 13.88
CA VAL C 450 -19.89 -25.31 14.06
C VAL C 450 -18.78 -26.13 13.39
N PHE C 451 -17.94 -25.44 12.63
CA PHE C 451 -16.82 -26.05 11.93
C PHE C 451 -15.57 -25.67 12.72
N HIS C 452 -14.84 -26.68 13.16
CA HIS C 452 -13.65 -26.47 13.95
C HIS C 452 -12.40 -26.58 13.10
N PRO C 453 -11.32 -25.89 13.51
CA PRO C 453 -10.04 -25.90 12.80
C PRO C 453 -9.39 -27.28 12.70
N SER C 454 -10.03 -28.27 13.33
CA SER C 454 -9.55 -29.66 13.36
C SER C 454 -10.16 -30.54 12.28
N GLY C 455 -11.28 -30.11 11.71
CA GLY C 455 -11.93 -30.91 10.70
C GLY C 455 -13.07 -31.68 11.35
N ALA C 456 -13.51 -31.17 12.49
CA ALA C 456 -14.61 -31.77 13.23
C ALA C 456 -15.80 -30.87 12.99
N ILE C 457 -16.96 -31.44 12.68
CA ILE C 457 -18.14 -30.62 12.47
C ILE C 457 -19.16 -30.96 13.54
N GLU C 458 -19.45 -29.97 14.38
CA GLU C 458 -20.38 -30.11 15.48
C GLU C 458 -21.75 -29.57 15.13
N ILE C 459 -22.79 -30.26 15.56
CA ILE C 459 -24.14 -29.84 15.30
C ILE C 459 -24.90 -29.84 16.61
N ARG C 460 -25.35 -28.66 17.05
CA ARG C 460 -26.12 -28.55 18.28
C ARG C 460 -27.36 -27.73 18.03
N PHE C 461 -28.39 -28.03 18.79
CA PHE C 461 -29.62 -27.28 18.66
C PHE C 461 -30.08 -27.09 20.09
N TYR C 462 -30.66 -25.94 20.40
CA TYR C 462 -31.13 -25.70 21.75
C TYR C 462 -32.61 -25.35 21.70
N ALA C 463 -33.25 -25.39 22.85
CA ALA C 463 -34.67 -25.03 22.96
C ALA C 463 -34.75 -23.90 24.01
N THR C 464 -35.32 -22.76 23.63
CA THR C 464 -35.43 -21.62 24.55
C THR C 464 -36.78 -20.95 24.38
N GLY C 465 -36.85 -19.67 24.76
CA GLY C 465 -38.08 -18.92 24.65
C GLY C 465 -38.99 -19.21 25.83
N TYR C 466 -40.26 -19.43 25.55
CA TYR C 466 -41.23 -19.74 26.60
C TYR C 466 -41.59 -21.23 26.58
N ILE C 467 -42.29 -21.67 27.62
CA ILE C 467 -42.72 -23.06 27.74
C ILE C 467 -44.22 -23.05 27.50
N SER C 468 -44.86 -24.22 27.55
CA SER C 468 -46.31 -24.26 27.42
C SER C 468 -46.79 -24.48 28.84
N SER C 469 -47.72 -23.67 29.33
CA SER C 469 -48.22 -23.85 30.69
C SER C 469 -49.71 -24.19 30.64
N ALA C 470 -50.24 -24.62 31.78
CA ALA C 470 -51.66 -24.98 31.88
C ALA C 470 -52.23 -24.45 33.19
N PHE C 471 -53.51 -24.73 33.42
CA PHE C 471 -54.08 -24.29 34.65
C PHE C 471 -53.75 -25.33 35.72
N LEU C 472 -53.28 -24.81 36.85
CA LEU C 472 -52.89 -25.62 38.00
C LEU C 472 -54.13 -26.03 38.81
N PHE C 473 -54.09 -27.23 39.38
CA PHE C 473 -55.18 -27.74 40.20
C PHE C 473 -54.92 -29.22 40.55
N GLY C 474 -55.39 -29.64 41.73
CA GLY C 474 -55.21 -31.02 42.16
C GLY C 474 -53.82 -31.41 42.63
N ALA C 475 -53.60 -32.71 42.78
CA ALA C 475 -52.33 -33.25 43.23
C ALA C 475 -51.28 -33.12 42.13
N THR C 476 -50.50 -32.04 42.25
CA THR C 476 -49.45 -31.73 41.28
C THR C 476 -48.17 -32.45 41.61
N GLY C 477 -47.74 -33.32 40.70
CA GLY C 477 -46.52 -34.04 40.94
C GLY C 477 -46.23 -35.03 39.86
N LYS C 478 -47.25 -35.30 39.05
CA LYS C 478 -47.07 -36.26 37.99
C LYS C 478 -46.92 -35.59 36.64
N TYR C 479 -47.26 -34.31 36.55
CA TYR C 479 -47.20 -33.63 35.28
C TYR C 479 -46.30 -32.42 35.19
N GLY C 480 -45.65 -32.12 36.29
CA GLY C 480 -44.76 -30.98 36.27
C GLY C 480 -44.80 -30.27 37.59
N ASN C 481 -43.96 -29.24 37.68
CA ASN C 481 -43.83 -28.43 38.89
C ASN C 481 -44.62 -27.14 38.69
N GLN C 482 -44.91 -26.46 39.79
CA GLN C 482 -45.62 -25.20 39.71
C GLN C 482 -44.60 -24.08 39.49
N VAL C 483 -44.72 -23.39 38.37
CA VAL C 483 -43.77 -22.32 38.02
C VAL C 483 -44.30 -20.91 38.29
N SER C 484 -45.57 -20.80 38.65
CA SER C 484 -46.18 -19.51 38.91
C SER C 484 -47.63 -19.66 39.39
N GLU C 485 -48.24 -18.53 39.76
CA GLU C 485 -49.61 -18.52 40.24
C GLU C 485 -50.58 -19.24 39.33
N HIS C 486 -51.23 -20.27 39.88
CA HIS C 486 -52.25 -21.02 39.14
C HIS C 486 -51.76 -21.66 37.84
N THR C 487 -50.44 -21.71 37.61
CA THR C 487 -49.93 -22.31 36.38
C THR C 487 -48.91 -23.42 36.57
N LEU C 488 -49.08 -24.50 35.83
CA LEU C 488 -48.18 -25.64 35.91
C LEU C 488 -47.22 -25.70 34.73
N GLY C 489 -46.03 -26.27 34.99
CA GLY C 489 -45.04 -26.43 33.95
C GLY C 489 -45.18 -27.85 33.45
N THR C 490 -45.89 -28.00 32.33
CA THR C 490 -46.16 -29.31 31.73
C THR C 490 -44.93 -30.12 31.36
N VAL C 491 -44.88 -31.34 31.88
CA VAL C 491 -43.78 -32.25 31.61
C VAL C 491 -43.80 -32.59 30.14
N HIS C 492 -42.63 -32.55 29.49
CA HIS C 492 -42.55 -32.88 28.07
C HIS C 492 -41.18 -33.33 27.64
N THR C 493 -41.08 -33.82 26.40
CA THR C 493 -39.81 -34.27 25.83
C THR C 493 -39.54 -33.57 24.50
N HIS C 494 -38.27 -33.22 24.28
CA HIS C 494 -37.84 -32.57 23.04
C HIS C 494 -36.97 -33.62 22.33
N SER C 495 -37.05 -33.66 21.00
CA SER C 495 -36.27 -34.61 20.19
C SER C 495 -36.17 -34.04 18.78
N ALA C 496 -35.00 -34.15 18.16
CA ALA C 496 -34.79 -33.65 16.79
C ALA C 496 -34.07 -34.70 15.98
N HIS C 497 -34.46 -34.88 14.73
CA HIS C 497 -33.82 -35.89 13.92
C HIS C 497 -33.03 -35.28 12.81
N PHE C 498 -31.76 -35.63 12.67
CA PHE C 498 -30.96 -35.05 11.59
C PHE C 498 -30.46 -36.06 10.58
N LYS C 499 -30.44 -35.63 9.32
CA LYS C 499 -29.93 -36.47 8.26
C LYS C 499 -28.48 -36.09 8.08
N VAL C 500 -27.58 -37.02 8.34
CA VAL C 500 -26.16 -36.75 8.17
C VAL C 500 -25.66 -37.71 7.09
N ASP C 501 -25.50 -37.19 5.88
CA ASP C 501 -25.05 -38.00 4.78
C ASP C 501 -23.63 -37.65 4.38
N LEU C 502 -22.71 -38.35 5.01
CA LEU C 502 -21.30 -38.15 4.75
C LEU C 502 -20.88 -38.91 3.52
N ASP C 503 -19.76 -38.48 2.95
CA ASP C 503 -19.17 -39.12 1.79
C ASP C 503 -17.66 -39.09 2.08
N VAL C 504 -17.28 -39.96 3.02
CA VAL C 504 -15.89 -40.10 3.47
C VAL C 504 -14.98 -40.45 2.31
N ALA C 505 -14.36 -39.43 1.73
CA ALA C 505 -13.48 -39.62 0.58
C ALA C 505 -14.10 -40.64 -0.39
N GLY C 506 -15.29 -40.30 -0.89
CA GLY C 506 -15.97 -41.20 -1.82
C GLY C 506 -17.31 -41.61 -1.25
N LEU C 507 -18.16 -42.20 -2.08
CA LEU C 507 -19.48 -42.60 -1.62
C LEU C 507 -19.45 -43.87 -0.76
N GLU C 508 -18.58 -44.80 -1.12
CA GLU C 508 -18.45 -46.06 -0.39
C GLU C 508 -17.86 -45.81 0.97
N ASN C 509 -18.68 -46.13 1.97
CA ASN C 509 -18.28 -45.96 3.35
C ASN C 509 -18.79 -47.19 4.10
N TRP C 510 -18.15 -47.51 5.21
CA TRP C 510 -18.58 -48.66 6.00
C TRP C 510 -18.74 -48.23 7.43
N VAL C 511 -19.27 -49.14 8.24
CA VAL C 511 -19.47 -48.83 9.63
C VAL C 511 -18.65 -49.66 10.56
N TRP C 512 -17.83 -48.99 11.33
CA TRP C 512 -16.98 -49.66 12.27
C TRP C 512 -17.43 -49.30 13.65
N ALA C 513 -17.38 -50.28 14.52
CA ALA C 513 -17.75 -50.09 15.91
C ALA C 513 -16.58 -50.59 16.75
N GLU C 514 -15.75 -49.67 17.20
CA GLU C 514 -14.61 -50.04 18.02
C GLU C 514 -14.95 -49.77 19.49
N ASP C 515 -14.43 -50.58 20.40
CA ASP C 515 -14.73 -50.40 21.81
C ASP C 515 -13.82 -51.29 22.68
N MET C 516 -13.57 -50.86 23.91
CA MET C 516 -12.69 -51.57 24.85
C MET C 516 -13.18 -52.88 25.45
N VAL C 517 -12.33 -53.45 26.30
CA VAL C 517 -12.58 -54.69 27.01
C VAL C 517 -11.30 -55.11 27.77
N PHE C 518 -11.46 -55.65 28.97
CA PHE C 518 -10.34 -56.11 29.79
C PHE C 518 -10.23 -57.64 29.66
N VAL C 519 -9.07 -58.10 29.20
CA VAL C 519 -8.78 -59.53 29.01
C VAL C 519 -7.71 -59.96 30.01
N PRO C 520 -8.09 -60.75 31.04
CA PRO C 520 -7.11 -61.20 32.02
C PRO C 520 -6.16 -62.27 31.50
N MET C 521 -4.87 -62.09 31.79
CA MET C 521 -3.81 -63.02 31.41
C MET C 521 -2.66 -62.75 32.35
N ALA C 522 -2.00 -63.81 32.82
CA ALA C 522 -0.89 -63.68 33.77
C ALA C 522 0.25 -62.81 33.27
N VAL C 523 0.79 -62.00 34.19
CA VAL C 523 1.89 -61.10 33.89
C VAL C 523 3.07 -61.78 33.19
N PRO C 524 3.30 -61.44 31.91
CA PRO C 524 4.41 -62.04 31.16
C PRO C 524 5.64 -62.36 31.98
N TRP C 525 6.22 -61.33 32.59
CA TRP C 525 7.43 -61.50 33.37
C TRP C 525 7.26 -62.03 34.81
N SER C 526 6.03 -62.30 35.23
CA SER C 526 5.81 -62.79 36.59
C SER C 526 4.47 -63.50 36.62
N PRO C 527 4.37 -64.65 35.93
CA PRO C 527 3.16 -65.47 35.82
C PRO C 527 2.40 -65.68 37.12
N GLU C 528 3.10 -65.72 38.25
CA GLU C 528 2.42 -65.90 39.53
C GLU C 528 1.38 -64.79 39.72
N HIS C 529 1.58 -63.67 39.04
CA HIS C 529 0.70 -62.51 39.14
C HIS C 529 -0.28 -62.32 37.99
N GLN C 530 -1.48 -61.85 38.35
CA GLN C 530 -2.57 -61.64 37.40
C GLN C 530 -2.54 -60.25 36.74
N LEU C 531 -3.06 -60.17 35.52
CA LEU C 531 -3.11 -58.92 34.78
C LEU C 531 -4.42 -58.76 33.99
N GLN C 532 -4.91 -57.53 33.92
CA GLN C 532 -6.12 -57.21 33.17
C GLN C 532 -5.66 -56.48 31.90
N ARG C 533 -5.51 -57.23 30.81
CA ARG C 533 -5.03 -56.69 29.53
C ARG C 533 -6.06 -55.91 28.70
N LEU C 534 -5.93 -54.59 28.72
CA LEU C 534 -6.83 -53.71 27.99
C LEU C 534 -6.65 -53.90 26.50
N GLN C 535 -7.78 -54.08 25.81
CA GLN C 535 -7.77 -54.28 24.37
C GLN C 535 -8.93 -53.55 23.71
N VAL C 536 -8.84 -53.35 22.39
CA VAL C 536 -9.90 -52.70 21.64
C VAL C 536 -10.58 -53.73 20.73
N THR C 537 -11.89 -53.63 20.57
CA THR C 537 -12.64 -54.54 19.71
C THR C 537 -13.05 -53.79 18.46
N ARG C 538 -12.74 -54.35 17.29
CA ARG C 538 -13.04 -53.73 16.01
C ARG C 538 -14.01 -54.57 15.20
N LYS C 539 -15.31 -54.30 15.38
CA LYS C 539 -16.35 -55.04 14.65
C LYS C 539 -16.94 -54.22 13.51
N LEU C 540 -17.15 -54.86 12.36
CA LEU C 540 -17.71 -54.19 11.21
C LEU C 540 -19.21 -54.45 11.04
N LEU C 541 -19.96 -53.36 10.94
CA LEU C 541 -21.40 -53.42 10.76
C LEU C 541 -21.73 -53.54 9.28
N GLU C 542 -22.46 -54.60 8.93
CA GLU C 542 -22.79 -54.88 7.55
C GLU C 542 -24.25 -54.68 7.14
N MET C 543 -25.16 -54.80 8.11
CA MET C 543 -26.58 -54.62 7.80
C MET C 543 -27.10 -53.35 8.43
N GLU C 544 -28.17 -52.82 7.86
CA GLU C 544 -28.75 -51.60 8.39
C GLU C 544 -29.22 -51.88 9.83
N GLU C 545 -29.71 -53.10 10.07
CA GLU C 545 -30.20 -53.47 11.38
C GLU C 545 -29.08 -53.47 12.39
N GLN C 546 -27.85 -53.73 11.92
CA GLN C 546 -26.68 -53.74 12.80
C GLN C 546 -26.33 -52.32 13.24
N ALA C 547 -26.55 -51.37 12.33
CA ALA C 547 -26.24 -49.96 12.53
C ALA C 547 -27.35 -49.08 13.14
N ALA C 548 -28.55 -49.59 13.29
CA ALA C 548 -29.62 -48.81 13.89
C ALA C 548 -29.59 -49.09 15.39
N PHE C 549 -29.44 -48.03 16.19
CA PHE C 549 -29.36 -48.14 17.64
C PHE C 549 -30.51 -47.51 18.37
N LEU C 550 -31.34 -48.36 18.97
CA LEU C 550 -32.49 -47.91 19.74
C LEU C 550 -32.10 -47.05 20.93
N VAL C 551 -32.96 -46.08 21.22
CA VAL C 551 -32.74 -45.20 22.35
C VAL C 551 -32.55 -46.02 23.64
N GLY C 552 -31.85 -45.45 24.60
CA GLY C 552 -31.64 -46.14 25.86
C GLY C 552 -30.85 -47.43 25.82
N SER C 553 -30.13 -47.69 24.74
CA SER C 553 -29.32 -48.90 24.65
C SER C 553 -27.86 -48.46 24.49
N ALA C 554 -26.93 -49.33 24.91
CA ALA C 554 -25.51 -49.02 24.82
C ALA C 554 -25.04 -49.07 23.37
N THR C 555 -24.14 -48.15 23.03
CA THR C 555 -23.59 -48.07 21.68
C THR C 555 -22.06 -48.10 21.72
N PRO C 556 -21.40 -48.53 20.62
CA PRO C 556 -19.93 -48.59 20.56
C PRO C 556 -19.27 -47.23 20.76
N ARG C 557 -18.45 -47.13 21.81
CA ARG C 557 -17.77 -45.89 22.12
C ARG C 557 -17.24 -45.24 20.85
N TYR C 558 -16.34 -45.93 20.15
CA TYR C 558 -15.81 -45.40 18.91
C TYR C 558 -16.62 -45.93 17.72
N LEU C 559 -17.64 -45.18 17.31
CA LEU C 559 -18.46 -45.56 16.17
C LEU C 559 -18.29 -44.55 15.05
N TYR C 560 -18.06 -45.05 13.84
CA TYR C 560 -17.82 -44.18 12.71
C TYR C 560 -18.01 -44.83 11.34
N LEU C 561 -18.09 -43.97 10.33
CA LEU C 561 -18.23 -44.39 8.95
C LEU C 561 -16.89 -44.21 8.32
N ALA C 562 -16.44 -45.20 7.57
CA ALA C 562 -15.13 -45.11 6.95
C ALA C 562 -15.13 -45.42 5.49
N SER C 563 -14.05 -45.02 4.84
CA SER C 563 -13.84 -45.24 3.43
C SER C 563 -13.14 -46.58 3.27
N ASN C 564 -12.97 -47.00 2.02
CA ASN C 564 -12.31 -48.27 1.75
C ASN C 564 -10.82 -48.00 1.91
N HIS C 565 -10.42 -46.81 1.46
CA HIS C 565 -9.04 -46.36 1.48
C HIS C 565 -8.48 -45.93 2.84
N SER C 566 -7.22 -46.30 3.06
CA SER C 566 -6.51 -46.00 4.30
C SER C 566 -5.64 -44.77 4.16
N ASN C 567 -5.20 -44.27 5.30
CA ASN C 567 -4.34 -43.12 5.31
C ASN C 567 -2.90 -43.64 5.33
N LYS C 568 -1.93 -42.72 5.33
CA LYS C 568 -0.52 -43.06 5.32
C LYS C 568 -0.11 -44.10 6.37
N TRP C 569 -0.97 -44.36 7.35
CA TRP C 569 -0.62 -45.33 8.38
C TRP C 569 -1.48 -46.58 8.31
N GLY C 570 -2.02 -46.81 7.12
CA GLY C 570 -2.81 -48.00 6.87
C GLY C 570 -4.12 -48.28 7.59
N HIS C 571 -4.70 -47.26 8.23
CA HIS C 571 -5.97 -47.44 8.93
C HIS C 571 -7.02 -46.82 8.03
N PRO C 572 -8.25 -47.36 8.03
CA PRO C 572 -9.30 -46.79 7.18
C PRO C 572 -9.56 -45.32 7.51
N ARG C 573 -9.79 -44.52 6.46
CA ARG C 573 -10.06 -43.10 6.61
C ARG C 573 -11.49 -42.92 7.05
N GLY C 574 -11.70 -42.43 8.27
CA GLY C 574 -13.06 -42.29 8.74
C GLY C 574 -13.43 -41.09 9.59
N TYR C 575 -14.72 -41.03 9.90
CA TYR C 575 -15.27 -39.98 10.72
C TYR C 575 -16.17 -40.66 11.72
N ARG C 576 -15.98 -40.31 12.98
CA ARG C 576 -16.80 -40.90 14.00
C ARG C 576 -17.92 -39.96 14.36
N ILE C 577 -19.00 -40.54 14.83
CA ILE C 577 -20.17 -39.78 15.22
C ILE C 577 -20.35 -39.80 16.73
N GLN C 578 -19.81 -38.77 17.37
CA GLN C 578 -19.92 -38.67 18.80
C GLN C 578 -21.25 -38.01 19.10
N MET C 579 -22.07 -38.72 19.87
CA MET C 579 -23.39 -38.24 20.23
C MET C 579 -23.45 -37.54 21.58
N LEU C 580 -24.33 -36.53 21.65
CA LEU C 580 -24.55 -35.76 22.88
C LEU C 580 -26.07 -35.69 23.11
N SER C 581 -26.62 -36.63 23.89
CA SER C 581 -28.05 -36.65 24.15
C SER C 581 -28.42 -37.45 25.39
N PHE C 582 -29.58 -37.09 25.94
CA PHE C 582 -30.15 -37.73 27.13
C PHE C 582 -31.62 -37.97 26.79
N ALA C 583 -31.84 -38.21 25.50
CA ALA C 583 -33.16 -38.43 24.93
C ALA C 583 -34.09 -39.15 25.89
N GLY C 584 -35.21 -38.50 26.22
CA GLY C 584 -36.17 -39.13 27.11
C GLY C 584 -36.79 -40.29 26.37
N GLU C 585 -37.39 -41.23 27.10
CA GLU C 585 -38.03 -42.40 26.52
C GLU C 585 -39.00 -42.03 25.40
N PRO C 586 -38.81 -42.59 24.19
CA PRO C 586 -39.73 -42.23 23.11
C PRO C 586 -41.11 -42.83 23.37
N LEU C 587 -42.15 -42.23 22.80
CA LEU C 587 -43.51 -42.71 22.98
C LEU C 587 -43.51 -44.22 22.67
N PRO C 588 -44.15 -45.05 23.51
CA PRO C 588 -44.19 -46.49 23.29
C PRO C 588 -44.59 -46.85 21.87
N GLN C 589 -44.73 -48.14 21.60
CA GLN C 589 -45.16 -48.58 20.28
C GLN C 589 -46.64 -48.98 20.34
N ASN C 590 -47.08 -49.42 21.51
CA ASN C 590 -48.48 -49.80 21.73
C ASN C 590 -49.39 -48.64 21.28
N SER C 591 -48.84 -47.42 21.25
CA SER C 591 -49.59 -46.21 20.87
C SER C 591 -49.86 -46.10 19.37
N SER C 592 -51.13 -45.88 19.04
CA SER C 592 -51.59 -45.77 17.66
C SER C 592 -50.80 -44.84 16.76
N MET C 593 -50.28 -43.75 17.33
CA MET C 593 -49.54 -42.75 16.56
C MET C 593 -48.04 -42.93 16.41
N ALA C 594 -47.45 -43.76 17.25
CA ALA C 594 -46.01 -43.99 17.24
C ALA C 594 -45.30 -43.94 15.87
N ARG C 595 -45.88 -44.59 14.86
CA ARG C 595 -45.27 -44.62 13.54
C ARG C 595 -44.98 -43.27 12.90
N GLY C 596 -45.77 -42.25 13.25
CA GLY C 596 -45.59 -40.91 12.69
C GLY C 596 -44.26 -40.23 12.96
N PHE C 597 -43.53 -40.75 13.92
CA PHE C 597 -42.23 -40.21 14.27
C PHE C 597 -41.38 -41.34 14.81
N SER C 598 -41.33 -42.40 14.01
CA SER C 598 -40.61 -43.64 14.31
C SER C 598 -39.11 -43.43 14.57
N TRP C 599 -38.56 -42.37 13.99
CA TRP C 599 -37.16 -42.04 14.18
C TRP C 599 -36.88 -41.73 15.65
N GLU C 600 -37.87 -41.19 16.37
CA GLU C 600 -37.69 -40.84 17.78
C GLU C 600 -37.27 -42.06 18.63
N ARG C 601 -37.46 -43.26 18.07
CA ARG C 601 -37.13 -44.48 18.78
C ARG C 601 -35.66 -44.89 18.57
N TYR C 602 -34.88 -44.00 17.97
CA TYR C 602 -33.46 -44.27 17.71
C TYR C 602 -32.50 -43.21 18.22
N GLN C 603 -31.25 -43.61 18.44
CA GLN C 603 -30.22 -42.69 18.87
C GLN C 603 -29.54 -42.39 17.59
N LEU C 604 -29.34 -43.46 16.85
CA LEU C 604 -28.67 -43.37 15.59
C LEU C 604 -29.07 -44.54 14.73
N ALA C 605 -28.93 -44.34 13.43
CA ALA C 605 -29.23 -45.37 12.48
C ALA C 605 -28.43 -45.03 11.25
N VAL C 606 -28.14 -46.04 10.44
CA VAL C 606 -27.37 -45.78 9.24
C VAL C 606 -27.93 -46.57 8.10
N THR C 607 -28.12 -45.89 6.97
CA THR C 607 -28.69 -46.55 5.80
C THR C 607 -28.03 -46.19 4.48
N GLN C 608 -28.52 -46.84 3.43
CA GLN C 608 -28.06 -46.64 2.07
C GLN C 608 -28.71 -45.38 1.55
N ARG C 609 -27.91 -44.36 1.23
CA ARG C 609 -28.45 -43.10 0.72
C ARG C 609 -29.27 -43.24 -0.56
N LYS C 610 -30.55 -43.55 -0.41
CA LYS C 610 -31.45 -43.68 -1.55
C LYS C 610 -32.07 -42.31 -1.79
N GLU C 611 -32.34 -41.98 -3.05
CA GLU C 611 -32.95 -40.69 -3.39
C GLU C 611 -34.40 -40.62 -2.88
N GLU C 612 -35.03 -41.79 -2.77
CA GLU C 612 -36.44 -41.94 -2.33
C GLU C 612 -36.61 -41.94 -0.83
N GLU C 613 -35.50 -41.95 -0.11
CA GLU C 613 -35.52 -41.90 1.33
C GLU C 613 -34.75 -40.61 1.56
N PRO C 614 -35.37 -39.47 1.23
CA PRO C 614 -34.72 -38.19 1.40
C PRO C 614 -35.04 -37.57 2.75
N SER C 615 -36.19 -37.92 3.32
CA SER C 615 -36.56 -37.35 4.59
C SER C 615 -37.07 -38.40 5.53
N SER C 616 -36.89 -38.14 6.82
CA SER C 616 -37.31 -39.05 7.88
C SER C 616 -38.72 -38.76 8.39
N SER C 617 -39.29 -37.64 7.95
CA SER C 617 -40.63 -37.25 8.36
C SER C 617 -41.25 -36.40 7.26
N SER C 618 -42.53 -36.07 7.40
CA SER C 618 -43.23 -35.23 6.44
C SER C 618 -44.06 -34.15 7.11
N VAL C 619 -44.25 -33.07 6.37
CA VAL C 619 -45.04 -31.94 6.85
C VAL C 619 -46.46 -32.45 7.05
N PHE C 620 -46.79 -33.53 6.38
CA PHE C 620 -48.12 -34.07 6.49
C PHE C 620 -48.29 -35.03 7.65
N ASN C 621 -47.17 -35.57 8.13
CA ASN C 621 -47.23 -36.52 9.22
C ASN C 621 -47.99 -36.03 10.44
N GLN C 622 -47.79 -34.77 10.83
CA GLN C 622 -48.43 -34.22 12.02
C GLN C 622 -49.95 -34.38 12.17
N ASN C 623 -50.71 -33.98 11.17
CA ASN C 623 -52.16 -34.07 11.27
C ASN C 623 -52.68 -35.50 11.09
N ASP C 624 -51.77 -36.39 10.74
CA ASP C 624 -52.07 -37.82 10.58
C ASP C 624 -50.85 -38.68 10.96
N PRO C 625 -50.66 -38.88 12.28
CA PRO C 625 -49.57 -39.66 12.90
C PRO C 625 -49.98 -41.13 12.89
N TRP C 626 -51.27 -41.35 12.69
CA TRP C 626 -51.86 -42.68 12.69
C TRP C 626 -51.69 -43.32 11.32
N ALA C 627 -51.36 -42.50 10.34
CA ALA C 627 -51.12 -42.95 8.98
C ALA C 627 -49.95 -42.09 8.49
N PRO C 628 -48.73 -42.40 8.94
CA PRO C 628 -47.55 -41.66 8.55
C PRO C 628 -47.41 -41.46 7.06
N THR C 629 -47.08 -40.24 6.66
CA THR C 629 -46.88 -39.90 5.27
C THR C 629 -45.48 -40.41 4.89
N VAL C 630 -44.59 -40.38 5.89
CA VAL C 630 -43.20 -40.86 5.76
C VAL C 630 -42.86 -41.68 7.01
N ASP C 631 -42.90 -43.01 6.90
CA ASP C 631 -42.61 -43.92 8.02
C ASP C 631 -41.10 -44.23 8.02
N PHE C 632 -40.42 -43.74 9.04
CA PHE C 632 -38.98 -43.93 9.14
C PHE C 632 -38.48 -45.34 9.45
N SER C 633 -39.28 -46.16 10.10
CA SER C 633 -38.87 -47.52 10.41
C SER C 633 -38.62 -48.33 9.14
N ASP C 634 -39.29 -47.93 8.06
CA ASP C 634 -39.18 -48.60 6.75
C ASP C 634 -37.82 -48.35 6.07
N PHE C 635 -37.11 -47.30 6.47
CA PHE C 635 -35.80 -46.96 5.90
C PHE C 635 -34.81 -48.01 6.33
N ILE C 636 -35.20 -48.74 7.37
CA ILE C 636 -34.39 -49.78 7.96
C ILE C 636 -34.95 -51.14 7.61
N ASN C 637 -34.43 -51.66 6.51
CA ASN C 637 -34.78 -52.97 5.97
C ASN C 637 -33.44 -53.71 6.07
N ASN C 638 -33.43 -55.02 5.86
CA ASN C 638 -32.16 -55.75 5.97
C ASN C 638 -31.23 -55.63 4.75
N GLU C 639 -30.67 -54.44 4.51
CA GLU C 639 -29.77 -54.22 3.36
C GLU C 639 -28.32 -54.02 3.84
N THR C 640 -27.36 -54.46 3.03
CA THR C 640 -25.94 -54.32 3.40
C THR C 640 -25.53 -52.87 3.38
N ILE C 641 -24.82 -52.45 4.42
CA ILE C 641 -24.33 -51.09 4.53
C ILE C 641 -22.81 -51.16 4.43
N ALA C 642 -22.35 -51.98 3.48
CA ALA C 642 -20.92 -52.21 3.25
C ALA C 642 -20.42 -51.85 1.86
N GLY C 643 -19.73 -50.72 1.76
CA GLY C 643 -19.19 -50.28 0.49
C GLY C 643 -20.20 -49.52 -0.32
N LYS C 644 -21.13 -48.87 0.38
CA LYS C 644 -22.20 -48.12 -0.27
C LYS C 644 -22.24 -46.67 0.19
N ASP C 645 -23.07 -45.87 -0.49
CA ASP C 645 -23.23 -44.48 -0.11
C ASP C 645 -24.16 -44.55 1.07
N LEU C 646 -23.68 -44.14 2.23
CA LEU C 646 -24.51 -44.22 3.40
C LEU C 646 -24.91 -42.87 3.93
N VAL C 647 -25.74 -42.91 4.97
CA VAL C 647 -26.22 -41.71 5.59
C VAL C 647 -26.67 -42.08 6.99
N ALA C 648 -26.16 -41.32 7.95
CA ALA C 648 -26.49 -41.56 9.34
C ALA C 648 -27.59 -40.66 9.80
N TRP C 649 -28.44 -41.23 10.65
CA TRP C 649 -29.55 -40.50 11.19
C TRP C 649 -29.41 -40.44 12.69
N VAL C 650 -29.10 -39.26 13.18
CA VAL C 650 -28.92 -39.07 14.60
C VAL C 650 -30.13 -38.43 15.22
N THR C 651 -30.39 -38.84 16.45
CA THR C 651 -31.50 -38.31 17.22
C THR C 651 -30.94 -37.81 18.55
N ALA C 652 -31.26 -36.57 18.86
CA ALA C 652 -30.82 -35.97 20.12
C ALA C 652 -32.02 -35.28 20.77
N GLY C 653 -32.19 -35.49 22.06
CA GLY C 653 -33.31 -34.88 22.76
C GLY C 653 -33.09 -34.95 24.25
N PHE C 654 -34.17 -34.83 25.02
CA PHE C 654 -34.06 -34.87 26.48
C PHE C 654 -35.36 -34.55 27.17
N LEU C 655 -35.51 -35.07 28.38
CA LEU C 655 -36.71 -34.81 29.16
C LEU C 655 -36.62 -33.40 29.75
N HIS C 656 -37.73 -32.68 29.77
CA HIS C 656 -37.74 -31.35 30.38
C HIS C 656 -38.88 -31.28 31.39
N ILE C 657 -38.53 -31.12 32.66
CA ILE C 657 -39.53 -31.00 33.70
C ILE C 657 -39.46 -29.53 34.14
N PRO C 658 -40.34 -28.69 33.58
CA PRO C 658 -40.35 -27.26 33.91
C PRO C 658 -40.20 -26.90 35.41
N HIS C 659 -39.35 -25.92 35.66
CA HIS C 659 -39.11 -25.46 37.01
C HIS C 659 -39.06 -23.95 36.99
N ALA C 660 -39.14 -23.35 38.18
CA ALA C 660 -39.13 -21.91 38.33
C ALA C 660 -38.17 -21.22 37.39
N GLU C 661 -36.92 -21.66 37.39
CA GLU C 661 -35.90 -21.06 36.56
C GLU C 661 -36.23 -20.91 35.07
N ASP C 662 -37.28 -21.58 34.59
CA ASP C 662 -37.67 -21.47 33.18
C ASP C 662 -38.53 -20.24 32.90
N ILE C 663 -38.69 -19.39 33.92
CA ILE C 663 -39.48 -18.16 33.82
C ILE C 663 -38.55 -16.97 33.97
N PRO C 664 -38.63 -16.01 33.03
CA PRO C 664 -39.53 -15.91 31.87
C PRO C 664 -39.17 -16.82 30.70
N ASN C 665 -37.88 -17.13 30.56
CA ASN C 665 -37.45 -17.99 29.46
C ASN C 665 -36.60 -19.15 29.94
N THR C 666 -36.53 -20.18 29.10
CA THR C 666 -35.71 -21.36 29.37
C THR C 666 -34.37 -21.01 28.72
N VAL C 667 -33.28 -21.17 29.48
CA VAL C 667 -31.93 -20.86 29.01
C VAL C 667 -31.26 -22.00 28.26
N THR C 668 -30.27 -21.66 27.45
CA THR C 668 -29.56 -22.63 26.64
C THR C 668 -28.52 -23.42 27.41
N VAL C 669 -28.12 -22.89 28.56
CA VAL C 669 -27.09 -23.53 29.39
C VAL C 669 -27.24 -25.03 29.58
N GLY C 670 -26.28 -25.77 29.02
CA GLY C 670 -26.23 -27.22 29.12
C GLY C 670 -27.42 -27.97 28.55
N ASN C 671 -28.26 -27.27 27.79
CA ASN C 671 -29.44 -27.88 27.17
C ASN C 671 -29.30 -27.96 25.66
N GLY C 672 -28.09 -27.73 25.17
CA GLY C 672 -27.88 -27.81 23.75
C GLY C 672 -27.41 -29.21 23.44
N VAL C 673 -28.16 -29.95 22.64
CA VAL C 673 -27.78 -31.31 22.28
C VAL C 673 -27.49 -31.40 20.79
N GLY C 674 -26.86 -32.48 20.37
CA GLY C 674 -26.53 -32.67 18.97
C GLY C 674 -25.52 -33.80 18.77
N PHE C 675 -24.34 -33.46 18.24
CA PHE C 675 -23.29 -34.45 18.00
C PHE C 675 -22.09 -33.83 17.28
N PHE C 676 -21.03 -34.62 17.15
CA PHE C 676 -19.83 -34.17 16.46
C PHE C 676 -19.43 -35.18 15.42
N LEU C 677 -18.83 -34.66 14.36
CA LEU C 677 -18.33 -35.49 13.28
C LEU C 677 -16.83 -35.29 13.36
N ARG C 678 -16.15 -36.23 14.01
CA ARG C 678 -14.72 -36.13 14.20
C ARG C 678 -13.86 -36.95 13.29
N PRO C 679 -12.80 -36.33 12.76
CA PRO C 679 -11.89 -37.07 11.88
C PRO C 679 -11.29 -38.18 12.76
N TYR C 680 -11.14 -39.36 12.17
CA TYR C 680 -10.59 -40.51 12.86
C TYR C 680 -9.76 -41.29 11.84
N ASN C 681 -8.45 -41.10 11.89
CA ASN C 681 -7.54 -41.75 10.95
C ASN C 681 -7.90 -41.31 9.56
N PHE C 682 -8.56 -40.16 9.49
CA PHE C 682 -8.96 -39.63 8.21
C PHE C 682 -7.79 -38.84 7.63
N PHE C 683 -7.06 -38.19 8.52
CA PHE C 683 -5.91 -37.43 8.09
C PHE C 683 -4.68 -38.21 8.43
N ASP C 684 -3.54 -37.67 8.05
CA ASP C 684 -2.25 -38.29 8.31
C ASP C 684 -1.76 -37.70 9.62
N GLU C 685 -2.50 -36.72 10.11
CA GLU C 685 -2.17 -36.06 11.37
C GLU C 685 -3.17 -34.95 11.66
N ASP C 686 -2.94 -34.24 12.75
CA ASP C 686 -3.79 -33.14 13.15
C ASP C 686 -3.55 -32.03 12.12
N PRO C 687 -4.52 -31.81 11.22
CA PRO C 687 -4.38 -30.77 10.19
C PRO C 687 -4.19 -29.36 10.72
N SER C 688 -4.40 -29.17 12.01
CA SER C 688 -4.24 -27.86 12.62
C SER C 688 -2.79 -27.58 12.98
N PHE C 689 -1.91 -28.53 12.67
CA PHE C 689 -0.50 -28.35 12.94
C PHE C 689 -0.06 -27.22 12.03
N TYR C 690 -0.70 -27.17 10.86
CA TYR C 690 -0.46 -26.17 9.81
C TYR C 690 -1.20 -24.86 9.99
N SER C 691 -1.88 -24.72 11.12
CA SER C 691 -2.62 -23.50 11.42
C SER C 691 -1.64 -22.33 11.27
N ALA C 692 -2.04 -21.28 10.55
CA ALA C 692 -1.16 -20.13 10.37
C ALA C 692 -1.13 -19.38 11.68
N ASP C 693 -2.17 -19.60 12.46
CA ASP C 693 -2.32 -18.95 13.76
C ASP C 693 -1.72 -19.74 14.91
N SER C 694 -1.03 -20.84 14.59
CA SER C 694 -0.39 -21.70 15.59
C SER C 694 0.70 -20.91 16.31
N ILE C 695 1.05 -21.34 17.52
CA ILE C 695 2.10 -20.64 18.29
C ILE C 695 3.20 -21.59 18.74
N TYR C 696 4.42 -21.05 18.88
CA TYR C 696 5.56 -21.84 19.29
C TYR C 696 6.67 -20.94 19.87
N PHE C 697 7.54 -21.54 20.69
CA PHE C 697 8.65 -20.83 21.30
C PHE C 697 9.34 -21.66 22.41
N ARG C 698 10.24 -21.03 23.16
CA ARG C 698 10.95 -21.73 24.24
C ARG C 698 11.16 -20.84 25.49
N GLY C 699 10.95 -21.41 26.68
CA GLY C 699 11.13 -20.68 27.92
C GLY C 699 9.86 -19.99 28.40
N ASP C 700 9.94 -18.66 28.58
CA ASP C 700 8.79 -17.85 29.01
C ASP C 700 8.17 -17.14 27.81
N GLN C 701 7.03 -16.63 27.94
N GLN D 30 -9.47 -14.37 53.80
CA GLN D 30 -9.36 -15.63 52.99
C GLN D 30 -9.01 -16.81 53.88
N LEU D 31 -10.05 -17.56 54.23
CA LEU D 31 -9.92 -18.74 55.07
C LEU D 31 -9.38 -19.91 54.24
N PHE D 32 -9.55 -19.84 52.92
CA PHE D 32 -9.10 -20.88 52.00
C PHE D 32 -8.06 -20.38 51.01
N ALA D 33 -7.11 -19.59 51.47
CA ALA D 33 -6.06 -19.09 50.58
C ALA D 33 -4.83 -19.98 50.74
N ASP D 34 -4.47 -20.69 49.67
CA ASP D 34 -3.31 -21.58 49.69
C ASP D 34 -2.18 -20.87 50.44
N LEU D 35 -1.38 -21.63 51.18
CA LEU D 35 -0.29 -21.03 51.94
C LEU D 35 0.49 -20.02 51.10
N SER D 36 0.83 -18.90 51.73
CA SER D 36 1.55 -17.83 51.07
C SER D 36 3.04 -18.08 51.03
N ARG D 37 3.72 -17.25 50.24
CA ARG D 37 5.16 -17.32 50.05
C ARG D 37 5.85 -17.34 51.42
N GLU D 38 5.43 -16.42 52.30
CA GLU D 38 5.96 -16.30 53.66
C GLU D 38 5.55 -17.47 54.54
N GLU D 39 4.24 -17.68 54.65
CA GLU D 39 3.70 -18.76 55.47
C GLU D 39 4.40 -20.07 55.23
N LEU D 40 4.81 -20.31 53.98
CA LEU D 40 5.50 -21.55 53.64
C LEU D 40 6.87 -21.54 54.30
N THR D 41 7.51 -20.38 54.23
CA THR D 41 8.81 -20.19 54.82
C THR D 41 8.81 -20.46 56.32
N ALA D 42 7.87 -19.83 57.04
CA ALA D 42 7.75 -20.01 58.49
C ALA D 42 7.55 -21.47 58.89
N VAL D 43 6.69 -22.18 58.17
CA VAL D 43 6.45 -23.58 58.46
C VAL D 43 7.75 -24.31 58.26
N MET D 44 8.43 -23.98 57.17
CA MET D 44 9.69 -24.62 56.87
C MET D 44 10.69 -24.31 57.99
N ARG D 45 10.81 -23.04 58.37
CA ARG D 45 11.74 -22.65 59.44
C ARG D 45 11.41 -23.37 60.73
N PHE D 46 10.12 -23.51 61.01
CA PHE D 46 9.66 -24.18 62.22
C PHE D 46 10.12 -25.63 62.22
N LEU D 47 10.11 -26.25 61.05
CA LEU D 47 10.49 -27.64 60.89
C LEU D 47 11.98 -27.97 60.96
N THR D 48 12.79 -27.22 60.22
CA THR D 48 14.23 -27.44 60.22
C THR D 48 14.68 -27.53 61.68
N GLN D 49 13.96 -26.80 62.53
CA GLN D 49 14.22 -26.72 63.96
C GLN D 49 13.76 -27.93 64.75
N ARG D 50 12.49 -28.28 64.60
CA ARG D 50 11.89 -29.41 65.32
C ARG D 50 12.34 -30.81 64.87
N LEU D 51 12.48 -31.01 63.57
CA LEU D 51 12.87 -32.32 63.03
C LEU D 51 14.34 -32.69 63.22
N GLY D 52 15.05 -31.93 64.07
CA GLY D 52 16.46 -32.20 64.29
C GLY D 52 17.25 -31.67 63.12
N PRO D 53 18.58 -31.80 63.14
CA PRO D 53 19.33 -31.28 61.99
C PRO D 53 19.60 -32.35 60.91
N GLY D 54 19.32 -33.61 61.23
CA GLY D 54 19.53 -34.70 60.28
C GLY D 54 18.63 -34.63 59.06
N LEU D 55 17.91 -33.50 58.96
CA LEU D 55 16.98 -33.23 57.87
C LEU D 55 17.75 -32.65 56.69
N VAL D 56 17.47 -33.19 55.51
CA VAL D 56 18.14 -32.76 54.26
C VAL D 56 17.11 -32.20 53.27
N ASP D 57 17.56 -31.32 52.37
CA ASP D 57 16.66 -30.76 51.38
C ASP D 57 16.18 -31.94 50.52
N ALA D 58 14.86 -32.10 50.42
CA ALA D 58 14.27 -33.19 49.65
C ALA D 58 14.61 -33.17 48.14
N ALA D 59 15.27 -32.09 47.71
CA ALA D 59 15.66 -31.93 46.30
C ALA D 59 16.89 -32.73 45.92
N GLN D 60 17.55 -33.31 46.92
CA GLN D 60 18.75 -34.11 46.68
C GLN D 60 18.92 -35.14 47.80
N ALA D 61 17.81 -35.62 48.32
CA ALA D 61 17.85 -36.60 49.37
C ALA D 61 17.78 -37.99 48.76
N ARG D 62 18.20 -38.98 49.54
CA ARG D 62 18.18 -40.36 49.10
C ARG D 62 17.32 -41.16 50.06
N PRO D 63 16.88 -42.34 49.64
CA PRO D 63 16.03 -43.22 50.45
C PRO D 63 16.32 -43.16 51.94
N SER D 64 17.61 -43.07 52.28
CA SER D 64 18.06 -43.05 53.66
C SER D 64 18.00 -41.69 54.38
N ASP D 65 17.66 -40.63 53.66
CA ASP D 65 17.60 -39.31 54.27
C ASP D 65 16.26 -38.97 54.91
N ASN D 66 16.28 -37.94 55.77
CA ASN D 66 15.09 -37.43 56.43
C ASN D 66 14.82 -36.11 55.75
N CYS D 67 13.80 -36.06 54.88
CA CYS D 67 13.49 -34.83 54.16
C CYS D 67 12.03 -34.45 54.16
N VAL D 68 11.79 -33.16 53.92
CA VAL D 68 10.43 -32.63 53.86
C VAL D 68 9.98 -32.56 52.39
N PHE D 69 9.07 -33.49 52.04
CA PHE D 69 8.53 -33.65 50.70
C PHE D 69 7.59 -32.52 50.31
N SER D 70 6.70 -32.14 51.22
CA SER D 70 5.74 -31.09 50.93
C SER D 70 5.15 -30.40 52.14
N VAL D 71 4.72 -29.17 51.92
CA VAL D 71 4.09 -28.33 52.94
C VAL D 71 3.10 -27.47 52.18
N GLU D 72 1.82 -27.57 52.54
CA GLU D 72 0.79 -26.76 51.89
C GLU D 72 -0.36 -26.46 52.84
N LEU D 73 -1.41 -25.80 52.32
CA LEU D 73 -2.55 -25.47 53.16
C LEU D 73 -3.27 -26.69 53.66
N GLN D 74 -3.55 -26.69 54.96
CA GLN D 74 -4.28 -27.76 55.57
C GLN D 74 -5.63 -27.13 55.71
N LEU D 75 -6.59 -27.63 54.92
CA LEU D 75 -7.94 -27.09 54.95
C LEU D 75 -8.57 -27.06 56.35
N PRO D 76 -9.33 -26.01 56.63
CA PRO D 76 -9.98 -25.91 57.94
C PRO D 76 -11.28 -26.71 57.96
N PRO D 77 -11.68 -27.18 59.15
CA PRO D 77 -12.93 -27.96 59.30
C PRO D 77 -14.11 -27.13 58.83
N LYS D 78 -15.11 -27.77 58.24
CA LYS D 78 -16.24 -27.04 57.72
C LYS D 78 -17.08 -26.34 58.78
N ALA D 79 -17.15 -26.92 59.97
CA ALA D 79 -17.93 -26.34 61.07
C ALA D 79 -17.44 -24.95 61.46
N ALA D 80 -16.18 -24.88 61.87
CA ALA D 80 -15.58 -23.62 62.26
C ALA D 80 -15.45 -22.75 61.03
N ALA D 81 -15.32 -23.40 59.87
CA ALA D 81 -15.19 -22.67 58.62
C ALA D 81 -16.42 -21.81 58.41
N LEU D 82 -17.58 -22.45 58.44
CA LEU D 82 -18.85 -21.76 58.27
C LEU D 82 -19.15 -20.76 59.39
N ALA D 83 -19.13 -21.21 60.65
CA ALA D 83 -19.42 -20.32 61.77
C ALA D 83 -18.75 -18.96 61.55
N HIS D 84 -17.49 -18.99 61.15
CA HIS D 84 -16.73 -17.78 60.91
C HIS D 84 -17.38 -16.91 59.83
N LEU D 85 -17.79 -17.55 58.75
CA LEU D 85 -18.41 -16.83 57.65
C LEU D 85 -19.84 -16.40 57.91
N ASP D 86 -20.51 -17.12 58.81
CA ASP D 86 -21.89 -16.81 59.12
C ASP D 86 -22.08 -16.08 60.43
N ARG D 87 -22.07 -16.79 61.57
CA ARG D 87 -22.24 -16.09 62.84
C ARG D 87 -21.25 -14.91 62.89
N GLY D 88 -20.03 -15.18 62.45
CA GLY D 88 -18.97 -14.18 62.47
C GLY D 88 -17.92 -14.67 63.45
N SER D 89 -18.23 -15.78 64.12
CA SER D 89 -17.35 -16.41 65.11
C SER D 89 -15.87 -16.44 64.70
N PRO D 90 -14.96 -16.66 65.67
CA PRO D 90 -13.53 -16.71 65.41
C PRO D 90 -13.10 -17.88 64.51
N PRO D 91 -12.45 -17.58 63.37
CA PRO D 91 -12.01 -18.60 62.42
C PRO D 91 -11.08 -19.61 63.05
N PRO D 92 -11.00 -20.81 62.45
CA PRO D 92 -10.13 -21.85 62.98
C PRO D 92 -8.67 -21.46 62.79
N ALA D 93 -7.76 -22.30 63.28
CA ALA D 93 -6.35 -22.00 63.15
C ALA D 93 -5.82 -22.38 61.78
N ARG D 94 -4.99 -21.50 61.22
CA ARG D 94 -4.36 -21.72 59.92
C ARG D 94 -3.26 -22.76 60.10
N GLU D 95 -3.47 -23.93 59.52
CA GLU D 95 -2.48 -24.97 59.65
C GLU D 95 -1.91 -25.34 58.29
N ALA D 96 -0.87 -26.17 58.31
CA ALA D 96 -0.24 -26.62 57.09
C ALA D 96 0.07 -28.10 57.24
N LEU D 97 -0.10 -28.86 56.18
CA LEU D 97 0.19 -30.27 56.23
C LEU D 97 1.52 -30.48 55.51
N ALA D 98 2.46 -31.08 56.23
CA ALA D 98 3.77 -31.34 55.68
C ALA D 98 4.01 -32.84 55.65
N ILE D 99 4.44 -33.33 54.50
CA ILE D 99 4.74 -34.74 54.39
C ILE D 99 6.24 -34.78 54.53
N VAL D 100 6.71 -35.67 55.39
CA VAL D 100 8.13 -35.82 55.63
C VAL D 100 8.45 -37.29 55.40
N PHE D 101 9.58 -37.54 54.77
CA PHE D 101 10.02 -38.90 54.51
C PHE D 101 11.04 -39.15 55.63
N PHE D 102 10.95 -40.27 56.31
CA PHE D 102 11.89 -40.52 57.38
C PHE D 102 12.75 -41.75 57.09
N GLY D 103 13.83 -41.54 56.33
CA GLY D 103 14.71 -42.64 56.00
C GLY D 103 15.85 -42.82 56.98
N ARG D 104 16.08 -41.78 57.77
CA ARG D 104 17.14 -41.74 58.79
C ARG D 104 16.68 -42.46 60.05
N GLN D 105 16.39 -43.75 59.93
CA GLN D 105 15.95 -44.51 61.08
C GLN D 105 15.80 -45.98 60.74
N PRO D 106 15.84 -46.84 61.77
CA PRO D 106 15.71 -48.29 61.57
C PRO D 106 14.47 -48.62 60.75
N GLN D 107 13.29 -48.28 61.28
CA GLN D 107 12.05 -48.54 60.57
C GLN D 107 11.50 -47.27 59.90
N PRO D 108 12.01 -46.94 58.68
CA PRO D 108 11.57 -45.75 57.95
C PRO D 108 10.08 -45.68 57.61
N ASN D 109 9.55 -44.47 57.65
CA ASN D 109 8.15 -44.22 57.35
C ASN D 109 8.01 -42.86 56.70
N VAL D 110 6.78 -42.52 56.37
CA VAL D 110 6.46 -41.22 55.81
C VAL D 110 5.33 -40.79 56.73
N SER D 111 5.30 -39.51 57.09
CA SER D 111 4.27 -39.06 58.00
C SER D 111 3.72 -37.68 57.71
N GLU D 112 2.45 -37.52 58.05
CA GLU D 112 1.74 -36.28 57.87
C GLU D 112 1.71 -35.57 59.19
N LEU D 113 2.26 -34.37 59.19
CA LEU D 113 2.32 -33.57 60.39
C LEU D 113 1.60 -32.27 60.13
N VAL D 114 0.77 -31.86 61.07
CA VAL D 114 0.06 -30.62 60.92
C VAL D 114 0.80 -29.59 61.77
N VAL D 115 1.11 -28.44 61.18
CA VAL D 115 1.85 -27.38 61.86
C VAL D 115 1.12 -26.04 61.89
N GLY D 116 1.42 -25.24 62.90
CA GLY D 116 0.80 -23.93 63.04
C GLY D 116 0.89 -23.47 64.48
N PRO D 117 0.14 -22.43 64.85
CA PRO D 117 -0.76 -21.74 63.93
C PRO D 117 -0.04 -20.62 63.21
N LEU D 118 -0.25 -20.55 61.90
CA LEU D 118 0.37 -19.51 61.08
C LEU D 118 -0.18 -18.15 61.45
N PRO D 119 0.56 -17.08 61.14
CA PRO D 119 1.87 -17.12 60.46
C PRO D 119 3.01 -17.53 61.40
N HIS D 120 2.75 -17.47 62.70
CA HIS D 120 3.75 -17.82 63.67
C HIS D 120 3.38 -19.15 64.29
N PRO D 121 3.90 -20.25 63.73
CA PRO D 121 3.64 -21.61 64.20
C PRO D 121 4.19 -21.82 65.61
N SER D 122 3.71 -22.87 66.27
CA SER D 122 4.16 -23.18 67.61
C SER D 122 4.02 -24.66 67.83
N TYR D 123 2.87 -25.22 67.49
CA TYR D 123 2.68 -26.66 67.65
C TYR D 123 3.06 -27.39 66.36
N MET D 124 2.76 -28.67 66.33
CA MET D 124 3.07 -29.54 65.21
C MET D 124 2.53 -30.86 65.70
N ARG D 125 1.93 -31.66 64.82
CA ARG D 125 1.42 -32.95 65.28
C ARG D 125 1.16 -33.99 64.21
N ASP D 126 1.87 -35.10 64.34
CA ASP D 126 1.70 -36.19 63.41
C ASP D 126 0.23 -36.46 63.42
N VAL D 127 -0.28 -36.87 62.28
CA VAL D 127 -1.68 -37.17 62.13
C VAL D 127 -1.82 -38.39 61.25
N THR D 128 -0.69 -38.89 60.81
CA THR D 128 -0.61 -40.07 59.94
C THR D 128 -1.44 -41.27 60.42
N VAL D 129 -1.02 -41.85 61.54
CA VAL D 129 -1.68 -43.01 62.16
C VAL D 129 -3.15 -42.72 62.43
N GLU D 130 -3.38 -41.50 62.90
CA GLU D 130 -4.69 -40.99 63.22
C GLU D 130 -5.60 -40.96 61.99
N ARG D 131 -5.01 -40.66 60.83
CA ARG D 131 -5.75 -40.55 59.56
C ARG D 131 -5.80 -41.81 58.74
N HIS D 132 -4.77 -42.64 58.87
CA HIS D 132 -4.70 -43.84 58.09
C HIS D 132 -4.63 -45.11 58.90
N GLY D 133 -5.06 -45.03 60.15
CA GLY D 133 -5.04 -46.20 61.01
C GLY D 133 -3.69 -46.57 61.58
N GLY D 134 -2.63 -46.41 60.79
CA GLY D 134 -1.29 -46.76 61.26
C GLY D 134 -0.21 -45.99 60.52
N PRO D 135 1.05 -46.49 60.56
CA PRO D 135 2.19 -45.86 59.88
C PRO D 135 2.12 -45.96 58.38
N LEU D 136 2.56 -44.92 57.68
CA LEU D 136 2.55 -44.96 56.22
C LEU D 136 3.83 -45.61 55.75
N PRO D 137 3.74 -46.86 55.26
CA PRO D 137 4.91 -47.59 54.78
C PRO D 137 5.75 -46.68 53.89
N TYR D 138 7.05 -46.87 53.93
CA TYR D 138 7.96 -46.03 53.17
C TYR D 138 7.95 -46.29 51.65
N HIS D 139 7.56 -47.50 51.24
CA HIS D 139 7.55 -47.80 49.81
C HIS D 139 6.42 -47.12 49.05
N ARG D 140 5.46 -46.58 49.78
CA ARG D 140 4.32 -45.89 49.18
C ARG D 140 4.74 -44.49 48.78
N ARG D 141 5.76 -43.97 49.46
CA ARG D 141 6.30 -42.65 49.20
C ARG D 141 6.53 -42.41 47.70
N PRO D 142 6.04 -41.27 47.18
CA PRO D 142 6.22 -40.95 45.76
C PRO D 142 7.70 -40.79 45.44
N VAL D 143 8.07 -41.05 44.20
CA VAL D 143 9.47 -40.95 43.80
C VAL D 143 9.97 -39.51 43.74
N LEU D 144 10.98 -39.24 44.56
CA LEU D 144 11.61 -37.93 44.66
C LEU D 144 12.24 -37.50 43.36
N PHE D 145 12.53 -36.21 43.27
CA PHE D 145 13.19 -35.65 42.09
C PHE D 145 14.53 -36.34 41.99
N GLN D 146 15.26 -36.27 43.10
CA GLN D 146 16.57 -36.86 43.23
C GLN D 146 16.54 -38.33 42.82
N GLU D 147 15.58 -39.06 43.38
CA GLU D 147 15.41 -40.48 43.12
C GLU D 147 15.38 -40.84 41.63
N TYR D 148 14.81 -39.98 40.81
CA TYR D 148 14.76 -40.27 39.38
C TYR D 148 16.16 -40.23 38.76
N LEU D 149 16.94 -39.21 39.07
CA LEU D 149 18.28 -39.09 38.53
C LEU D 149 19.09 -40.35 38.82
N ASP D 150 19.06 -40.81 40.05
CA ASP D 150 19.78 -42.01 40.42
C ASP D 150 19.42 -43.13 39.47
N ILE D 151 18.14 -43.20 39.10
CA ILE D 151 17.70 -44.22 38.18
C ILE D 151 18.42 -43.98 36.86
N ASP D 152 18.31 -42.79 36.30
CA ASP D 152 18.97 -42.49 35.05
C ASP D 152 20.45 -42.72 35.21
N GLN D 153 20.98 -42.29 36.35
CA GLN D 153 22.38 -42.45 36.71
C GLN D 153 22.77 -43.91 36.46
N MET D 154 22.05 -44.78 37.13
CA MET D 154 22.26 -46.21 37.03
C MET D 154 22.00 -46.75 35.61
N ILE D 155 21.17 -46.05 34.86
CA ILE D 155 20.85 -46.50 33.53
C ILE D 155 21.89 -46.08 32.52
N PHE D 156 22.06 -44.78 32.31
CA PHE D 156 23.02 -44.28 31.34
C PHE D 156 24.47 -44.53 31.69
N ASN D 157 24.73 -44.84 32.95
CA ASN D 157 26.09 -45.09 33.44
C ASN D 157 26.45 -46.56 33.63
N ARG D 158 25.79 -47.24 34.57
CA ARG D 158 26.08 -48.65 34.81
C ARG D 158 25.37 -49.60 33.83
N GLU D 159 24.15 -49.24 33.44
CA GLU D 159 23.38 -50.12 32.57
C GLU D 159 23.55 -50.02 31.07
N LEU D 160 22.96 -48.98 30.47
CA LEU D 160 23.03 -48.78 29.01
C LEU D 160 24.37 -49.09 28.35
N PRO D 161 25.47 -48.83 29.06
CA PRO D 161 26.77 -49.11 28.46
C PRO D 161 26.96 -50.57 28.08
N GLN D 162 26.44 -51.47 28.92
CA GLN D 162 26.56 -52.92 28.68
C GLN D 162 25.95 -53.38 27.36
N ALA D 163 25.25 -52.47 26.70
CA ALA D 163 24.63 -52.80 25.42
C ALA D 163 24.92 -51.70 24.40
N SER D 164 26.02 -51.00 24.63
CA SER D 164 26.41 -49.93 23.75
C SER D 164 26.49 -50.40 22.31
N GLY D 165 26.90 -51.64 22.09
CA GLY D 165 26.99 -52.16 20.74
C GLY D 165 25.68 -52.02 19.99
N LEU D 166 24.62 -52.54 20.61
CA LEU D 166 23.28 -52.48 20.03
C LEU D 166 22.88 -51.03 19.87
N LEU D 167 23.07 -50.27 20.94
CA LEU D 167 22.73 -48.86 20.95
C LEU D 167 23.48 -48.12 19.85
N HIS D 168 24.79 -48.31 19.78
CA HIS D 168 25.62 -47.68 18.77
C HIS D 168 25.04 -47.92 17.38
N HIS D 169 24.20 -48.93 17.29
CA HIS D 169 23.60 -49.26 16.03
C HIS D 169 22.26 -48.53 15.85
N CYS D 170 21.20 -49.14 16.37
CA CYS D 170 19.81 -48.64 16.32
C CYS D 170 19.51 -47.18 16.63
N CYS D 171 19.98 -46.81 17.81
CA CYS D 171 19.69 -45.56 18.44
C CYS D 171 20.77 -44.46 18.50
N PHE D 172 21.89 -44.68 17.83
CA PHE D 172 22.96 -43.69 17.80
C PHE D 172 23.59 -43.38 19.17
N TYR D 173 23.62 -44.36 20.08
CA TYR D 173 24.21 -44.14 21.41
C TYR D 173 25.61 -43.66 21.14
N LYS D 174 26.10 -42.73 21.95
CA LYS D 174 27.45 -42.23 21.75
C LYS D 174 28.28 -42.12 23.03
N HIS D 175 29.60 -42.13 22.83
CA HIS D 175 30.60 -42.06 23.91
C HIS D 175 30.50 -40.77 24.77
N ARG D 176 29.45 -39.99 24.54
CA ARG D 176 29.19 -38.75 25.29
C ARG D 176 28.00 -38.97 26.23
N GLY D 177 26.91 -39.54 25.71
CA GLY D 177 25.76 -39.84 26.56
C GLY D 177 24.58 -38.88 26.69
N ARG D 178 23.45 -39.47 27.06
CA ARG D 178 22.20 -38.75 27.27
C ARG D 178 21.50 -38.16 26.03
N ASN D 179 21.67 -38.77 24.86
CA ASN D 179 20.97 -38.28 23.66
C ASN D 179 19.60 -38.96 23.70
N LEU D 180 19.41 -39.69 24.80
CA LEU D 180 18.18 -40.42 25.08
C LEU D 180 17.66 -40.04 26.45
N VAL D 181 16.38 -40.25 26.66
CA VAL D 181 15.76 -39.93 27.91
C VAL D 181 14.88 -41.08 28.31
N THR D 182 14.51 -41.09 29.58
CA THR D 182 13.67 -42.14 30.11
C THR D 182 12.38 -41.53 30.63
N MET D 183 11.34 -42.36 30.68
CA MET D 183 10.06 -41.90 31.20
C MET D 183 9.47 -42.98 32.09
N THR D 184 9.14 -42.56 33.31
CA THR D 184 8.57 -43.42 34.34
C THR D 184 7.16 -43.88 33.99
N THR D 185 6.68 -44.85 34.77
CA THR D 185 5.34 -45.39 34.60
C THR D 185 4.82 -45.78 35.99
N ALA D 186 3.60 -46.28 36.07
CA ALA D 186 3.06 -46.63 37.37
C ALA D 186 1.86 -47.57 37.27
N PRO D 187 1.59 -48.33 38.36
CA PRO D 187 2.35 -48.30 39.61
C PRO D 187 3.72 -48.96 39.49
N ARG D 188 4.45 -49.06 40.60
CA ARG D 188 5.78 -49.66 40.58
C ARG D 188 5.74 -51.10 41.10
N GLY D 189 5.64 -52.10 40.22
CA GLY D 189 5.62 -53.47 40.69
C GLY D 189 4.38 -54.30 40.36
N LEU D 190 4.19 -55.37 41.13
CA LEU D 190 3.06 -56.28 40.91
C LEU D 190 2.21 -56.58 42.14
N GLN D 191 2.76 -56.34 43.31
CA GLN D 191 2.01 -56.57 44.52
C GLN D 191 2.39 -55.53 45.55
N SER D 192 1.57 -55.40 46.59
CA SER D 192 1.82 -54.43 47.62
C SER D 192 3.22 -54.60 48.17
N GLY D 193 3.92 -53.48 48.30
CA GLY D 193 5.27 -53.51 48.82
C GLY D 193 6.36 -53.30 47.79
N ASP D 194 6.04 -53.35 46.50
CA ASP D 194 7.04 -53.20 45.46
C ASP D 194 7.40 -51.75 45.11
N ARG D 195 8.43 -51.62 44.27
CA ARG D 195 8.92 -50.33 43.77
C ARG D 195 9.78 -50.67 42.56
N ALA D 196 9.17 -51.38 41.61
CA ALA D 196 9.83 -51.78 40.37
C ALA D 196 9.15 -51.05 39.23
N THR D 197 9.85 -50.09 38.63
CA THR D 197 9.26 -49.31 37.55
C THR D 197 9.79 -49.63 36.18
N TRP D 198 8.90 -49.68 35.20
CA TRP D 198 9.30 -49.92 33.83
C TRP D 198 9.56 -48.54 33.19
N PHE D 199 10.71 -48.37 32.55
CA PHE D 199 11.01 -47.09 31.90
C PHE D 199 11.28 -47.24 30.43
N GLY D 200 10.44 -46.62 29.62
CA GLY D 200 10.68 -46.70 28.20
C GLY D 200 11.84 -45.78 27.96
N LEU D 201 12.44 -45.85 26.78
CA LEU D 201 13.55 -44.97 26.46
C LEU D 201 13.26 -44.22 25.17
N TYR D 202 13.49 -42.90 25.19
CA TYR D 202 13.21 -42.06 24.05
C TYR D 202 14.34 -41.15 23.69
N TYR D 203 14.28 -40.65 22.47
CA TYR D 203 15.26 -39.73 21.93
C TYR D 203 15.00 -38.37 22.55
N ASN D 204 16.03 -37.71 23.04
CA ASN D 204 15.85 -36.40 23.65
C ASN D 204 15.58 -35.30 22.61
N ILE D 205 14.40 -35.32 22.00
CA ILE D 205 14.00 -34.33 20.99
C ILE D 205 13.98 -32.88 21.49
N SER D 206 14.49 -31.97 20.67
CA SER D 206 14.55 -30.56 21.01
C SER D 206 13.27 -29.81 20.62
N GLY D 207 12.71 -29.05 21.57
CA GLY D 207 11.51 -28.27 21.30
C GLY D 207 10.35 -29.01 20.68
N ALA D 208 10.08 -30.19 21.20
CA ALA D 208 8.97 -31.04 20.73
C ALA D 208 9.00 -32.31 21.55
N GLY D 209 7.85 -32.96 21.67
CA GLY D 209 7.73 -34.17 22.47
C GLY D 209 8.51 -35.40 22.04
N PHE D 210 9.26 -35.92 23.00
CA PHE D 210 10.06 -37.11 22.80
C PHE D 210 9.16 -38.31 23.00
N PHE D 211 7.96 -38.03 23.51
CA PHE D 211 6.96 -39.05 23.81
C PHE D 211 6.63 -39.93 22.61
N LEU D 212 6.69 -39.35 21.41
CA LEU D 212 6.35 -40.06 20.17
C LEU D 212 7.52 -40.80 19.52
N HIS D 213 8.65 -40.86 20.21
CA HIS D 213 9.83 -41.50 19.67
C HIS D 213 10.44 -42.53 20.61
N HIS D 214 9.63 -43.53 20.93
CA HIS D 214 10.04 -44.59 21.80
C HIS D 214 11.00 -45.44 20.97
N VAL D 215 12.24 -45.56 21.43
CA VAL D 215 13.27 -46.32 20.71
C VAL D 215 13.06 -47.85 20.69
N GLY D 216 12.12 -48.32 21.50
CA GLY D 216 11.82 -49.74 21.55
C GLY D 216 12.44 -50.50 22.71
N LEU D 217 12.95 -49.77 23.70
CA LEU D 217 13.57 -50.40 24.86
C LEU D 217 12.99 -49.94 26.21
N GLU D 218 12.47 -50.87 26.98
CA GLU D 218 11.89 -50.53 28.27
C GLU D 218 12.60 -51.36 29.32
N LEU D 219 12.99 -50.73 30.42
CA LEU D 219 13.69 -51.44 31.47
C LEU D 219 12.91 -51.45 32.79
N LEU D 220 12.83 -52.62 33.44
CA LEU D 220 12.14 -52.74 34.72
C LEU D 220 13.19 -52.51 35.80
N VAL D 221 13.13 -51.35 36.45
CA VAL D 221 14.09 -51.01 37.49
C VAL D 221 13.55 -51.34 38.87
N ASN D 222 14.37 -52.00 39.67
CA ASN D 222 13.99 -52.36 41.02
C ASN D 222 14.70 -51.40 41.95
N HIS D 223 14.01 -50.33 42.30
CA HIS D 223 14.59 -49.31 43.17
C HIS D 223 14.11 -49.32 44.63
N LYS D 224 13.69 -50.47 45.12
CA LYS D 224 13.18 -50.57 46.49
C LYS D 224 14.21 -50.34 47.62
N ALA D 225 15.48 -50.69 47.38
CA ALA D 225 16.52 -50.52 48.39
C ALA D 225 16.77 -49.08 48.82
N LEU D 226 16.92 -48.87 50.12
CA LEU D 226 17.19 -47.54 50.64
C LEU D 226 18.56 -47.13 50.09
N ASP D 227 19.27 -48.14 49.60
CA ASP D 227 20.61 -47.96 49.05
C ASP D 227 20.67 -48.15 47.55
N PRO D 228 20.77 -47.03 46.78
CA PRO D 228 20.84 -46.96 45.32
C PRO D 228 21.86 -47.93 44.76
N ALA D 229 22.80 -48.32 45.63
CA ALA D 229 23.83 -49.24 45.25
C ALA D 229 23.17 -50.58 44.98
N ARG D 230 22.12 -50.91 45.73
CA ARG D 230 21.47 -52.19 45.52
C ARG D 230 20.33 -52.17 44.51
N TRP D 231 20.20 -51.11 43.72
CA TRP D 231 19.12 -51.09 42.73
C TRP D 231 19.52 -51.95 41.54
N THR D 232 18.53 -52.55 40.88
CA THR D 232 18.81 -53.43 39.76
C THR D 232 17.79 -53.36 38.63
N ILE D 233 18.10 -54.11 37.58
CA ILE D 233 17.26 -54.25 36.39
C ILE D 233 16.68 -55.66 36.49
N GLN D 234 15.36 -55.77 36.70
CA GLN D 234 14.72 -57.09 36.83
C GLN D 234 14.47 -57.74 35.48
N LYS D 235 14.23 -56.93 34.45
CA LYS D 235 14.00 -57.47 33.12
C LYS D 235 14.09 -56.34 32.09
N VAL D 236 14.41 -56.71 30.86
CA VAL D 236 14.54 -55.75 29.78
C VAL D 236 13.64 -56.16 28.64
N PHE D 237 13.09 -55.17 27.96
CA PHE D 237 12.23 -55.45 26.84
C PHE D 237 12.76 -54.62 25.69
N TYR D 238 13.01 -55.27 24.56
CA TYR D 238 13.48 -54.57 23.41
C TYR D 238 12.79 -55.01 22.15
N GLN D 239 12.35 -54.02 21.39
CA GLN D 239 11.69 -54.25 20.10
C GLN D 239 10.99 -55.59 19.97
N GLY D 240 10.22 -55.96 21.00
CA GLY D 240 9.49 -57.21 20.91
C GLY D 240 9.75 -58.33 21.91
N ARG D 241 10.99 -58.53 22.33
CA ARG D 241 11.25 -59.64 23.23
C ARG D 241 11.85 -59.28 24.58
N TYR D 242 11.69 -60.19 25.54
CA TYR D 242 12.20 -59.98 26.88
C TYR D 242 13.59 -60.57 27.09
N TYR D 243 14.45 -59.82 27.75
CA TYR D 243 15.80 -60.25 28.05
C TYR D 243 16.02 -60.06 29.55
N ASP D 244 16.90 -60.86 30.13
CA ASP D 244 17.16 -60.78 31.55
C ASP D 244 18.06 -59.63 31.90
N SER D 245 18.89 -59.23 30.96
CA SER D 245 19.79 -58.11 31.19
C SER D 245 20.18 -57.43 29.90
N LEU D 246 20.72 -56.23 30.04
CA LEU D 246 21.16 -55.47 28.89
C LEU D 246 22.29 -56.27 28.28
N ALA D 247 23.14 -56.78 29.15
CA ALA D 247 24.27 -57.57 28.70
C ALA D 247 23.83 -58.74 27.81
N GLN D 248 22.88 -59.53 28.31
CA GLN D 248 22.37 -60.68 27.59
C GLN D 248 21.83 -60.25 26.26
N LEU D 249 21.14 -59.13 26.25
CA LEU D 249 20.61 -58.60 25.02
C LEU D 249 21.79 -58.24 24.15
N GLU D 250 22.60 -57.30 24.66
CA GLU D 250 23.79 -56.85 23.96
C GLU D 250 24.45 -58.02 23.31
N ALA D 251 24.68 -59.05 24.12
CA ALA D 251 25.32 -60.27 23.66
C ALA D 251 24.59 -60.84 22.46
N GLN D 252 23.29 -61.07 22.61
CA GLN D 252 22.53 -61.64 21.51
C GLN D 252 22.47 -60.75 20.28
N PHE D 253 22.71 -59.46 20.46
CA PHE D 253 22.69 -58.55 19.32
C PHE D 253 23.92 -58.82 18.46
N GLU D 254 25.09 -58.82 19.11
CA GLU D 254 26.37 -59.06 18.44
C GLU D 254 26.42 -60.53 18.00
N ALA D 255 25.66 -61.38 18.69
CA ALA D 255 25.60 -62.80 18.39
C ALA D 255 24.96 -62.91 17.02
N GLY D 256 24.05 -61.97 16.77
CA GLY D 256 23.36 -61.90 15.50
C GLY D 256 21.92 -62.39 15.52
N LEU D 257 21.33 -62.59 16.70
CA LEU D 257 19.96 -63.08 16.74
C LEU D 257 18.92 -62.05 17.15
N VAL D 258 19.33 -60.78 17.20
CA VAL D 258 18.40 -59.72 17.57
C VAL D 258 18.21 -58.79 16.39
N ASN D 259 17.08 -58.90 15.71
CA ASN D 259 16.82 -58.04 14.56
C ASN D 259 16.37 -56.65 14.96
N VAL D 260 17.12 -55.65 14.54
CA VAL D 260 16.80 -54.27 14.89
C VAL D 260 16.20 -53.44 13.77
N VAL D 261 15.14 -52.73 14.15
CA VAL D 261 14.43 -51.82 13.27
C VAL D 261 15.02 -50.46 13.64
N LEU D 262 15.74 -49.86 12.70
CA LEU D 262 16.39 -48.58 12.95
C LEU D 262 15.39 -47.44 13.07
N ILE D 263 15.39 -46.80 14.23
CA ILE D 263 14.47 -45.69 14.48
C ILE D 263 15.14 -44.35 14.12
N PRO D 264 14.52 -43.57 13.22
CA PRO D 264 15.10 -42.29 12.84
C PRO D 264 15.14 -41.32 14.02
N ASP D 265 16.24 -40.58 14.18
CA ASP D 265 16.36 -39.65 15.29
C ASP D 265 15.95 -38.21 14.95
N ASN D 266 15.36 -38.03 13.76
CA ASN D 266 14.91 -36.72 13.29
C ASN D 266 13.89 -36.84 12.15
N GLY D 267 13.20 -35.74 11.84
CA GLY D 267 12.22 -35.73 10.77
C GLY D 267 11.46 -34.42 10.66
N THR D 268 10.28 -34.45 10.02
CA THR D 268 9.44 -33.27 9.84
C THR D 268 7.96 -33.53 10.10
N GLY D 269 7.22 -32.46 10.38
CA GLY D 269 5.80 -32.62 10.63
C GLY D 269 5.55 -32.62 12.11
N GLY D 270 4.29 -32.89 12.46
CA GLY D 270 3.87 -32.90 13.85
C GLY D 270 4.60 -33.90 14.72
N SER D 271 4.94 -35.05 14.13
CA SER D 271 5.64 -36.09 14.84
C SER D 271 7.01 -35.58 15.28
N TRP D 272 7.45 -34.46 14.68
CA TRP D 272 8.76 -33.90 15.01
C TRP D 272 8.80 -32.49 15.54
N SER D 273 7.82 -31.65 15.21
CA SER D 273 7.86 -30.29 15.75
C SER D 273 6.49 -29.74 16.06
N LEU D 274 6.46 -28.72 16.91
CA LEU D 274 5.21 -28.07 17.27
C LEU D 274 5.11 -26.75 16.55
N LYS D 275 6.24 -26.30 15.99
CA LYS D 275 6.28 -25.02 15.29
C LYS D 275 5.56 -25.14 13.96
N SER D 276 4.53 -24.32 13.79
CA SER D 276 3.76 -24.33 12.56
C SER D 276 4.58 -23.79 11.40
N PRO D 277 4.70 -24.57 10.31
CA PRO D 277 5.47 -24.15 9.13
C PRO D 277 4.85 -22.94 8.42
N VAL D 278 3.57 -22.71 8.64
CA VAL D 278 2.85 -21.62 8.01
C VAL D 278 2.89 -20.27 8.73
N PRO D 279 3.19 -19.19 7.99
CA PRO D 279 3.25 -17.84 8.58
C PRO D 279 1.84 -17.30 8.79
N PRO D 280 1.65 -16.49 9.83
CA PRO D 280 0.34 -15.92 10.15
C PRO D 280 -0.40 -15.28 8.96
N GLY D 281 -1.67 -15.02 9.19
CA GLY D 281 -2.51 -14.39 8.21
C GLY D 281 -3.26 -13.35 8.99
N PRO D 282 -4.55 -13.13 8.69
CA PRO D 282 -5.36 -12.15 9.41
C PRO D 282 -5.56 -12.58 10.86
N ALA D 283 -5.40 -11.65 11.80
CA ALA D 283 -5.57 -11.96 13.20
C ALA D 283 -6.97 -12.48 13.50
N PRO D 284 -7.06 -13.56 14.30
CA PRO D 284 -8.31 -14.20 14.69
C PRO D 284 -9.13 -13.32 15.61
N PRO D 285 -10.46 -13.43 15.54
CA PRO D 285 -11.30 -12.60 16.40
C PRO D 285 -10.68 -12.45 17.77
N LEU D 286 -10.79 -11.24 18.30
CA LEU D 286 -10.23 -10.92 19.60
C LEU D 286 -11.34 -10.56 20.57
N GLN D 287 -11.22 -11.06 21.80
CA GLN D 287 -12.20 -10.80 22.85
C GLN D 287 -11.77 -9.59 23.69
N PHE D 288 -12.68 -8.67 23.99
CA PHE D 288 -12.30 -7.54 24.84
C PHE D 288 -13.45 -6.93 25.67
N TYR D 289 -13.10 -6.41 26.84
CA TYR D 289 -14.07 -5.78 27.74
C TYR D 289 -14.14 -4.31 27.35
N PRO D 290 -15.25 -3.89 26.74
CA PRO D 290 -15.40 -2.49 26.34
C PRO D 290 -15.24 -1.44 27.45
N GLN D 291 -15.59 -1.78 28.68
CA GLN D 291 -15.46 -0.83 29.77
C GLN D 291 -14.59 -1.33 30.90
N GLY D 292 -13.87 -2.41 30.65
CA GLY D 292 -13.00 -2.98 31.66
C GLY D 292 -13.52 -4.27 32.25
N PRO D 293 -12.68 -5.02 32.97
CA PRO D 293 -13.14 -6.29 33.56
C PRO D 293 -14.31 -6.02 34.48
N ARG D 294 -15.24 -6.97 34.56
CA ARG D 294 -16.40 -6.77 35.42
C ARG D 294 -16.35 -7.65 36.65
N PHE D 295 -15.16 -8.15 36.94
CA PHE D 295 -14.94 -8.99 38.09
C PHE D 295 -13.67 -8.51 38.77
N SER D 296 -13.37 -9.07 39.93
CA SER D 296 -12.19 -8.64 40.65
C SER D 296 -11.51 -9.74 41.46
N VAL D 297 -10.35 -10.18 40.99
CA VAL D 297 -9.60 -11.20 41.70
C VAL D 297 -8.82 -10.47 42.77
N GLN D 298 -9.28 -10.61 44.00
CA GLN D 298 -8.65 -9.96 45.13
C GLN D 298 -7.97 -11.04 45.96
N GLY D 299 -6.83 -11.53 45.48
CA GLY D 299 -6.13 -12.59 46.18
C GLY D 299 -6.63 -13.93 45.70
N SER D 300 -7.24 -14.71 46.59
CA SER D 300 -7.79 -16.01 46.22
C SER D 300 -9.27 -15.87 45.93
N ARG D 301 -9.86 -14.73 46.27
CA ARG D 301 -11.28 -14.53 46.03
C ARG D 301 -11.64 -13.67 44.83
N VAL D 302 -12.44 -14.26 43.94
CA VAL D 302 -12.93 -13.57 42.76
C VAL D 302 -14.31 -13.11 43.11
N ALA D 303 -14.64 -11.90 42.69
CA ALA D 303 -15.94 -11.37 42.97
C ALA D 303 -16.46 -10.58 41.77
N SER D 304 -17.67 -10.93 41.36
CA SER D 304 -18.32 -10.25 40.25
C SER D 304 -19.76 -9.97 40.66
N SER D 305 -20.48 -9.33 39.75
CA SER D 305 -21.86 -8.97 39.97
C SER D 305 -22.72 -10.12 40.50
N LEU D 306 -22.50 -11.34 40.00
CA LEU D 306 -23.28 -12.51 40.38
C LEU D 306 -22.60 -13.54 41.26
N TRP D 307 -21.33 -13.81 40.97
CA TRP D 307 -20.58 -14.82 41.71
C TRP D 307 -19.48 -14.24 42.60
N THR D 308 -19.13 -15.00 43.64
CA THR D 308 -18.04 -14.66 44.57
C THR D 308 -17.53 -16.00 45.03
N PHE D 309 -16.22 -16.13 45.14
CA PHE D 309 -15.63 -17.40 45.54
C PHE D 309 -14.13 -17.28 45.67
N SER D 310 -13.56 -18.24 46.40
CA SER D 310 -12.13 -18.30 46.61
C SER D 310 -11.71 -19.51 45.79
N PHE D 311 -10.47 -19.51 45.32
CA PHE D 311 -9.98 -20.62 44.54
C PHE D 311 -8.57 -20.98 45.00
N GLY D 312 -8.14 -22.17 44.61
CA GLY D 312 -6.82 -22.63 44.99
C GLY D 312 -6.39 -23.84 44.22
N LEU D 313 -5.23 -24.36 44.59
CA LEU D 313 -4.69 -25.52 43.93
C LEU D 313 -4.14 -26.50 44.96
N GLY D 314 -4.65 -27.71 44.95
CA GLY D 314 -4.15 -28.69 45.87
C GLY D 314 -2.83 -29.11 45.28
N ALA D 315 -1.80 -29.22 46.11
CA ALA D 315 -0.50 -29.63 45.60
C ALA D 315 -0.69 -30.90 44.78
N PHE D 316 -1.51 -31.81 45.30
CA PHE D 316 -1.75 -33.06 44.60
C PHE D 316 -3.15 -33.21 44.10
N SER D 317 -4.12 -32.75 44.88
CA SER D 317 -5.50 -32.89 44.44
C SER D 317 -5.79 -32.09 43.16
N GLY D 318 -5.25 -30.89 43.06
CA GLY D 318 -5.50 -30.07 41.88
C GLY D 318 -6.55 -28.98 42.13
N PRO D 319 -6.93 -28.24 41.08
CA PRO D 319 -7.92 -27.15 41.16
C PRO D 319 -9.02 -27.35 42.21
N ARG D 320 -9.40 -26.26 42.87
CA ARG D 320 -10.44 -26.32 43.89
C ARG D 320 -11.05 -24.96 44.16
N ILE D 321 -12.36 -24.95 44.38
CA ILE D 321 -13.07 -23.72 44.66
C ILE D 321 -13.97 -23.90 45.88
N PHE D 322 -13.97 -22.89 46.74
CA PHE D 322 -14.79 -22.92 47.95
C PHE D 322 -15.71 -21.72 48.11
N ASP D 323 -16.75 -21.91 48.91
CA ASP D 323 -17.70 -20.86 49.21
C ASP D 323 -18.15 -20.10 47.97
N VAL D 324 -18.88 -20.79 47.11
CA VAL D 324 -19.36 -20.14 45.91
C VAL D 324 -20.72 -19.56 46.25
N ARG D 325 -20.83 -18.24 46.16
CA ARG D 325 -22.09 -17.56 46.46
C ARG D 325 -22.64 -16.88 45.20
N PHE D 326 -23.89 -17.18 44.87
CA PHE D 326 -24.51 -16.55 43.72
C PHE D 326 -25.43 -15.45 44.20
N GLN D 327 -25.04 -14.20 43.93
CA GLN D 327 -25.81 -13.05 44.36
C GLN D 327 -25.92 -13.16 45.86
N GLY D 328 -24.81 -13.48 46.51
CA GLY D 328 -24.81 -13.59 47.95
C GLY D 328 -25.14 -14.94 48.58
N GLU D 329 -25.93 -15.78 47.91
CA GLU D 329 -26.26 -17.07 48.49
C GLU D 329 -25.33 -18.24 48.15
N ARG D 330 -24.75 -18.81 49.20
CA ARG D 330 -23.83 -19.92 49.06
C ARG D 330 -24.57 -21.17 48.60
N LEU D 331 -24.06 -21.76 47.52
CA LEU D 331 -24.62 -22.96 46.92
C LEU D 331 -23.73 -24.12 47.29
N VAL D 332 -22.45 -23.90 47.08
CA VAL D 332 -21.42 -24.88 47.33
C VAL D 332 -20.37 -24.42 48.34
N TYR D 333 -19.97 -25.32 49.23
CA TYR D 333 -18.94 -25.00 50.20
C TYR D 333 -17.61 -25.36 49.55
N GLU D 334 -17.62 -26.39 48.71
CA GLU D 334 -16.40 -26.81 48.05
C GLU D 334 -16.66 -27.65 46.82
N ILE D 335 -15.96 -27.33 45.74
CA ILE D 335 -16.03 -28.11 44.49
C ILE D 335 -14.56 -28.27 44.12
N SER D 336 -13.99 -29.40 44.50
CA SER D 336 -12.59 -29.65 44.26
C SER D 336 -12.28 -30.89 43.44
N LEU D 337 -11.14 -30.87 42.76
CA LEU D 337 -10.73 -32.03 41.99
C LEU D 337 -10.13 -32.95 43.06
N GLN D 338 -10.33 -34.26 42.92
CA GLN D 338 -9.81 -35.20 43.89
C GLN D 338 -8.73 -36.09 43.35
N GLU D 339 -8.90 -36.55 42.11
CA GLU D 339 -7.94 -37.45 41.48
C GLU D 339 -8.04 -37.48 39.95
N ALA D 340 -7.11 -38.21 39.32
CA ALA D 340 -7.06 -38.37 37.87
C ALA D 340 -6.28 -39.64 37.58
N LEU D 341 -6.95 -40.55 36.88
CA LEU D 341 -6.37 -41.84 36.52
C LEU D 341 -6.30 -41.94 34.99
N ALA D 342 -5.45 -42.85 34.52
CA ALA D 342 -5.25 -43.09 33.09
C ALA D 342 -4.77 -44.52 32.98
N ILE D 343 -5.67 -45.40 32.60
CA ILE D 343 -5.33 -46.80 32.49
C ILE D 343 -5.00 -47.18 31.05
N TYR D 344 -3.83 -47.79 30.87
CA TYR D 344 -3.39 -48.15 29.54
C TYR D 344 -3.45 -49.60 29.09
N GLY D 345 -3.61 -49.72 27.78
CA GLY D 345 -3.63 -51.01 27.13
C GLY D 345 -2.29 -50.92 26.46
N GLY D 346 -1.65 -52.03 26.17
CA GLY D 346 -0.35 -51.90 25.55
C GLY D 346 0.18 -53.05 24.75
N ASN D 347 1.18 -52.71 23.95
CA ASN D 347 1.86 -53.65 23.07
C ASN D 347 3.08 -54.14 23.83
N SER D 348 3.71 -53.21 24.53
CA SER D 348 4.92 -53.46 25.29
C SER D 348 4.59 -53.50 26.78
N PRO D 349 5.51 -53.99 27.61
CA PRO D 349 5.34 -54.10 29.08
C PRO D 349 4.97 -52.79 29.77
N ALA D 350 5.50 -51.67 29.26
CA ALA D 350 5.21 -50.35 29.83
C ALA D 350 3.74 -50.02 29.66
N ALA D 351 3.36 -49.73 28.41
CA ALA D 351 1.97 -49.39 28.13
C ALA D 351 1.11 -50.35 28.94
N MET D 352 1.21 -51.62 28.55
CA MET D 352 0.54 -52.78 29.12
C MET D 352 0.18 -52.77 30.62
N THR D 353 1.01 -52.17 31.46
CA THR D 353 0.73 -52.13 32.91
C THR D 353 0.63 -50.73 33.49
N THR D 354 0.69 -49.71 32.65
CA THR D 354 0.59 -48.37 33.16
C THR D 354 -0.82 -48.01 33.60
N ARG D 355 -0.96 -47.65 34.87
CA ARG D 355 -2.23 -47.21 35.42
C ARG D 355 -1.92 -45.98 36.26
N TYR D 356 -1.56 -44.89 35.58
CA TYR D 356 -1.22 -43.63 36.24
C TYR D 356 -2.34 -43.12 37.14
N VAL D 357 -1.95 -42.59 38.29
CA VAL D 357 -2.90 -42.01 39.24
C VAL D 357 -2.25 -40.67 39.55
N ASP D 358 -2.31 -39.78 38.56
CA ASP D 358 -1.71 -38.45 38.58
C ASP D 358 -1.58 -37.66 39.87
N GLY D 359 -2.49 -37.86 40.81
CA GLY D 359 -2.39 -37.16 42.08
C GLY D 359 -1.19 -37.67 42.86
N GLY D 360 -0.70 -38.84 42.45
CA GLY D 360 0.46 -39.44 43.09
C GLY D 360 1.68 -38.64 42.69
N PHE D 361 1.50 -37.80 41.67
CA PHE D 361 2.53 -36.90 41.17
C PHE D 361 2.13 -35.53 41.67
N GLY D 362 0.83 -35.24 41.54
CA GLY D 362 0.29 -33.97 42.00
C GLY D 362 -0.13 -33.07 40.86
N MET D 363 -1.40 -32.67 40.85
CA MET D 363 -1.89 -31.79 39.79
C MET D 363 -1.47 -30.35 40.06
N GLY D 364 -1.36 -29.99 41.33
CA GLY D 364 -0.96 -28.64 41.66
C GLY D 364 0.50 -28.50 41.29
N LYS D 365 1.30 -29.40 41.86
CA LYS D 365 2.74 -29.45 41.62
C LYS D 365 3.06 -29.31 40.12
N TYR D 366 2.45 -30.13 39.28
CA TYR D 366 2.69 -30.08 37.84
C TYR D 366 1.88 -29.06 37.03
N THR D 367 1.37 -28.03 37.72
CA THR D 367 0.61 -26.99 37.06
C THR D 367 1.58 -26.14 36.26
N THR D 368 1.40 -26.07 34.95
CA THR D 368 2.28 -25.29 34.12
C THR D 368 1.72 -23.90 33.95
N PRO D 369 2.60 -22.90 33.85
CA PRO D 369 2.18 -21.50 33.67
C PRO D 369 1.36 -21.34 32.40
N LEU D 370 0.30 -20.56 32.50
CA LEU D 370 -0.57 -20.35 31.36
C LEU D 370 0.02 -19.32 30.41
N THR D 371 -0.02 -19.65 29.13
CA THR D 371 0.51 -18.79 28.08
C THR D 371 -0.56 -17.81 27.66
N ARG D 372 -0.32 -16.54 27.98
CA ARG D 372 -1.23 -15.43 27.71
C ARG D 372 -1.58 -15.33 26.25
N GLY D 373 -2.85 -15.58 25.91
CA GLY D 373 -3.30 -15.50 24.53
C GLY D 373 -3.67 -16.79 23.85
N VAL D 374 -3.13 -17.90 24.36
CA VAL D 374 -3.40 -19.24 23.81
C VAL D 374 -4.18 -20.06 24.83
N ASP D 375 -3.61 -20.16 26.03
CA ASP D 375 -4.23 -20.90 27.11
C ASP D 375 -5.46 -20.14 27.62
N CYS D 376 -5.36 -18.81 27.63
CA CYS D 376 -6.45 -17.93 28.08
C CYS D 376 -6.55 -16.69 27.18
N PRO D 377 -7.76 -16.12 27.04
CA PRO D 377 -7.90 -14.93 26.20
C PRO D 377 -6.87 -13.87 26.63
N TYR D 378 -6.22 -13.27 25.64
CA TYR D 378 -5.18 -12.29 25.87
C TYR D 378 -5.40 -11.20 26.92
N LEU D 379 -6.65 -10.94 27.28
CA LEU D 379 -6.90 -9.90 28.25
C LEU D 379 -7.61 -10.47 29.48
N ALA D 380 -7.15 -11.63 29.90
CA ALA D 380 -7.68 -12.32 31.07
C ALA D 380 -6.78 -11.94 32.23
N THR D 381 -7.25 -12.18 33.46
CA THR D 381 -6.45 -11.88 34.64
C THR D 381 -5.63 -13.14 34.97
N TYR D 382 -4.37 -12.99 35.36
CA TYR D 382 -3.55 -14.15 35.67
C TYR D 382 -3.00 -14.11 37.10
N VAL D 383 -3.15 -15.22 37.81
CA VAL D 383 -2.69 -15.31 39.20
C VAL D 383 -1.51 -16.28 39.33
N ASP D 384 -0.72 -16.10 40.40
CA ASP D 384 0.45 -16.94 40.65
C ASP D 384 0.13 -18.06 41.66
N TRP D 385 1.03 -19.04 41.78
CA TRP D 385 0.84 -20.14 42.73
C TRP D 385 2.13 -20.49 43.46
N HIS D 386 2.19 -20.12 44.73
CA HIS D 386 3.38 -20.38 45.53
C HIS D 386 3.30 -21.79 46.10
N PHE D 387 4.40 -22.54 45.94
CA PHE D 387 4.43 -23.91 46.42
C PHE D 387 5.76 -24.31 47.06
N LEU D 388 5.70 -25.30 47.93
CA LEU D 388 6.88 -25.81 48.62
C LEU D 388 6.77 -27.34 48.58
N LEU D 389 7.38 -27.94 47.55
CA LEU D 389 7.33 -29.39 47.33
C LEU D 389 8.68 -29.90 46.85
N GLU D 390 9.26 -30.84 47.59
CA GLU D 390 10.58 -31.38 47.24
C GLU D 390 11.50 -30.16 47.07
N SER D 391 11.67 -29.42 48.15
CA SER D 391 12.48 -28.21 48.14
C SER D 391 12.35 -27.67 49.56
N GLN D 392 13.18 -26.71 49.94
CA GLN D 392 13.14 -26.12 51.29
C GLN D 392 12.83 -24.62 51.26
N ALA D 393 12.83 -24.05 50.05
CA ALA D 393 12.55 -22.65 49.84
C ALA D 393 11.37 -22.56 48.88
N PRO D 394 10.36 -21.75 49.21
CA PRO D 394 9.19 -21.60 48.33
C PRO D 394 9.48 -20.99 46.96
N LYS D 395 8.86 -21.58 45.94
CA LYS D 395 9.00 -21.11 44.56
C LYS D 395 7.61 -20.73 44.08
N THR D 396 7.54 -20.10 42.91
CA THR D 396 6.26 -19.67 42.37
C THR D 396 6.03 -20.01 40.90
N ILE D 397 4.81 -20.42 40.57
CA ILE D 397 4.43 -20.71 39.20
C ILE D 397 3.66 -19.46 38.78
N ARG D 398 4.15 -18.75 37.78
CA ARG D 398 3.44 -17.58 37.35
C ARG D 398 2.31 -18.01 36.42
N ASP D 399 1.19 -17.32 36.55
CA ASP D 399 0.01 -17.57 35.72
C ASP D 399 -0.52 -18.99 35.81
N ALA D 400 -0.54 -19.52 37.03
CA ALA D 400 -1.04 -20.86 37.30
C ALA D 400 -2.53 -20.89 36.93
N PHE D 401 -3.25 -19.85 37.36
CA PHE D 401 -4.68 -19.72 37.04
C PHE D 401 -4.94 -18.44 36.25
N CYS D 402 -6.09 -18.42 35.59
CA CYS D 402 -6.53 -17.24 34.85
C CYS D 402 -8.05 -17.18 35.00
N VAL D 403 -8.54 -15.97 35.28
CA VAL D 403 -9.95 -15.74 35.46
C VAL D 403 -10.34 -14.71 34.42
N PHE D 404 -11.48 -14.89 33.78
CA PHE D 404 -11.91 -13.97 32.75
C PHE D 404 -13.37 -14.16 32.37
N GLU D 405 -13.90 -13.22 31.60
CA GLU D 405 -15.27 -13.26 31.12
C GLU D 405 -15.25 -13.60 29.64
N GLN D 406 -16.06 -14.58 29.26
CA GLN D 406 -16.10 -15.01 27.88
C GLN D 406 -17.50 -14.87 27.30
N ASN D 407 -17.62 -14.07 26.25
CA ASN D 407 -18.90 -13.92 25.62
C ASN D 407 -18.97 -15.15 24.74
N GLN D 408 -20.00 -15.96 24.94
CA GLN D 408 -20.15 -17.20 24.19
C GLN D 408 -20.54 -17.09 22.71
N GLY D 409 -21.23 -16.00 22.36
CA GLY D 409 -21.68 -15.79 21.00
C GLY D 409 -23.10 -16.30 20.90
N LEU D 410 -23.39 -17.22 21.80
CA LEU D 410 -24.67 -17.89 21.96
C LEU D 410 -25.52 -17.17 23.03
N PRO D 411 -26.82 -17.04 22.80
CA PRO D 411 -27.69 -16.36 23.75
C PRO D 411 -28.04 -17.23 24.96
N LEU D 412 -28.30 -16.58 26.09
CA LEU D 412 -28.68 -17.27 27.32
C LEU D 412 -30.15 -17.64 27.24
N ARG D 413 -30.99 -16.65 26.92
CA ARG D 413 -32.45 -16.81 26.77
C ARG D 413 -32.87 -16.00 25.53
N ARG D 414 -33.90 -16.43 24.81
CA ARG D 414 -34.28 -15.70 23.62
C ARG D 414 -35.64 -16.08 23.03
N HIS D 415 -36.43 -15.06 22.67
CA HIS D 415 -37.74 -15.30 22.09
C HIS D 415 -38.19 -14.19 21.15
N HIS D 416 -38.48 -14.55 19.91
CA HIS D 416 -38.93 -13.60 18.90
C HIS D 416 -40.42 -13.85 18.67
N SER D 417 -41.25 -12.87 19.04
CA SER D 417 -42.69 -13.01 18.89
C SER D 417 -43.31 -12.16 17.80
N ASP D 418 -43.98 -12.82 16.86
CA ASP D 418 -44.68 -12.15 15.76
C ASP D 418 -46.16 -12.50 15.94
N LEU D 419 -46.42 -13.41 16.87
CA LEU D 419 -47.77 -13.91 17.17
C LEU D 419 -48.54 -13.12 18.23
N TYR D 420 -49.68 -12.57 17.81
CA TYR D 420 -50.58 -11.78 18.67
C TYR D 420 -50.04 -10.45 19.16
N SER D 421 -48.75 -10.43 19.49
CA SER D 421 -48.10 -9.23 19.99
C SER D 421 -46.64 -9.32 19.56
N HIS D 422 -46.18 -8.40 18.71
CA HIS D 422 -44.79 -8.40 18.27
C HIS D 422 -43.87 -7.79 19.32
N TYR D 423 -42.84 -8.55 19.67
CA TYR D 423 -41.88 -8.12 20.68
C TYR D 423 -40.70 -9.09 20.69
N PHE D 424 -39.57 -8.64 21.25
CA PHE D 424 -38.41 -9.50 21.36
C PHE D 424 -37.70 -9.28 22.69
N GLY D 425 -37.28 -10.39 23.32
CA GLY D 425 -36.60 -10.28 24.59
C GLY D 425 -35.56 -11.36 24.74
N GLY D 426 -34.34 -10.99 25.07
CA GLY D 426 -33.29 -11.98 25.23
C GLY D 426 -32.06 -11.53 26.00
N LEU D 427 -31.02 -12.35 25.96
CA LEU D 427 -29.78 -12.06 26.65
C LEU D 427 -28.63 -12.93 26.16
N ALA D 428 -27.65 -12.31 25.49
CA ALA D 428 -26.48 -13.02 24.99
C ALA D 428 -25.62 -13.39 26.19
N GLU D 429 -25.45 -14.68 26.39
CA GLU D 429 -24.69 -15.20 27.52
C GLU D 429 -23.19 -14.93 27.58
N THR D 430 -22.77 -14.34 28.69
CA THR D 430 -21.38 -14.02 28.99
C THR D 430 -21.11 -14.79 30.28
N VAL D 431 -20.07 -15.65 30.27
CA VAL D 431 -19.69 -16.47 31.43
C VAL D 431 -18.41 -16.03 32.15
N LEU D 432 -18.19 -16.60 33.32
CA LEU D 432 -17.02 -16.27 34.12
C LEU D 432 -16.23 -17.55 34.30
N VAL D 433 -15.07 -17.62 33.65
CA VAL D 433 -14.23 -18.80 33.72
C VAL D 433 -12.99 -18.68 34.60
N VAL D 434 -12.66 -19.77 35.27
CA VAL D 434 -11.45 -19.84 36.10
C VAL D 434 -10.73 -21.09 35.56
N ARG D 435 -9.53 -20.89 35.05
CA ARG D 435 -8.80 -21.99 34.46
C ARG D 435 -7.45 -22.29 35.07
N SER D 436 -6.99 -23.51 34.90
CA SER D 436 -5.71 -23.93 35.44
C SER D 436 -5.25 -25.14 34.65
N MET D 437 -3.96 -25.19 34.33
CA MET D 437 -3.45 -26.33 33.56
C MET D 437 -2.37 -27.10 34.28
N SER D 438 -2.53 -28.41 34.27
CA SER D 438 -1.61 -29.32 34.92
C SER D 438 -0.95 -30.21 33.87
N THR D 439 0.36 -30.06 33.67
CA THR D 439 1.05 -30.88 32.69
C THR D 439 1.80 -32.04 33.33
N LEU D 440 1.16 -33.20 33.39
CA LEU D 440 1.75 -34.40 33.98
C LEU D 440 2.51 -35.20 32.92
N LEU D 441 3.80 -34.96 32.83
CA LEU D 441 4.63 -35.65 31.85
C LEU D 441 4.29 -35.29 30.42
N ASN D 442 3.43 -36.11 29.83
CA ASN D 442 3.02 -35.94 28.44
C ASN D 442 1.81 -35.04 28.17
N PAQ D 443 0.65 -35.34 28.74
CA PAQ D 443 -0.51 -34.46 28.43
CB PAQ D 443 -1.84 -35.21 28.34
CG PAQ D 443 -1.92 -36.37 29.31
CD1 PAQ D 443 -2.39 -37.70 28.83
O2 PAQ D 443 -2.81 -37.86 27.66
CD2 PAQ D 443 -1.51 -36.23 30.63
CE1 PAQ D 443 -2.39 -38.77 29.72
CE2 PAQ D 443 -1.54 -37.34 31.49
CZ PAQ D 443 -1.96 -38.59 31.03
OH PAQ D 443 -1.99 -39.64 31.89
N1 PAQ D 443 -1.11 -37.16 32.76
N2 PAQ D 443 -1.05 -38.17 33.61
C1 PAQ D 443 0.16 -38.68 33.94
C2 PAQ D 443 0.96 -39.28 32.97
C3 PAQ D 443 2.22 -39.74 33.31
C4 PAQ D 443 2.67 -39.60 34.63
C5 PAQ D 443 1.83 -39.00 35.56
N3 PAQ D 443 0.62 -38.55 35.19
C PAQ D 443 -0.62 -33.34 29.42
O PAQ D 443 -0.01 -33.42 30.48
N ASP D 444 -1.41 -32.35 29.04
CA ASP D 444 -1.68 -31.16 29.80
C ASP D 444 -3.18 -31.20 30.05
N TYR D 445 -3.56 -31.09 31.32
CA TYR D 445 -4.97 -31.10 31.66
C TYR D 445 -5.46 -29.68 31.74
N VAL D 446 -6.72 -29.47 31.40
CA VAL D 446 -7.28 -28.14 31.44
C VAL D 446 -8.48 -28.17 32.36
N TRP D 447 -8.32 -27.57 33.54
CA TRP D 447 -9.38 -27.54 34.54
C TRP D 447 -10.19 -26.29 34.42
N ASP D 448 -11.41 -26.50 33.95
CA ASP D 448 -12.32 -25.42 33.72
C ASP D 448 -13.51 -25.30 34.60
N THR D 449 -13.67 -24.12 35.18
CA THR D 449 -14.80 -23.85 36.02
C THR D 449 -15.51 -22.62 35.50
N VAL D 450 -16.62 -22.88 34.84
CA VAL D 450 -17.45 -21.87 34.22
C VAL D 450 -18.65 -21.48 35.11
N PHE D 451 -18.81 -20.19 35.31
CA PHE D 451 -19.92 -19.67 36.11
C PHE D 451 -20.91 -18.96 35.22
N HIS D 452 -22.08 -19.55 35.11
CA HIS D 452 -23.13 -19.01 34.27
C HIS D 452 -24.05 -17.99 34.89
N PRO D 453 -24.55 -17.06 34.06
CA PRO D 453 -25.46 -16.00 34.46
C PRO D 453 -26.79 -16.54 34.95
N SER D 454 -27.05 -17.81 34.64
CA SER D 454 -28.29 -18.48 35.03
C SER D 454 -28.19 -19.09 36.44
N GLY D 455 -27.04 -18.92 37.10
CA GLY D 455 -26.84 -19.47 38.42
C GLY D 455 -26.31 -20.88 38.31
N ALA D 456 -26.13 -21.35 37.08
CA ALA D 456 -25.62 -22.70 36.83
C ALA D 456 -24.10 -22.68 36.84
N ILE D 457 -23.51 -23.75 37.39
CA ILE D 457 -22.06 -23.89 37.45
C ILE D 457 -21.63 -25.07 36.61
N GLU D 458 -20.66 -24.84 35.75
CA GLU D 458 -20.14 -25.88 34.89
C GLU D 458 -18.74 -26.27 35.31
N ILE D 459 -18.39 -27.52 35.07
CA ILE D 459 -17.09 -28.05 35.41
C ILE D 459 -16.62 -28.89 34.25
N ARG D 460 -15.55 -28.49 33.61
CA ARG D 460 -15.06 -29.25 32.48
C ARG D 460 -13.57 -29.45 32.61
N PHE D 461 -13.08 -30.48 31.93
CA PHE D 461 -11.66 -30.79 31.96
C PHE D 461 -11.35 -31.48 30.65
N TYR D 462 -10.27 -31.03 29.99
CA TYR D 462 -9.88 -31.59 28.70
C TYR D 462 -8.49 -32.19 28.84
N ALA D 463 -8.22 -33.20 28.02
CA ALA D 463 -6.92 -33.85 28.02
C ALA D 463 -6.33 -33.51 26.66
N THR D 464 -5.32 -32.64 26.67
CA THR D 464 -4.65 -32.20 25.46
C THR D 464 -3.16 -32.47 25.58
N GLY D 465 -2.37 -32.04 24.60
CA GLY D 465 -0.94 -32.28 24.68
C GLY D 465 -0.52 -33.55 23.95
N TYR D 466 0.54 -34.18 24.45
CA TYR D 466 1.08 -35.39 23.83
C TYR D 466 0.54 -36.69 24.40
N ILE D 467 0.27 -37.64 23.52
CA ILE D 467 -0.20 -38.95 23.94
C ILE D 467 1.04 -39.76 24.26
N SER D 468 0.85 -40.87 24.98
CA SER D 468 1.96 -41.74 25.36
C SER D 468 2.06 -42.89 24.37
N SER D 469 3.10 -42.85 23.52
CA SER D 469 3.33 -43.88 22.50
C SER D 469 4.40 -44.94 22.86
N ALA D 470 4.33 -46.10 22.23
CA ALA D 470 5.30 -47.17 22.47
C ALA D 470 5.82 -47.63 21.12
N PHE D 471 6.86 -48.47 21.12
CA PHE D 471 7.39 -48.93 19.86
C PHE D 471 6.43 -49.87 19.15
N LEU D 472 6.25 -49.63 17.86
CA LEU D 472 5.35 -50.43 17.07
C LEU D 472 5.97 -51.69 16.49
N PHE D 473 5.39 -52.81 16.85
CA PHE D 473 5.83 -54.09 16.35
C PHE D 473 4.60 -54.99 16.49
N GLY D 474 4.46 -55.94 15.58
CA GLY D 474 3.33 -56.85 15.63
C GLY D 474 2.08 -56.34 14.95
N ALA D 475 1.02 -57.15 15.05
CA ALA D 475 -0.26 -56.79 14.46
C ALA D 475 -0.91 -55.67 15.28
N THR D 476 -1.07 -54.52 14.65
CA THR D 476 -1.69 -53.40 15.33
C THR D 476 -3.20 -53.65 15.28
N GLY D 477 -3.66 -54.38 16.29
CA GLY D 477 -5.05 -54.70 16.37
C GLY D 477 -5.63 -54.16 17.65
N LYS D 478 -5.45 -54.94 18.70
CA LYS D 478 -6.02 -54.62 20.00
C LYS D 478 -5.32 -53.69 20.99
N TYR D 479 -4.45 -52.79 20.52
CA TYR D 479 -3.79 -51.90 21.47
C TYR D 479 -3.72 -50.46 20.98
N GLY D 480 -4.23 -50.24 19.76
CA GLY D 480 -4.22 -48.90 19.22
C GLY D 480 -4.04 -48.88 17.72
N ASN D 481 -3.77 -47.69 17.19
CA ASN D 481 -3.55 -47.45 15.77
C ASN D 481 -2.14 -46.90 15.57
N GLN D 482 -1.54 -47.12 14.40
CA GLN D 482 -0.23 -46.54 14.15
C GLN D 482 -0.53 -45.10 13.77
N VAL D 483 0.13 -44.17 14.45
CA VAL D 483 -0.04 -42.74 14.24
C VAL D 483 1.13 -42.14 13.47
N SER D 484 2.27 -42.83 13.54
CA SER D 484 3.50 -42.44 12.85
C SER D 484 4.40 -43.69 12.82
N GLU D 485 5.34 -43.73 11.87
CA GLU D 485 6.23 -44.88 11.71
C GLU D 485 6.80 -45.40 13.02
N HIS D 486 6.59 -46.70 13.23
CA HIS D 486 7.11 -47.40 14.40
C HIS D 486 6.55 -46.88 15.72
N THR D 487 5.62 -45.95 15.65
CA THR D 487 5.02 -45.42 16.86
C THR D 487 3.57 -45.83 16.89
N LEU D 488 3.16 -46.37 18.03
CA LEU D 488 1.80 -46.84 18.26
C LEU D 488 1.00 -46.03 19.29
N GLY D 489 -0.22 -45.64 18.90
CA GLY D 489 -1.08 -44.91 19.79
C GLY D 489 -1.68 -45.94 20.73
N THR D 490 -1.22 -45.92 21.98
CA THR D 490 -1.73 -46.87 22.94
C THR D 490 -3.09 -46.44 23.46
N VAL D 491 -4.01 -47.40 23.48
CA VAL D 491 -5.34 -47.17 23.99
C VAL D 491 -5.29 -46.97 25.51
N HIS D 492 -6.23 -46.22 26.02
CA HIS D 492 -6.25 -45.92 27.44
C HIS D 492 -7.53 -45.21 27.81
N THR D 493 -7.83 -45.15 29.10
CA THR D 493 -9.02 -44.46 29.55
C THR D 493 -8.56 -43.32 30.46
N HIS D 494 -9.31 -42.22 30.43
CA HIS D 494 -9.04 -41.05 31.28
C HIS D 494 -10.26 -40.92 32.19
N SER D 495 -10.05 -40.47 33.42
CA SER D 495 -11.17 -40.31 34.33
C SER D 495 -10.81 -39.49 35.56
N ALA D 496 -11.42 -38.31 35.67
CA ALA D 496 -11.19 -37.44 36.82
C ALA D 496 -12.26 -37.75 37.87
N HIS D 497 -12.07 -37.26 39.08
CA HIS D 497 -13.04 -37.48 40.15
C HIS D 497 -13.15 -36.17 40.87
N PHE D 498 -14.35 -35.64 40.95
CA PHE D 498 -14.55 -34.37 41.64
C PHE D 498 -15.37 -34.51 42.90
N LYS D 499 -15.09 -33.64 43.87
CA LYS D 499 -15.80 -33.63 45.14
C LYS D 499 -16.75 -32.44 45.02
N VAL D 500 -18.05 -32.67 45.16
CA VAL D 500 -19.00 -31.57 45.04
C VAL D 500 -19.81 -31.43 46.32
N ASP D 501 -19.31 -30.61 47.23
CA ASP D 501 -19.96 -30.40 48.51
C ASP D 501 -21.01 -29.31 48.54
N LEU D 502 -22.09 -29.55 47.81
CA LEU D 502 -23.17 -28.60 47.77
C LEU D 502 -23.84 -28.47 49.11
N ASP D 503 -24.28 -27.26 49.40
CA ASP D 503 -25.02 -26.94 50.60
C ASP D 503 -26.17 -26.13 50.06
N VAL D 504 -27.01 -26.81 49.28
CA VAL D 504 -28.15 -26.15 48.65
C VAL D 504 -28.99 -25.52 49.72
N ALA D 505 -29.11 -24.20 49.68
CA ALA D 505 -29.93 -23.50 50.66
C ALA D 505 -29.66 -24.05 52.07
N GLY D 506 -28.38 -24.21 52.41
CA GLY D 506 -28.03 -24.72 53.73
C GLY D 506 -27.26 -26.04 53.76
N LEU D 507 -27.15 -26.60 54.96
CA LEU D 507 -26.42 -27.86 55.13
C LEU D 507 -27.17 -29.16 54.91
N GLU D 508 -28.39 -29.26 55.42
CA GLU D 508 -29.17 -30.49 55.28
C GLU D 508 -29.87 -30.61 53.93
N ASN D 509 -29.38 -31.52 53.08
CA ASN D 509 -29.96 -31.71 51.76
C ASN D 509 -30.43 -33.15 51.55
N TRP D 510 -31.33 -33.34 50.58
CA TRP D 510 -31.86 -34.66 50.25
C TRP D 510 -31.59 -34.96 48.80
N VAL D 511 -31.50 -36.24 48.47
CA VAL D 511 -31.28 -36.58 47.09
C VAL D 511 -32.56 -37.05 46.46
N TRP D 512 -32.96 -36.37 45.39
CA TRP D 512 -34.19 -36.70 44.66
C TRP D 512 -33.83 -37.15 43.27
N ALA D 513 -34.61 -38.09 42.76
CA ALA D 513 -34.41 -38.62 41.43
C ALA D 513 -35.74 -38.60 40.68
N GLU D 514 -35.89 -37.64 39.78
CA GLU D 514 -37.10 -37.56 39.00
C GLU D 514 -36.81 -38.10 37.60
N ASP D 515 -37.87 -38.52 36.91
CA ASP D 515 -37.73 -39.07 35.57
C ASP D 515 -39.08 -39.07 34.85
N MET D 516 -39.25 -39.99 33.90
CA MET D 516 -40.49 -40.06 33.16
C MET D 516 -41.05 -41.48 33.07
N VAL D 517 -42.19 -41.62 32.39
CA VAL D 517 -42.86 -42.89 32.18
C VAL D 517 -44.19 -42.72 31.43
N PHE D 518 -44.51 -43.67 30.57
CA PHE D 518 -45.76 -43.62 29.82
C PHE D 518 -46.76 -44.62 30.41
N VAL D 519 -47.91 -44.11 30.84
CA VAL D 519 -48.96 -44.94 31.42
C VAL D 519 -50.14 -45.08 30.46
N PRO D 520 -50.35 -46.29 29.90
CA PRO D 520 -51.48 -46.46 28.98
C PRO D 520 -52.80 -46.36 29.74
N MET D 521 -53.69 -45.48 29.26
CA MET D 521 -55.01 -45.30 29.85
C MET D 521 -55.93 -44.72 28.79
N ALA D 522 -57.24 -44.89 28.99
CA ALA D 522 -58.22 -44.42 28.01
C ALA D 522 -58.41 -42.90 27.96
N VAL D 523 -58.79 -42.42 26.78
CA VAL D 523 -59.02 -40.99 26.58
C VAL D 523 -60.25 -40.56 27.35
N PRO D 524 -60.08 -39.69 28.36
CA PRO D 524 -61.23 -39.23 29.15
C PRO D 524 -62.46 -38.87 28.33
N TRP D 525 -62.24 -38.31 27.14
CA TRP D 525 -63.36 -37.91 26.28
C TRP D 525 -63.58 -38.84 25.08
N SER D 526 -63.33 -40.12 25.26
CA SER D 526 -63.50 -41.07 24.18
C SER D 526 -62.92 -42.38 24.67
N PRO D 527 -63.54 -42.98 25.71
CA PRO D 527 -63.09 -44.25 26.30
C PRO D 527 -62.96 -45.40 25.29
N GLU D 528 -63.28 -45.11 24.03
CA GLU D 528 -63.17 -46.08 22.94
C GLU D 528 -61.70 -46.12 22.48
N HIS D 529 -60.99 -44.99 22.65
CA HIS D 529 -59.61 -44.88 22.25
C HIS D 529 -58.59 -44.94 23.38
N GLN D 530 -57.34 -45.12 22.97
CA GLN D 530 -56.23 -45.26 23.89
C GLN D 530 -55.19 -44.10 23.84
N LEU D 531 -54.61 -43.76 24.99
CA LEU D 531 -53.57 -42.72 25.05
C LEU D 531 -52.43 -43.16 25.98
N GLN D 532 -51.22 -42.69 25.68
CA GLN D 532 -50.04 -42.99 26.49
C GLN D 532 -49.78 -41.75 27.33
N ARG D 533 -50.37 -41.72 28.51
CA ARG D 533 -50.24 -40.58 29.41
C ARG D 533 -48.83 -40.46 29.96
N LEU D 534 -48.20 -39.32 29.67
CA LEU D 534 -46.84 -39.04 30.12
C LEU D 534 -46.88 -38.53 31.55
N GLN D 535 -46.14 -39.22 32.43
CA GLN D 535 -46.08 -38.84 33.84
C GLN D 535 -44.64 -38.69 34.27
N VAL D 536 -44.47 -38.01 35.40
CA VAL D 536 -43.17 -37.81 35.99
C VAL D 536 -43.07 -38.87 37.09
N THR D 537 -41.88 -39.43 37.28
CA THR D 537 -41.67 -40.43 38.34
C THR D 537 -40.67 -39.81 39.28
N ARG D 538 -41.04 -39.67 40.54
CA ARG D 538 -40.14 -39.07 41.51
C ARG D 538 -39.82 -40.08 42.62
N LYS D 539 -38.56 -40.13 43.04
CA LYS D 539 -38.15 -41.05 44.09
C LYS D 539 -37.10 -40.46 45.02
N LEU D 540 -37.29 -40.65 46.32
CA LEU D 540 -36.35 -40.14 47.30
C LEU D 540 -35.25 -41.15 47.53
N LEU D 541 -34.00 -40.67 47.55
CA LEU D 541 -32.86 -41.56 47.77
C LEU D 541 -32.40 -41.38 49.21
N GLU D 542 -32.58 -42.42 49.99
CA GLU D 542 -32.27 -42.39 51.42
C GLU D 542 -31.02 -43.11 51.86
N MET D 543 -30.65 -44.15 51.12
CA MET D 543 -29.45 -44.89 51.47
C MET D 543 -28.36 -44.56 50.44
N GLU D 544 -27.16 -44.31 50.94
CA GLU D 544 -26.03 -43.99 50.07
C GLU D 544 -25.96 -44.92 48.86
N GLU D 545 -26.33 -46.18 49.06
CA GLU D 545 -26.27 -47.17 47.99
C GLU D 545 -27.15 -46.84 46.82
N GLN D 546 -28.43 -46.65 47.10
CA GLN D 546 -29.37 -46.36 46.04
C GLN D 546 -29.09 -44.98 45.44
N ALA D 547 -28.01 -44.36 45.89
CA ALA D 547 -27.61 -43.05 45.39
C ALA D 547 -26.19 -43.13 44.84
N ALA D 548 -25.70 -44.35 44.69
CA ALA D 548 -24.36 -44.55 44.16
C ALA D 548 -24.66 -45.23 42.84
N PHE D 549 -24.24 -44.61 41.75
CA PHE D 549 -24.49 -45.19 40.44
C PHE D 549 -23.24 -45.61 39.73
N LEU D 550 -23.11 -46.92 39.56
CA LEU D 550 -21.95 -47.49 38.90
C LEU D 550 -21.87 -47.01 37.46
N VAL D 551 -20.67 -47.09 36.90
CA VAL D 551 -20.47 -46.71 35.50
C VAL D 551 -21.23 -47.73 34.66
N GLY D 552 -21.94 -47.25 33.66
CA GLY D 552 -22.70 -48.15 32.80
C GLY D 552 -24.19 -48.15 33.09
N SER D 553 -24.58 -48.51 34.31
CA SER D 553 -25.99 -48.55 34.64
C SER D 553 -26.67 -47.20 34.42
N ALA D 554 -27.95 -47.23 34.09
CA ALA D 554 -28.73 -46.01 33.85
C ALA D 554 -28.90 -45.20 35.12
N THR D 555 -29.08 -43.90 34.93
CA THR D 555 -29.24 -42.98 36.03
C THR D 555 -30.51 -42.13 35.81
N PRO D 556 -31.05 -41.53 36.88
CA PRO D 556 -32.26 -40.72 36.66
C PRO D 556 -32.01 -39.50 35.76
N ARG D 557 -32.94 -39.23 34.86
CA ARG D 557 -32.80 -38.09 33.95
C ARG D 557 -32.68 -36.80 34.74
N TYR D 558 -33.36 -36.74 35.87
CA TYR D 558 -33.29 -35.57 36.73
C TYR D 558 -32.85 -36.05 38.08
N LEU D 559 -31.61 -35.75 38.43
CA LEU D 559 -31.09 -36.14 39.72
C LEU D 559 -30.56 -34.89 40.38
N TYR D 560 -30.92 -34.67 41.64
CA TYR D 560 -30.48 -33.46 42.30
C TYR D 560 -30.56 -33.50 43.81
N LEU D 561 -29.76 -32.64 44.43
CA LEU D 561 -29.78 -32.53 45.87
C LEU D 561 -30.63 -31.32 46.10
N ALA D 562 -31.48 -31.37 47.10
CA ALA D 562 -32.35 -30.26 47.35
C ALA D 562 -32.47 -29.99 48.83
N SER D 563 -33.06 -28.85 49.15
CA SER D 563 -33.24 -28.48 50.53
C SER D 563 -34.54 -29.07 51.09
N ASN D 564 -34.74 -28.77 52.36
CA ASN D 564 -35.86 -29.18 53.15
C ASN D 564 -36.96 -28.16 52.82
N HIS D 565 -36.52 -26.91 52.63
CA HIS D 565 -37.38 -25.74 52.35
C HIS D 565 -37.86 -25.54 50.91
N SER D 566 -39.06 -25.00 50.77
CA SER D 566 -39.65 -24.77 49.46
C SER D 566 -39.42 -23.41 48.86
N ASN D 567 -39.38 -23.37 47.54
CA ASN D 567 -39.22 -22.10 46.85
C ASN D 567 -40.66 -21.66 46.61
N LYS D 568 -40.87 -20.34 46.64
CA LYS D 568 -42.18 -19.71 46.45
C LYS D 568 -43.34 -20.52 45.87
N TRP D 569 -43.09 -21.33 44.87
CA TRP D 569 -44.17 -22.10 44.26
C TRP D 569 -44.31 -23.42 44.97
N GLY D 570 -43.74 -23.47 46.17
CA GLY D 570 -43.83 -24.66 47.00
C GLY D 570 -43.12 -25.90 46.50
N HIS D 571 -41.86 -25.75 46.15
CA HIS D 571 -41.08 -26.89 45.68
C HIS D 571 -39.75 -26.89 46.41
N PRO D 572 -39.24 -28.08 46.74
CA PRO D 572 -37.95 -28.08 47.44
C PRO D 572 -36.89 -27.46 46.53
N ARG D 573 -36.16 -26.51 47.08
CA ARG D 573 -35.11 -25.80 46.35
C ARG D 573 -33.90 -26.71 46.16
N GLY D 574 -33.73 -27.27 44.96
CA GLY D 574 -32.61 -28.15 44.74
C GLY D 574 -31.69 -27.73 43.62
N TYR D 575 -30.58 -28.44 43.49
CA TYR D 575 -29.65 -28.18 42.42
C TYR D 575 -29.38 -29.49 41.73
N ARG D 576 -29.68 -29.52 40.44
CA ARG D 576 -29.53 -30.71 39.60
C ARG D 576 -28.10 -30.96 39.13
N ILE D 577 -27.74 -32.24 39.05
CA ILE D 577 -26.41 -32.65 38.61
C ILE D 577 -26.47 -33.35 37.27
N GLN D 578 -26.08 -32.64 36.23
CA GLN D 578 -26.10 -33.21 34.90
C GLN D 578 -24.66 -33.55 34.56
N MET D 579 -24.44 -34.73 34.00
CA MET D 579 -23.11 -35.18 33.65
C MET D 579 -22.85 -35.29 32.15
N LEU D 580 -21.57 -35.31 31.78
CA LEU D 580 -21.16 -35.40 30.38
C LEU D 580 -20.02 -36.40 30.25
N SER D 581 -20.31 -37.65 30.58
CA SER D 581 -19.29 -38.67 30.54
C SER D 581 -19.51 -39.78 29.50
N PHE D 582 -18.40 -40.35 29.04
CA PHE D 582 -18.40 -41.44 28.07
C PHE D 582 -17.38 -42.42 28.65
N ALA D 583 -17.16 -42.28 29.96
CA ALA D 583 -16.19 -43.10 30.70
C ALA D 583 -16.09 -44.54 30.25
N GLY D 584 -14.86 -45.01 30.06
CA GLY D 584 -14.63 -46.38 29.68
C GLY D 584 -15.00 -47.25 30.86
N GLU D 585 -14.69 -48.54 30.80
CA GLU D 585 -15.02 -49.44 31.89
C GLU D 585 -13.92 -49.51 32.93
N PRO D 586 -14.27 -49.32 34.20
CA PRO D 586 -13.25 -49.37 35.25
C PRO D 586 -12.54 -50.70 35.29
N LEU D 587 -11.29 -50.70 35.76
CA LEU D 587 -10.56 -51.95 35.83
C LEU D 587 -11.48 -52.94 36.52
N PRO D 588 -11.51 -54.19 36.05
CA PRO D 588 -12.39 -55.17 36.69
C PRO D 588 -12.14 -55.16 38.20
N GLN D 589 -13.10 -55.65 38.97
CA GLN D 589 -12.93 -55.70 40.41
C GLN D 589 -11.95 -56.81 40.78
N ASN D 590 -11.84 -57.81 39.92
CA ASN D 590 -10.92 -58.90 40.17
C ASN D 590 -9.46 -58.42 40.24
N SER D 591 -9.19 -57.20 39.79
CA SER D 591 -7.84 -56.64 39.83
C SER D 591 -7.51 -56.15 41.26
N SER D 592 -6.36 -56.57 41.77
CA SER D 592 -5.92 -56.20 43.12
C SER D 592 -5.63 -54.71 43.30
N MET D 593 -5.37 -54.01 42.20
CA MET D 593 -5.09 -52.59 42.29
C MET D 593 -6.36 -51.78 42.08
N ALA D 594 -7.41 -52.44 41.58
CA ALA D 594 -8.69 -51.77 41.33
C ALA D 594 -9.23 -50.98 42.52
N ARG D 595 -8.72 -51.27 43.72
CA ARG D 595 -9.15 -50.58 44.93
C ARG D 595 -8.42 -49.24 45.11
N GLY D 596 -7.27 -49.11 44.45
CA GLY D 596 -6.50 -47.88 44.54
C GLY D 596 -7.20 -46.69 43.92
N PHE D 597 -8.24 -47.00 43.14
CA PHE D 597 -9.02 -45.96 42.50
C PHE D 597 -10.43 -46.49 42.32
N SER D 598 -11.04 -46.86 43.45
CA SER D 598 -12.38 -47.40 43.47
C SER D 598 -13.43 -46.42 42.97
N TRP D 599 -13.10 -45.13 42.99
CA TRP D 599 -14.00 -44.07 42.53
C TRP D 599 -14.24 -44.12 41.02
N GLU D 600 -13.34 -44.78 40.29
CA GLU D 600 -13.49 -44.90 38.85
C GLU D 600 -14.68 -45.75 38.43
N ARG D 601 -15.09 -46.70 39.27
CA ARG D 601 -16.22 -47.55 38.94
C ARG D 601 -17.59 -46.87 38.98
N TYR D 602 -17.65 -45.63 39.48
CA TYR D 602 -18.91 -44.91 39.56
C TYR D 602 -19.04 -43.69 38.66
N GLN D 603 -20.28 -43.35 38.33
CA GLN D 603 -20.56 -42.17 37.54
C GLN D 603 -20.81 -41.13 38.58
N LEU D 604 -21.42 -41.58 39.66
CA LEU D 604 -21.73 -40.68 40.73
C LEU D 604 -22.17 -41.39 41.99
N ALA D 605 -21.82 -40.79 43.11
CA ALA D 605 -22.19 -41.30 44.42
C ALA D 605 -22.38 -40.09 45.30
N VAL D 606 -23.36 -40.19 46.19
CA VAL D 606 -23.62 -39.11 47.10
C VAL D 606 -23.46 -39.67 48.50
N THR D 607 -22.61 -39.03 49.28
CA THR D 607 -22.38 -39.49 50.64
C THR D 607 -22.59 -38.41 51.67
N GLN D 608 -22.50 -38.83 52.93
CA GLN D 608 -22.62 -37.92 54.05
C GLN D 608 -21.25 -37.32 54.18
N ARG D 609 -21.08 -36.10 53.70
CA ARG D 609 -19.78 -35.42 53.76
C ARG D 609 -19.21 -35.51 55.20
N LYS D 610 -18.13 -36.25 55.37
CA LYS D 610 -17.51 -36.38 56.69
C LYS D 610 -16.17 -35.64 56.70
N GLU D 611 -15.72 -35.26 57.90
CA GLU D 611 -14.44 -34.56 58.02
C GLU D 611 -13.31 -35.57 57.78
N GLU D 612 -13.55 -36.83 58.12
CA GLU D 612 -12.54 -37.89 57.93
C GLU D 612 -12.61 -38.47 56.52
N GLU D 613 -13.37 -37.84 55.64
CA GLU D 613 -13.47 -38.29 54.25
C GLU D 613 -13.32 -37.05 53.38
N PRO D 614 -12.21 -36.30 53.54
CA PRO D 614 -11.99 -35.10 52.74
C PRO D 614 -11.55 -35.39 51.31
N SER D 615 -10.96 -36.57 51.09
CA SER D 615 -10.50 -36.94 49.77
C SER D 615 -10.94 -38.33 49.37
N SER D 616 -11.06 -38.54 48.07
CA SER D 616 -11.48 -39.84 47.51
C SER D 616 -10.26 -40.68 47.12
N SER D 617 -9.10 -40.03 47.08
CA SER D 617 -7.82 -40.68 46.74
C SER D 617 -6.67 -40.02 47.52
N SER D 618 -5.51 -40.67 47.54
CA SER D 618 -4.33 -40.17 48.25
C SER D 618 -3.09 -40.13 47.33
N VAL D 619 -2.16 -39.22 47.64
CA VAL D 619 -0.94 -39.09 46.86
C VAL D 619 -0.15 -40.38 46.96
N PHE D 620 -0.38 -41.13 48.03
CA PHE D 620 0.32 -42.37 48.26
C PHE D 620 -0.33 -43.52 47.51
N ASN D 621 -1.58 -43.34 47.13
CA ASN D 621 -2.31 -44.36 46.39
C ASN D 621 -1.65 -44.70 45.08
N GLN D 622 -0.87 -43.77 44.54
CA GLN D 622 -0.19 -44.00 43.28
C GLN D 622 0.80 -45.14 43.33
N ASN D 623 1.78 -45.03 44.21
CA ASN D 623 2.81 -46.08 44.29
C ASN D 623 2.39 -47.42 44.92
N ASP D 624 1.24 -47.44 45.58
CA ASP D 624 0.71 -48.67 46.18
C ASP D 624 -0.81 -48.71 46.07
N PRO D 625 -1.31 -49.15 44.93
CA PRO D 625 -2.77 -49.23 44.75
C PRO D 625 -3.30 -50.55 45.30
N TRP D 626 -2.39 -51.46 45.59
CA TRP D 626 -2.74 -52.77 46.10
C TRP D 626 -3.22 -52.65 47.53
N ALA D 627 -2.61 -51.74 48.28
CA ALA D 627 -2.99 -51.50 49.66
C ALA D 627 -3.29 -50.01 49.79
N PRO D 628 -4.48 -49.59 49.34
CA PRO D 628 -4.92 -48.19 49.38
C PRO D 628 -4.72 -47.45 50.71
N THR D 629 -4.17 -46.24 50.60
CA THR D 629 -3.96 -45.39 51.75
C THR D 629 -5.32 -44.74 51.97
N VAL D 630 -6.12 -44.78 50.90
CA VAL D 630 -7.48 -44.23 50.82
C VAL D 630 -8.35 -44.97 49.77
N ASP D 631 -9.33 -45.75 50.23
CA ASP D 631 -10.21 -46.47 49.32
C ASP D 631 -11.60 -45.80 49.34
N PHE D 632 -11.96 -45.15 48.23
CA PHE D 632 -13.22 -44.42 48.09
C PHE D 632 -14.50 -45.23 48.38
N SER D 633 -14.52 -46.50 47.98
CA SER D 633 -15.67 -47.37 48.20
C SER D 633 -16.06 -47.49 49.65
N ASP D 634 -15.13 -47.12 50.53
CA ASP D 634 -15.37 -47.18 51.97
C ASP D 634 -16.24 -46.02 52.43
N PHE D 635 -16.57 -45.11 51.53
CA PHE D 635 -17.41 -43.98 51.88
C PHE D 635 -18.85 -44.38 51.69
N ILE D 636 -19.06 -45.51 51.05
CA ILE D 636 -20.40 -45.99 50.78
C ILE D 636 -20.78 -47.13 51.70
N ASN D 637 -21.62 -46.81 52.65
CA ASN D 637 -22.12 -47.76 53.62
C ASN D 637 -23.57 -47.37 53.92
N ASN D 638 -24.34 -48.27 54.52
CA ASN D 638 -25.74 -47.95 54.82
C ASN D 638 -25.81 -46.70 55.70
N GLU D 639 -26.15 -45.58 55.08
CA GLU D 639 -26.27 -44.35 55.83
C GLU D 639 -27.31 -43.52 55.13
N THR D 640 -28.02 -42.70 55.89
CA THR D 640 -29.02 -41.89 55.25
C THR D 640 -28.39 -40.65 54.68
N ILE D 641 -28.78 -40.35 53.44
CA ILE D 641 -28.33 -39.17 52.73
C ILE D 641 -29.64 -38.41 52.56
N ALA D 642 -30.40 -38.41 53.65
CA ALA D 642 -31.69 -37.76 53.67
C ALA D 642 -31.72 -36.75 54.82
N GLY D 643 -31.36 -35.52 54.51
CA GLY D 643 -31.38 -34.47 55.52
C GLY D 643 -30.06 -34.30 56.25
N LYS D 644 -28.99 -34.80 55.63
CA LYS D 644 -27.64 -34.71 56.21
C LYS D 644 -26.82 -33.69 55.43
N ASP D 645 -25.51 -33.65 55.68
CA ASP D 645 -24.62 -32.77 54.93
C ASP D 645 -24.14 -33.70 53.82
N LEU D 646 -24.61 -33.48 52.60
CA LEU D 646 -24.21 -34.35 51.52
C LEU D 646 -23.13 -33.76 50.67
N VAL D 647 -22.45 -34.65 49.97
CA VAL D 647 -21.38 -34.28 49.08
C VAL D 647 -21.51 -35.23 47.90
N ALA D 648 -21.55 -34.67 46.70
CA ALA D 648 -21.68 -35.51 45.54
C ALA D 648 -20.30 -35.81 45.05
N TRP D 649 -20.17 -36.95 44.40
CA TRP D 649 -18.88 -37.36 43.86
C TRP D 649 -19.08 -37.70 42.40
N VAL D 650 -18.53 -36.88 41.52
CA VAL D 650 -18.67 -37.13 40.10
C VAL D 650 -17.39 -37.62 39.41
N THR D 651 -17.57 -38.63 38.59
CA THR D 651 -16.49 -39.22 37.82
C THR D 651 -16.80 -39.00 36.35
N ALA D 652 -15.96 -38.18 35.73
CA ALA D 652 -16.12 -37.86 34.33
C ALA D 652 -14.93 -38.54 33.63
N GLY D 653 -15.08 -38.86 32.36
CA GLY D 653 -13.96 -39.50 31.67
C GLY D 653 -14.41 -40.10 30.35
N PHE D 654 -13.52 -40.80 29.67
CA PHE D 654 -13.85 -41.39 28.38
C PHE D 654 -12.72 -42.26 27.88
N LEU D 655 -13.02 -43.09 26.89
CA LEU D 655 -12.01 -43.97 26.30
C LEU D 655 -11.24 -43.19 25.21
N HIS D 656 -9.94 -43.45 25.12
CA HIS D 656 -9.12 -42.78 24.11
C HIS D 656 -8.32 -43.78 23.28
N ILE D 657 -8.74 -43.99 22.03
CA ILE D 657 -7.99 -44.85 21.11
C ILE D 657 -7.28 -43.82 20.26
N PRO D 658 -5.98 -43.62 20.47
CA PRO D 658 -5.28 -42.63 19.66
C PRO D 658 -5.44 -42.87 18.15
N HIS D 659 -5.22 -41.80 17.38
CA HIS D 659 -5.28 -41.85 15.91
C HIS D 659 -4.48 -40.68 15.34
N ALA D 660 -4.31 -40.69 14.02
CA ALA D 660 -3.51 -39.68 13.31
C ALA D 660 -3.64 -38.26 13.82
N GLU D 661 -4.86 -37.76 13.95
CA GLU D 661 -5.06 -36.39 14.40
C GLU D 661 -4.80 -36.13 15.90
N ASP D 662 -3.91 -36.93 16.48
CA ASP D 662 -3.51 -36.79 17.86
C ASP D 662 -2.05 -36.40 17.78
N ILE D 663 -1.61 -36.21 16.54
CA ILE D 663 -0.24 -35.83 16.21
C ILE D 663 -0.20 -34.43 15.62
N PRO D 664 0.58 -33.53 16.22
CA PRO D 664 1.40 -33.78 17.41
C PRO D 664 0.58 -33.90 18.71
N ASN D 665 -0.27 -32.91 18.96
CA ASN D 665 -1.10 -32.89 20.16
C ASN D 665 -2.52 -33.35 19.89
N THR D 666 -3.16 -33.83 20.96
CA THR D 666 -4.55 -34.27 20.93
C THR D 666 -5.37 -32.98 21.10
N VAL D 667 -6.41 -32.80 20.30
CA VAL D 667 -7.24 -31.60 20.41
C VAL D 667 -8.20 -31.64 21.61
N THR D 668 -8.94 -30.57 21.82
CA THR D 668 -9.86 -30.51 22.94
C THR D 668 -11.32 -30.72 22.52
N VAL D 669 -11.61 -30.44 21.25
CA VAL D 669 -12.95 -30.56 20.69
C VAL D 669 -13.67 -31.88 20.96
N GLY D 670 -14.79 -31.79 21.65
CA GLY D 670 -15.59 -32.96 21.96
C GLY D 670 -15.04 -33.76 23.11
N ASN D 671 -13.75 -33.61 23.34
CA ASN D 671 -13.06 -34.33 24.41
C ASN D 671 -13.30 -33.72 25.79
N GLY D 672 -13.93 -32.55 25.84
CA GLY D 672 -14.16 -31.92 27.12
C GLY D 672 -15.30 -32.57 27.85
N VAL D 673 -15.04 -33.17 29.01
CA VAL D 673 -16.09 -33.81 29.80
C VAL D 673 -16.17 -33.24 31.23
N GLY D 674 -17.36 -33.28 31.83
CA GLY D 674 -17.50 -32.75 33.18
C GLY D 674 -18.90 -32.88 33.72
N PHE D 675 -19.51 -31.76 34.08
CA PHE D 675 -20.86 -31.79 34.60
C PHE D 675 -21.41 -30.40 34.94
N PHE D 676 -22.72 -30.35 35.20
CA PHE D 676 -23.39 -29.12 35.51
C PHE D 676 -24.08 -29.13 36.82
N LEU D 677 -24.18 -27.95 37.39
CA LEU D 677 -24.86 -27.76 38.63
C LEU D 677 -25.89 -26.73 38.23
N ARG D 678 -27.11 -27.19 37.97
CA ARG D 678 -28.17 -26.31 37.54
C ARG D 678 -29.29 -26.20 38.58
N PRO D 679 -29.82 -24.98 38.77
CA PRO D 679 -30.88 -24.80 39.75
C PRO D 679 -32.16 -25.47 39.27
N TYR D 680 -32.89 -26.08 40.20
CA TYR D 680 -34.13 -26.76 39.88
C TYR D 680 -35.08 -26.33 41.01
N ASN D 681 -35.98 -25.41 40.70
CA ASN D 681 -36.91 -24.89 41.71
C ASN D 681 -36.17 -24.26 42.89
N PHE D 682 -34.93 -23.83 42.65
CA PHE D 682 -34.13 -23.19 43.66
C PHE D 682 -34.55 -21.72 43.71
N PHE D 683 -34.54 -21.08 42.53
CA PHE D 683 -34.95 -19.70 42.42
C PHE D 683 -36.44 -19.71 42.14
N ASP D 684 -37.09 -18.57 42.31
CA ASP D 684 -38.54 -18.51 42.05
C ASP D 684 -38.75 -18.16 40.59
N GLU D 685 -37.64 -17.97 39.87
CA GLU D 685 -37.66 -17.60 38.46
C GLU D 685 -36.21 -17.40 37.98
N ASP D 686 -36.03 -17.42 36.67
CA ASP D 686 -34.73 -17.20 36.07
C ASP D 686 -34.24 -15.81 36.52
N PRO D 687 -33.20 -15.76 37.37
CA PRO D 687 -32.70 -14.46 37.83
C PRO D 687 -32.08 -13.59 36.74
N SER D 688 -31.73 -14.19 35.60
CA SER D 688 -31.17 -13.43 34.50
C SER D 688 -32.22 -12.45 33.99
N PHE D 689 -33.47 -12.65 34.40
CA PHE D 689 -34.53 -11.74 34.01
C PHE D 689 -34.00 -10.38 34.46
N TYR D 690 -33.30 -10.42 35.59
CA TYR D 690 -32.72 -9.25 36.20
C TYR D 690 -31.32 -8.97 35.71
N SER D 691 -30.98 -9.43 34.52
CA SER D 691 -29.64 -9.16 34.03
C SER D 691 -29.63 -7.73 33.50
N ALA D 692 -28.61 -6.97 33.87
CA ALA D 692 -28.50 -5.59 33.43
C ALA D 692 -28.35 -5.62 31.92
N ASP D 693 -27.48 -6.51 31.45
CA ASP D 693 -27.20 -6.69 30.03
C ASP D 693 -28.35 -7.28 29.20
N SER D 694 -29.38 -7.80 29.87
CA SER D 694 -30.55 -8.36 29.19
C SER D 694 -31.11 -7.33 28.20
N ILE D 695 -31.74 -7.80 27.13
CA ILE D 695 -32.29 -6.90 26.10
C ILE D 695 -33.75 -7.13 25.75
N TYR D 696 -34.45 -6.05 25.40
CA TYR D 696 -35.86 -6.12 25.07
C TYR D 696 -36.34 -4.97 24.19
N PHE D 697 -37.26 -5.27 23.28
CA PHE D 697 -37.87 -4.28 22.39
C PHE D 697 -39.12 -4.85 21.69
N ARG D 698 -39.67 -4.15 20.70
CA ARG D 698 -40.88 -4.62 20.01
C ARG D 698 -40.84 -4.52 18.47
N GLY D 699 -40.94 -5.67 17.78
CA GLY D 699 -40.94 -5.69 16.32
C GLY D 699 -39.62 -6.00 15.61
N ASP D 700 -38.88 -4.96 15.24
CA ASP D 700 -37.60 -5.10 14.54
C ASP D 700 -36.47 -4.36 15.28
N GLN D 701 -35.28 -4.65 15.03
C1 NAG E . 54.54 32.69 8.22
C2 NAG E . 53.76 32.89 9.53
C3 NAG E . 53.98 34.27 10.15
C4 NAG E . 55.40 34.79 10.08
C5 NAG E . 55.98 34.53 8.69
C6 NAG E . 57.44 34.92 8.57
C7 NAG E . 51.77 31.58 9.20
C8 NAG E . 50.95 31.26 7.96
N2 NAG E . 52.35 32.77 9.25
O3 NAG E . 53.59 34.24 11.51
O4 NAG E . 55.32 36.21 10.34
O5 NAG E . 55.90 33.12 8.38
O6 NAG E . 57.59 36.30 8.28
O7 NAG E . 51.89 30.75 10.10
C1 NAG E . 56.45 36.88 10.76
C2 NAG E . 56.04 38.27 11.27
C3 NAG E . 57.25 39.00 11.85
C4 NAG E . 57.90 38.13 12.93
C5 NAG E . 58.25 36.77 12.29
C6 NAG E . 58.90 35.79 13.23
C7 NAG E . 55.21 38.49 9.03
C8 NAG E . 56.22 38.70 7.92
N2 NAG E . 55.47 39.06 10.20
O3 NAG E . 56.83 40.24 12.40
O4 NAG E . 59.07 38.76 13.43
O5 NAG E . 57.06 36.14 11.80
O6 NAG E . 58.68 34.47 12.76
O7 NAG E . 54.22 37.78 8.84
C1 NAG F . 12.73 49.82 2.32
C2 NAG F . 11.96 51.05 2.87
C3 NAG F . 12.82 52.04 3.67
C4 NAG F . 13.71 51.30 4.66
C5 NAG F . 14.54 50.31 3.88
C6 NAG F . 15.58 49.60 4.71
C7 NAG F . 10.17 51.33 1.30
C8 NAG F . 9.77 51.75 -0.11
N2 NAG F . 11.34 51.76 1.77
O3 NAG F . 11.96 52.94 4.38
O4 NAG F . 14.56 52.22 5.37
O5 NAG F . 13.66 49.32 3.31
O6 NAG F . 15.13 48.27 5.04
O7 NAG F . 9.40 50.62 1.96
C1 FUC F . 14.85 48.12 6.40
C2 FUC F . 14.04 46.83 6.60
C3 FUC F . 13.62 46.78 8.06
C4 FUC F . 12.64 47.91 8.35
C5 FUC F . 12.80 49.09 7.37
C6 FUC F . 11.96 48.96 6.10
O2 FUC F . 14.82 45.70 6.24
O3 FUC F . 13.01 45.53 8.34
O4 FUC F . 11.31 47.42 8.29
O5 FUC F . 14.19 49.26 6.97
C1 NAG G . -17.45 20.93 -51.34
C2 NAG G . -17.43 19.40 -51.49
C3 NAG G . -17.30 18.94 -52.98
C4 NAG G . -18.15 19.76 -53.94
C5 NAG G . -18.00 21.25 -53.63
C6 NAG G . -18.91 22.09 -54.49
C7 NAG G . -16.38 17.80 -50.01
C8 NAG G . -15.11 17.37 -49.28
N2 NAG G . -16.28 18.89 -50.76
O3 NAG G . -17.69 17.58 -53.10
O4 NAG G . -17.70 19.49 -55.30
O5 NAG G . -18.38 21.50 -52.26
O6 NAG G . -18.19 22.64 -55.58
O7 NAG G . -17.42 17.14 -49.89
C1 NAG G . -18.70 19.17 -56.23
C2 NAG G . -18.29 19.53 -57.65
C3 NAG G . -19.51 19.31 -58.57
C4 NAG G . -20.04 17.85 -58.45
C5 NAG G . -20.13 17.38 -56.96
C6 NAG G . -20.31 15.88 -56.79
C7 NAG G . -16.54 21.16 -57.64
C8 NAG G . -16.01 22.35 -58.42
N2 NAG G . -17.84 20.91 -57.73
O3 NAG G . -19.16 19.59 -59.92
O4 NAG G . -21.39 17.77 -59.02
O5 NAG G . -18.95 17.76 -56.18
O6 NAG G . -19.42 15.14 -57.62
O7 NAG G . -15.77 20.47 -56.98
C1 BMA G . -21.68 17.67 -60.39
C2 BMA G . -20.68 16.73 -61.15
C3 BMA G . -21.18 16.44 -62.59
C4 BMA G . -22.64 15.98 -62.59
C5 BMA G . -23.49 17.04 -61.88
C6 BMA G . -24.97 16.72 -61.84
O2 BMA G . -20.50 15.50 -60.45
O3 BMA G . -20.35 15.45 -63.19
O4 BMA G . -23.11 15.80 -63.92
O5 BMA G . -23.04 17.18 -60.52
O6 BMA G . -25.28 15.54 -62.58
C1 NAG H . 24.65 0.69 -43.43
C2 NAG H . 25.88 0.53 -44.34
C3 NAG H . 25.53 0.61 -45.82
C4 NAG H . 24.51 -0.48 -46.04
C5 NAG H . 23.26 0.00 -45.30
C6 NAG H . 21.99 -0.77 -45.59
C7 NAG H . 27.89 1.24 -43.23
C8 NAG H . 29.28 1.54 -43.76
N2 NAG H . 26.86 1.55 -44.01
O3 NAG H . 26.68 0.41 -46.63
O4 NAG H . 24.28 -0.78 -47.45
O5 NAG H . 23.51 -0.08 -43.88
O6 NAG H . 21.98 -1.98 -44.83
O7 NAG H . 27.76 0.72 -42.12
C1 NAG H . 23.70 -2.02 -47.72
C2 NAG H . 24.14 -2.62 -49.07
C3 NAG H . 23.40 -3.95 -49.27
C4 NAG H . 23.52 -4.89 -48.05
C5 NAG H . 23.29 -4.14 -46.73
C6 NAG H . 23.66 -4.96 -45.52
C7 NAG H . 24.31 -1.95 -51.39
C8 NAG H . 23.41 -2.74 -52.35
N2 NAG H . 23.85 -1.71 -50.17
O3 NAG H . 23.89 -4.63 -50.42
O4 NAG H . 22.52 -5.92 -48.15
O5 NAG H . 24.07 -2.94 -46.68
O6 NAG H . 23.08 -4.40 -44.34
O7 NAG H . 25.42 -1.56 -51.78
C1 BMA H . 22.91 -7.23 -48.36
C2 BMA H . 21.85 -8.16 -47.70
C3 BMA H . 21.86 -9.62 -48.22
C4 BMA H . 22.01 -9.65 -49.75
C5 BMA H . 23.21 -8.80 -50.16
C6 BMA H . 23.50 -8.81 -51.65
O2 BMA H . 20.56 -7.61 -47.85
O3 BMA H . 20.61 -10.25 -47.81
O4 BMA H . 22.18 -10.98 -50.22
O5 BMA H . 22.98 -7.42 -49.78
O6 BMA H . 24.00 -7.54 -52.08
C1 MAN H . 20.44 -11.63 -48.02
C2 MAN H . 19.27 -11.88 -48.97
C3 MAN H . 17.97 -11.44 -48.29
C4 MAN H . 17.77 -12.21 -46.96
C5 MAN H . 19.01 -12.06 -46.07
C6 MAN H . 18.94 -13.02 -44.88
O2 MAN H . 19.22 -13.26 -49.32
O3 MAN H . 16.85 -11.65 -49.16
O4 MAN H . 16.62 -11.72 -46.28
O5 MAN H . 20.23 -12.37 -46.78
O6 MAN H . 19.15 -14.36 -45.30
C1 FUC H . 20.68 -2.38 -44.56
C2 FUC H . 20.17 -1.68 -43.29
C3 FUC H . 18.69 -2.04 -43.06
C4 FUC H . 18.46 -3.58 -43.10
C5 FUC H . 19.17 -4.24 -44.30
C6 FUC H . 19.20 -5.76 -44.20
O2 FUC H . 20.30 -0.26 -43.46
O3 FUC H . 18.26 -1.52 -41.80
O4 FUC H . 18.86 -4.19 -41.89
O5 FUC H . 20.54 -3.79 -44.40
C1 NAG I . -55.84 -34.59 -7.16
C2 NAG I . -56.00 -35.79 -8.09
C3 NAG I . -55.51 -35.48 -9.51
C4 NAG I . -56.08 -34.16 -10.03
C5 NAG I . -55.87 -33.07 -8.99
C6 NAG I . -56.46 -31.74 -9.39
C7 NAG I . -55.82 -38.05 -7.29
C8 NAG I . -56.97 -38.04 -6.28
N2 NAG I . -55.23 -36.90 -7.55
O3 NAG I . -55.89 -36.53 -10.39
O4 NAG I . -55.42 -33.81 -11.27
O5 NAG I . -56.48 -33.45 -7.75
O6 NAG I . -57.84 -31.67 -9.06
O7 NAG I . -55.47 -39.11 -7.81
C1 NAG I . -56.16 -33.89 -12.43
C2 NAG I . -55.40 -33.23 -13.60
C3 NAG I . -56.16 -33.42 -14.91
C4 NAG I . -56.33 -34.91 -15.14
C5 NAG I . -57.09 -35.51 -13.95
C6 NAG I . -57.24 -37.01 -14.05
C7 NAG I . -54.45 -31.44 -12.31
C8 NAG I . -54.86 -30.18 -11.58
N2 NAG I . -55.19 -31.82 -13.34
O3 NAG I . -55.44 -32.82 -15.98
O4 NAG I . -57.04 -35.13 -16.36
O5 NAG I . -56.36 -35.27 -12.72
O6 NAG I . -56.89 -37.62 -12.81
O7 NAG I . -53.48 -32.09 -11.93
C1 NAG J . -12.54 -50.32 -2.32
C2 NAG J . -11.05 -50.41 -2.67
C3 NAG J . -10.85 -49.82 -4.05
C4 NAG J . -11.62 -50.70 -5.01
C5 NAG J . -13.10 -50.59 -4.65
C6 NAG J . -14.03 -51.38 -5.59
C7 NAG J . -9.10 -50.32 -1.29
C8 NAG J . -7.83 -49.49 -1.37
N2 NAG J . -10.23 -49.74 -1.68
O3 NAG J . -9.47 -49.81 -4.38
O4 NAG J . -11.38 -50.28 -6.37
O5 NAG J . -13.32 -51.07 -3.30
O6 NAG J . -14.32 -52.68 -5.04
O7 NAG J . -9.05 -51.48 -0.87
C1 NAG J . -11.83 -51.14 -7.36
C2 NAG J . -11.60 -50.51 -8.74
C3 NAG J . -12.12 -51.47 -9.82
C4 NAG J . -11.50 -52.88 -9.62
C5 NAG J . -11.64 -53.37 -8.19
C6 NAG J . -10.84 -54.64 -7.95
C7 NAG J . -12.03 -48.27 -7.93
C8 NAG J . -13.12 -47.97 -6.92
N2 NAG J . -12.28 -49.23 -8.82
O3 NAG J . -11.77 -50.98 -11.10
O4 NAG J . -12.15 -53.80 -10.49
O5 NAG J . -11.13 -52.38 -7.27
O6 NAG J . -9.45 -54.36 -7.77
O7 NAG J . -10.96 -47.66 -7.88
C1 FUC J . -15.71 -52.92 -5.12
C2 FUC J . -16.42 -52.21 -3.97
C3 FUC J . -17.92 -52.48 -4.00
C4 FUC J . -18.22 -53.97 -4.15
C5 FUC J . -17.40 -54.60 -5.28
C6 FUC J . -17.55 -56.11 -5.31
O2 FUC J . -16.19 -50.82 -4.08
O3 FUC J . -18.49 -52.02 -2.79
O4 FUC J . -17.92 -54.64 -2.94
O5 FUC J . -16.00 -54.31 -5.09
C1 NAG K . 7.62 -42.30 61.84
C2 NAG K . 7.13 -43.08 63.07
C3 NAG K . 6.88 -42.13 64.26
C4 NAG K . 8.03 -41.13 64.46
C5 NAG K . 8.43 -40.48 63.14
C6 NAG K . 9.65 -39.59 63.27
C7 NAG K . 5.30 -44.59 63.56
C8 NAG K . 3.80 -44.79 63.39
N2 NAG K . 5.90 -43.76 62.71
O3 NAG K . 6.73 -42.89 65.45
O4 NAG K . 7.61 -40.10 65.38
O5 NAG K . 8.75 -41.49 62.18
O6 NAG K . 10.82 -40.36 63.22
O7 NAG K . 5.90 -45.19 64.43
C1 NAG K . 8.59 -39.55 66.17
C2 NAG K . 8.12 -38.24 66.77
C3 NAG K . 9.28 -37.63 67.60
C4 NAG K . 9.86 -38.66 68.61
C5 NAG K . 10.03 -40.07 67.98
C6 NAG K . 10.25 -41.13 69.04
C7 NAG K . 8.09 -36.08 65.68
C8 NAG K . 7.22 -35.08 66.42
N2 NAG K . 7.71 -37.35 65.70
O3 NAG K . 8.78 -36.52 68.31
O4 NAG K . 11.17 -38.22 69.07
O5 NAG K . 8.86 -40.46 67.23
O6 NAG K . 9.68 -42.38 68.65
O7 NAG K . 9.11 -35.70 65.10
C1 BMA K . 11.38 -37.16 69.95
C2 BMA K . 10.10 -36.58 70.57
C3 BMA K . 10.53 -35.34 71.36
C4 BMA K . 11.60 -35.68 72.41
C5 BMA K . 12.77 -36.51 71.80
C6 BMA K . 13.67 -37.11 72.88
O2 BMA K . 9.49 -37.54 71.44
O3 BMA K . 9.41 -34.74 71.99
O4 BMA K . 12.12 -34.49 72.95
O5 BMA K . 12.26 -37.61 70.99
O6 BMA K . 13.30 -38.44 73.22
C1 NAG L . -37.11 -29.58 57.94
C2 NAG L . -38.13 -28.57 58.50
C3 NAG L . -37.54 -27.66 59.61
C4 NAG L . -36.83 -28.53 60.65
C5 NAG L . -35.71 -29.24 59.89
C6 NAG L . -34.77 -30.03 60.77
C7 NAG L . -39.41 -28.23 56.46
C8 NAG L . -40.18 -27.22 55.63
N2 NAG L . -38.60 -27.73 57.40
O3 NAG L . -38.58 -26.94 60.24
O4 NAG L . -36.32 -27.71 61.75
O5 NAG L . -36.29 -30.18 58.96
O6 NAG L . -34.10 -31.01 59.96
O7 NAG L . -39.55 -29.43 56.25
C1 NAG L . -36.27 -28.31 63.02
C2 NAG L . -36.06 -27.28 64.15
C3 NAG L . -35.98 -28.03 65.50
C4 NAG L . -37.26 -28.85 65.71
C5 NAG L . -37.51 -29.76 64.49
C6 NAG L . -38.84 -30.47 64.56
C7 NAG L . -34.63 -25.42 64.74
C8 NAG L . -35.43 -24.16 64.45
N2 NAG L . -34.86 -26.48 63.96
O3 NAG L . -35.81 -27.11 66.58
O4 NAG L . -37.15 -29.66 66.90
O5 NAG L . -37.52 -29.00 63.25
O6 NAG L . -39.92 -29.58 64.28
O7 NAG L . -33.81 -25.43 65.66
C1 BMA L . -38.00 -29.36 67.96
C2 BMA L . -37.89 -30.45 69.04
C3 BMA L . -38.69 -30.08 70.32
C4 BMA L . -38.40 -28.61 70.75
C5 BMA L . -38.46 -27.64 69.55
C6 BMA L . -37.99 -26.23 69.91
O2 BMA L . -36.51 -30.65 69.35
O3 BMA L . -38.30 -30.97 71.40
O4 BMA L . -39.35 -28.21 71.72
O5 BMA L . -37.59 -28.10 68.49
O6 BMA L . -37.04 -25.74 68.98
C1 MAN L . -39.22 -31.89 71.96
C2 MAN L . -39.93 -32.77 70.90
C3 MAN L . -40.88 -33.78 71.59
C4 MAN L . -40.77 -33.69 73.12
C5 MAN L . -41.04 -32.24 73.57
C6 MAN L . -40.82 -32.02 75.05
O2 MAN L . -38.97 -33.45 70.12
O3 MAN L . -40.59 -35.12 71.17
O4 MAN L . -41.71 -34.57 73.74
O5 MAN L . -40.17 -31.30 72.85
O6 MAN L . -41.64 -32.88 75.82
C1 FUC L . -33.80 -32.18 60.67
C2 FUC L . -33.14 -33.19 59.72
C3 FUC L . -32.79 -34.49 60.47
C4 FUC L . -33.97 -35.02 61.29
C5 FUC L . -34.65 -33.90 62.11
C6 FUC L . -35.94 -34.32 62.79
O2 FUC L . -31.97 -32.62 59.15
O3 FUC L . -32.38 -35.49 59.53
O4 FUC L . -34.91 -35.66 60.45
O5 FUC L . -34.94 -32.76 61.26
C1 NAG M . 60.46 23.48 -29.36
C2 NAG M . 61.45 23.59 -28.18
C3 NAG M . 61.99 25.03 -28.03
C4 NAG M . 62.48 25.59 -29.36
C5 NAG M . 61.38 25.44 -30.41
C6 NAG M . 61.83 25.98 -31.75
C7 NAG M . 61.15 22.16 -26.24
C8 NAG M . 61.14 20.82 -26.93
N2 NAG M . 60.77 23.22 -26.95
O3 NAG M . 63.06 25.03 -27.10
O4 NAG M . 62.81 26.97 -29.20
O5 NAG M . 61.04 24.03 -30.56
O6 NAG M . 62.69 27.09 -31.60
O7 NAG M . 61.46 22.23 -25.05
C1 NAG N . 57.35 18.69 -41.09
C2 NAG N . 58.41 19.56 -40.39
C3 NAG N . 58.57 20.91 -41.12
C4 NAG N . 58.69 20.75 -42.64
C5 NAG N . 57.61 19.80 -43.17
C6 NAG N . 57.74 19.50 -44.65
C7 NAG N . 58.68 20.64 -38.25
C8 NAG N . 58.16 22.07 -38.17
N2 NAG N . 58.01 19.78 -39.01
O3 NAG N . 59.72 21.58 -40.63
O4 NAG N . 58.55 22.02 -43.27
O5 NAG N . 57.67 18.54 -42.47
O6 NAG N . 56.47 19.39 -45.27
O7 NAG N . 59.69 20.33 -37.60
CA CA O . 24.10 43.96 -3.51
CU CU P . 36.03 21.83 -23.98
CA CA Q . 25.57 34.01 4.20
CL CL R . 37.90 12.10 -8.25
CU CU S . 37.38 59.58 -6.31
CU CU T . 43.14 34.26 -0.60
CU CU U . 51.68 20.45 3.66
CU CU V . 48.99 50.58 -19.19
CU CU W . 3.44 49.05 -44.59
CU CU X . 31.97 20.72 -29.69
CL CL Y . -8.28 26.48 -21.86
C1 NAG Z . -8.42 55.30 -37.32
C2 NAG Z . -9.24 54.95 -38.57
C3 NAG Z . -8.31 55.23 -39.77
C4 NAG Z . -7.87 56.73 -39.74
C5 NAG Z . -7.24 57.07 -38.36
C6 NAG Z . -6.91 58.53 -38.14
C7 NAG Z . -10.71 53.18 -37.77
C8 NAG Z . -10.84 51.70 -37.44
N2 NAG Z . -9.69 53.56 -38.54
O3 NAG Z . -8.97 54.94 -41.00
O4 NAG Z . -6.93 56.99 -40.78
O5 NAG Z . -8.13 56.70 -37.30
O6 NAG Z . -6.81 58.80 -36.74
O7 NAG Z . -11.54 53.98 -37.31
C1 NAG AA . -1.41 64.42 -27.73
C2 NAG AA . -1.99 64.97 -29.06
C3 NAG AA . -1.02 65.91 -29.80
C4 NAG AA . -0.37 66.91 -28.84
C5 NAG AA . 0.28 66.15 -27.69
C6 NAG AA . 0.98 67.06 -26.71
C7 NAG AA . -3.12 64.05 -31.02
C8 NAG AA . -2.44 63.93 -32.38
N2 NAG AA . -2.35 63.86 -29.94
O3 NAG AA . -1.73 66.62 -30.80
O4 NAG AA . 0.60 67.69 -29.53
O5 NAG AA . -0.75 65.44 -26.96
O6 NAG AA . 0.26 67.17 -25.49
O7 NAG AA . -4.32 64.31 -30.95
C1 NAG BA . 4.62 -0.65 -29.27
C2 NAG BA . 3.90 -0.99 -27.94
C3 NAG BA . 4.23 -2.42 -27.51
C4 NAG BA . 3.98 -3.41 -28.64
C5 NAG BA . 4.74 -2.95 -29.92
C6 NAG BA . 4.47 -3.85 -31.13
C7 NAG BA . 3.59 0.98 -26.57
C8 NAG BA . 3.99 2.34 -27.14
N2 NAG BA . 4.33 -0.07 -26.89
O3 NAG BA . 3.44 -2.78 -26.38
O4 NAG BA . 4.43 -4.70 -28.24
O5 NAG BA . 4.34 -1.61 -30.29
O6 NAG BA . 5.51 -3.75 -32.10
O7 NAG BA . 2.61 0.90 -25.82
CA CA CA . 15.39 13.22 -43.06
CU CU DA . 5.11 38.52 -25.35
CA CA EA . 5.13 8.15 -36.91
CU CU FA . 16.39 21.88 -62.39
CU CU GA . -5.09 20.94 -44.67
CU CU HA . -19.83 24.01 -39.15
CU CU IA . 9.99 38.82 -57.36
CU CU JA . 52.20 36.24 -27.10
CU CU KA . -6.95 57.68 -15.66
CU CU LA . 10.34 40.67 -20.75
C1 NAG MA . -53.57 -8.47 21.77
C2 NAG MA . -54.45 -7.88 20.63
C3 NAG MA . -53.59 -6.98 19.71
C4 NAG MA . -52.85 -5.93 20.54
C5 NAG MA . -52.03 -6.63 21.62
C6 NAG MA . -51.28 -5.69 22.52
C7 NAG MA . -54.38 -9.90 19.28
C8 NAG MA . -54.77 -11.33 19.62
N2 NAG MA . -55.09 -8.92 19.86
O3 NAG MA . -54.39 -6.33 18.74
O4 NAG MA . -52.02 -5.14 19.69
O5 NAG MA . -52.90 -7.41 22.47
O6 NAG MA . -51.84 -5.68 23.83
O7 NAG MA . -53.46 -9.69 18.49
C1 NAG NA . -49.51 -4.34 35.96
C2 NAG NA . -48.89 -3.30 34.99
C3 NAG NA . -47.80 -2.44 35.66
C4 NAG NA . -48.29 -1.89 37.00
C5 NAG NA . -48.71 -3.06 37.87
C6 NAG NA . -49.16 -2.63 39.26
C7 NAG NA . -48.35 -3.40 32.66
C8 NAG NA . -48.87 -4.26 31.51
N2 NAG NA . -48.31 -3.97 33.85
O3 NAG NA . -47.45 -1.36 34.79
O4 NAG NA . -47.26 -1.16 37.63
O5 NAG NA . -49.83 -3.75 37.25
O6 NAG NA . -49.69 -1.32 39.27
O7 NAG NA . -48.00 -2.23 32.46
CA CA OA . -22.99 -40.95 2.06
CU CU PA . -38.80 -27.63 26.97
CA CA QA . -32.67 -49.25 3.33
CL CL RA . -50.49 -40.75 23.43
CU CU SA . -22.62 -25.15 -10.89
CU CU TA . -43.85 -34.59 0.77
CU CU UA . -59.65 -37.12 4.89
CU CU VA . -31.75 -12.20 -0.74
CU CU WA . 8.27 -23.32 31.22
CU CU XA . -12.21 -45.49 -4.20
CU CU YA . -34.28 -26.90 32.41
C1 NAG ZA . 18.10 -32.69 25.71
C2 NAG ZA . 19.37 -32.22 26.47
C3 NAG ZA . 19.25 -30.70 26.74
C4 NAG ZA . 18.94 -29.92 25.45
C5 NAG ZA . 17.71 -30.54 24.75
C6 NAG ZA . 17.35 -29.89 23.43
C7 NAG ZA . 20.48 -33.87 27.88
C8 NAG ZA . 21.86 -33.40 28.35
N2 NAG ZA . 19.52 -32.95 27.72
O3 NAG ZA . 20.45 -30.21 27.31
O4 NAG ZA . 18.68 -28.55 25.75
O5 NAG ZA . 17.94 -31.95 24.49
O6 NAG ZA . 16.94 -30.85 22.48
O7 NAG ZA . 20.28 -35.07 27.67
C1 NAG AB . 17.86 -33.75 11.64
C2 NAG AB . 18.64 -32.74 12.49
C3 NAG AB . 18.36 -31.30 12.06
C4 NAG AB . 18.54 -31.14 10.54
C5 NAG AB . 17.79 -32.24 9.76
C6 NAG AB . 18.10 -32.19 8.27
C7 NAG AB . 19.23 -32.55 14.82
C8 NAG AB . 18.87 -31.40 15.75
N2 NAG AB . 18.34 -32.90 13.91
O3 NAG AB . 19.25 -30.42 12.74
O4 NAG AB . 18.07 -29.87 10.12
O5 NAG AB . 18.18 -33.55 10.24
O6 NAG AB . 17.04 -32.70 7.47
O7 NAG AB . 20.32 -33.11 14.95
C1 NAG BB . -29.41 -50.95 55.65
C2 NAG BB . -29.97 -52.33 55.16
C3 NAG BB . -31.20 -52.86 55.95
C4 NAG BB . -31.10 -52.57 57.44
C5 NAG BB . -30.81 -51.07 57.62
C6 NAG BB . -30.80 -50.65 59.09
C7 NAG BB . -29.45 -52.56 52.79
C8 NAG BB . -29.38 -54.02 52.38
N2 NAG BB . -30.32 -52.23 53.75
O3 NAG BB . -31.34 -54.26 55.76
O4 NAG BB . -32.31 -52.95 58.09
O5 NAG BB . -29.51 -50.78 57.07
O6 NAG BB . -31.21 -49.30 59.25
O7 NAG BB . -28.72 -51.73 52.24
CA CA CB . -23.11 -30.48 51.75
CU CU DB . -5.48 -39.64 25.93
CA CA EB . -20.77 -43.20 54.03
CL CL FB . -3.76 -54.51 35.66
CU CU GB . -12.28 -14.08 57.48
CU CU HB . -2.96 -39.06 53.42
CU CU IB . 6.92 -51.18 53.48
CU CU JB . 1.71 -14.38 44.41
CU CU KB . -41.08 -9.66 14.06
CU CU LB . -8.54 -38.09 19.28
#